data_7LQ7
#
_entry.id   7LQ7
#
_cell.length_a   172.218
_cell.length_b   122.742
_cell.length_c   175.459
_cell.angle_alpha   90.000
_cell.angle_beta   118.220
_cell.angle_gamma   90.000
#
_symmetry.space_group_name_H-M   'P 1 21 1'
#
loop_
_entity.id
_entity.type
_entity.pdbx_description
1 polymer 'Spike protein S1'
2 polymer 'CV503 heavy chain'
3 polymer 'CV503 light chain'
4 polymer 'COVA1-16 heavy chain'
5 polymer 'COVA1-16 light chain'
6 non-polymer 2-acetamido-2-deoxy-beta-D-glucopyranose
#
loop_
_entity_poly.entity_id
_entity_poly.type
_entity_poly.pdbx_seq_one_letter_code
_entity_poly.pdbx_strand_id
1 'polypeptide(L)'
;TNLCPFGEVFNATRFASVYAWNRKRISNCVADYSVLYNSASFSTFKCYGVSPTKLNDLCFTNVYADSFVIRGDEVRQIAP
GQTGKIADYNYKLPDDFTGCVIAWNSNNLDSKVGGNYNYLYRLFRKSNLKPFERDISTEIYQAGSTPCNGVEGFNCYFPL
QSYGFQPTNGVGYQPYRVVVLSFELLHAPATVCGPKKSGHHHHHH
;
A,B,E
2 'polypeptide(L)'
;QVQLVQSGAEVKKPGSSVKVSCKASGGTFGISWVRQAPGQGLEWMGRIIPILGTANHAQKFQGRVTITADKSTGTVYMEL
SSLRSEDTAVYYCARDGDSGSYYETLGFDYWGQGTLVTVSSASTKGPSVFPLAPSSKSTSGGTAALGCLVKDYFPEPVTV
SWNSGALTSGVHTFPAVLQSSGLYSLSSVVTVPSSSLGTQTYICNVNHKPSNTKVDKKVEPKSC
;
C,F,H
3 'polypeptide(L)'
;QSALTQPPSASGSPGQSVTISCTGTSSDVGGYNYVSWYQQHPGKAPKLMIYEVNKRPSGVPDRFSGSKSGNTASLTVSGL
QAEDEADYYCSSYAGSNNLVFGGGTKLTVLGQPKAAPSVTLFPPSSEELQANKATLVCLISDFYPGAVTVAWKADSSPVK
AGVETTTPSKQSNNKYAASSYLSLTPEQWKSHRSYSCQVTHEGSTVEKTVAPTECS
;
D,G,L
4 'polypeptide(L)'
;QVQLVQSGAEVKKPGASVKVSCKASGYTFTSYYMHWVRQAPGQGLEWMGIINSSGGSTSYAQKFQGRVTMTRDTSTSTVY
MELSSLRSEDTAVYYCARPPRNYYDRSGYYQRAEYFQHWGQGTLVTVSSASTKGPSVFPLAPSSKSTSGGTAALGCLVKD
YFPEPVTVSWNSGALTSGVHTFPAVLQSSGLYSLSSVVTVPSSSLGTQTYICNVNHKPSNTKVDKRVEPKSC
;
T,P,y
5 'polypeptide(L)'
;DIQLTQSPSSLSASVGDRVTITCQASQDISNYLNWYQQRPGKAPKLLIYDASNLETGVPSRFSGSGSGTDFTFTISSLQP
EDIATYYCQQYDNPPLTFGGGTKLEIKRTVAAPSVFIFPPSDEQLKSGTASVVCLLNNFYPREAKVQWKVDNALQSGNSQ
ESVTEQDSKDSTYSLSSTLTLSKADYEKHKVYACEVTHQGLSSPVTKSFNRGEC
;
U,Q,z
#
loop_
_chem_comp.id
_chem_comp.type
_chem_comp.name
_chem_comp.formula
NAG D-saccharide, beta linking 2-acetamido-2-deoxy-beta-D-glucopyranose 'C8 H15 N O6'
#
# COMPACT_ATOMS: atom_id res chain seq x y z
N THR A 1 -38.45 57.45 67.68
CA THR A 1 -39.30 58.44 66.96
C THR A 1 -38.58 58.91 65.70
N ASN A 2 -39.39 59.15 64.65
CA ASN A 2 -39.01 59.75 63.38
C ASN A 2 -37.59 59.37 62.95
N LEU A 3 -37.26 58.06 62.98
CA LEU A 3 -35.93 57.62 62.56
C LEU A 3 -35.89 57.67 61.02
N CYS A 4 -34.72 57.39 60.43
CA CYS A 4 -34.63 57.39 58.99
C CYS A 4 -34.88 56.00 58.44
N PRO A 5 -35.70 55.87 57.37
CA PRO A 5 -36.11 54.56 56.86
C PRO A 5 -35.04 53.84 56.06
N PHE A 6 -33.95 53.46 56.74
CA PHE A 6 -32.84 52.78 56.07
C PHE A 6 -33.21 51.34 55.80
N GLY A 7 -34.09 50.79 56.65
CA GLY A 7 -34.59 49.44 56.48
C GLY A 7 -35.41 49.32 55.20
N GLU A 8 -36.03 50.44 54.78
CA GLU A 8 -36.85 50.47 53.58
C GLU A 8 -35.98 50.23 52.34
N VAL A 9 -34.72 50.67 52.42
CA VAL A 9 -33.82 50.64 51.28
C VAL A 9 -33.01 49.35 51.31
N PHE A 10 -32.45 49.01 52.49
CA PHE A 10 -31.54 47.88 52.57
C PHE A 10 -32.30 46.56 52.52
N ASN A 11 -33.43 46.52 53.23
CA ASN A 11 -34.19 45.28 53.39
C ASN A 11 -35.34 45.24 52.41
N ALA A 12 -35.28 46.04 51.33
CA ALA A 12 -36.33 46.05 50.32
C ALA A 12 -36.47 44.67 49.67
N THR A 13 -37.71 44.35 49.28
CA THR A 13 -38.03 43.06 48.67
C THR A 13 -37.23 42.87 47.39
N ARG A 14 -37.50 43.73 46.40
CA ARG A 14 -36.87 43.66 45.09
C ARG A 14 -36.02 44.91 44.86
N PHE A 15 -34.91 44.73 44.13
CA PHE A 15 -33.99 45.81 43.84
C PHE A 15 -34.01 46.08 42.34
N ALA A 16 -33.90 47.37 41.98
CA ALA A 16 -33.93 47.80 40.59
C ALA A 16 -32.60 47.45 39.94
N SER A 17 -32.62 47.27 38.61
CA SER A 17 -31.42 47.00 37.85
C SER A 17 -30.51 48.23 37.90
N VAL A 18 -29.24 48.03 37.56
CA VAL A 18 -28.25 49.07 37.74
C VAL A 18 -28.52 50.22 36.77
N TYR A 19 -28.99 49.91 35.55
CA TYR A 19 -29.21 50.94 34.54
C TYR A 19 -30.36 51.84 34.96
N ALA A 20 -31.29 51.27 35.74
CA ALA A 20 -32.45 51.99 36.25
C ALA A 20 -32.36 52.12 37.77
N TRP A 21 -31.15 52.40 38.27
CA TRP A 21 -30.88 52.46 39.70
C TRP A 21 -31.87 53.36 40.43
N ASN A 22 -32.39 52.85 41.55
CA ASN A 22 -33.47 53.48 42.30
C ASN A 22 -32.88 54.41 43.36
N ARG A 23 -33.24 55.69 43.30
CA ARG A 23 -32.77 56.67 44.27
C ARG A 23 -33.89 57.00 45.24
N LYS A 24 -33.55 57.00 46.54
CA LYS A 24 -34.47 57.39 47.61
C LYS A 24 -33.94 58.62 48.35
N ARG A 25 -34.77 59.66 48.45
CA ARG A 25 -34.41 60.88 49.16
C ARG A 25 -34.56 60.62 50.65
N ILE A 26 -33.62 61.18 51.44
CA ILE A 26 -33.67 61.12 52.89
C ILE A 26 -33.63 62.55 53.43
N SER A 27 -34.74 62.99 54.02
CA SER A 27 -34.83 64.30 54.64
C SER A 27 -35.87 64.26 55.75
N ASN A 28 -35.68 65.12 56.75
CA ASN A 28 -36.60 65.28 57.86
C ASN A 28 -36.71 63.97 58.64
N CYS A 29 -35.55 63.51 59.12
CA CYS A 29 -35.48 62.37 60.02
C CYS A 29 -34.12 62.37 60.71
N VAL A 30 -34.07 61.67 61.84
CA VAL A 30 -32.84 61.43 62.57
C VAL A 30 -32.26 60.10 62.09
N ALA A 31 -30.96 60.12 61.75
CA ALA A 31 -30.30 58.99 61.14
C ALA A 31 -29.40 58.30 62.15
N ASP A 32 -29.67 57.00 62.34
CA ASP A 32 -28.84 56.16 63.18
C ASP A 32 -28.02 55.25 62.27
N TYR A 33 -26.86 55.77 61.86
CA TYR A 33 -26.00 55.06 60.92
C TYR A 33 -25.37 53.85 61.59
N SER A 34 -25.46 53.78 62.93
CA SER A 34 -24.89 52.68 63.67
C SER A 34 -25.41 51.35 63.13
N VAL A 35 -26.72 51.29 62.86
CA VAL A 35 -27.38 50.08 62.36
C VAL A 35 -26.61 49.52 61.17
N LEU A 36 -25.93 50.40 60.44
CA LEU A 36 -25.16 49.99 59.27
C LEU A 36 -23.74 49.62 59.68
N TYR A 37 -23.02 50.52 60.37
CA TYR A 37 -21.59 50.33 60.54
C TYR A 37 -21.27 49.36 61.69
N ASN A 38 -22.31 48.94 62.43
CA ASN A 38 -22.14 47.97 63.50
C ASN A 38 -22.48 46.57 62.98
N SER A 39 -23.04 46.51 61.77
CA SER A 39 -23.37 45.24 61.14
C SER A 39 -22.15 44.67 60.42
N ALA A 40 -22.07 43.35 60.32
CA ALA A 40 -20.94 42.68 59.69
C ALA A 40 -21.42 41.84 58.51
N SER A 41 -22.67 42.08 58.05
CA SER A 41 -23.25 41.32 56.95
C SER A 41 -22.89 41.93 55.60
N PHE A 42 -21.85 42.79 55.57
CA PHE A 42 -21.51 43.53 54.38
C PHE A 42 -20.22 42.99 53.78
N SER A 43 -20.20 42.89 52.45
CA SER A 43 -19.03 42.42 51.71
C SER A 43 -17.99 43.54 51.60
N THR A 44 -18.41 44.70 51.07
CA THR A 44 -17.54 45.88 50.97
C THR A 44 -18.26 47.07 51.58
N PHE A 45 -17.54 47.82 52.42
CA PHE A 45 -18.07 49.00 53.09
C PHE A 45 -16.99 50.06 53.05
N LYS A 46 -17.03 50.91 52.02
CA LYS A 46 -16.03 51.94 51.81
C LYS A 46 -16.70 53.31 51.89
N CYS A 47 -15.98 54.30 52.42
CA CYS A 47 -16.50 55.64 52.59
C CYS A 47 -15.45 56.67 52.15
N TYR A 48 -15.90 57.62 51.33
CA TYR A 48 -15.02 58.64 50.77
C TYR A 48 -15.46 60.01 51.27
N GLY A 49 -14.53 60.78 51.84
CA GLY A 49 -14.80 62.14 52.25
C GLY A 49 -15.37 62.26 53.66
N VAL A 50 -15.70 61.11 54.28
CA VAL A 50 -16.21 61.10 55.64
C VAL A 50 -16.06 59.70 56.22
N SER A 51 -15.87 59.63 57.54
CA SER A 51 -15.75 58.37 58.26
C SER A 51 -17.12 57.90 58.72
N PRO A 52 -17.44 56.60 58.69
CA PRO A 52 -18.74 56.12 59.16
C PRO A 52 -18.93 56.30 60.68
N THR A 53 -17.82 56.30 61.43
CA THR A 53 -17.88 56.45 62.87
C THR A 53 -18.33 57.87 63.23
N LYS A 54 -17.87 58.86 62.46
CA LYS A 54 -18.14 60.26 62.73
C LYS A 54 -19.43 60.71 62.07
N LEU A 55 -20.32 59.77 61.71
CA LEU A 55 -21.50 60.12 60.94
C LEU A 55 -22.63 60.60 61.85
N ASN A 56 -22.74 59.98 63.04
CA ASN A 56 -23.87 60.20 63.92
C ASN A 56 -23.82 61.61 64.51
N ASP A 57 -22.68 62.29 64.34
CA ASP A 57 -22.47 63.63 64.89
C ASP A 57 -22.25 64.62 63.76
N LEU A 58 -22.99 64.46 62.66
CA LEU A 58 -22.87 65.37 61.52
C LEU A 58 -24.26 65.68 60.94
N CYS A 59 -24.36 66.89 60.37
CA CYS A 59 -25.58 67.34 59.71
C CYS A 59 -25.31 67.64 58.24
N PHE A 60 -26.28 67.30 57.39
CA PHE A 60 -26.18 67.54 55.95
C PHE A 60 -27.47 68.15 55.43
N THR A 61 -27.40 68.72 54.22
CA THR A 61 -28.57 69.29 53.57
C THR A 61 -29.53 68.19 53.17
N ASN A 62 -29.04 67.22 52.39
CA ASN A 62 -29.84 66.08 51.95
C ASN A 62 -28.96 64.84 51.87
N VAL A 63 -29.61 63.69 51.99
CA VAL A 63 -28.94 62.41 51.89
C VAL A 63 -29.71 61.56 50.86
N TYR A 64 -28.99 61.10 49.85
CA TYR A 64 -29.60 60.24 48.85
C TYR A 64 -29.10 58.81 49.05
N ALA A 65 -30.01 57.85 48.97
CA ALA A 65 -29.66 56.45 49.00
C ALA A 65 -30.01 55.77 47.68
N ASP A 66 -28.99 55.59 46.84
CA ASP A 66 -29.16 54.91 45.56
C ASP A 66 -28.94 53.41 45.78
N SER A 67 -29.76 52.60 45.13
CA SER A 67 -29.72 51.16 45.32
C SER A 67 -29.90 50.46 43.98
N PHE A 68 -29.10 49.41 43.77
CA PHE A 68 -29.16 48.65 42.54
C PHE A 68 -28.45 47.32 42.75
N VAL A 69 -28.39 46.49 41.70
CA VAL A 69 -27.75 45.19 41.73
C VAL A 69 -26.79 45.10 40.56
N ILE A 70 -25.55 44.69 40.87
CA ILE A 70 -24.53 44.39 39.87
C ILE A 70 -23.93 43.03 40.18
N ARG A 71 -22.93 42.66 39.38
CA ARG A 71 -22.26 41.39 39.58
C ARG A 71 -21.03 41.62 40.47
N GLY A 72 -20.44 40.53 40.95
CA GLY A 72 -19.42 40.52 41.98
C GLY A 72 -18.29 41.49 41.70
N ASP A 73 -17.56 41.28 40.59
CA ASP A 73 -16.34 42.02 40.32
C ASP A 73 -16.68 43.47 40.02
N GLU A 74 -17.79 43.70 39.32
CA GLU A 74 -18.22 45.03 38.89
C GLU A 74 -18.49 45.95 40.08
N VAL A 75 -18.52 45.37 41.30
CA VAL A 75 -18.70 46.18 42.49
C VAL A 75 -17.57 47.19 42.63
N ARG A 76 -16.39 46.84 42.12
CA ARG A 76 -15.21 47.71 42.11
C ARG A 76 -15.54 49.05 41.44
N GLN A 77 -16.45 49.04 40.47
CA GLN A 77 -16.69 50.20 39.61
C GLN A 77 -17.49 51.27 40.36
N ILE A 78 -18.10 50.89 41.48
CA ILE A 78 -18.83 51.87 42.27
C ILE A 78 -17.87 52.54 43.24
N ALA A 79 -17.12 53.50 42.71
CA ALA A 79 -16.07 54.22 43.43
C ALA A 79 -15.59 55.36 42.56
N PRO A 80 -15.25 56.52 43.15
CA PRO A 80 -14.84 57.68 42.36
C PRO A 80 -13.63 57.37 41.48
N GLY A 81 -13.74 57.81 40.21
CA GLY A 81 -12.61 57.78 39.28
C GLY A 81 -12.44 56.44 38.60
N GLN A 82 -13.43 55.55 38.72
CA GLN A 82 -13.33 54.23 38.12
C GLN A 82 -13.90 54.21 36.71
N THR A 83 -13.36 53.31 35.86
CA THR A 83 -13.89 53.09 34.52
C THR A 83 -14.51 51.71 34.46
N GLY A 84 -15.05 51.36 33.29
CA GLY A 84 -15.75 50.11 33.11
C GLY A 84 -17.18 50.32 32.60
N LYS A 85 -17.86 49.21 32.31
CA LYS A 85 -19.19 49.27 31.71
C LYS A 85 -20.16 49.90 32.69
N ILE A 86 -20.12 49.47 33.95
CA ILE A 86 -21.05 49.94 34.96
C ILE A 86 -20.78 51.41 35.28
N ALA A 87 -19.51 51.79 35.38
CA ALA A 87 -19.17 53.14 35.78
C ALA A 87 -19.37 54.13 34.64
N ASP A 88 -19.28 53.65 33.39
CA ASP A 88 -19.36 54.55 32.25
C ASP A 88 -20.79 54.67 31.77
N TYR A 89 -21.51 53.54 31.72
CA TYR A 89 -22.77 53.47 31.02
C TYR A 89 -23.97 53.25 31.96
N ASN A 90 -23.72 52.96 33.22
CA ASN A 90 -24.80 52.57 34.12
C ASN A 90 -24.92 53.52 35.32
N TYR A 91 -23.84 53.66 36.10
CA TYR A 91 -23.87 54.44 37.32
C TYR A 91 -22.48 55.01 37.63
N LYS A 92 -22.37 56.35 37.53
CA LYS A 92 -21.09 57.02 37.69
C LYS A 92 -21.12 57.85 38.94
N LEU A 93 -20.13 57.66 39.83
CA LEU A 93 -19.95 58.49 41.02
C LEU A 93 -19.01 59.64 40.68
N PRO A 94 -19.26 60.85 41.24
CA PRO A 94 -18.41 62.01 40.97
C PRO A 94 -17.04 61.85 41.62
N ASP A 95 -16.03 62.51 41.05
CA ASP A 95 -14.66 62.40 41.54
C ASP A 95 -14.56 63.02 42.93
N ASP A 96 -15.39 64.04 43.19
CA ASP A 96 -15.39 64.72 44.48
C ASP A 96 -16.50 64.13 45.35
N PHE A 97 -16.61 62.81 45.33
CA PHE A 97 -17.62 62.09 46.09
C PHE A 97 -17.46 62.30 47.59
N THR A 98 -18.58 62.47 48.28
CA THR A 98 -18.63 62.52 49.73
C THR A 98 -19.74 61.60 50.22
N GLY A 99 -19.43 60.31 50.38
CA GLY A 99 -20.44 59.36 50.78
C GLY A 99 -19.86 57.99 51.13
N CYS A 100 -20.71 56.97 51.07
CA CYS A 100 -20.32 55.62 51.43
C CYS A 100 -20.95 54.63 50.46
N VAL A 101 -20.12 53.68 50.00
CA VAL A 101 -20.58 52.60 49.14
C VAL A 101 -20.68 51.33 49.98
N ILE A 102 -21.87 50.74 50.02
CA ILE A 102 -22.10 49.54 50.80
C ILE A 102 -22.67 48.46 49.89
N ALA A 103 -21.96 47.34 49.80
CA ALA A 103 -22.37 46.24 48.94
C ALA A 103 -22.25 44.93 49.71
N TRP A 104 -23.17 44.00 49.40
CA TRP A 104 -23.19 42.69 50.04
C TRP A 104 -23.68 41.65 49.04
N ASN A 105 -23.25 40.41 49.25
CA ASN A 105 -23.64 39.30 48.40
C ASN A 105 -25.13 39.00 48.59
N SER A 106 -25.82 38.71 47.48
CA SER A 106 -27.23 38.36 47.51
C SER A 106 -27.52 37.23 46.52
N ASN A 107 -26.65 36.21 46.52
CA ASN A 107 -26.77 35.11 45.58
C ASN A 107 -28.05 34.34 45.86
N ASN A 108 -28.42 34.24 47.13
CA ASN A 108 -29.59 33.46 47.54
C ASN A 108 -30.89 34.12 47.07
N LEU A 109 -30.92 35.46 47.11
CA LEU A 109 -32.16 36.20 46.90
C LEU A 109 -32.37 36.51 45.43
N ASP A 110 -31.28 36.72 44.67
CA ASP A 110 -31.38 37.29 43.34
C ASP A 110 -31.23 36.24 42.24
N SER A 111 -30.50 35.16 42.51
CA SER A 111 -30.32 34.11 41.52
C SER A 111 -31.33 32.99 41.76
N LYS A 112 -31.60 32.21 40.70
CA LYS A 112 -32.52 31.08 40.78
C LYS A 112 -32.10 30.02 39.76
N VAL A 113 -32.79 28.87 39.81
CA VAL A 113 -32.50 27.77 38.91
C VAL A 113 -32.72 28.22 37.48
N GLY A 114 -31.73 27.93 36.62
CA GLY A 114 -31.78 28.29 35.22
C GLY A 114 -31.41 29.75 34.98
N GLY A 115 -31.02 30.46 36.05
CA GLY A 115 -30.55 31.83 35.94
C GLY A 115 -31.70 32.85 35.98
N ASN A 116 -31.43 33.99 36.61
CA ASN A 116 -32.37 35.08 36.71
C ASN A 116 -32.02 36.14 35.67
N TYR A 117 -33.01 36.49 34.85
CA TYR A 117 -32.79 37.42 33.74
C TYR A 117 -33.59 38.71 33.93
N ASN A 118 -33.99 38.99 35.17
CA ASN A 118 -34.74 40.19 35.49
C ASN A 118 -33.79 41.36 35.72
N TYR A 119 -32.49 41.07 35.87
CA TYR A 119 -31.50 42.09 36.16
C TYR A 119 -30.70 42.40 34.91
N LEU A 120 -30.69 43.69 34.51
CA LEU A 120 -30.02 44.13 33.29
C LEU A 120 -28.92 45.12 33.64
N TYR A 121 -28.05 45.37 32.65
CA TYR A 121 -27.04 46.42 32.66
C TYR A 121 -26.83 46.92 31.24
N ARG A 122 -26.51 48.21 31.12
CA ARG A 122 -26.31 48.81 29.81
C ARG A 122 -24.88 48.56 29.33
N LEU A 123 -24.74 47.93 28.16
CA LEU A 123 -23.44 47.55 27.62
C LEU A 123 -22.91 48.60 26.65
N PHE A 124 -23.79 49.41 26.05
CA PHE A 124 -23.38 50.37 25.02
C PHE A 124 -24.05 51.70 25.26
N ARG A 125 -23.28 52.77 25.01
CA ARG A 125 -23.83 54.13 25.08
C ARG A 125 -22.92 55.04 24.27
N LYS A 126 -23.52 56.07 23.68
CA LYS A 126 -22.82 56.95 22.78
C LYS A 126 -21.74 57.71 23.52
N SER A 127 -22.02 58.11 24.77
CA SER A 127 -21.07 58.82 25.60
C SER A 127 -21.15 58.30 27.03
N ASN A 128 -20.11 58.56 27.83
CA ASN A 128 -20.10 58.13 29.22
C ASN A 128 -21.12 58.96 30.00
N LEU A 129 -21.59 58.40 31.11
CA LEU A 129 -22.60 59.06 31.93
C LEU A 129 -21.96 60.13 32.78
N LYS A 130 -22.67 61.25 32.94
CA LYS A 130 -22.33 62.26 33.93
C LYS A 130 -22.63 61.68 35.31
N PRO A 131 -22.00 62.20 36.39
CA PRO A 131 -22.23 61.68 37.74
C PRO A 131 -23.71 61.79 38.12
N PHE A 132 -24.26 60.66 38.58
CA PHE A 132 -25.64 60.56 39.05
C PHE A 132 -26.62 60.79 37.90
N GLU A 133 -26.30 60.22 36.73
CA GLU A 133 -27.20 60.28 35.59
C GLU A 133 -27.86 58.91 35.45
N ARG A 134 -29.05 58.89 34.85
CA ARG A 134 -29.78 57.65 34.61
C ARG A 134 -30.27 57.63 33.17
N ASP A 135 -29.83 56.62 32.40
CA ASP A 135 -30.29 56.45 31.04
C ASP A 135 -31.02 55.13 30.94
N ILE A 136 -32.34 55.22 30.69
CA ILE A 136 -33.18 54.02 30.59
C ILE A 136 -33.68 53.86 29.16
N SER A 137 -33.17 54.67 28.23
CA SER A 137 -33.54 54.55 26.82
C SER A 137 -33.08 53.19 26.27
N THR A 138 -33.85 52.65 25.32
CA THR A 138 -33.54 51.36 24.73
C THR A 138 -33.30 51.51 23.23
N GLU A 139 -32.66 52.61 22.82
CA GLU A 139 -32.37 52.84 21.41
C GLU A 139 -31.34 51.81 20.94
N ILE A 140 -31.56 51.22 19.77
CA ILE A 140 -30.60 50.28 19.22
C ILE A 140 -29.28 51.00 18.97
N TYR A 141 -28.23 50.52 19.63
CA TYR A 141 -26.94 51.21 19.61
C TYR A 141 -26.25 50.96 18.27
N GLN A 142 -25.80 52.06 17.65
CA GLN A 142 -25.14 52.00 16.36
C GLN A 142 -23.64 51.88 16.59
N ALA A 143 -23.10 50.68 16.43
CA ALA A 143 -21.70 50.41 16.70
C ALA A 143 -20.84 50.61 15.45
N GLY A 144 -21.45 50.50 14.27
CA GLY A 144 -20.71 50.68 13.04
C GLY A 144 -21.25 51.83 12.20
N SER A 145 -20.90 51.81 10.91
CA SER A 145 -21.30 52.82 9.95
C SER A 145 -22.70 52.55 9.39
N THR A 146 -23.30 51.43 9.77
CA THR A 146 -24.62 51.07 9.28
C THR A 146 -25.67 51.88 10.01
N PRO A 147 -26.79 52.29 9.36
CA PRO A 147 -27.81 53.11 10.00
C PRO A 147 -28.53 52.44 11.16
N CYS A 148 -28.81 51.14 11.05
CA CYS A 148 -29.48 50.39 12.09
C CYS A 148 -30.99 50.48 11.96
N ASN A 149 -31.49 51.62 11.46
CA ASN A 149 -32.89 51.80 11.08
C ASN A 149 -33.85 51.29 12.15
N GLY A 150 -33.45 51.41 13.42
CA GLY A 150 -34.30 51.05 14.55
C GLY A 150 -34.45 49.55 14.75
N VAL A 151 -33.72 48.74 13.99
CA VAL A 151 -33.78 47.29 14.13
C VAL A 151 -32.37 46.74 14.40
N GLU A 152 -32.25 45.82 15.35
CA GLU A 152 -30.95 45.24 15.67
C GLU A 152 -30.46 44.42 14.48
N GLY A 153 -29.13 44.32 14.35
CA GLY A 153 -28.52 43.60 13.25
C GLY A 153 -27.01 43.80 13.19
N PHE A 154 -26.48 43.95 11.97
CA PHE A 154 -25.04 44.05 11.79
C PHE A 154 -24.56 45.34 12.45
N ASN A 155 -23.68 45.21 13.45
CA ASN A 155 -23.16 46.35 14.18
C ASN A 155 -24.29 47.20 14.76
N CYS A 156 -25.39 46.53 15.11
CA CYS A 156 -26.55 47.20 15.69
C CYS A 156 -27.09 46.30 16.80
N TYR A 157 -26.86 46.68 18.05
CA TYR A 157 -27.18 45.80 19.17
C TYR A 157 -28.15 46.47 20.11
N PHE A 158 -28.89 45.64 20.87
CA PHE A 158 -29.72 46.16 21.94
C PHE A 158 -28.83 46.74 23.04
N PRO A 159 -29.11 47.95 23.56
CA PRO A 159 -28.19 48.62 24.47
C PRO A 159 -28.05 47.93 25.83
N LEU A 160 -29.12 47.29 26.30
CA LEU A 160 -29.07 46.63 27.61
C LEU A 160 -28.74 45.16 27.40
N GLN A 161 -28.25 44.53 28.47
CA GLN A 161 -27.88 43.13 28.41
C GLN A 161 -28.25 42.47 29.73
N SER A 162 -28.52 41.15 29.68
CA SER A 162 -28.94 40.41 30.86
C SER A 162 -27.72 39.86 31.60
N TYR A 163 -27.79 39.90 32.92
CA TYR A 163 -26.67 39.48 33.76
C TYR A 163 -26.56 37.96 33.78
N GLY A 164 -27.70 37.29 33.95
CA GLY A 164 -27.76 35.84 33.88
C GLY A 164 -27.17 35.19 35.11
N PHE A 165 -27.76 35.50 36.27
CA PHE A 165 -27.23 35.08 37.56
C PHE A 165 -27.58 33.62 37.82
N GLN A 166 -26.64 32.74 37.50
CA GLN A 166 -26.76 31.32 37.85
C GLN A 166 -26.32 31.16 39.30
N PRO A 167 -26.97 30.25 40.08
CA PRO A 167 -26.51 29.98 41.45
C PRO A 167 -25.15 29.30 41.52
N THR A 168 -24.75 28.62 40.44
CA THR A 168 -23.49 27.89 40.40
C THR A 168 -22.33 28.78 39.97
N ASN A 169 -22.60 30.07 39.70
CA ASN A 169 -21.60 30.99 39.21
C ASN A 169 -20.56 31.25 40.29
N GLY A 170 -19.34 31.60 39.84
CA GLY A 170 -18.26 32.00 40.72
C GLY A 170 -18.62 33.25 41.51
N VAL A 171 -17.84 33.53 42.56
CA VAL A 171 -18.09 34.65 43.44
C VAL A 171 -18.04 35.95 42.64
N GLY A 172 -17.17 35.99 41.63
CA GLY A 172 -16.99 37.17 40.80
C GLY A 172 -18.20 37.49 39.94
N TYR A 173 -19.05 36.49 39.67
CA TYR A 173 -20.19 36.66 38.79
C TYR A 173 -21.52 36.49 39.56
N GLN A 174 -21.45 36.50 40.89
CA GLN A 174 -22.66 36.37 41.69
C GLN A 174 -23.28 37.76 41.90
N PRO A 175 -24.62 37.85 41.99
CA PRO A 175 -25.27 39.14 42.17
C PRO A 175 -25.00 39.75 43.55
N TYR A 176 -24.46 40.97 43.55
CA TYR A 176 -24.30 41.74 44.78
C TYR A 176 -25.24 42.93 44.75
N ARG A 177 -25.79 43.27 45.92
CA ARG A 177 -26.64 44.45 46.05
C ARG A 177 -25.81 45.61 46.60
N VAL A 178 -26.00 46.79 46.01
CA VAL A 178 -25.19 47.95 46.34
C VAL A 178 -26.14 49.07 46.78
N VAL A 179 -25.74 49.77 47.84
CA VAL A 179 -26.40 50.99 48.25
C VAL A 179 -25.35 52.08 48.40
N VAL A 180 -25.60 53.22 47.74
CA VAL A 180 -24.66 54.33 47.76
C VAL A 180 -25.34 55.49 48.48
N LEU A 181 -24.75 55.88 49.62
CA LEU A 181 -25.24 56.98 50.42
C LEU A 181 -24.44 58.23 50.06
N SER A 182 -25.16 59.26 49.62
CA SER A 182 -24.56 60.52 49.21
C SER A 182 -24.99 61.62 50.18
N PHE A 183 -24.01 62.30 50.78
CA PHE A 183 -24.27 63.32 51.78
C PHE A 183 -23.97 64.71 51.21
N GLU A 184 -25.00 65.37 50.68
CA GLU A 184 -24.84 66.67 50.05
C GLU A 184 -25.02 67.76 51.09
N LEU A 185 -24.12 68.75 51.09
CA LEU A 185 -24.22 69.91 51.97
C LEU A 185 -24.27 71.20 51.14
N LEU A 186 -25.46 71.77 50.97
CA LEU A 186 -25.65 73.00 50.22
C LEU A 186 -25.87 74.18 51.16
N HIS A 187 -26.28 75.33 50.60
CA HIS A 187 -26.63 76.51 51.38
C HIS A 187 -28.09 76.45 51.79
N ALA A 188 -28.47 75.36 52.46
CA ALA A 188 -29.83 75.11 52.88
C ALA A 188 -29.82 74.64 54.34
N PRO A 189 -30.98 74.68 55.03
CA PRO A 189 -31.09 74.12 56.37
C PRO A 189 -30.77 72.63 56.42
N ALA A 190 -29.78 72.25 57.23
CA ALA A 190 -29.41 70.85 57.41
C ALA A 190 -30.52 70.08 58.13
N THR A 191 -31.27 69.26 57.36
CA THR A 191 -32.50 68.63 57.84
C THR A 191 -32.26 67.17 58.24
N VAL A 192 -31.02 66.70 58.08
CA VAL A 192 -30.70 65.32 58.43
C VAL A 192 -29.49 65.31 59.36
N CYS A 193 -29.71 64.77 60.56
CA CYS A 193 -28.67 64.71 61.57
C CYS A 193 -28.81 63.40 62.32
N GLY A 194 -27.86 63.15 63.23
CA GLY A 194 -27.94 61.99 64.11
C GLY A 194 -28.02 62.38 65.58
N PRO A 195 -27.74 61.43 66.49
CA PRO A 195 -27.71 61.70 67.93
C PRO A 195 -26.54 62.61 68.34
N THR B 1 -30.10 16.61 46.74
CA THR B 1 -31.32 17.07 46.00
C THR B 1 -31.57 16.16 44.80
N ASN B 2 -32.85 15.91 44.52
CA ASN B 2 -33.38 15.22 43.35
C ASN B 2 -32.46 14.11 42.86
N LEU B 3 -32.03 13.21 43.77
CA LEU B 3 -31.13 12.12 43.42
C LEU B 3 -31.89 11.07 42.61
N CYS B 4 -31.16 10.06 42.12
CA CYS B 4 -31.81 9.01 41.36
C CYS B 4 -32.22 7.87 42.28
N PRO B 5 -33.45 7.34 42.15
CA PRO B 5 -33.96 6.30 43.04
C PRO B 5 -33.40 4.91 42.78
N PHE B 6 -32.09 4.74 43.03
CA PHE B 6 -31.44 3.47 42.80
C PHE B 6 -31.82 2.47 43.90
N GLY B 7 -32.09 3.01 45.09
CA GLY B 7 -32.55 2.21 46.21
C GLY B 7 -33.90 1.56 45.92
N GLU B 8 -34.70 2.23 45.08
CA GLU B 8 -36.01 1.72 44.71
C GLU B 8 -35.88 0.42 43.91
N VAL B 9 -34.79 0.30 43.16
CA VAL B 9 -34.60 -0.84 42.26
C VAL B 9 -33.80 -1.92 42.96
N PHE B 10 -32.71 -1.54 43.63
CA PHE B 10 -31.81 -2.53 44.23
C PHE B 10 -32.42 -3.12 45.49
N ASN B 11 -33.04 -2.26 46.32
CA ASN B 11 -33.59 -2.69 47.59
C ASN B 11 -35.09 -2.92 47.48
N ALA B 12 -35.58 -3.19 46.27
CA ALA B 12 -37.00 -3.46 46.07
C ALA B 12 -37.42 -4.70 46.86
N THR B 13 -38.67 -4.70 47.33
CA THR B 13 -39.17 -5.76 48.18
C THR B 13 -39.12 -7.09 47.43
N ARG B 14 -39.90 -7.17 46.34
CA ARG B 14 -39.93 -8.35 45.48
C ARG B 14 -39.35 -8.01 44.11
N PHE B 15 -38.74 -9.01 43.47
CA PHE B 15 -38.18 -8.88 42.14
C PHE B 15 -38.98 -9.72 41.17
N ALA B 16 -39.17 -9.20 39.94
CA ALA B 16 -39.91 -9.91 38.90
C ALA B 16 -39.07 -11.07 38.37
N SER B 17 -39.75 -12.08 37.84
CA SER B 17 -39.07 -13.23 37.27
C SER B 17 -38.31 -12.82 36.02
N VAL B 18 -37.37 -13.67 35.59
CA VAL B 18 -36.44 -13.29 34.52
C VAL B 18 -37.20 -13.12 33.20
N TYR B 19 -38.19 -13.97 32.96
CA TYR B 19 -38.90 -13.97 31.69
C TYR B 19 -39.73 -12.69 31.57
N ALA B 20 -40.15 -12.16 32.74
CA ALA B 20 -40.92 -10.93 32.81
C ALA B 20 -40.11 -9.83 33.48
N TRP B 21 -38.82 -9.75 33.13
CA TRP B 21 -37.87 -8.84 33.75
C TRP B 21 -38.44 -7.42 33.77
N ASN B 22 -38.33 -6.80 34.96
CA ASN B 22 -38.98 -5.52 35.25
C ASN B 22 -38.02 -4.38 34.91
N ARG B 23 -38.44 -3.52 33.99
CA ARG B 23 -37.61 -2.41 33.56
C ARG B 23 -38.13 -1.11 34.21
N LYS B 24 -37.20 -0.33 34.76
CA LYS B 24 -37.50 0.98 35.34
C LYS B 24 -36.74 2.07 34.58
N ARG B 25 -37.48 3.08 34.10
CA ARG B 25 -36.87 4.18 33.36
C ARG B 25 -36.26 5.15 34.37
N ILE B 26 -35.09 5.71 34.04
CA ILE B 26 -34.41 6.69 34.87
C ILE B 26 -34.15 7.94 34.02
N SER B 27 -34.85 9.03 34.36
CA SER B 27 -34.66 10.32 33.70
C SER B 27 -34.97 11.44 34.67
N ASN B 28 -34.32 12.60 34.43
CA ASN B 28 -34.53 13.80 35.23
C ASN B 28 -34.16 13.55 36.68
N CYS B 29 -32.91 13.15 36.91
CA CYS B 29 -32.33 13.06 38.25
C CYS B 29 -30.81 13.04 38.15
N VAL B 30 -30.15 13.38 39.27
CA VAL B 30 -28.70 13.30 39.38
C VAL B 30 -28.33 11.95 39.98
N ALA B 31 -27.37 11.27 39.34
CA ALA B 31 -27.01 9.91 39.71
C ALA B 31 -25.66 9.89 40.43
N ASP B 32 -25.66 9.32 41.64
CA ASP B 32 -24.43 9.06 42.38
C ASP B 32 -24.13 7.57 42.36
N TYR B 33 -23.39 7.14 41.33
CA TYR B 33 -23.06 5.73 41.13
C TYR B 33 -22.10 5.21 42.19
N SER B 34 -21.47 6.12 42.94
CA SER B 34 -20.55 5.75 44.01
C SER B 34 -21.19 4.73 44.96
N VAL B 35 -22.45 5.04 45.32
CA VAL B 35 -23.24 4.25 46.25
C VAL B 35 -23.16 2.76 45.86
N LEU B 36 -22.98 2.51 44.56
CA LEU B 36 -22.91 1.13 44.06
C LEU B 36 -21.49 0.59 44.16
N TYR B 37 -20.51 1.31 43.58
CA TYR B 37 -19.20 0.72 43.37
C TYR B 37 -18.33 0.78 44.63
N ASN B 38 -18.84 1.43 45.70
CA ASN B 38 -18.13 1.43 46.97
C ASN B 38 -18.65 0.31 47.88
N SER B 39 -19.74 -0.34 47.46
CA SER B 39 -20.32 -1.45 48.21
C SER B 39 -19.62 -2.77 47.86
N ALA B 40 -19.58 -3.70 48.81
CA ALA B 40 -18.91 -4.97 48.61
C ALA B 40 -19.89 -6.13 48.78
N SER B 41 -21.19 -5.82 48.77
CA SER B 41 -22.23 -6.83 48.96
C SER B 41 -22.63 -7.47 47.63
N PHE B 42 -21.79 -7.31 46.61
CA PHE B 42 -22.11 -7.76 45.27
C PHE B 42 -21.30 -9.00 44.91
N SER B 43 -21.95 -9.96 44.25
CA SER B 43 -21.30 -11.18 43.80
C SER B 43 -20.49 -10.91 42.52
N THR B 44 -21.17 -10.40 41.49
CA THR B 44 -20.54 -10.08 40.21
C THR B 44 -20.91 -8.65 39.82
N PHE B 45 -19.89 -7.88 39.44
CA PHE B 45 -20.07 -6.49 39.06
C PHE B 45 -19.21 -6.24 37.83
N LYS B 46 -19.83 -6.39 36.66
CA LYS B 46 -19.14 -6.22 35.39
C LYS B 46 -19.76 -5.05 34.63
N CYS B 47 -18.91 -4.33 33.87
CA CYS B 47 -19.34 -3.17 33.12
C CYS B 47 -18.73 -3.18 31.73
N TYR B 48 -19.57 -2.97 30.72
CA TYR B 48 -19.15 -3.01 29.33
C TYR B 48 -19.31 -1.62 28.72
N GLY B 49 -18.23 -1.14 28.08
CA GLY B 49 -18.30 0.09 27.31
C GLY B 49 -17.98 1.33 28.14
N VAL B 50 -17.94 1.20 29.47
CA VAL B 50 -17.62 2.32 30.34
C VAL B 50 -17.19 1.79 31.72
N SER B 51 -16.32 2.57 32.38
CA SER B 51 -15.84 2.24 33.73
C SER B 51 -16.77 2.84 34.77
N PRO B 52 -17.09 2.11 35.86
CA PRO B 52 -18.00 2.63 36.89
C PRO B 52 -17.42 3.81 37.66
N THR B 53 -16.08 3.87 37.75
CA THR B 53 -15.42 4.93 38.49
C THR B 53 -15.62 6.27 37.78
N LYS B 54 -15.57 6.25 36.45
CA LYS B 54 -15.66 7.48 35.66
C LYS B 54 -17.10 7.78 35.27
N LEU B 55 -18.07 7.25 36.03
CA LEU B 55 -19.47 7.39 35.65
C LEU B 55 -20.07 8.71 36.14
N ASN B 56 -19.60 9.19 37.30
CA ASN B 56 -20.21 10.30 37.99
C ASN B 56 -20.04 11.60 37.21
N ASP B 57 -19.14 11.60 36.21
CA ASP B 57 -18.87 12.79 35.41
C ASP B 57 -19.25 12.56 33.96
N LEU B 58 -20.38 11.86 33.73
CA LEU B 58 -20.86 11.56 32.40
C LEU B 58 -22.37 11.76 32.31
N CYS B 59 -22.81 12.11 31.10
CA CYS B 59 -24.21 12.39 30.82
C CYS B 59 -24.72 11.43 29.74
N PHE B 60 -25.98 10.99 29.89
CA PHE B 60 -26.62 10.11 28.94
C PHE B 60 -28.03 10.61 28.62
N THR B 61 -28.59 10.10 27.52
CA THR B 61 -29.95 10.44 27.12
C THR B 61 -30.94 9.83 28.09
N ASN B 62 -30.86 8.50 28.28
CA ASN B 62 -31.71 7.80 29.23
C ASN B 62 -30.94 6.66 29.88
N VAL B 63 -31.41 6.24 31.05
CA VAL B 63 -30.83 5.11 31.76
C VAL B 63 -31.96 4.15 32.12
N TYR B 64 -31.82 2.89 31.70
CA TYR B 64 -32.80 1.88 32.03
C TYR B 64 -32.19 0.94 33.07
N ALA B 65 -33.01 0.60 34.07
CA ALA B 65 -32.59 -0.35 35.10
C ALA B 65 -33.49 -1.57 35.09
N ASP B 66 -33.00 -2.64 34.46
CA ASP B 66 -33.73 -3.90 34.38
C ASP B 66 -33.36 -4.74 35.60
N SER B 67 -34.35 -5.42 36.17
CA SER B 67 -34.14 -6.20 37.38
C SER B 67 -34.91 -7.51 37.26
N PHE B 68 -34.27 -8.60 37.70
CA PHE B 68 -34.88 -9.91 37.69
C PHE B 68 -34.11 -10.86 38.60
N VAL B 69 -34.55 -12.12 38.67
CA VAL B 69 -33.90 -13.14 39.47
C VAL B 69 -33.61 -14.36 38.61
N ILE B 70 -32.36 -14.84 38.67
CA ILE B 70 -31.93 -16.08 38.03
C ILE B 70 -31.17 -16.92 39.04
N ARG B 71 -30.65 -18.06 38.56
CA ARG B 71 -29.89 -18.96 39.40
C ARG B 71 -28.40 -18.64 39.25
N GLY B 72 -27.60 -19.23 40.16
CA GLY B 72 -26.20 -18.89 40.35
C GLY B 72 -25.40 -18.87 39.04
N ASP B 73 -25.32 -20.03 38.38
CA ASP B 73 -24.44 -20.21 37.24
C ASP B 73 -24.94 -19.36 36.06
N GLU B 74 -26.26 -19.30 35.89
CA GLU B 74 -26.88 -18.62 34.78
C GLU B 74 -26.58 -17.12 34.79
N VAL B 75 -25.98 -16.62 35.87
CA VAL B 75 -25.58 -15.23 35.94
C VAL B 75 -24.56 -14.92 34.85
N ARG B 76 -23.77 -15.92 34.46
CA ARG B 76 -22.79 -15.75 33.40
C ARG B 76 -23.46 -15.35 32.08
N GLN B 77 -24.73 -15.73 31.89
CA GLN B 77 -25.42 -15.56 30.62
C GLN B 77 -25.84 -14.09 30.45
N ILE B 78 -25.81 -13.31 31.53
CA ILE B 78 -26.12 -11.90 31.41
C ILE B 78 -24.87 -11.13 31.02
N ALA B 79 -24.55 -11.18 29.71
CA ALA B 79 -23.34 -10.62 29.16
C ALA B 79 -23.42 -10.68 27.64
N PRO B 80 -22.89 -9.68 26.92
CA PRO B 80 -22.98 -9.67 25.45
C PRO B 80 -22.33 -10.90 24.86
N GLY B 81 -23.03 -11.51 23.89
CA GLY B 81 -22.50 -12.57 23.07
C GLY B 81 -22.59 -13.94 23.73
N GLN B 82 -23.33 -14.04 24.83
CA GLN B 82 -23.45 -15.30 25.54
C GLN B 82 -24.68 -16.08 25.05
N THR B 83 -24.57 -17.41 25.15
CA THR B 83 -25.64 -18.31 24.78
C THR B 83 -26.17 -18.97 26.06
N GLY B 84 -27.20 -19.80 25.90
CA GLY B 84 -27.84 -20.43 27.02
C GLY B 84 -29.34 -20.12 27.07
N LYS B 85 -30.03 -20.78 28.01
CA LYS B 85 -31.47 -20.70 28.09
C LYS B 85 -31.89 -19.27 28.44
N ILE B 86 -31.21 -18.67 29.42
CA ILE B 86 -31.57 -17.34 29.88
C ILE B 86 -31.26 -16.31 28.81
N ALA B 87 -30.11 -16.44 28.15
CA ALA B 87 -29.68 -15.45 27.18
C ALA B 87 -30.46 -15.57 25.87
N ASP B 88 -30.96 -16.78 25.58
CA ASP B 88 -31.62 -17.00 24.30
C ASP B 88 -33.12 -16.75 24.45
N TYR B 89 -33.73 -17.24 25.55
CA TYR B 89 -35.17 -17.31 25.67
C TYR B 89 -35.75 -16.35 26.71
N ASN B 90 -34.89 -15.73 27.53
CA ASN B 90 -35.40 -14.94 28.65
C ASN B 90 -34.98 -13.48 28.57
N TYR B 91 -33.66 -13.24 28.51
CA TYR B 91 -33.12 -11.88 28.54
C TYR B 91 -31.78 -11.83 27.79
N LYS B 92 -31.79 -11.11 26.65
CA LYS B 92 -30.62 -11.06 25.79
C LYS B 92 -30.08 -9.63 25.78
N LEU B 93 -28.78 -9.49 26.08
CA LEU B 93 -28.10 -8.21 26.01
C LEU B 93 -27.51 -8.00 24.62
N PRO B 94 -27.53 -6.76 24.09
CA PRO B 94 -26.95 -6.48 22.77
C PRO B 94 -25.44 -6.60 22.78
N ASP B 95 -24.88 -6.91 21.61
CA ASP B 95 -23.44 -7.10 21.48
C ASP B 95 -22.72 -5.77 21.71
N ASP B 96 -23.38 -4.66 21.35
CA ASP B 96 -22.79 -3.34 21.50
C ASP B 96 -23.27 -2.71 22.80
N PHE B 97 -23.40 -3.53 23.85
CA PHE B 97 -23.93 -3.06 25.13
C PHE B 97 -23.00 -2.01 25.73
N THR B 98 -23.62 -0.98 26.33
CA THR B 98 -22.89 0.03 27.09
C THR B 98 -23.60 0.20 28.43
N GLY B 99 -23.21 -0.64 29.40
CA GLY B 99 -23.86 -0.61 30.69
C GLY B 99 -23.11 -1.47 31.72
N CYS B 100 -23.83 -1.83 32.78
CA CYS B 100 -23.24 -2.57 33.89
C CYS B 100 -24.21 -3.63 34.37
N VAL B 101 -23.68 -4.84 34.58
CA VAL B 101 -24.45 -5.95 35.13
C VAL B 101 -24.02 -6.13 36.58
N ILE B 102 -25.01 -6.05 37.50
CA ILE B 102 -24.75 -6.17 38.93
C ILE B 102 -25.65 -7.27 39.48
N ALA B 103 -25.01 -8.30 40.03
CA ALA B 103 -25.74 -9.42 40.58
C ALA B 103 -25.18 -9.75 41.96
N TRP B 104 -26.07 -10.20 42.84
CA TRP B 104 -25.72 -10.56 44.20
C TRP B 104 -26.57 -11.74 44.66
N ASN B 105 -26.01 -12.50 45.59
CA ASN B 105 -26.71 -13.65 46.15
C ASN B 105 -27.89 -13.16 46.99
N SER B 106 -29.02 -13.85 46.87
CA SER B 106 -30.21 -13.53 47.63
C SER B 106 -30.90 -14.82 48.09
N ASN B 107 -30.09 -15.76 48.61
CA ASN B 107 -30.62 -17.04 49.05
C ASN B 107 -31.55 -16.83 50.25
N ASN B 108 -31.21 -15.85 51.10
CA ASN B 108 -31.96 -15.56 52.30
C ASN B 108 -33.32 -14.96 51.97
N LEU B 109 -33.37 -14.10 50.92
CA LEU B 109 -34.56 -13.31 50.63
C LEU B 109 -35.50 -14.04 49.68
N ASP B 110 -34.96 -14.87 48.78
CA ASP B 110 -35.74 -15.39 47.66
C ASP B 110 -36.15 -16.83 47.87
N SER B 111 -35.30 -17.61 48.56
CA SER B 111 -35.66 -18.98 48.86
C SER B 111 -36.32 -19.04 50.24
N LYS B 112 -37.11 -20.08 50.47
CA LYS B 112 -37.78 -20.27 51.75
C LYS B 112 -37.90 -21.77 52.01
N VAL B 113 -38.48 -22.12 53.16
CA VAL B 113 -38.68 -23.50 53.56
C VAL B 113 -39.54 -24.21 52.51
N GLY B 114 -39.05 -25.38 52.07
CA GLY B 114 -39.73 -26.19 51.08
C GLY B 114 -39.55 -25.67 49.66
N GLY B 115 -38.70 -24.64 49.49
CA GLY B 115 -38.43 -24.07 48.18
C GLY B 115 -39.47 -23.02 47.75
N ASN B 116 -38.97 -21.95 47.10
CA ASN B 116 -39.84 -20.91 46.55
C ASN B 116 -40.01 -21.15 45.06
N TYR B 117 -41.27 -21.22 44.61
CA TYR B 117 -41.58 -21.56 43.23
C TYR B 117 -42.28 -20.41 42.52
N ASN B 118 -42.10 -19.19 43.05
CA ASN B 118 -42.70 -18.00 42.45
C ASN B 118 -41.80 -17.44 41.35
N TYR B 119 -40.57 -17.99 41.23
CA TYR B 119 -39.62 -17.51 40.23
C TYR B 119 -39.55 -18.51 39.08
N LEU B 120 -39.82 -18.01 37.87
CA LEU B 120 -39.90 -18.83 36.68
C LEU B 120 -38.83 -18.38 35.69
N TYR B 121 -38.58 -19.25 34.70
CA TYR B 121 -37.73 -18.95 33.54
C TYR B 121 -38.30 -19.69 32.34
N ARG B 122 -38.14 -19.09 31.16
CA ARG B 122 -38.67 -19.66 29.93
C ARG B 122 -37.68 -20.68 29.38
N LEU B 123 -38.13 -21.94 29.21
CA LEU B 123 -37.25 -23.03 28.80
C LEU B 123 -37.28 -23.22 27.29
N PHE B 124 -38.39 -22.83 26.64
CA PHE B 124 -38.56 -23.10 25.22
C PHE B 124 -39.08 -21.86 24.49
N ARG B 125 -38.59 -21.68 23.26
CA ARG B 125 -39.07 -20.65 22.35
C ARG B 125 -38.70 -21.02 20.93
N LYS B 126 -39.52 -20.63 19.97
CA LYS B 126 -39.29 -20.97 18.58
C LYS B 126 -38.00 -20.34 18.08
N SER B 127 -37.73 -19.11 18.51
CA SER B 127 -36.53 -18.39 18.08
C SER B 127 -35.91 -17.68 19.27
N ASN B 128 -34.62 -17.35 19.15
CA ASN B 128 -33.93 -16.63 20.20
C ASN B 128 -34.47 -15.22 20.31
N LEU B 129 -34.31 -14.62 21.49
CA LEU B 129 -34.81 -13.28 21.73
C LEU B 129 -33.85 -12.27 21.12
N LYS B 130 -34.43 -11.21 20.54
CA LYS B 130 -33.68 -10.03 20.13
C LYS B 130 -33.22 -9.31 21.40
N PRO B 131 -32.17 -8.47 21.33
CA PRO B 131 -31.71 -7.71 22.49
C PRO B 131 -32.82 -6.83 23.08
N PHE B 132 -33.03 -6.96 24.40
CA PHE B 132 -34.01 -6.20 25.15
C PHE B 132 -35.43 -6.55 24.74
N GLU B 133 -35.67 -7.85 24.52
CA GLU B 133 -36.99 -8.30 24.13
C GLU B 133 -37.64 -8.93 25.36
N ARG B 134 -38.98 -8.86 25.40
CA ARG B 134 -39.73 -9.32 26.55
C ARG B 134 -40.87 -10.21 26.08
N ASP B 135 -40.81 -11.47 26.50
CA ASP B 135 -41.79 -12.45 26.05
C ASP B 135 -42.47 -13.04 27.28
N ILE B 136 -43.75 -12.67 27.48
CA ILE B 136 -44.52 -13.15 28.61
C ILE B 136 -45.66 -14.03 28.12
N SER B 137 -45.66 -14.35 26.82
CA SER B 137 -46.66 -15.26 26.27
C SER B 137 -46.51 -16.65 26.89
N THR B 138 -47.64 -17.35 27.01
CA THR B 138 -47.67 -18.67 27.62
C THR B 138 -48.12 -19.73 26.61
N GLU B 139 -47.71 -19.56 25.34
CA GLU B 139 -48.11 -20.48 24.28
C GLU B 139 -47.45 -21.83 24.55
N ILE B 140 -48.22 -22.91 24.44
CA ILE B 140 -47.67 -24.24 24.62
C ILE B 140 -46.66 -24.50 23.51
N TYR B 141 -45.40 -24.78 23.92
CA TYR B 141 -44.33 -24.91 22.95
C TYR B 141 -44.43 -26.24 22.20
N GLN B 142 -44.38 -26.17 20.86
CA GLN B 142 -44.48 -27.33 20.00
C GLN B 142 -43.07 -27.83 19.72
N ALA B 143 -42.69 -28.92 20.40
CA ALA B 143 -41.34 -29.47 20.28
C ALA B 143 -41.27 -30.52 19.18
N GLY B 144 -42.40 -31.11 18.81
CA GLY B 144 -42.40 -32.13 17.78
C GLY B 144 -43.25 -31.74 16.58
N SER B 145 -43.53 -32.73 15.72
CA SER B 145 -44.30 -32.51 14.52
C SER B 145 -45.81 -32.63 14.80
N THR B 146 -46.20 -32.80 16.07
CA THR B 146 -47.59 -32.96 16.42
C THR B 146 -48.17 -31.63 16.87
N PRO B 147 -49.44 -31.31 16.51
CA PRO B 147 -50.10 -30.10 17.01
C PRO B 147 -50.37 -30.20 18.51
N CYS B 148 -50.36 -29.05 19.19
CA CYS B 148 -50.49 -29.04 20.64
C CYS B 148 -51.90 -28.63 21.06
N ASN B 149 -52.58 -27.85 20.20
CA ASN B 149 -53.96 -27.44 20.42
C ASN B 149 -54.12 -26.77 21.78
N GLY B 150 -53.06 -26.11 22.25
CA GLY B 150 -53.12 -25.29 23.47
C GLY B 150 -53.17 -26.12 24.75
N VAL B 151 -52.99 -27.45 24.62
CA VAL B 151 -52.95 -28.34 25.77
C VAL B 151 -51.63 -29.08 25.77
N GLU B 152 -50.98 -29.13 26.94
CA GLU B 152 -49.69 -29.79 27.06
C GLU B 152 -49.86 -31.28 26.78
N GLY B 153 -48.79 -31.93 26.32
CA GLY B 153 -48.80 -33.36 26.09
C GLY B 153 -47.52 -33.84 25.44
N PHE B 154 -47.65 -34.81 24.54
CA PHE B 154 -46.49 -35.37 23.86
C PHE B 154 -45.83 -34.27 23.03
N ASN B 155 -44.57 -33.98 23.37
CA ASN B 155 -43.79 -32.96 22.68
C ASN B 155 -44.52 -31.63 22.71
N CYS B 156 -45.26 -31.38 23.80
CA CYS B 156 -45.97 -30.13 23.99
C CYS B 156 -45.85 -29.74 25.47
N TYR B 157 -45.02 -28.74 25.77
CA TYR B 157 -44.71 -28.42 27.15
C TYR B 157 -45.08 -26.98 27.44
N PHE B 158 -45.23 -26.66 28.74
CA PHE B 158 -45.38 -25.30 29.22
C PHE B 158 -44.13 -24.52 28.86
N PRO B 159 -44.24 -23.30 28.28
CA PRO B 159 -43.07 -22.54 27.90
C PRO B 159 -42.20 -22.11 29.09
N LEU B 160 -42.82 -22.00 30.27
CA LEU B 160 -42.10 -21.59 31.46
C LEU B 160 -41.80 -22.78 32.35
N GLN B 161 -40.84 -22.60 33.26
CA GLN B 161 -40.43 -23.65 34.17
C GLN B 161 -40.08 -23.00 35.51
N SER B 162 -40.31 -23.75 36.60
CA SER B 162 -40.06 -23.25 37.95
C SER B 162 -38.61 -23.54 38.34
N TYR B 163 -38.00 -22.58 39.04
CA TYR B 163 -36.61 -22.72 39.44
C TYR B 163 -36.45 -23.73 40.58
N GLY B 164 -37.31 -23.60 41.59
CA GLY B 164 -37.31 -24.50 42.73
C GLY B 164 -36.12 -24.24 43.66
N PHE B 165 -36.04 -23.00 44.16
CA PHE B 165 -34.92 -22.57 44.98
C PHE B 165 -35.05 -23.12 46.39
N GLN B 166 -34.36 -24.26 46.62
CA GLN B 166 -34.24 -24.80 47.96
C GLN B 166 -33.13 -24.05 48.68
N PRO B 167 -33.27 -23.77 50.00
CA PRO B 167 -32.20 -23.11 50.76
C PRO B 167 -30.95 -23.98 50.89
N THR B 168 -31.09 -25.30 50.75
CA THR B 168 -29.97 -26.22 50.92
C THR B 168 -29.17 -26.40 49.63
N ASN B 169 -29.59 -25.71 48.55
CA ASN B 169 -28.98 -25.88 47.24
C ASN B 169 -27.56 -25.33 47.25
N GLY B 170 -26.73 -25.89 46.37
CA GLY B 170 -25.37 -25.42 46.15
C GLY B 170 -25.35 -23.99 45.63
N VAL B 171 -24.16 -23.39 45.69
CA VAL B 171 -23.98 -21.98 45.33
C VAL B 171 -24.40 -21.77 43.88
N GLY B 172 -24.15 -22.78 43.03
CA GLY B 172 -24.44 -22.71 41.61
C GLY B 172 -25.95 -22.61 41.32
N TYR B 173 -26.77 -23.11 42.26
CA TYR B 173 -28.20 -23.19 42.06
C TYR B 173 -28.96 -22.28 43.02
N GLN B 174 -28.25 -21.36 43.67
CA GLN B 174 -28.89 -20.44 44.60
C GLN B 174 -29.45 -19.24 43.83
N PRO B 175 -30.57 -18.65 44.27
CA PRO B 175 -31.15 -17.50 43.58
C PRO B 175 -30.30 -16.24 43.73
N TYR B 176 -29.89 -15.67 42.60
CA TYR B 176 -29.20 -14.39 42.56
C TYR B 176 -30.10 -13.32 41.95
N ARG B 177 -30.02 -12.11 42.50
CA ARG B 177 -30.77 -10.98 41.96
C ARG B 177 -29.84 -10.17 41.06
N VAL B 178 -30.36 -9.76 39.90
CA VAL B 178 -29.56 -9.09 38.89
C VAL B 178 -30.22 -7.75 38.57
N VAL B 179 -29.39 -6.72 38.45
CA VAL B 179 -29.81 -5.44 37.92
C VAL B 179 -28.89 -5.04 36.78
N VAL B 180 -29.49 -4.71 35.64
CA VAL B 180 -28.75 -4.35 34.45
C VAL B 180 -29.03 -2.87 34.15
N LEU B 181 -27.98 -2.05 34.25
CA LEU B 181 -28.07 -0.63 33.97
C LEU B 181 -27.63 -0.39 32.54
N SER B 182 -28.52 0.18 31.73
CA SER B 182 -28.25 0.46 30.33
C SER B 182 -28.21 1.97 30.11
N PHE B 183 -27.10 2.47 29.57
CA PHE B 183 -26.90 3.90 29.38
C PHE B 183 -27.00 4.25 27.89
N GLU B 184 -28.19 4.67 27.47
CA GLU B 184 -28.47 4.99 26.08
C GLU B 184 -28.12 6.45 25.82
N LEU B 185 -27.38 6.70 24.74
CA LEU B 185 -27.00 8.05 24.36
C LEU B 185 -27.44 8.29 22.92
N LEU B 186 -28.55 9.05 22.76
CA LEU B 186 -29.05 9.40 21.44
C LEU B 186 -28.68 10.83 21.11
N HIS B 187 -29.22 11.35 20.00
CA HIS B 187 -29.08 12.74 19.60
C HIS B 187 -30.14 13.59 20.27
N ALA B 188 -30.19 13.51 21.61
CA ALA B 188 -31.17 14.21 22.42
C ALA B 188 -30.45 14.88 23.59
N PRO B 189 -31.08 15.88 24.24
CA PRO B 189 -30.51 16.48 25.45
C PRO B 189 -30.36 15.46 26.57
N ALA B 190 -29.11 15.31 27.06
CA ALA B 190 -28.76 14.37 28.11
C ALA B 190 -29.39 14.83 29.42
N THR B 191 -30.42 14.10 29.88
CA THR B 191 -31.24 14.50 31.01
C THR B 191 -30.81 13.81 32.31
N VAL B 192 -29.80 12.95 32.24
CA VAL B 192 -29.27 12.29 33.43
C VAL B 192 -27.76 12.50 33.49
N CYS B 193 -27.30 13.10 34.60
CA CYS B 193 -25.88 13.33 34.81
C CYS B 193 -25.54 13.09 36.28
N GLY B 194 -24.26 13.26 36.61
CA GLY B 194 -23.81 13.24 37.99
C GLY B 194 -23.15 14.55 38.38
N PRO B 195 -22.39 14.56 39.50
CA PRO B 195 -21.60 15.74 39.91
C PRO B 195 -20.42 16.00 38.95
N GLN C 1 -24.64 -48.46 31.68
CA GLN C 1 -24.89 -48.11 33.10
C GLN C 1 -26.10 -47.18 33.19
N VAL C 2 -27.01 -47.35 32.23
CA VAL C 2 -28.23 -46.56 32.12
C VAL C 2 -29.44 -47.47 32.36
N GLN C 3 -29.31 -48.38 33.33
CA GLN C 3 -30.33 -49.36 33.63
C GLN C 3 -31.39 -48.81 34.59
N LEU C 4 -32.61 -49.31 34.42
CA LEU C 4 -33.76 -48.97 35.23
C LEU C 4 -34.14 -50.15 36.12
N VAL C 5 -34.14 -49.91 37.43
CA VAL C 5 -34.40 -50.95 38.41
C VAL C 5 -35.80 -50.78 38.98
N GLN C 6 -36.62 -51.80 38.79
CA GLN C 6 -38.03 -51.74 39.14
C GLN C 6 -38.22 -52.55 40.42
N SER C 7 -38.88 -51.97 41.42
CA SER C 7 -39.08 -52.71 42.66
C SER C 7 -40.46 -53.38 42.68
N GLY C 8 -40.60 -54.40 43.52
CA GLY C 8 -41.91 -54.88 43.95
C GLY C 8 -42.32 -56.16 43.24
N ALA C 9 -43.07 -57.00 43.96
CA ALA C 9 -43.75 -58.15 43.39
C ALA C 9 -45.08 -58.30 44.13
N GLU C 10 -45.85 -57.22 44.19
CA GLU C 10 -46.88 -57.04 45.20
C GLU C 10 -48.17 -57.76 44.80
N VAL C 11 -48.93 -58.14 45.83
CA VAL C 11 -50.24 -58.74 45.66
C VAL C 11 -51.24 -57.89 46.43
N LYS C 12 -52.36 -57.54 45.76
CA LYS C 12 -53.31 -56.60 46.34
C LYS C 12 -54.73 -57.13 46.10
N LYS C 13 -55.59 -56.94 47.10
CA LYS C 13 -56.99 -57.31 47.00
C LYS C 13 -57.68 -56.30 46.10
N PRO C 14 -58.72 -56.72 45.34
CA PRO C 14 -59.46 -55.80 44.47
C PRO C 14 -60.01 -54.63 45.26
N GLY C 15 -59.86 -53.43 44.71
CA GLY C 15 -60.35 -52.22 45.31
C GLY C 15 -59.23 -51.46 46.03
N SER C 16 -58.14 -52.13 46.37
CA SER C 16 -57.03 -51.49 47.06
C SER C 16 -56.17 -50.70 46.07
N SER C 17 -55.04 -50.19 46.57
CA SER C 17 -54.15 -49.37 45.76
C SER C 17 -52.73 -49.93 45.82
N VAL C 18 -52.09 -49.95 44.63
CA VAL C 18 -50.73 -50.46 44.48
C VAL C 18 -49.85 -49.32 43.98
N LYS C 19 -48.60 -49.33 44.44
CA LYS C 19 -47.64 -48.31 44.07
C LYS C 19 -46.36 -49.01 43.63
N VAL C 20 -45.99 -48.79 42.36
CA VAL C 20 -44.81 -49.42 41.78
C VAL C 20 -43.73 -48.35 41.56
N SER C 21 -42.48 -48.69 41.90
CA SER C 21 -41.39 -47.73 41.81
C SER C 21 -40.43 -48.13 40.69
N CYS C 22 -39.85 -47.11 40.06
CA CYS C 22 -38.78 -47.26 39.10
C CYS C 22 -37.61 -46.36 39.53
N LYS C 23 -36.44 -46.98 39.73
CA LYS C 23 -35.23 -46.24 40.03
C LYS C 23 -34.44 -46.07 38.73
N ALA C 24 -34.18 -44.80 38.39
CA ALA C 24 -33.43 -44.47 37.18
C ALA C 24 -31.94 -44.35 37.52
N SER C 25 -31.12 -44.99 36.69
CA SER C 25 -29.68 -44.94 36.89
C SER C 25 -29.00 -44.47 35.60
N GLY C 26 -28.13 -43.47 35.75
CA GLY C 26 -27.73 -42.65 34.62
C GLY C 26 -28.71 -41.51 34.37
N GLY C 27 -28.59 -40.90 33.18
CA GLY C 27 -29.47 -39.81 32.80
C GLY C 27 -30.75 -40.33 32.15
N THR C 28 -31.89 -39.74 32.54
CA THR C 28 -33.18 -40.18 32.04
C THR C 28 -34.09 -38.96 31.94
N PHE C 29 -34.53 -38.65 30.72
CA PHE C 29 -35.38 -37.50 30.51
C PHE C 29 -36.79 -37.72 31.07
N GLY C 30 -37.47 -38.72 30.51
CA GLY C 30 -38.82 -39.07 30.94
C GLY C 30 -39.00 -40.57 31.03
N ILE C 31 -39.78 -41.02 32.04
CA ILE C 31 -40.05 -42.43 32.24
C ILE C 31 -41.53 -42.72 32.01
N SER C 32 -41.80 -43.71 31.17
CA SER C 32 -43.15 -44.13 30.87
C SER C 32 -43.38 -45.53 31.46
N TRP C 33 -44.66 -45.85 31.70
CA TRP C 33 -45.08 -47.17 32.18
C TRP C 33 -45.90 -47.88 31.09
N VAL C 34 -45.61 -49.18 30.93
CA VAL C 34 -46.35 -50.01 29.99
C VAL C 34 -46.69 -51.31 30.71
N ARG C 35 -47.97 -51.69 30.63
CA ARG C 35 -48.44 -52.89 31.26
C ARG C 35 -48.71 -53.95 30.21
N GLN C 36 -48.52 -55.21 30.63
CA GLN C 36 -48.76 -56.36 29.77
C GLN C 36 -49.39 -57.48 30.58
N ALA C 37 -50.63 -57.88 30.25
CA ALA C 37 -51.26 -59.00 30.93
C ALA C 37 -50.55 -60.30 30.56
N PRO C 38 -50.53 -61.31 31.45
CA PRO C 38 -49.88 -62.58 31.14
C PRO C 38 -50.50 -63.21 29.89
N GLY C 39 -49.68 -63.40 28.86
CA GLY C 39 -50.11 -64.02 27.61
C GLY C 39 -50.69 -63.02 26.62
N GLN C 40 -51.14 -61.86 27.11
CA GLN C 40 -51.75 -60.84 26.27
C GLN C 40 -50.67 -59.88 25.75
N GLY C 41 -51.09 -58.77 25.14
CA GLY C 41 -50.17 -57.84 24.51
C GLY C 41 -49.86 -56.64 25.39
N LEU C 42 -49.11 -55.66 24.85
CA LEU C 42 -48.75 -54.46 25.57
C LEU C 42 -49.85 -53.41 25.43
N GLU C 43 -50.01 -52.60 26.47
CA GLU C 43 -50.83 -51.39 26.40
C GLU C 43 -50.16 -50.29 27.21
N TRP C 44 -50.26 -49.06 26.69
CA TRP C 44 -49.66 -47.90 27.31
C TRP C 44 -50.49 -47.42 28.49
N MET C 45 -49.79 -46.89 29.50
CA MET C 45 -50.45 -46.46 30.70
C MET C 45 -50.27 -44.97 30.95
N GLY C 46 -49.03 -44.50 30.92
CA GLY C 46 -48.74 -43.11 31.24
C GLY C 46 -47.26 -42.77 31.13
N ARG C 47 -46.91 -41.49 31.19
CA ARG C 47 -45.55 -41.01 30.97
C ARG C 47 -45.33 -39.86 31.95
N ILE C 48 -44.10 -39.69 32.47
CA ILE C 48 -43.79 -38.56 33.34
C ILE C 48 -42.42 -38.01 32.96
N ILE C 49 -42.30 -36.68 32.97
CA ILE C 49 -40.99 -36.05 32.80
C ILE C 49 -40.67 -35.34 34.10
N PRO C 50 -39.83 -35.92 34.98
CA PRO C 50 -39.58 -35.35 36.29
C PRO C 50 -38.96 -33.95 36.23
N ILE C 51 -38.28 -33.63 35.12
CA ILE C 51 -37.60 -32.35 35.04
C ILE C 51 -38.59 -31.28 34.63
N LEU C 52 -39.82 -31.69 34.28
CA LEU C 52 -40.80 -30.74 33.77
C LEU C 52 -42.04 -30.72 34.65
N GLY C 53 -42.40 -31.88 35.21
CA GLY C 53 -43.50 -31.93 36.16
C GLY C 53 -44.81 -32.43 35.56
N THR C 54 -44.86 -32.63 34.25
CA THR C 54 -46.06 -33.08 33.56
C THR C 54 -46.15 -34.61 33.64
N ALA C 55 -47.39 -35.11 33.66
CA ALA C 55 -47.69 -36.53 33.61
C ALA C 55 -48.87 -36.77 32.67
N ASN C 56 -48.90 -37.96 32.06
CA ASN C 56 -49.93 -38.37 31.13
C ASN C 56 -50.60 -39.67 31.57
N HIS C 57 -51.87 -39.80 31.20
CA HIS C 57 -52.64 -41.00 31.46
C HIS C 57 -53.33 -41.40 30.17
N ALA C 58 -53.53 -42.71 29.97
CA ALA C 58 -54.47 -43.16 28.94
C ALA C 58 -55.91 -42.87 29.41
N GLN C 59 -56.81 -42.66 28.45
CA GLN C 59 -58.15 -42.20 28.80
C GLN C 59 -58.88 -43.25 29.64
N LYS C 60 -58.55 -44.52 29.42
CA LYS C 60 -59.22 -45.61 30.12
C LYS C 60 -58.84 -45.64 31.60
N PHE C 61 -57.73 -45.00 31.98
CA PHE C 61 -57.23 -45.06 33.34
C PHE C 61 -57.41 -43.73 34.06
N GLN C 62 -58.31 -42.88 33.51
CA GLN C 62 -58.59 -41.60 34.12
C GLN C 62 -59.16 -41.80 35.53
N GLY C 63 -58.52 -41.14 36.51
CA GLY C 63 -59.01 -41.12 37.87
C GLY C 63 -58.43 -42.27 38.70
N ARG C 64 -57.62 -43.14 38.06
CA ARG C 64 -57.10 -44.32 38.74
C ARG C 64 -55.58 -44.28 38.80
N VAL C 65 -54.93 -43.52 37.90
CA VAL C 65 -53.47 -43.53 37.85
C VAL C 65 -52.95 -42.20 38.39
N THR C 66 -51.95 -42.30 39.27
CA THR C 66 -51.26 -41.12 39.78
C THR C 66 -49.77 -41.39 39.67
N ILE C 67 -49.10 -40.59 38.83
CA ILE C 67 -47.69 -40.79 38.59
C ILE C 67 -46.90 -39.66 39.24
N THR C 68 -46.04 -40.02 40.21
CA THR C 68 -45.30 -39.04 40.97
C THR C 68 -43.82 -39.35 40.82
N ALA C 69 -42.97 -38.40 41.22
CA ALA C 69 -41.55 -38.64 41.28
C ALA C 69 -40.93 -37.79 42.37
N ASP C 70 -39.93 -38.38 43.06
CA ASP C 70 -39.12 -37.64 44.02
C ASP C 70 -37.70 -37.55 43.50
N LYS C 71 -37.25 -36.30 43.26
CA LYS C 71 -35.98 -36.06 42.60
C LYS C 71 -34.80 -36.30 43.55
N SER C 72 -35.01 -36.01 44.84
CA SER C 72 -34.02 -36.25 45.86
C SER C 72 -33.58 -37.72 45.85
N THR C 73 -34.55 -38.63 45.72
CA THR C 73 -34.26 -40.06 45.69
C THR C 73 -34.04 -40.57 44.25
N GLY C 74 -34.44 -39.76 43.28
CA GLY C 74 -34.28 -40.08 41.88
C GLY C 74 -35.22 -41.18 41.39
N THR C 75 -36.29 -41.48 42.14
CA THR C 75 -37.19 -42.58 41.80
C THR C 75 -38.52 -42.02 41.26
N VAL C 76 -39.25 -42.87 40.53
CA VAL C 76 -40.54 -42.48 39.97
C VAL C 76 -41.57 -43.53 40.39
N TYR C 77 -42.71 -43.04 40.93
CA TYR C 77 -43.75 -43.92 41.43
C TYR C 77 -44.98 -43.82 40.52
N MET C 78 -45.69 -44.95 40.41
CA MET C 78 -46.94 -44.99 39.68
C MET C 78 -47.93 -45.76 40.56
N GLU C 79 -49.06 -45.10 40.87
CA GLU C 79 -50.04 -45.64 41.79
C GLU C 79 -51.35 -45.87 41.03
N LEU C 80 -51.82 -47.11 41.11
CA LEU C 80 -53.08 -47.51 40.52
C LEU C 80 -54.01 -47.91 41.66
N SER C 81 -55.19 -47.26 41.70
CA SER C 81 -56.20 -47.51 42.72
C SER C 81 -57.40 -48.21 42.08
N SER C 82 -58.27 -48.75 42.94
CA SER C 82 -59.49 -49.44 42.54
C SER C 82 -59.17 -50.62 41.63
N LEU C 83 -58.29 -51.50 42.11
CA LEU C 83 -57.79 -52.60 41.28
C LEU C 83 -58.89 -53.63 41.09
N ARG C 84 -58.89 -54.28 39.92
CA ARG C 84 -59.74 -55.45 39.69
C ARG C 84 -58.93 -56.56 39.03
N SER C 85 -59.61 -57.66 38.67
CA SER C 85 -58.99 -58.82 38.06
C SER C 85 -58.41 -58.48 36.70
N GLU C 86 -58.88 -57.37 36.08
CA GLU C 86 -58.41 -56.95 34.78
C GLU C 86 -57.00 -56.37 34.85
N ASP C 87 -56.57 -55.95 36.05
CA ASP C 87 -55.33 -55.22 36.20
C ASP C 87 -54.14 -56.16 36.39
N THR C 88 -54.41 -57.45 36.65
CA THR C 88 -53.35 -58.41 36.91
C THR C 88 -52.45 -58.46 35.67
N ALA C 89 -51.24 -57.92 35.82
CA ALA C 89 -50.33 -57.80 34.69
C ALA C 89 -48.92 -57.53 35.17
N VAL C 90 -48.00 -57.40 34.22
CA VAL C 90 -46.61 -57.06 34.47
C VAL C 90 -46.43 -55.61 34.07
N TYR C 91 -45.75 -54.86 34.94
CA TYR C 91 -45.62 -53.42 34.73
C TYR C 91 -44.15 -53.09 34.49
N TYR C 92 -43.88 -52.41 33.35
CA TYR C 92 -42.50 -52.11 32.98
C TYR C 92 -42.28 -50.60 33.05
N CYS C 93 -41.04 -50.19 33.39
CA CYS C 93 -40.58 -48.82 33.15
C CYS C 93 -39.99 -48.74 31.74
N ALA C 94 -39.84 -47.49 31.27
CA ALA C 94 -39.30 -47.26 29.94
C ALA C 94 -38.65 -45.88 29.90
N ARG C 95 -37.48 -45.82 29.27
CA ARG C 95 -36.77 -44.56 29.13
C ARG C 95 -37.24 -43.86 27.85
N ASP C 96 -37.54 -42.57 27.97
CA ASP C 96 -37.96 -41.78 26.84
C ASP C 96 -36.97 -40.62 26.68
N GLY C 97 -35.86 -40.92 25.99
CA GLY C 97 -34.82 -39.94 25.71
C GLY C 97 -33.76 -39.92 26.81
N ASP C 98 -32.56 -39.48 26.43
CA ASP C 98 -31.45 -39.35 27.37
C ASP C 98 -31.64 -38.09 28.21
N SER C 99 -30.70 -37.81 29.12
CA SER C 99 -30.86 -36.71 30.07
C SER C 99 -30.90 -35.36 29.35
N GLY C 100 -30.30 -35.31 28.15
CA GLY C 100 -30.37 -34.12 27.31
C GLY C 100 -31.47 -34.30 26.27
N SER C 101 -31.51 -33.42 25.27
CA SER C 101 -32.42 -33.59 24.15
C SER C 101 -33.87 -33.73 24.63
N TYR C 102 -34.45 -32.59 24.99
CA TYR C 102 -35.80 -32.52 25.53
C TYR C 102 -36.85 -33.12 24.58
N TYR C 103 -36.44 -33.63 23.42
CA TYR C 103 -37.32 -34.32 22.50
C TYR C 103 -37.83 -35.64 23.07
N GLU C 104 -39.04 -36.04 22.64
CA GLU C 104 -39.55 -37.37 22.97
C GLU C 104 -39.70 -38.19 21.70
N THR C 105 -39.03 -39.35 21.67
CA THR C 105 -38.96 -40.15 20.47
C THR C 105 -40.15 -41.11 20.40
N LEU C 106 -40.83 -41.32 21.53
CA LEU C 106 -41.86 -42.33 21.68
C LEU C 106 -41.35 -43.75 21.39
N GLY C 107 -40.03 -43.93 21.34
CA GLY C 107 -39.44 -45.25 21.38
C GLY C 107 -38.70 -45.43 22.70
N PHE C 108 -39.01 -46.52 23.40
CA PHE C 108 -38.56 -46.72 24.77
C PHE C 108 -37.27 -47.55 24.77
N ASP C 109 -36.15 -46.91 25.11
CA ASP C 109 -34.84 -47.51 24.82
C ASP C 109 -34.54 -48.67 25.78
N TYR C 110 -34.55 -48.33 27.08
CA TYR C 110 -34.21 -49.28 28.12
C TYR C 110 -35.42 -49.57 29.00
N TRP C 111 -35.63 -50.87 29.24
CA TRP C 111 -36.79 -51.33 29.99
C TRP C 111 -36.31 -52.00 31.27
N GLY C 112 -37.07 -51.79 32.34
CA GLY C 112 -36.86 -52.47 33.60
C GLY C 112 -37.28 -53.94 33.51
N GLN C 113 -36.97 -54.71 34.56
CA GLN C 113 -37.42 -56.09 34.64
C GLN C 113 -38.92 -56.10 34.96
N GLY C 114 -39.54 -57.28 34.85
CA GLY C 114 -40.95 -57.42 35.14
C GLY C 114 -41.32 -57.11 36.59
N THR C 115 -42.45 -56.41 36.78
CA THR C 115 -43.10 -56.29 38.07
C THR C 115 -44.53 -56.84 38.03
N LEU C 116 -44.72 -58.07 38.51
CA LEU C 116 -45.99 -58.75 38.38
C LEU C 116 -46.86 -58.34 39.57
N VAL C 117 -48.04 -57.80 39.24
CA VAL C 117 -49.00 -57.43 40.26
C VAL C 117 -50.23 -58.33 40.05
N THR C 118 -50.39 -59.32 40.93
CA THR C 118 -51.55 -60.19 40.83
C THR C 118 -52.63 -59.66 41.76
N VAL C 119 -53.77 -59.38 41.16
CA VAL C 119 -54.90 -58.86 41.89
C VAL C 119 -55.88 -60.01 42.10
N SER C 120 -56.05 -60.37 43.36
CA SER C 120 -57.07 -61.35 43.72
C SER C 120 -57.46 -61.17 45.17
N SER C 121 -58.69 -61.61 45.50
CA SER C 121 -59.17 -61.70 46.87
C SER C 121 -58.31 -62.73 47.61
N ALA C 122 -58.06 -63.85 46.93
CA ALA C 122 -57.58 -65.07 47.55
C ALA C 122 -56.26 -64.81 48.24
N SER C 123 -56.13 -65.41 49.44
CA SER C 123 -55.01 -65.15 50.32
C SER C 123 -53.78 -65.82 49.75
N THR C 124 -52.61 -65.20 49.99
CA THR C 124 -51.33 -65.79 49.67
C THR C 124 -51.10 -67.05 50.49
N LYS C 125 -50.38 -68.01 49.90
CA LYS C 125 -50.29 -69.31 50.58
C LYS C 125 -48.85 -69.63 51.01
N GLY C 126 -47.94 -69.54 50.04
CA GLY C 126 -46.59 -69.99 50.34
C GLY C 126 -46.37 -71.46 50.01
N PRO C 127 -45.16 -71.79 49.50
CA PRO C 127 -44.92 -73.09 48.88
C PRO C 127 -44.60 -74.18 49.89
N SER C 128 -44.71 -75.42 49.41
CA SER C 128 -44.17 -76.59 50.09
C SER C 128 -43.13 -77.20 49.17
N VAL C 129 -41.89 -77.30 49.66
CA VAL C 129 -40.77 -77.72 48.84
C VAL C 129 -40.41 -79.15 49.17
N PHE C 130 -40.31 -79.98 48.13
CA PHE C 130 -39.95 -81.37 48.28
C PHE C 130 -38.79 -81.71 47.36
N PRO C 131 -37.86 -82.58 47.79
CA PRO C 131 -36.75 -83.00 46.93
C PRO C 131 -37.13 -84.15 46.00
N LEU C 132 -36.78 -84.00 44.72
CA LEU C 132 -36.93 -85.05 43.74
C LEU C 132 -35.57 -85.73 43.56
N ALA C 133 -35.46 -86.93 44.13
CA ALA C 133 -34.21 -87.66 44.30
C ALA C 133 -33.88 -88.45 43.04
N PRO C 134 -32.58 -88.58 42.68
CA PRO C 134 -32.17 -89.38 41.53
C PRO C 134 -32.16 -90.89 41.79
N SER C 135 -33.00 -91.61 41.05
CA SER C 135 -33.08 -93.06 41.10
C SER C 135 -32.34 -93.62 39.90
N SER C 136 -32.34 -94.96 39.77
CA SER C 136 -31.85 -95.60 38.57
C SER C 136 -32.70 -95.18 37.36
N LYS C 137 -33.95 -94.74 37.62
CA LYS C 137 -34.88 -94.35 36.58
C LYS C 137 -34.64 -92.91 36.13
N SER C 138 -33.80 -92.16 36.85
CA SER C 138 -33.51 -90.78 36.45
C SER C 138 -32.16 -90.68 35.73
N THR C 139 -31.29 -91.68 35.95
CA THR C 139 -29.99 -91.73 35.29
C THR C 139 -30.15 -92.45 33.96
N SER C 140 -29.67 -91.83 32.87
CA SER C 140 -29.69 -92.48 31.56
C SER C 140 -28.29 -92.93 31.17
N GLY C 141 -27.40 -91.96 30.92
CA GLY C 141 -26.07 -92.29 30.45
C GLY C 141 -25.05 -91.33 31.02
N GLY C 142 -24.37 -91.78 32.09
CA GLY C 142 -23.37 -91.00 32.80
C GLY C 142 -23.92 -89.71 33.39
N THR C 143 -25.23 -89.47 33.26
CA THR C 143 -25.87 -88.25 33.70
C THR C 143 -27.12 -88.61 34.49
N ALA C 144 -27.23 -88.07 35.70
CA ALA C 144 -28.40 -88.16 36.56
C ALA C 144 -29.16 -86.83 36.57
N ALA C 145 -30.42 -86.90 37.03
CA ALA C 145 -31.26 -85.74 37.18
C ALA C 145 -31.71 -85.58 38.63
N LEU C 146 -31.51 -84.39 39.19
CA LEU C 146 -32.02 -84.03 40.51
C LEU C 146 -33.10 -82.98 40.32
N GLY C 147 -33.91 -82.75 41.36
CA GLY C 147 -35.03 -81.83 41.20
C GLY C 147 -35.56 -81.30 42.52
N CYS C 148 -36.39 -80.25 42.41
CA CYS C 148 -37.17 -79.70 43.49
C CYS C 148 -38.60 -79.51 43.01
N LEU C 149 -39.56 -79.87 43.86
CA LEU C 149 -40.97 -79.67 43.60
C LEU C 149 -41.49 -78.57 44.53
N VAL C 150 -41.95 -77.48 43.91
CA VAL C 150 -42.54 -76.36 44.63
C VAL C 150 -44.06 -76.46 44.46
N LYS C 151 -44.73 -76.97 45.51
CA LYS C 151 -46.13 -77.36 45.40
C LYS C 151 -47.00 -76.38 46.20
N ASP C 152 -48.18 -76.09 45.64
CA ASP C 152 -49.28 -75.42 46.32
C ASP C 152 -48.84 -74.07 46.88
N TYR C 153 -48.53 -73.14 45.98
CA TYR C 153 -48.19 -71.78 46.37
C TYR C 153 -49.04 -70.81 45.57
N PHE C 154 -49.22 -69.62 46.14
CA PHE C 154 -49.96 -68.56 45.48
C PHE C 154 -49.54 -67.23 46.09
N PRO C 155 -49.39 -66.16 45.27
CA PRO C 155 -49.47 -66.27 43.81
C PRO C 155 -48.07 -66.36 43.18
N GLU C 156 -48.00 -66.21 41.86
CA GLU C 156 -46.73 -66.17 41.16
C GLU C 156 -46.02 -64.88 41.51
N PRO C 157 -44.66 -64.80 41.36
CA PRO C 157 -43.82 -65.95 41.01
C PRO C 157 -42.92 -66.42 42.15
N VAL C 158 -42.26 -67.56 41.95
CA VAL C 158 -41.30 -68.10 42.92
C VAL C 158 -39.95 -68.27 42.23
N THR C 159 -38.86 -68.02 42.96
CA THR C 159 -37.52 -68.07 42.43
C THR C 159 -36.81 -69.31 42.97
N VAL C 160 -36.33 -70.15 42.06
CA VAL C 160 -35.60 -71.35 42.44
C VAL C 160 -34.18 -71.28 41.91
N SER C 161 -33.21 -71.39 42.81
CA SER C 161 -31.80 -71.45 42.44
C SER C 161 -31.19 -72.75 42.97
N TRP C 162 -29.97 -73.04 42.51
CA TRP C 162 -29.25 -74.22 42.93
C TRP C 162 -27.87 -73.81 43.48
N ASN C 163 -27.56 -74.31 44.69
CA ASN C 163 -26.30 -74.06 45.36
C ASN C 163 -26.11 -72.55 45.52
N SER C 164 -27.16 -71.87 45.96
CA SER C 164 -27.16 -70.42 46.19
C SER C 164 -26.81 -69.66 44.92
N GLY C 165 -27.11 -70.25 43.76
CA GLY C 165 -26.89 -69.59 42.48
C GLY C 165 -25.58 -70.00 41.81
N ALA C 166 -24.79 -70.85 42.49
CA ALA C 166 -23.45 -71.19 42.02
C ALA C 166 -23.50 -72.36 41.04
N LEU C 167 -24.71 -72.83 40.69
CA LEU C 167 -24.88 -73.88 39.69
C LEU C 167 -25.94 -73.46 38.70
N THR C 168 -25.51 -73.20 37.45
CA THR C 168 -26.42 -72.76 36.40
C THR C 168 -26.37 -73.71 35.19
N SER C 169 -25.31 -74.51 35.07
CA SER C 169 -25.14 -75.41 33.94
C SER C 169 -26.10 -76.58 34.07
N GLY C 170 -27.05 -76.66 33.14
CA GLY C 170 -27.99 -77.77 33.06
C GLY C 170 -29.21 -77.60 33.96
N VAL C 171 -29.48 -76.38 34.39
CA VAL C 171 -30.62 -76.08 35.25
C VAL C 171 -31.80 -75.70 34.36
N HIS C 172 -32.92 -76.40 34.56
CA HIS C 172 -34.16 -76.11 33.84
C HIS C 172 -35.29 -75.95 34.85
N THR C 173 -35.74 -74.72 35.06
CA THR C 173 -36.86 -74.46 35.97
C THR C 173 -38.13 -74.36 35.12
N PHE C 174 -38.98 -75.37 35.22
CA PHE C 174 -40.17 -75.46 34.38
C PHE C 174 -41.17 -74.37 34.76
N PRO C 175 -42.03 -73.93 33.81
CA PRO C 175 -43.11 -73.02 34.13
C PRO C 175 -44.10 -73.64 35.10
N ALA C 176 -44.82 -72.75 35.81
CA ALA C 176 -45.78 -73.16 36.82
C ALA C 176 -46.99 -73.79 36.16
N VAL C 177 -47.79 -74.51 36.95
CA VAL C 177 -49.06 -75.08 36.54
C VAL C 177 -50.15 -74.55 37.46
N LEU C 178 -51.24 -74.06 36.88
CA LEU C 178 -52.41 -73.66 37.64
C LEU C 178 -53.27 -74.88 37.88
N GLN C 179 -53.32 -75.35 39.13
CA GLN C 179 -54.11 -76.52 39.48
C GLN C 179 -55.60 -76.15 39.57
N SER C 180 -56.44 -77.19 39.72
CA SER C 180 -57.87 -77.01 39.88
C SER C 180 -58.18 -76.23 41.17
N SER C 181 -57.26 -76.31 42.14
CA SER C 181 -57.44 -75.70 43.45
C SER C 181 -57.15 -74.19 43.39
N GLY C 182 -56.69 -73.70 42.24
CA GLY C 182 -56.33 -72.30 42.09
C GLY C 182 -54.95 -71.98 42.67
N LEU C 183 -54.17 -73.02 43.00
CA LEU C 183 -52.81 -72.85 43.47
C LEU C 183 -51.83 -73.27 42.38
N TYR C 184 -50.63 -72.67 42.46
CA TYR C 184 -49.59 -72.94 41.49
C TYR C 184 -48.65 -74.03 42.00
N SER C 185 -47.93 -74.65 41.07
CA SER C 185 -46.92 -75.65 41.36
C SER C 185 -45.90 -75.67 40.24
N LEU C 186 -44.63 -75.90 40.56
CA LEU C 186 -43.62 -76.06 39.53
C LEU C 186 -42.52 -77.00 39.99
N SER C 187 -41.66 -77.32 39.03
CA SER C 187 -40.53 -78.18 39.24
C SER C 187 -39.28 -77.54 38.65
N SER C 188 -38.15 -77.78 39.31
CA SER C 188 -36.87 -77.31 38.84
C SER C 188 -35.90 -78.49 38.82
N VAL C 189 -35.36 -78.79 37.63
CA VAL C 189 -34.51 -79.96 37.45
C VAL C 189 -33.10 -79.51 37.11
N VAL C 190 -32.13 -80.38 37.42
CA VAL C 190 -30.75 -80.15 37.09
C VAL C 190 -30.12 -81.46 36.65
N THR C 191 -29.32 -81.37 35.58
CA THR C 191 -28.61 -82.50 35.02
C THR C 191 -27.18 -82.45 35.54
N VAL C 192 -26.75 -83.55 36.16
CA VAL C 192 -25.45 -83.63 36.78
C VAL C 192 -24.77 -84.92 36.33
N PRO C 193 -23.43 -84.97 36.18
CA PRO C 193 -22.74 -86.24 35.89
C PRO C 193 -23.00 -87.26 36.99
N SER C 194 -23.22 -88.53 36.63
CA SER C 194 -23.63 -89.54 37.60
C SER C 194 -22.52 -89.78 38.62
N SER C 195 -21.26 -89.67 38.16
CA SER C 195 -20.10 -89.93 39.00
C SER C 195 -20.05 -88.96 40.18
N SER C 196 -20.51 -87.72 39.94
CA SER C 196 -20.43 -86.66 40.94
C SER C 196 -21.63 -86.67 41.89
N LEU C 197 -22.54 -87.65 41.71
CA LEU C 197 -23.77 -87.69 42.50
C LEU C 197 -23.44 -87.88 43.99
N GLY C 198 -22.31 -88.52 44.30
CA GLY C 198 -21.98 -88.82 45.68
C GLY C 198 -20.88 -87.92 46.24
N THR C 199 -20.16 -87.21 45.36
CA THR C 199 -19.04 -86.39 45.76
C THR C 199 -19.48 -84.97 46.10
N GLN C 200 -20.32 -84.35 45.24
CA GLN C 200 -20.78 -82.99 45.44
C GLN C 200 -22.19 -82.94 46.04
N THR C 201 -22.41 -81.97 46.94
CA THR C 201 -23.70 -81.77 47.57
C THR C 201 -24.51 -80.77 46.76
N TYR C 202 -25.82 -81.04 46.64
CA TYR C 202 -26.72 -80.27 45.80
C TYR C 202 -27.86 -79.71 46.64
N ILE C 203 -27.82 -78.39 46.83
CA ILE C 203 -28.85 -77.68 47.59
C ILE C 203 -29.71 -76.89 46.62
N CYS C 204 -31.03 -76.96 46.82
CA CYS C 204 -31.96 -76.14 46.05
C CYS C 204 -32.59 -75.08 46.97
N ASN C 205 -32.62 -73.84 46.48
CA ASN C 205 -33.12 -72.71 47.26
C ASN C 205 -34.39 -72.17 46.60
N VAL C 206 -35.51 -72.25 47.32
CA VAL C 206 -36.76 -71.69 46.85
C VAL C 206 -37.09 -70.42 47.63
N ASN C 207 -37.50 -69.37 46.92
CA ASN C 207 -37.85 -68.10 47.51
C ASN C 207 -39.18 -67.62 46.94
N HIS C 208 -40.19 -67.53 47.80
CA HIS C 208 -41.48 -66.94 47.47
C HIS C 208 -41.63 -65.62 48.22
N LYS C 209 -41.45 -64.50 47.49
CA LYS C 209 -41.42 -63.17 48.07
C LYS C 209 -42.80 -62.76 48.58
N PRO C 210 -43.92 -63.01 47.85
CA PRO C 210 -45.25 -62.65 48.36
C PRO C 210 -45.58 -63.19 49.74
N SER C 211 -44.94 -64.31 50.13
CA SER C 211 -45.19 -64.90 51.42
C SER C 211 -43.96 -64.83 52.32
N ASN C 212 -42.88 -64.21 51.84
CA ASN C 212 -41.64 -64.08 52.59
C ASN C 212 -41.14 -65.46 53.05
N THR C 213 -41.25 -66.45 52.15
CA THR C 213 -40.87 -67.82 52.46
C THR C 213 -39.58 -68.18 51.74
N LYS C 214 -38.58 -68.64 52.51
CA LYS C 214 -37.31 -69.07 51.97
C LYS C 214 -37.02 -70.47 52.49
N VAL C 215 -36.82 -71.42 51.57
CA VAL C 215 -36.64 -72.82 51.93
C VAL C 215 -35.42 -73.37 51.19
N ASP C 216 -34.47 -73.92 51.95
CA ASP C 216 -33.38 -74.70 51.41
C ASP C 216 -33.76 -76.18 51.49
N LYS C 217 -33.26 -76.96 50.53
CA LYS C 217 -33.47 -78.39 50.56
C LYS C 217 -32.28 -79.12 49.96
N LYS C 218 -31.80 -80.16 50.65
CA LYS C 218 -30.77 -81.02 50.09
C LYS C 218 -31.44 -82.18 49.34
N VAL C 219 -31.11 -82.32 48.06
CA VAL C 219 -31.59 -83.46 47.28
C VAL C 219 -30.50 -84.53 47.25
N GLU C 220 -30.78 -85.67 47.88
CA GLU C 220 -29.86 -86.78 47.98
C GLU C 220 -30.57 -88.02 47.43
N PRO C 221 -29.84 -89.03 46.93
CA PRO C 221 -30.45 -90.34 46.61
C PRO C 221 -31.05 -90.98 47.87
N LYS C 222 -32.21 -91.64 47.70
CA LYS C 222 -33.00 -92.11 48.84
C LYS C 222 -32.34 -93.33 49.46
N SER C 223 -31.88 -93.17 50.71
CA SER C 223 -31.05 -94.17 51.35
C SER C 223 -31.95 -95.09 52.15
N CYS C 224 -33.12 -94.56 52.56
CA CYS C 224 -34.14 -95.32 53.26
C CYS C 224 -33.52 -96.12 54.42
N SER D 2 -57.74 -54.70 18.00
CA SER D 2 -58.05 -53.67 19.02
C SER D 2 -57.09 -52.48 18.87
N ALA D 3 -57.56 -51.45 18.15
CA ALA D 3 -56.91 -50.15 18.05
C ALA D 3 -55.77 -50.18 17.03
N LEU D 4 -55.14 -51.34 16.83
CA LEU D 4 -54.14 -51.48 15.78
C LEU D 4 -54.04 -52.90 15.28
N THR D 5 -53.58 -53.03 14.04
CA THR D 5 -53.69 -54.30 13.35
C THR D 5 -52.30 -54.83 13.03
N GLN D 6 -51.98 -55.95 13.65
CA GLN D 6 -50.84 -56.73 13.21
C GLN D 6 -51.37 -58.12 12.89
N PRO D 7 -50.88 -58.77 11.81
CA PRO D 7 -51.30 -60.12 11.48
C PRO D 7 -50.61 -60.88 12.59
N PRO D 8 -51.32 -61.80 13.27
CA PRO D 8 -50.82 -62.41 14.50
C PRO D 8 -49.64 -63.34 14.14
N SER D 9 -49.82 -64.05 13.01
CA SER D 9 -48.88 -65.05 12.55
C SER D 9 -48.13 -64.52 11.33
N ALA D 10 -46.70 -64.19 11.74
CA ALA D 10 -45.91 -64.07 10.49
C ALA D 10 -44.84 -65.14 10.50
N SER D 11 -44.48 -65.63 9.31
CA SER D 11 -43.46 -66.65 9.24
C SER D 11 -42.49 -66.30 8.12
N GLY D 12 -41.29 -66.87 8.21
CA GLY D 12 -40.29 -66.68 7.16
C GLY D 12 -39.25 -67.78 7.23
N SER D 13 -38.27 -67.73 6.33
CA SER D 13 -37.21 -68.73 6.24
C SER D 13 -35.86 -68.05 6.41
N PRO D 14 -34.82 -68.77 6.90
CA PRO D 14 -33.50 -68.17 7.13
C PRO D 14 -32.90 -67.63 5.84
N GLY D 15 -32.25 -66.47 5.93
CA GLY D 15 -31.68 -65.78 4.77
C GLY D 15 -32.70 -64.91 4.05
N GLN D 16 -33.96 -65.35 4.03
CA GLN D 16 -35.04 -64.63 3.35
C GLN D 16 -35.38 -63.35 4.12
N SER D 17 -36.41 -62.64 3.66
CA SER D 17 -36.86 -61.42 4.30
C SER D 17 -38.35 -61.52 4.63
N VAL D 18 -38.71 -61.09 5.84
CA VAL D 18 -40.11 -61.04 6.25
C VAL D 18 -40.51 -59.58 6.41
N THR D 19 -41.72 -59.27 5.94
CA THR D 19 -42.32 -57.96 6.10
C THR D 19 -43.55 -58.09 7.00
N ILE D 20 -43.48 -57.48 8.19
CA ILE D 20 -44.60 -57.45 9.11
C ILE D 20 -45.34 -56.12 8.95
N SER D 21 -46.66 -56.18 8.83
CA SER D 21 -47.49 -55.01 8.65
C SER D 21 -48.10 -54.54 9.98
N CYS D 22 -48.41 -53.24 10.05
CA CYS D 22 -49.03 -52.62 11.21
C CYS D 22 -49.94 -51.50 10.71
N THR D 23 -51.24 -51.79 10.63
CA THR D 23 -52.19 -50.89 10.01
C THR D 23 -52.90 -50.05 11.07
N GLY D 24 -52.92 -48.73 10.86
CA GLY D 24 -53.68 -47.81 11.69
C GLY D 24 -54.59 -46.94 10.83
N THR D 25 -54.93 -45.75 11.35
CA THR D 25 -55.75 -44.79 10.64
C THR D 25 -54.93 -43.53 10.37
N SER D 26 -55.57 -42.52 9.77
CA SER D 26 -54.89 -41.29 9.43
C SER D 26 -54.47 -40.54 10.70
N SER D 27 -55.23 -40.73 11.78
CA SER D 27 -55.06 -39.93 13.00
C SER D 27 -53.94 -40.46 13.90
N ASP D 28 -53.47 -41.69 13.64
CA ASP D 28 -52.45 -42.29 14.47
C ASP D 28 -51.20 -42.57 13.66
N VAL D 29 -51.31 -43.45 12.65
CA VAL D 29 -50.13 -43.94 11.95
C VAL D 29 -49.93 -43.17 10.65
N GLY D 30 -51.04 -42.79 10.00
CA GLY D 30 -50.99 -42.19 8.68
C GLY D 30 -50.45 -40.77 8.69
N GLY D 31 -50.78 -40.04 9.76
CA GLY D 31 -50.54 -38.59 9.81
C GLY D 31 -49.16 -38.22 10.33
N TYR D 32 -48.70 -38.94 11.36
CA TYR D 32 -47.51 -38.52 12.08
C TYR D 32 -46.46 -39.62 12.06
N ASN D 33 -45.22 -39.23 12.36
CA ASN D 33 -44.06 -40.08 12.14
C ASN D 33 -43.45 -40.55 13.46
N TYR D 34 -44.31 -40.90 14.42
CA TYR D 34 -43.85 -41.45 15.68
C TYR D 34 -44.31 -42.91 15.78
N VAL D 35 -43.54 -43.80 15.15
CA VAL D 35 -43.85 -45.22 15.13
C VAL D 35 -42.65 -45.97 15.70
N SER D 36 -42.93 -47.01 16.49
CA SER D 36 -41.88 -47.78 17.13
C SER D 36 -42.18 -49.27 16.97
N TRP D 37 -41.11 -50.06 16.83
CA TRP D 37 -41.19 -51.51 16.75
C TRP D 37 -40.37 -52.12 17.88
N TYR D 38 -41.04 -52.96 18.68
CA TYR D 38 -40.40 -53.63 19.80
C TYR D 38 -40.37 -55.13 19.54
N GLN D 39 -39.25 -55.76 19.90
CA GLN D 39 -39.11 -57.21 19.85
C GLN D 39 -39.10 -57.74 21.28
N GLN D 40 -39.88 -58.81 21.51
CA GLN D 40 -39.98 -59.40 22.84
C GLN D 40 -39.91 -60.92 22.74
N HIS D 41 -38.86 -61.48 23.35
CA HIS D 41 -38.74 -62.92 23.44
C HIS D 41 -39.58 -63.41 24.61
N PRO D 42 -40.18 -64.61 24.53
CA PRO D 42 -41.01 -65.13 25.62
C PRO D 42 -40.25 -65.13 26.94
N GLY D 43 -40.83 -64.46 27.94
CA GLY D 43 -40.30 -64.43 29.28
C GLY D 43 -39.41 -63.21 29.55
N LYS D 44 -39.04 -62.50 28.48
CA LYS D 44 -38.11 -61.38 28.60
C LYS D 44 -38.85 -60.06 28.41
N ALA D 45 -38.19 -58.96 28.74
CA ALA D 45 -38.78 -57.64 28.56
C ALA D 45 -38.67 -57.24 27.09
N PRO D 46 -39.59 -56.38 26.58
CA PRO D 46 -39.47 -55.86 25.23
C PRO D 46 -38.19 -55.05 25.02
N LYS D 47 -37.68 -55.09 23.78
CA LYS D 47 -36.48 -54.35 23.39
C LYS D 47 -36.83 -53.49 22.16
N LEU D 48 -36.32 -52.26 22.15
CA LEU D 48 -36.59 -51.37 21.04
C LEU D 48 -35.73 -51.76 19.85
N MET D 49 -36.37 -51.88 18.68
CA MET D 49 -35.69 -52.25 17.44
C MET D 49 -35.76 -51.10 16.43
N ILE D 50 -36.91 -50.43 16.38
CA ILE D 50 -37.09 -49.32 15.46
C ILE D 50 -37.90 -48.24 16.17
N TYR D 51 -37.44 -47.00 16.04
CA TYR D 51 -38.18 -45.88 16.60
C TYR D 51 -38.26 -44.77 15.56
N GLU D 52 -39.25 -43.90 15.74
CA GLU D 52 -39.52 -42.82 14.81
C GLU D 52 -39.43 -43.33 13.38
N VAL D 53 -40.22 -44.38 13.12
CA VAL D 53 -40.55 -44.95 11.83
C VAL D 53 -39.39 -45.74 11.23
N ASN D 54 -38.25 -45.07 11.04
CA ASN D 54 -37.15 -45.72 10.37
C ASN D 54 -35.85 -45.19 10.95
N LYS D 55 -35.55 -45.68 12.15
CA LYS D 55 -34.29 -45.33 12.77
C LYS D 55 -33.87 -46.48 13.67
N ARG D 56 -32.70 -47.07 13.38
CA ARG D 56 -32.17 -48.14 14.22
C ARG D 56 -31.44 -47.49 15.38
N PRO D 57 -31.81 -47.79 16.64
CA PRO D 57 -31.06 -47.29 17.80
C PRO D 57 -29.72 -48.00 17.95
N SER D 58 -28.88 -47.48 18.86
CA SER D 58 -27.53 -47.98 19.07
C SER D 58 -27.58 -49.45 19.48
N GLY D 59 -27.10 -50.33 18.58
CA GLY D 59 -26.95 -51.74 18.91
C GLY D 59 -27.91 -52.64 18.13
N VAL D 60 -28.73 -52.05 17.25
CA VAL D 60 -29.68 -52.84 16.46
C VAL D 60 -29.04 -53.17 15.12
N PRO D 61 -28.98 -54.47 14.72
CA PRO D 61 -28.46 -54.85 13.40
C PRO D 61 -29.18 -54.17 12.24
N ASP D 62 -28.47 -54.06 11.12
CA ASP D 62 -28.97 -53.35 9.95
C ASP D 62 -30.05 -54.18 9.24
N ARG D 63 -30.24 -55.43 9.67
CA ARG D 63 -31.19 -56.33 9.04
C ARG D 63 -32.60 -55.78 9.22
N PHE D 64 -32.87 -55.23 10.41
CA PHE D 64 -34.17 -54.67 10.73
C PHE D 64 -34.30 -53.28 10.11
N SER D 65 -35.26 -53.15 9.20
CA SER D 65 -35.49 -51.88 8.52
C SER D 65 -36.97 -51.54 8.60
N GLY D 66 -37.28 -50.35 9.14
CA GLY D 66 -38.65 -49.88 9.22
C GLY D 66 -39.03 -49.04 8.02
N SER D 67 -40.33 -48.96 7.74
CA SER D 67 -40.85 -48.17 6.62
C SER D 67 -42.32 -47.87 6.87
N LYS D 68 -42.89 -47.03 6.02
CA LYS D 68 -44.27 -46.62 6.17
C LYS D 68 -44.87 -46.34 4.79
N SER D 69 -46.18 -46.61 4.66
CA SER D 69 -46.91 -46.38 3.43
C SER D 69 -48.37 -46.14 3.78
N GLY D 70 -48.83 -44.90 3.59
CA GLY D 70 -50.20 -44.55 3.91
C GLY D 70 -50.48 -44.75 5.40
N ASN D 71 -51.32 -45.75 5.71
CA ASN D 71 -51.74 -46.01 7.07
C ASN D 71 -51.12 -47.31 7.59
N THR D 72 -50.10 -47.81 6.90
CA THR D 72 -49.49 -49.09 7.24
C THR D 72 -47.98 -48.95 7.38
N ALA D 73 -47.48 -49.20 8.59
CA ALA D 73 -46.05 -49.31 8.82
C ALA D 73 -45.63 -50.74 8.55
N SER D 74 -44.34 -50.92 8.26
CA SER D 74 -43.83 -52.23 7.90
C SER D 74 -42.41 -52.40 8.42
N LEU D 75 -42.18 -53.50 9.14
CA LEU D 75 -40.84 -53.87 9.57
C LEU D 75 -40.33 -55.01 8.71
N THR D 76 -39.11 -54.85 8.17
CA THR D 76 -38.51 -55.84 7.31
C THR D 76 -37.27 -56.42 7.99
N VAL D 77 -37.27 -57.75 8.15
CA VAL D 77 -36.10 -58.46 8.64
C VAL D 77 -35.40 -59.14 7.47
N SER D 78 -34.12 -58.78 7.26
CA SER D 78 -33.41 -59.20 6.06
C SER D 78 -32.58 -60.47 6.30
N GLY D 79 -31.75 -60.47 7.32
CA GLY D 79 -30.85 -61.60 7.56
C GLY D 79 -31.42 -62.54 8.60
N LEU D 80 -32.53 -63.20 8.26
CA LEU D 80 -33.30 -63.97 9.23
C LEU D 80 -32.45 -65.07 9.86
N GLN D 81 -32.46 -65.10 11.19
CA GLN D 81 -31.80 -66.15 11.96
C GLN D 81 -32.81 -66.70 12.96
N ALA D 82 -32.43 -67.79 13.64
CA ALA D 82 -33.28 -68.43 14.63
C ALA D 82 -33.54 -67.47 15.79
N GLU D 83 -32.59 -66.58 16.08
CA GLU D 83 -32.72 -65.64 17.19
C GLU D 83 -33.90 -64.69 17.01
N ASP D 84 -34.33 -64.49 15.77
CA ASP D 84 -35.36 -63.50 15.48
C ASP D 84 -36.76 -64.01 15.81
N GLU D 85 -36.85 -65.26 16.30
CA GLU D 85 -38.13 -65.87 16.60
C GLU D 85 -38.67 -65.28 17.89
N ALA D 86 -39.53 -64.26 17.75
CA ALA D 86 -40.04 -63.52 18.88
C ALA D 86 -41.36 -62.83 18.52
N ASP D 87 -41.91 -62.09 19.50
CA ASP D 87 -43.13 -61.33 19.30
C ASP D 87 -42.74 -59.88 19.00
N TYR D 88 -43.31 -59.34 17.91
CA TYR D 88 -42.99 -58.00 17.45
C TYR D 88 -44.23 -57.11 17.55
N TYR D 89 -44.13 -56.05 18.37
CA TYR D 89 -45.22 -55.12 18.58
C TYR D 89 -44.89 -53.77 17.95
N CYS D 90 -45.92 -53.05 17.48
CA CYS D 90 -45.79 -51.70 16.94
C CYS D 90 -46.57 -50.72 17.81
N SER D 91 -45.98 -49.55 18.02
CA SER D 91 -46.58 -48.48 18.81
C SER D 91 -46.59 -47.21 18.00
N SER D 92 -47.62 -46.37 18.23
CA SER D 92 -47.73 -45.13 17.47
C SER D 92 -48.41 -44.04 18.28
N TYR D 93 -48.19 -42.81 17.85
CA TYR D 93 -48.80 -41.63 18.45
C TYR D 93 -50.25 -41.56 17.99
N ALA D 94 -51.19 -41.59 18.95
CA ALA D 94 -52.60 -41.56 18.63
C ALA D 94 -53.20 -40.19 18.95
N GLY D 95 -52.35 -39.23 19.28
CA GLY D 95 -52.81 -37.92 19.71
C GLY D 95 -52.14 -37.47 21.00
N SER D 96 -52.32 -36.21 21.37
CA SER D 96 -51.74 -35.70 22.61
C SER D 96 -52.30 -36.53 23.76
N ASN D 97 -51.39 -37.12 24.55
CA ASN D 97 -51.74 -37.93 25.71
C ASN D 97 -52.40 -39.25 25.31
N ASN D 98 -51.96 -39.84 24.19
CA ASN D 98 -52.46 -41.15 23.77
C ASN D 98 -51.40 -41.90 22.95
N LEU D 99 -51.02 -43.08 23.43
CA LEU D 99 -50.06 -43.94 22.76
C LEU D 99 -50.70 -45.31 22.62
N VAL D 100 -50.68 -45.87 21.40
CA VAL D 100 -51.41 -47.09 21.10
C VAL D 100 -50.43 -48.16 20.64
N PHE D 101 -50.59 -49.35 21.21
CA PHE D 101 -49.78 -50.50 20.84
C PHE D 101 -50.57 -51.44 19.92
N GLY D 102 -49.85 -52.37 19.29
CA GLY D 102 -50.44 -53.34 18.38
C GLY D 102 -50.66 -54.68 19.06
N GLY D 103 -51.28 -55.60 18.32
CA GLY D 103 -51.65 -56.91 18.82
C GLY D 103 -50.43 -57.82 18.94
N GLY D 104 -49.39 -57.53 18.16
CA GLY D 104 -48.21 -58.37 18.18
C GLY D 104 -48.22 -59.43 17.06
N THR D 105 -47.03 -59.67 16.50
CA THR D 105 -46.81 -60.68 15.48
C THR D 105 -45.77 -61.67 15.96
N LYS D 106 -46.16 -62.95 16.01
CA LYS D 106 -45.26 -64.01 16.38
C LYS D 106 -44.52 -64.47 15.13
N LEU D 107 -43.28 -63.97 14.96
CA LEU D 107 -42.45 -64.35 13.84
C LEU D 107 -41.87 -65.73 14.08
N THR D 108 -42.13 -66.62 13.12
CA THR D 108 -41.57 -67.96 13.13
C THR D 108 -40.50 -68.03 12.05
N VAL D 109 -39.29 -68.45 12.44
CA VAL D 109 -38.25 -68.73 11.48
C VAL D 109 -38.41 -70.17 11.02
N LEU D 110 -38.31 -70.39 9.70
CA LEU D 110 -38.89 -71.60 9.13
C LEU D 110 -37.98 -72.81 9.19
N GLY D 111 -36.67 -72.60 9.08
CA GLY D 111 -35.72 -73.68 9.35
C GLY D 111 -35.97 -74.34 10.71
N GLN D 112 -36.56 -75.53 10.68
CA GLN D 112 -37.02 -76.21 11.88
C GLN D 112 -36.55 -77.65 11.85
N PRO D 113 -35.80 -78.06 12.88
CA PRO D 113 -35.51 -79.47 13.14
C PRO D 113 -36.46 -80.08 14.16
N LYS D 114 -37.24 -81.09 13.77
CA LYS D 114 -38.05 -81.81 14.74
C LYS D 114 -37.16 -82.43 15.82
N ALA D 115 -37.56 -82.26 17.09
CA ALA D 115 -36.84 -82.79 18.22
C ALA D 115 -37.76 -83.71 19.01
N ALA D 116 -37.27 -84.92 19.30
CA ALA D 116 -38.03 -85.88 20.09
C ALA D 116 -38.09 -85.38 21.53
N PRO D 117 -39.20 -85.61 22.26
CA PRO D 117 -39.33 -85.12 23.63
C PRO D 117 -38.50 -85.93 24.64
N SER D 118 -37.76 -85.21 25.47
CA SER D 118 -36.98 -85.80 26.55
C SER D 118 -37.85 -85.84 27.80
N VAL D 119 -38.17 -87.05 28.27
CA VAL D 119 -39.13 -87.27 29.34
C VAL D 119 -38.44 -87.82 30.59
N THR D 120 -38.77 -87.24 31.74
CA THR D 120 -38.28 -87.72 33.01
C THR D 120 -39.44 -87.80 34.01
N LEU D 121 -39.60 -88.98 34.63
CA LEU D 121 -40.68 -89.22 35.57
C LEU D 121 -40.11 -89.43 36.97
N PHE D 122 -40.62 -88.61 37.91
CA PHE D 122 -40.15 -88.60 39.28
C PHE D 122 -41.24 -89.14 40.20
N PRO D 123 -40.91 -90.09 41.10
CA PRO D 123 -41.87 -90.59 42.07
C PRO D 123 -41.98 -89.61 43.24
N PRO D 124 -42.95 -89.78 44.15
CA PRO D 124 -43.10 -88.89 45.31
C PRO D 124 -41.91 -89.03 46.25
N SER D 125 -41.65 -87.96 47.00
CA SER D 125 -40.53 -87.91 47.92
C SER D 125 -40.94 -88.48 49.27
N SER D 126 -39.96 -88.93 50.05
CA SER D 126 -40.21 -89.47 51.36
C SER D 126 -40.82 -88.39 52.25
N GLU D 127 -40.35 -87.13 52.09
CA GLU D 127 -40.85 -86.00 52.85
C GLU D 127 -42.34 -85.79 52.57
N GLU D 128 -42.72 -85.91 51.30
CA GLU D 128 -44.11 -85.67 50.88
C GLU D 128 -45.00 -86.81 51.37
N LEU D 129 -44.48 -88.04 51.27
CA LEU D 129 -45.24 -89.20 51.68
C LEU D 129 -45.45 -89.17 53.19
N GLN D 130 -44.51 -88.58 53.94
CA GLN D 130 -44.61 -88.44 55.38
C GLN D 130 -45.65 -87.36 55.73
N ALA D 131 -46.18 -86.66 54.72
CA ALA D 131 -47.21 -85.67 54.95
C ALA D 131 -48.54 -86.12 54.36
N ASN D 132 -48.71 -87.43 54.16
CA ASN D 132 -49.95 -88.06 53.72
C ASN D 132 -50.40 -87.52 52.37
N LYS D 133 -49.42 -87.16 51.53
CA LYS D 133 -49.68 -86.69 50.18
C LYS D 133 -48.65 -87.30 49.23
N ALA D 134 -48.99 -87.31 47.92
CA ALA D 134 -48.11 -87.85 46.90
C ALA D 134 -48.35 -87.15 45.58
N THR D 135 -47.27 -86.98 44.80
CA THR D 135 -47.37 -86.32 43.50
C THR D 135 -46.33 -86.90 42.56
N LEU D 136 -46.80 -87.48 41.44
CA LEU D 136 -45.91 -87.90 40.37
C LEU D 136 -45.63 -86.70 39.47
N VAL D 137 -44.38 -86.57 39.04
CA VAL D 137 -43.97 -85.47 38.18
C VAL D 137 -43.42 -86.01 36.87
N CYS D 138 -43.99 -85.54 35.75
CA CYS D 138 -43.55 -85.92 34.42
C CYS D 138 -43.11 -84.67 33.69
N LEU D 139 -41.79 -84.56 33.45
CA LEU D 139 -41.23 -83.37 32.83
C LEU D 139 -40.77 -83.68 31.40
N ILE D 140 -41.20 -82.81 30.47
CA ILE D 140 -40.92 -82.95 29.05
C ILE D 140 -40.18 -81.73 28.55
N SER D 141 -38.99 -81.95 27.95
CA SER D 141 -38.16 -80.84 27.49
C SER D 141 -37.54 -81.15 26.14
N ASP D 142 -37.18 -80.08 25.41
CA ASP D 142 -36.38 -80.15 24.21
C ASP D 142 -37.11 -80.91 23.11
N PHE D 143 -38.34 -80.48 22.81
CA PHE D 143 -39.09 -81.05 21.71
C PHE D 143 -39.55 -79.96 20.77
N TYR D 144 -39.84 -80.34 19.52
CA TYR D 144 -40.26 -79.41 18.49
C TYR D 144 -41.02 -80.19 17.42
N PRO D 145 -42.20 -79.73 16.96
CA PRO D 145 -42.86 -78.51 17.45
C PRO D 145 -43.49 -78.68 18.84
N GLY D 146 -44.08 -77.59 19.35
CA GLY D 146 -44.61 -77.57 20.70
C GLY D 146 -45.99 -78.18 20.86
N ALA D 147 -46.12 -79.45 20.47
CA ALA D 147 -47.39 -80.15 20.60
C ALA D 147 -47.13 -81.58 21.08
N VAL D 148 -47.45 -81.83 22.35
CA VAL D 148 -47.33 -83.16 22.92
C VAL D 148 -48.63 -83.52 23.65
N THR D 149 -48.87 -84.83 23.80
CA THR D 149 -50.02 -85.34 24.54
C THR D 149 -49.53 -86.29 25.62
N VAL D 150 -50.02 -86.09 26.84
CA VAL D 150 -49.58 -86.85 28.00
C VAL D 150 -50.69 -87.82 28.40
N ALA D 151 -50.29 -89.06 28.70
CA ALA D 151 -51.21 -90.06 29.22
C ALA D 151 -50.58 -90.75 30.43
N TRP D 152 -51.42 -91.08 31.43
CA TRP D 152 -50.97 -91.75 32.63
C TRP D 152 -51.61 -93.13 32.73
N LYS D 153 -50.81 -94.14 33.05
CA LYS D 153 -51.26 -95.52 33.11
C LYS D 153 -50.99 -96.09 34.51
N ALA D 154 -51.98 -96.75 35.08
CA ALA D 154 -51.86 -97.47 36.34
C ALA D 154 -51.64 -98.96 36.07
N ASP D 155 -50.36 -99.33 35.92
CA ASP D 155 -49.92 -100.71 35.79
C ASP D 155 -50.11 -101.19 34.35
N SER D 156 -51.25 -100.84 33.77
CA SER D 156 -51.52 -101.03 32.35
C SER D 156 -52.57 -100.03 31.90
N SER D 157 -53.45 -99.67 32.85
CA SER D 157 -54.74 -99.04 32.62
C SER D 157 -54.67 -97.52 32.79
N PRO D 158 -55.36 -96.73 31.94
CA PRO D 158 -55.25 -95.26 31.99
C PRO D 158 -55.87 -94.67 33.26
N VAL D 159 -55.27 -93.58 33.75
CA VAL D 159 -55.77 -92.79 34.87
C VAL D 159 -55.93 -91.35 34.40
N LYS D 160 -57.17 -90.86 34.42
CA LYS D 160 -57.49 -89.55 33.87
C LYS D 160 -57.79 -88.55 34.99
N ALA D 161 -57.85 -89.04 36.23
CA ALA D 161 -58.22 -88.17 37.35
C ALA D 161 -56.97 -87.72 38.11
N GLY D 162 -56.97 -86.44 38.51
CA GLY D 162 -55.90 -85.86 39.31
C GLY D 162 -54.69 -85.42 38.48
N VAL D 163 -54.88 -85.29 37.15
CA VAL D 163 -53.81 -84.91 36.24
C VAL D 163 -53.93 -83.42 35.94
N GLU D 164 -52.79 -82.73 35.99
CA GLU D 164 -52.68 -81.32 35.65
C GLU D 164 -51.49 -81.14 34.72
N THR D 165 -51.75 -80.86 33.45
CA THR D 165 -50.71 -80.71 32.45
C THR D 165 -50.65 -79.25 31.97
N THR D 166 -49.43 -78.72 31.90
CA THR D 166 -49.21 -77.34 31.48
C THR D 166 -49.31 -77.22 29.96
N THR D 167 -49.47 -75.99 29.48
CA THR D 167 -49.39 -75.67 28.07
C THR D 167 -47.91 -75.59 27.68
N PRO D 168 -47.50 -76.11 26.50
CA PRO D 168 -46.12 -76.01 26.05
C PRO D 168 -45.63 -74.56 25.97
N SER D 169 -44.40 -74.33 26.42
CA SER D 169 -43.80 -72.99 26.38
C SER D 169 -42.42 -73.05 25.74
N LYS D 170 -42.07 -71.99 25.01
CA LYS D 170 -40.84 -71.95 24.24
C LYS D 170 -39.66 -71.76 25.21
N GLN D 171 -38.59 -72.53 24.99
CA GLN D 171 -37.37 -72.44 25.78
C GLN D 171 -36.45 -71.39 25.15
N SER D 172 -35.21 -71.29 25.66
CA SER D 172 -34.23 -70.36 25.13
C SER D 172 -33.67 -70.86 23.81
N ASN D 173 -33.56 -72.19 23.69
CA ASN D 173 -32.96 -72.85 22.54
C ASN D 173 -34.02 -73.11 21.47
N ASN D 174 -35.15 -72.37 21.52
CA ASN D 174 -36.19 -72.38 20.51
C ASN D 174 -37.02 -73.67 20.56
N LYS D 175 -36.67 -74.61 21.43
CA LYS D 175 -37.47 -75.82 21.60
C LYS D 175 -38.50 -75.57 22.69
N TYR D 176 -39.39 -76.56 22.90
CA TYR D 176 -40.50 -76.41 23.82
C TYR D 176 -40.33 -77.31 25.04
N ALA D 177 -41.02 -76.94 26.13
CA ALA D 177 -41.00 -77.70 27.37
C ALA D 177 -42.39 -77.69 28.00
N ALA D 178 -42.74 -78.80 28.66
CA ALA D 178 -44.01 -78.91 29.37
C ALA D 178 -43.85 -79.83 30.57
N SER D 179 -44.74 -79.67 31.56
CA SER D 179 -44.77 -80.49 32.76
C SER D 179 -46.18 -81.02 33.00
N SER D 180 -46.27 -82.16 33.70
CA SER D 180 -47.53 -82.80 34.02
C SER D 180 -47.45 -83.46 35.39
N TYR D 181 -48.38 -83.07 36.28
CA TYR D 181 -48.36 -83.53 37.66
C TYR D 181 -49.59 -84.38 37.93
N LEU D 182 -49.38 -85.55 38.53
CA LEU D 182 -50.45 -86.45 38.93
C LEU D 182 -50.51 -86.52 40.45
N SER D 183 -51.55 -85.91 41.04
CA SER D 183 -51.71 -85.90 42.49
C SER D 183 -52.39 -87.19 42.94
N LEU D 184 -51.77 -87.91 43.88
CA LEU D 184 -52.31 -89.18 44.37
C LEU D 184 -52.20 -89.26 45.90
N THR D 185 -52.94 -90.24 46.46
CA THR D 185 -52.90 -90.55 47.89
C THR D 185 -51.89 -91.66 48.14
N PRO D 186 -51.26 -91.71 49.34
CA PRO D 186 -50.25 -92.74 49.62
C PRO D 186 -50.76 -94.16 49.42
N GLU D 187 -52.06 -94.37 49.69
CA GLU D 187 -52.64 -95.70 49.52
C GLU D 187 -52.59 -96.10 48.04
N GLN D 188 -53.07 -95.21 47.17
CA GLN D 188 -53.07 -95.49 45.74
C GLN D 188 -51.65 -95.69 45.22
N TRP D 189 -50.70 -94.94 45.81
CA TRP D 189 -49.32 -95.01 45.38
C TRP D 189 -48.72 -96.37 45.71
N LYS D 190 -48.93 -96.82 46.96
CA LYS D 190 -48.28 -98.03 47.45
C LYS D 190 -49.11 -99.28 47.10
N SER D 191 -50.24 -99.10 46.41
CA SER D 191 -51.12 -100.22 46.10
C SER D 191 -50.99 -100.66 44.64
N HIS D 192 -50.09 -100.02 43.89
CA HIS D 192 -49.89 -100.35 42.49
C HIS D 192 -48.47 -100.82 42.23
N ARG D 193 -48.31 -101.68 41.22
CA ARG D 193 -47.01 -102.21 40.85
C ARG D 193 -46.12 -101.08 40.33
N SER D 194 -46.64 -100.29 39.38
CA SER D 194 -45.89 -99.22 38.76
C SER D 194 -46.85 -98.25 38.04
N TYR D 195 -46.47 -96.98 37.99
CA TYR D 195 -47.16 -95.98 37.20
C TYR D 195 -46.31 -95.64 35.98
N SER D 196 -46.94 -95.10 34.94
CA SER D 196 -46.21 -94.75 33.75
C SER D 196 -46.76 -93.46 33.16
N CYS D 197 -45.83 -92.62 32.68
CA CYS D 197 -46.15 -91.41 31.93
C CYS D 197 -45.73 -91.62 30.48
N GLN D 198 -46.70 -91.56 29.56
CA GLN D 198 -46.40 -91.68 28.14
C GLN D 198 -46.62 -90.35 27.45
N VAL D 199 -45.62 -89.95 26.63
CA VAL D 199 -45.67 -88.70 25.91
C VAL D 199 -45.67 -89.02 24.41
N THR D 200 -46.77 -88.63 23.75
CA THR D 200 -46.90 -88.79 22.31
C THR D 200 -46.56 -87.47 21.62
N HIS D 201 -45.70 -87.56 20.61
CA HIS D 201 -45.24 -86.39 19.88
C HIS D 201 -45.02 -86.75 18.41
N GLU D 202 -45.82 -86.16 17.53
CA GLU D 202 -45.71 -86.30 16.08
C GLU D 202 -45.74 -87.80 15.73
N GLY D 203 -46.71 -88.52 16.29
CA GLY D 203 -46.90 -89.92 15.98
C GLY D 203 -46.05 -90.85 16.85
N SER D 204 -44.84 -90.38 17.24
CA SER D 204 -43.95 -91.16 18.07
C SER D 204 -44.40 -91.11 19.53
N THR D 205 -43.91 -92.06 20.35
CA THR D 205 -44.27 -92.15 21.75
C THR D 205 -43.03 -92.49 22.60
N VAL D 206 -43.00 -91.93 23.81
CA VAL D 206 -41.96 -92.24 24.78
C VAL D 206 -42.66 -92.53 26.10
N GLU D 207 -42.36 -93.71 26.67
CA GLU D 207 -42.99 -94.12 27.93
C GLU D 207 -41.92 -94.25 29.01
N LYS D 208 -42.22 -93.71 30.19
CA LYS D 208 -41.34 -93.79 31.34
C LYS D 208 -42.16 -94.32 32.52
N THR D 209 -41.60 -95.31 33.22
CA THR D 209 -42.29 -95.98 34.31
C THR D 209 -41.62 -95.65 35.63
N VAL D 210 -42.40 -95.77 36.71
CA VAL D 210 -41.91 -95.49 38.04
C VAL D 210 -42.65 -96.40 39.03
N ALA D 211 -41.92 -96.93 40.00
CA ALA D 211 -42.46 -97.90 40.94
C ALA D 211 -42.14 -97.45 42.36
N PRO D 212 -42.94 -97.87 43.37
CA PRO D 212 -42.64 -97.57 44.77
C PRO D 212 -41.34 -98.23 45.25
N THR D 213 -40.82 -97.73 46.37
CA THR D 213 -39.60 -98.27 46.93
C THR D 213 -39.92 -99.01 48.21
N GLU D 214 -39.61 -100.31 48.22
CA GLU D 214 -40.00 -101.18 49.32
C GLU D 214 -39.11 -100.91 50.53
N CYS D 215 -37.81 -100.70 50.26
CA CYS D 215 -36.84 -100.46 51.31
C CYS D 215 -37.25 -99.20 52.10
N THR E 1 38.36 54.94 -76.54
CA THR E 1 36.92 55.30 -76.65
C THR E 1 36.05 54.08 -76.39
N ASN E 2 34.90 54.30 -75.72
CA ASN E 2 33.82 53.36 -75.48
C ASN E 2 34.33 51.93 -75.30
N LEU E 3 35.30 51.75 -74.39
CA LEU E 3 35.88 50.44 -74.12
C LEU E 3 34.89 49.60 -73.34
N CYS E 4 35.27 48.36 -73.04
CA CYS E 4 34.39 47.48 -72.29
C CYS E 4 34.71 47.61 -70.81
N PRO E 5 33.67 47.73 -69.94
CA PRO E 5 33.89 47.96 -68.52
C PRO E 5 34.34 46.71 -67.75
N PHE E 6 35.57 46.26 -68.04
CA PHE E 6 36.14 45.11 -67.36
C PHE E 6 36.57 45.52 -65.96
N GLY E 7 36.93 46.80 -65.79
CA GLY E 7 37.28 47.34 -64.49
C GLY E 7 36.09 47.31 -63.53
N GLU E 8 34.89 47.39 -64.10
CA GLU E 8 33.66 47.37 -63.30
C GLU E 8 33.49 46.01 -62.63
N VAL E 9 33.98 44.95 -63.29
CA VAL E 9 33.78 43.60 -62.81
C VAL E 9 34.97 43.15 -61.97
N PHE E 10 36.19 43.41 -62.44
CA PHE E 10 37.37 42.89 -61.77
C PHE E 10 37.67 43.70 -60.51
N ASN E 11 37.53 45.03 -60.62
CA ASN E 11 37.85 45.91 -59.51
C ASN E 11 36.58 46.28 -58.74
N ALA E 12 35.52 45.47 -58.85
CA ALA E 12 34.26 45.79 -58.20
C ALA E 12 34.44 45.81 -56.68
N THR E 13 33.68 46.69 -56.01
CA THR E 13 33.78 46.86 -54.58
C THR E 13 33.38 45.55 -53.89
N ARG E 14 32.13 45.15 -54.09
CA ARG E 14 31.57 43.96 -53.46
C ARG E 14 31.27 42.91 -54.53
N PHE E 15 31.47 41.64 -54.14
CA PHE E 15 31.16 40.51 -54.99
C PHE E 15 29.99 39.73 -54.41
N ALA E 16 29.13 39.24 -55.31
CA ALA E 16 28.00 38.40 -54.91
C ALA E 16 28.53 37.01 -54.56
N SER E 17 27.78 36.32 -53.69
CA SER E 17 28.09 34.95 -53.32
C SER E 17 27.93 34.05 -54.54
N VAL E 18 28.50 32.85 -54.44
CA VAL E 18 28.58 31.96 -55.58
C VAL E 18 27.19 31.48 -55.98
N TYR E 19 26.29 31.27 -55.00
CA TYR E 19 24.97 30.75 -55.30
C TYR E 19 24.16 31.76 -56.10
N ALA E 20 24.47 33.04 -55.86
CA ALA E 20 23.81 34.15 -56.55
C ALA E 20 24.79 34.87 -57.46
N TRP E 21 25.63 34.09 -58.17
CA TRP E 21 26.69 34.63 -59.00
C TRP E 21 26.14 35.68 -59.96
N ASN E 22 26.86 36.82 -60.02
CA ASN E 22 26.43 37.99 -60.73
C ASN E 22 26.97 37.92 -62.16
N ARG E 23 26.05 37.95 -63.12
CA ARG E 23 26.42 37.96 -64.53
C ARG E 23 26.27 39.38 -65.08
N LYS E 24 27.29 39.83 -65.81
CA LYS E 24 27.28 41.12 -66.47
C LYS E 24 27.39 40.93 -67.99
N ARG E 25 26.43 41.53 -68.70
CA ARG E 25 26.39 41.45 -70.16
C ARG E 25 27.40 42.44 -70.72
N ILE E 26 28.10 42.04 -71.78
CA ILE E 26 29.06 42.90 -72.46
C ILE E 26 28.69 42.94 -73.94
N SER E 27 28.23 44.10 -74.41
CA SER E 27 27.91 44.30 -75.82
C SER E 27 28.11 45.77 -76.18
N ASN E 28 28.41 46.02 -77.45
CA ASN E 28 28.56 47.36 -78.00
C ASN E 28 29.72 48.08 -77.30
N CYS E 29 30.91 47.47 -77.38
CA CYS E 29 32.12 48.04 -76.84
C CYS E 29 33.34 47.32 -77.42
N VAL E 30 34.50 47.98 -77.38
CA VAL E 30 35.77 47.37 -77.78
C VAL E 30 36.45 46.81 -76.52
N ALA E 31 36.90 45.56 -76.61
CA ALA E 31 37.48 44.86 -75.48
C ALA E 31 39.00 44.77 -75.63
N ASP E 32 39.71 45.25 -74.60
CA ASP E 32 41.16 45.14 -74.54
C ASP E 32 41.54 44.07 -73.53
N TYR E 33 41.64 42.83 -74.01
CA TYR E 33 41.90 41.70 -73.14
C TYR E 33 43.34 41.73 -72.63
N SER E 34 44.19 42.56 -73.26
CA SER E 34 45.57 42.70 -72.86
C SER E 34 45.65 43.02 -71.36
N VAL E 35 44.80 43.96 -70.93
CA VAL E 35 44.72 44.41 -69.54
C VAL E 35 44.72 43.21 -68.59
N LEU E 36 44.18 42.08 -69.07
CA LEU E 36 44.08 40.88 -68.27
C LEU E 36 45.36 40.05 -68.39
N TYR E 37 45.77 39.71 -69.62
CA TYR E 37 46.82 38.72 -69.79
C TYR E 37 48.21 39.32 -69.65
N ASN E 38 48.29 40.64 -69.46
CA ASN E 38 49.56 41.31 -69.19
C ASN E 38 49.76 41.46 -67.68
N SER E 39 48.70 41.19 -66.91
CA SER E 39 48.76 41.28 -65.45
C SER E 39 49.28 39.96 -64.87
N ALA E 40 49.94 40.02 -63.71
CA ALA E 40 50.48 38.83 -63.07
C ALA E 40 49.85 38.62 -61.68
N SER E 41 48.76 39.35 -61.39
CA SER E 41 48.12 39.31 -60.09
C SER E 41 47.08 38.20 -60.01
N PHE E 42 47.16 37.22 -60.93
CA PHE E 42 46.15 36.19 -61.03
C PHE E 42 46.70 34.86 -60.52
N SER E 43 45.87 34.13 -59.77
CA SER E 43 46.23 32.81 -59.25
C SER E 43 46.12 31.76 -60.35
N THR E 44 44.93 31.65 -60.97
CA THR E 44 44.69 30.73 -62.07
C THR E 44 44.07 31.51 -63.24
N PHE E 45 44.63 31.28 -64.43
CA PHE E 45 44.14 31.92 -65.64
C PHE E 45 44.13 30.86 -66.73
N LYS E 46 42.97 30.20 -66.89
CA LYS E 46 42.83 29.12 -67.83
C LYS E 46 41.77 29.50 -68.87
N CYS E 47 41.99 29.04 -70.11
CA CYS E 47 41.11 29.36 -71.22
C CYS E 47 40.86 28.10 -72.05
N TYR E 48 39.57 27.88 -72.34
CA TYR E 48 39.14 26.70 -73.09
C TYR E 48 38.54 27.15 -74.41
N GLY E 49 39.01 26.53 -75.51
CA GLY E 49 38.42 26.74 -76.82
C GLY E 49 39.05 27.91 -77.58
N VAL E 50 39.85 28.72 -76.89
CA VAL E 50 40.51 29.87 -77.51
C VAL E 50 41.69 30.30 -76.65
N SER E 51 42.71 30.88 -77.29
CA SER E 51 43.89 31.40 -76.61
C SER E 51 43.68 32.85 -76.19
N PRO E 52 44.11 33.27 -74.98
CA PRO E 52 43.93 34.65 -74.54
C PRO E 52 44.76 35.65 -75.35
N THR E 53 45.88 35.19 -75.91
CA THR E 53 46.76 36.05 -76.69
C THR E 53 46.07 36.45 -77.99
N LYS E 54 45.33 35.52 -78.60
CA LYS E 54 44.69 35.73 -79.88
C LYS E 54 43.28 36.29 -79.71
N LEU E 55 43.00 36.92 -78.56
CA LEU E 55 41.65 37.37 -78.28
C LEU E 55 41.37 38.74 -78.90
N ASN E 56 42.41 39.60 -78.93
CA ASN E 56 42.25 40.99 -79.31
C ASN E 56 41.89 41.12 -80.78
N ASP E 57 42.05 40.03 -81.56
CA ASP E 57 41.77 40.07 -82.99
C ASP E 57 40.63 39.12 -83.33
N LEU E 58 39.61 39.07 -82.45
CA LEU E 58 38.45 38.22 -82.65
C LEU E 58 37.16 38.95 -82.30
N CYS E 59 36.07 38.56 -82.96
CA CYS E 59 34.75 39.13 -82.73
C CYS E 59 33.79 38.03 -82.29
N PHE E 60 32.89 38.40 -81.36
CA PHE E 60 31.87 37.47 -80.86
C PHE E 60 30.52 38.17 -80.82
N THR E 61 29.45 37.38 -80.68
CA THR E 61 28.09 37.91 -80.61
C THR E 61 27.90 38.65 -79.29
N ASN E 62 28.17 37.95 -78.17
CA ASN E 62 28.07 38.55 -76.85
C ASN E 62 29.19 38.02 -75.95
N VAL E 63 29.51 38.78 -74.92
CA VAL E 63 30.45 38.34 -73.91
C VAL E 63 29.78 38.49 -72.54
N TYR E 64 29.76 37.39 -71.79
CA TYR E 64 29.23 37.43 -70.45
C TYR E 64 30.39 37.35 -69.46
N ALA E 65 30.33 38.19 -68.42
CA ALA E 65 31.31 38.16 -67.36
C ALA E 65 30.64 37.82 -66.03
N ASP E 66 30.76 36.55 -65.63
CA ASP E 66 30.19 36.07 -64.40
C ASP E 66 31.22 36.24 -63.29
N SER E 67 30.77 36.67 -62.11
CA SER E 67 31.67 36.94 -61.00
C SER E 67 31.06 36.44 -59.70
N PHE E 68 31.89 35.82 -58.87
CA PHE E 68 31.47 35.33 -57.57
C PHE E 68 32.71 35.08 -56.72
N VAL E 69 32.47 34.59 -55.49
CA VAL E 69 33.55 34.26 -54.57
C VAL E 69 33.36 32.83 -54.05
N ILE E 70 34.44 32.05 -54.13
CA ILE E 70 34.48 30.70 -53.56
C ILE E 70 35.75 30.57 -52.74
N ARG E 71 35.97 29.35 -52.23
CA ARG E 71 37.16 29.09 -51.42
C ARG E 71 38.27 28.54 -52.33
N GLY E 72 39.48 28.48 -51.76
CA GLY E 72 40.71 28.21 -52.47
C GLY E 72 40.63 27.00 -53.39
N ASP E 73 40.41 25.82 -52.80
CA ASP E 73 40.51 24.57 -53.53
C ASP E 73 39.38 24.47 -54.55
N GLU E 74 38.19 24.95 -54.16
CA GLU E 74 36.98 24.88 -54.97
C GLU E 74 37.15 25.64 -56.30
N VAL E 75 38.22 26.41 -56.43
CA VAL E 75 38.48 27.10 -57.69
C VAL E 75 38.67 26.11 -58.82
N ARG E 76 39.18 24.90 -58.48
CA ARG E 76 39.38 23.87 -59.48
C ARG E 76 38.04 23.44 -60.10
N GLN E 77 36.92 23.63 -59.38
CA GLN E 77 35.61 23.18 -59.83
C GLN E 77 35.07 24.08 -60.95
N ILE E 78 35.66 25.27 -61.12
CA ILE E 78 35.21 26.14 -62.19
C ILE E 78 35.96 25.79 -63.47
N ALA E 79 35.47 24.74 -64.15
CA ALA E 79 36.10 24.17 -65.32
C ALA E 79 35.16 23.13 -65.92
N PRO E 80 35.14 22.97 -67.25
CA PRO E 80 34.25 21.99 -67.88
C PRO E 80 34.53 20.58 -67.37
N GLY E 81 33.44 19.86 -67.03
CA GLY E 81 33.49 18.45 -66.71
C GLY E 81 33.89 18.18 -65.26
N GLN E 82 33.91 19.23 -64.43
CA GLN E 82 34.30 19.06 -63.04
C GLN E 82 33.08 18.82 -62.17
N THR E 83 33.29 18.08 -61.07
CA THR E 83 32.23 17.79 -60.11
C THR E 83 32.56 18.51 -58.81
N GLY E 84 31.66 18.37 -57.83
CA GLY E 84 31.81 19.05 -56.55
C GLY E 84 30.59 19.90 -56.22
N LYS E 85 30.59 20.47 -55.00
CA LYS E 85 29.44 21.21 -54.51
C LYS E 85 29.19 22.44 -55.39
N ILE E 86 30.28 23.16 -55.70
CA ILE E 86 30.18 24.40 -56.43
C ILE E 86 29.76 24.11 -57.88
N ALA E 87 30.34 23.08 -58.47
CA ALA E 87 30.08 22.79 -59.87
C ALA E 87 28.69 22.16 -60.07
N ASP E 88 28.19 21.48 -59.04
CA ASP E 88 26.94 20.75 -59.18
C ASP E 88 25.76 21.64 -58.79
N TYR E 89 25.91 22.39 -57.69
CA TYR E 89 24.79 23.06 -57.06
C TYR E 89 24.88 24.59 -57.14
N ASN E 90 26.02 25.12 -57.58
CA ASN E 90 26.22 26.57 -57.53
C ASN E 90 26.45 27.16 -58.92
N TYR E 91 27.47 26.68 -59.64
CA TYR E 91 27.86 27.24 -60.92
C TYR E 91 28.52 26.18 -61.81
N LYS E 92 27.83 25.82 -62.91
CA LYS E 92 28.28 24.73 -63.77
C LYS E 92 28.63 25.29 -65.13
N LEU E 93 29.84 24.99 -65.61
CA LEU E 93 30.29 25.38 -66.94
C LEU E 93 29.97 24.27 -67.93
N PRO E 94 29.56 24.61 -69.17
CA PRO E 94 29.22 23.60 -70.18
C PRO E 94 30.45 22.86 -70.64
N ASP E 95 30.26 21.63 -71.12
CA ASP E 95 31.35 20.79 -71.56
C ASP E 95 31.97 21.38 -72.84
N ASP E 96 31.14 22.07 -73.64
CA ASP E 96 31.59 22.69 -74.87
C ASP E 96 31.94 24.15 -74.61
N PHE E 97 32.55 24.43 -73.47
CA PHE E 97 32.85 25.79 -73.06
C PHE E 97 33.85 26.45 -74.01
N THR E 98 33.61 27.72 -74.32
CA THR E 98 34.54 28.53 -75.07
C THR E 98 34.71 29.86 -74.34
N GLY E 99 35.65 29.88 -73.38
CA GLY E 99 35.85 31.06 -72.57
C GLY E 99 37.10 30.94 -71.70
N CYS E 100 37.15 31.77 -70.65
CA CYS E 100 38.32 31.86 -69.80
C CYS E 100 37.88 32.02 -68.35
N VAL E 101 38.53 31.23 -67.47
CA VAL E 101 38.31 31.31 -66.04
C VAL E 101 39.49 32.04 -65.42
N ILE E 102 39.20 33.13 -64.69
CA ILE E 102 40.22 33.93 -64.05
C ILE E 102 39.91 34.04 -62.57
N ALA E 103 40.83 33.55 -61.74
CA ALA E 103 40.63 33.57 -60.31
C ALA E 103 41.90 34.06 -59.63
N TRP E 104 41.71 34.79 -58.53
CA TRP E 104 42.82 35.35 -57.77
C TRP E 104 42.47 35.34 -56.27
N ASN E 105 43.52 35.29 -55.45
CA ASN E 105 43.36 35.31 -54.00
C ASN E 105 42.84 36.69 -53.55
N SER E 106 41.90 36.70 -52.60
CA SER E 106 41.37 37.94 -52.07
C SER E 106 41.16 37.83 -50.55
N ASN E 107 42.16 37.26 -49.87
CA ASN E 107 42.03 37.01 -48.44
C ASN E 107 41.96 38.34 -47.69
N ASN E 108 42.66 39.35 -48.21
CA ASN E 108 42.75 40.64 -47.55
C ASN E 108 41.41 41.38 -47.62
N LEU E 109 40.70 41.23 -48.75
CA LEU E 109 39.52 42.04 -49.00
C LEU E 109 38.25 41.38 -48.48
N ASP E 110 38.21 40.04 -48.49
CA ASP E 110 36.95 39.32 -48.28
C ASP E 110 36.85 38.74 -46.88
N SER E 111 37.99 38.42 -46.25
CA SER E 111 37.98 37.92 -44.90
C SER E 111 38.17 39.06 -43.90
N LYS E 112 37.71 38.85 -42.66
CA LYS E 112 37.82 39.85 -41.61
C LYS E 112 37.98 39.15 -40.26
N VAL E 113 38.19 39.94 -39.23
CA VAL E 113 38.39 39.44 -37.88
C VAL E 113 37.15 38.68 -37.44
N GLY E 114 37.36 37.46 -36.92
CA GLY E 114 36.29 36.60 -36.45
C GLY E 114 35.58 35.88 -37.59
N GLY E 115 36.12 36.04 -38.82
CA GLY E 115 35.59 35.35 -39.99
C GLY E 115 34.44 36.12 -40.63
N ASN E 116 34.40 36.07 -41.97
CA ASN E 116 33.36 36.71 -42.76
C ASN E 116 32.30 35.68 -43.14
N TYR E 117 31.04 35.96 -42.77
CA TYR E 117 29.95 35.03 -42.96
C TYR E 117 28.92 35.60 -43.94
N ASN E 118 29.33 36.60 -44.72
CA ASN E 118 28.42 37.25 -45.66
C ASN E 118 28.39 36.49 -46.99
N TYR E 119 29.33 35.54 -47.16
CA TYR E 119 29.44 34.77 -48.39
C TYR E 119 28.87 33.37 -48.16
N LEU E 120 27.90 32.98 -49.00
CA LEU E 120 27.22 31.71 -48.86
C LEU E 120 27.50 30.83 -50.09
N TYR E 121 27.19 29.54 -49.95
CA TYR E 121 27.22 28.58 -51.04
C TYR E 121 26.10 27.56 -50.81
N ARG E 122 25.55 27.05 -51.92
CA ARG E 122 24.47 26.11 -51.84
C ARG E 122 25.01 24.71 -51.61
N LEU E 123 24.58 24.06 -50.53
CA LEU E 123 25.07 22.75 -50.11
C LEU E 123 24.18 21.63 -50.63
N PHE E 124 22.89 21.91 -50.90
CA PHE E 124 21.96 20.86 -51.27
C PHE E 124 21.10 21.29 -52.45
N ARG E 125 20.82 20.32 -53.33
CA ARG E 125 19.88 20.52 -54.43
C ARG E 125 19.40 19.16 -54.93
N LYS E 126 18.15 19.11 -55.41
CA LYS E 126 17.54 17.86 -55.81
C LYS E 126 18.31 17.29 -57.00
N SER E 127 18.74 18.15 -57.92
CA SER E 127 19.43 17.75 -59.12
C SER E 127 20.57 18.71 -59.41
N ASN E 128 21.54 18.25 -60.21
CA ASN E 128 22.67 19.08 -60.58
C ASN E 128 22.20 20.21 -61.48
N LEU E 129 22.98 21.31 -61.48
CA LEU E 129 22.61 22.48 -62.26
C LEU E 129 22.96 22.25 -63.72
N LYS E 130 22.08 22.74 -64.60
CA LYS E 130 22.38 22.83 -66.02
C LYS E 130 23.43 23.92 -66.20
N PRO E 131 24.20 23.92 -67.30
CA PRO E 131 25.22 24.95 -67.53
C PRO E 131 24.61 26.35 -67.53
N PHE E 132 25.23 27.23 -66.74
CA PHE E 132 24.86 28.63 -66.63
C PHE E 132 23.49 28.80 -65.98
N GLU E 133 23.20 27.98 -64.96
CA GLU E 133 21.94 28.06 -64.24
C GLU E 133 22.18 28.77 -62.92
N ARG E 134 21.15 29.46 -62.42
CA ARG E 134 21.23 30.17 -61.14
C ARG E 134 20.01 29.81 -60.31
N ASP E 135 20.26 29.21 -59.14
CA ASP E 135 19.20 28.89 -58.20
C ASP E 135 19.42 29.66 -56.92
N ILE E 136 18.51 30.60 -56.64
CA ILE E 136 18.60 31.43 -55.45
C ILE E 136 17.43 31.12 -54.52
N SER E 137 16.68 30.05 -54.82
CA SER E 137 15.61 29.61 -53.94
C SER E 137 16.17 29.18 -52.59
N THR E 138 15.38 29.38 -51.53
CA THR E 138 15.79 29.00 -50.18
C THR E 138 14.84 27.94 -49.62
N GLU E 139 14.34 27.06 -50.48
CA GLU E 139 13.41 26.02 -50.06
C GLU E 139 14.17 25.03 -49.18
N ILE E 140 13.54 24.65 -48.07
CA ILE E 140 14.12 23.67 -47.17
C ILE E 140 14.31 22.34 -47.90
N TYR E 141 15.57 21.89 -47.99
CA TYR E 141 15.92 20.73 -48.80
C TYR E 141 15.49 19.46 -48.06
N GLN E 142 14.79 18.58 -48.79
CA GLN E 142 14.29 17.33 -48.26
C GLN E 142 15.34 16.25 -48.50
N ALA E 143 16.07 15.89 -47.44
CA ALA E 143 17.17 14.94 -47.52
C ALA E 143 16.69 13.52 -47.24
N GLY E 144 15.55 13.38 -46.56
CA GLY E 144 14.99 12.06 -46.28
C GLY E 144 13.66 11.84 -46.98
N SER E 145 12.96 10.77 -46.57
CA SER E 145 11.65 10.45 -47.12
C SER E 145 10.53 11.19 -46.39
N THR E 146 10.88 12.10 -45.47
CA THR E 146 9.90 12.79 -44.66
C THR E 146 9.63 14.17 -45.26
N PRO E 147 8.36 14.66 -45.27
CA PRO E 147 8.07 16.00 -45.74
C PRO E 147 8.61 17.06 -44.80
N CYS E 148 8.97 18.22 -45.34
CA CYS E 148 9.61 19.27 -44.55
C CYS E 148 8.61 20.36 -44.17
N ASN E 149 7.56 20.52 -45.00
CA ASN E 149 6.51 21.49 -44.78
C ASN E 149 7.09 22.89 -44.56
N GLY E 150 8.24 23.16 -45.21
CA GLY E 150 8.84 24.49 -45.23
C GLY E 150 9.50 24.89 -43.91
N VAL E 151 9.57 23.95 -42.96
CA VAL E 151 10.23 24.18 -41.70
C VAL E 151 11.35 23.15 -41.54
N GLU E 152 12.54 23.65 -41.18
CA GLU E 152 13.72 22.81 -41.05
C GLU E 152 13.50 21.82 -39.90
N GLY E 153 14.15 20.67 -40.00
CA GLY E 153 14.05 19.65 -38.97
C GLY E 153 14.82 18.39 -39.34
N PHE E 154 14.26 17.24 -38.96
CA PHE E 154 14.90 15.98 -39.26
C PHE E 154 14.99 15.80 -40.77
N ASN E 155 16.23 15.68 -41.25
CA ASN E 155 16.51 15.51 -42.67
C ASN E 155 15.89 16.63 -43.48
N CYS E 156 15.82 17.82 -42.88
CA CYS E 156 15.32 19.01 -43.53
C CYS E 156 16.22 20.18 -43.15
N TYR E 157 17.05 20.64 -44.11
CA TYR E 157 18.07 21.62 -43.80
C TYR E 157 17.95 22.82 -44.74
N PHE E 158 18.55 23.96 -44.33
CA PHE E 158 18.65 25.14 -45.18
C PHE E 158 19.53 24.81 -46.38
N PRO E 159 19.12 25.15 -47.60
CA PRO E 159 19.90 24.82 -48.78
C PRO E 159 21.25 25.57 -48.84
N LEU E 160 21.39 26.68 -48.13
CA LEU E 160 22.64 27.45 -48.18
C LEU E 160 23.48 27.20 -46.93
N GLN E 161 24.78 27.51 -47.05
CA GLN E 161 25.71 27.38 -45.93
C GLN E 161 26.71 28.53 -46.01
N SER E 162 27.23 28.92 -44.83
CA SER E 162 28.17 30.01 -44.72
C SER E 162 29.59 29.51 -44.91
N TYR E 163 30.42 30.32 -45.61
CA TYR E 163 31.80 29.95 -45.87
C TYR E 163 32.65 30.07 -44.61
N GLY E 164 32.54 31.21 -43.92
CA GLY E 164 33.30 31.47 -42.71
C GLY E 164 34.79 31.71 -42.99
N PHE E 165 35.07 32.77 -43.76
CA PHE E 165 36.43 33.08 -44.18
C PHE E 165 37.20 33.73 -43.04
N GLN E 166 37.94 32.92 -42.29
CA GLN E 166 38.85 33.42 -41.26
C GLN E 166 40.14 33.89 -41.95
N PRO E 167 40.78 34.98 -41.47
CA PRO E 167 42.07 35.40 -42.03
C PRO E 167 43.20 34.41 -41.74
N THR E 168 43.04 33.59 -40.69
CA THR E 168 44.06 32.64 -40.28
C THR E 168 43.93 31.32 -41.05
N ASN E 169 42.95 31.23 -41.96
CA ASN E 169 42.69 29.99 -42.69
C ASN E 169 43.85 29.69 -43.64
N GLY E 170 44.03 28.40 -43.93
CA GLY E 170 45.01 27.93 -44.89
C GLY E 170 44.69 28.45 -46.29
N VAL E 171 45.66 28.32 -47.20
CA VAL E 171 45.53 28.85 -48.55
C VAL E 171 44.34 28.19 -49.24
N GLY E 172 44.13 26.90 -48.93
CA GLY E 172 43.07 26.11 -49.55
C GLY E 172 41.68 26.58 -49.15
N TYR E 173 41.56 27.29 -48.02
CA TYR E 173 40.28 27.69 -47.47
C TYR E 173 40.12 29.21 -47.47
N GLN E 174 41.03 29.90 -48.17
CA GLN E 174 40.97 31.36 -48.23
C GLN E 174 40.03 31.77 -49.37
N PRO E 175 39.31 32.91 -49.23
CA PRO E 175 38.40 33.36 -50.29
C PRO E 175 39.13 33.80 -51.55
N TYR E 176 38.79 33.16 -52.67
CA TYR E 176 39.27 33.57 -53.97
C TYR E 176 38.12 34.15 -54.78
N ARG E 177 38.42 35.20 -55.56
CA ARG E 177 37.43 35.81 -56.42
C ARG E 177 37.60 35.25 -57.84
N VAL E 178 36.45 34.92 -58.46
CA VAL E 178 36.48 34.28 -59.77
C VAL E 178 35.67 35.14 -60.73
N VAL E 179 36.23 35.29 -61.94
CA VAL E 179 35.50 35.88 -63.05
C VAL E 179 35.57 34.93 -64.24
N VAL E 180 34.39 34.60 -64.79
CA VAL E 180 34.31 33.68 -65.92
C VAL E 180 33.83 34.47 -67.13
N LEU E 181 34.69 34.54 -68.15
CA LEU E 181 34.35 35.22 -69.39
C LEU E 181 33.88 34.18 -70.39
N SER E 182 32.64 34.38 -70.87
CA SER E 182 32.02 33.48 -71.84
C SER E 182 31.87 34.21 -73.16
N PHE E 183 32.42 33.61 -74.23
CA PHE E 183 32.38 34.24 -75.55
C PHE E 183 31.39 33.50 -76.44
N GLU E 184 30.16 34.03 -76.48
CA GLU E 184 29.06 33.40 -77.18
C GLU E 184 29.07 33.90 -78.63
N LEU E 185 28.95 32.97 -79.56
CA LEU E 185 28.91 33.31 -80.98
C LEU E 185 27.64 32.72 -81.59
N LEU E 186 26.62 33.57 -81.79
CA LEU E 186 25.37 33.14 -82.38
C LEU E 186 25.33 33.58 -83.84
N HIS E 187 24.15 33.44 -84.46
CA HIS E 187 23.93 33.84 -85.84
C HIS E 187 23.49 35.30 -85.87
N ALA E 188 24.30 36.17 -85.25
CA ALA E 188 23.97 37.57 -85.08
C ALA E 188 25.20 38.41 -85.42
N PRO E 189 25.03 39.72 -85.70
CA PRO E 189 26.16 40.62 -85.86
C PRO E 189 27.04 40.69 -84.62
N ALA E 190 28.33 40.36 -84.79
CA ALA E 190 29.31 40.38 -83.73
C ALA E 190 29.56 41.81 -83.24
N THR E 191 29.05 42.12 -82.04
CA THR E 191 29.02 43.49 -81.52
C THR E 191 30.17 43.75 -80.55
N VAL E 192 31.01 42.74 -80.29
CA VAL E 192 32.15 42.91 -79.40
C VAL E 192 33.41 42.45 -80.12
N CYS E 193 34.38 43.36 -80.25
CA CYS E 193 35.64 43.05 -80.90
C CYS E 193 36.78 43.77 -80.18
N GLY E 194 38.01 43.53 -80.63
CA GLY E 194 39.17 44.23 -80.13
C GLY E 194 39.88 45.03 -81.23
N PRO E 195 41.17 45.41 -81.02
CA PRO E 195 41.98 46.06 -82.05
C PRO E 195 42.32 45.14 -83.23
N GLN F 1 38.00 4.67 -32.63
CA GLN F 1 38.46 5.95 -32.02
C GLN F 1 37.38 7.01 -32.24
N VAL F 2 36.12 6.56 -32.24
CA VAL F 2 34.96 7.41 -32.49
C VAL F 2 34.09 7.48 -31.23
N GLN F 3 34.74 7.59 -30.07
CA GLN F 3 34.08 7.59 -28.78
C GLN F 3 33.63 9.00 -28.37
N LEU F 4 32.50 9.05 -27.64
CA LEU F 4 31.93 10.28 -27.11
C LEU F 4 32.10 10.33 -25.60
N VAL F 5 32.77 11.40 -25.14
CA VAL F 5 33.13 11.53 -23.74
C VAL F 5 32.22 12.59 -23.09
N GLN F 6 31.46 12.13 -22.08
CA GLN F 6 30.43 12.99 -21.48
C GLN F 6 30.95 13.45 -20.14
N SER F 7 30.88 14.77 -19.87
CA SER F 7 31.36 15.25 -18.58
C SER F 7 30.20 15.40 -17.60
N GLY F 8 30.55 15.44 -16.30
CA GLY F 8 29.68 15.98 -15.28
C GLY F 8 29.01 14.90 -14.44
N ALA F 9 28.81 15.18 -13.14
CA ALA F 9 28.02 14.37 -12.26
C ALA F 9 27.25 15.29 -11.31
N GLU F 10 26.55 16.27 -11.90
CA GLU F 10 26.13 17.48 -11.20
C GLU F 10 24.85 17.22 -10.41
N VAL F 11 24.69 18.01 -9.34
CA VAL F 11 23.48 18.04 -8.52
C VAL F 11 22.96 19.46 -8.52
N LYS F 12 21.63 19.61 -8.73
CA LYS F 12 21.05 20.93 -8.88
C LYS F 12 19.75 21.00 -8.07
N LYS F 13 19.55 22.17 -7.43
CA LYS F 13 18.34 22.43 -6.66
C LYS F 13 17.20 22.67 -7.64
N PRO F 14 15.94 22.35 -7.26
CA PRO F 14 14.78 22.60 -8.12
C PRO F 14 14.71 24.05 -8.56
N GLY F 15 14.46 24.26 -9.84
CA GLY F 15 14.31 25.58 -10.42
C GLY F 15 15.59 26.10 -11.06
N SER F 16 16.73 25.48 -10.74
CA SER F 16 18.00 25.95 -11.26
C SER F 16 18.23 25.44 -12.69
N SER F 17 19.45 25.64 -13.20
CA SER F 17 19.78 25.26 -14.57
C SER F 17 21.05 24.40 -14.57
N VAL F 18 21.04 23.34 -15.40
CA VAL F 18 22.14 22.41 -15.53
C VAL F 18 22.64 22.44 -16.97
N LYS F 19 23.96 22.28 -17.13
CA LYS F 19 24.58 22.30 -18.45
C LYS F 19 25.50 21.10 -18.56
N VAL F 20 25.19 20.19 -19.50
CA VAL F 20 25.94 18.96 -19.68
C VAL F 20 26.72 19.03 -21.00
N SER F 21 27.97 18.55 -21.01
CA SER F 21 28.82 18.64 -22.19
C SER F 21 29.06 17.24 -22.74
N CYS F 22 29.22 17.19 -24.08
CA CYS F 22 29.64 16.01 -24.81
C CYS F 22 30.83 16.38 -25.69
N LYS F 23 31.95 15.68 -25.49
CA LYS F 23 33.12 15.84 -26.34
C LYS F 23 33.10 14.75 -27.41
N ALA F 24 33.13 15.18 -28.67
CA ALA F 24 33.13 14.25 -29.79
C ALA F 24 34.59 13.95 -30.19
N SER F 25 34.88 12.65 -30.37
CA SER F 25 36.21 12.24 -30.77
C SER F 25 36.09 11.36 -32.01
N GLY F 26 36.90 11.66 -33.03
CA GLY F 26 36.64 11.16 -34.36
C GLY F 26 35.65 12.04 -35.11
N GLY F 27 35.09 11.52 -36.20
CA GLY F 27 34.13 12.26 -37.00
C GLY F 27 32.70 12.07 -36.48
N THR F 28 31.95 13.16 -36.38
CA THR F 28 30.60 13.11 -35.85
C THR F 28 29.76 14.17 -36.55
N PHE F 29 28.72 13.71 -37.26
CA PHE F 29 27.86 14.62 -37.99
C PHE F 29 27.00 15.46 -37.06
N GLY F 30 26.13 14.76 -36.31
CA GLY F 30 25.21 15.40 -35.38
C GLY F 30 25.13 14.61 -34.07
N ILE F 31 24.99 15.33 -32.95
CA ILE F 31 24.89 14.74 -31.64
C ILE F 31 23.51 15.00 -31.04
N SER F 32 22.87 13.92 -30.58
CA SER F 32 21.56 13.99 -29.96
C SER F 32 21.70 13.65 -28.47
N TRP F 33 20.73 14.15 -27.67
CA TRP F 33 20.67 13.84 -26.24
C TRP F 33 19.42 13.01 -25.94
N VAL F 34 19.61 12.00 -25.10
CA VAL F 34 18.51 11.14 -24.66
C VAL F 34 18.64 10.97 -23.15
N ARG F 35 17.51 11.19 -22.47
CA ARG F 35 17.47 11.07 -21.03
C ARG F 35 16.70 9.81 -20.66
N GLN F 36 17.10 9.23 -19.51
CA GLN F 36 16.45 8.06 -18.97
C GLN F 36 16.33 8.18 -17.47
N ALA F 37 15.08 8.23 -16.97
CA ALA F 37 14.83 8.28 -15.54
C ALA F 37 15.21 6.93 -14.93
N PRO F 38 15.65 6.91 -13.65
CA PRO F 38 16.07 5.67 -12.99
C PRO F 38 14.91 4.66 -12.98
N GLY F 39 15.15 3.51 -13.63
CA GLY F 39 14.19 2.43 -13.67
C GLY F 39 13.19 2.55 -14.81
N GLN F 40 13.00 3.78 -15.32
CA GLN F 40 12.04 4.04 -16.38
C GLN F 40 12.71 3.87 -17.74
N GLY F 41 12.03 4.34 -18.79
CA GLY F 41 12.49 4.13 -20.16
C GLY F 41 13.23 5.33 -20.72
N LEU F 42 13.58 5.27 -22.01
CA LEU F 42 14.27 6.36 -22.68
C LEU F 42 13.24 7.34 -23.22
N GLU F 43 13.64 8.61 -23.27
CA GLU F 43 12.89 9.63 -23.97
C GLU F 43 13.88 10.59 -24.65
N TRP F 44 13.50 11.03 -25.85
CA TRP F 44 14.32 11.91 -26.65
C TRP F 44 14.20 13.34 -26.16
N MET F 45 15.30 14.08 -26.29
CA MET F 45 15.34 15.46 -25.79
C MET F 45 15.58 16.46 -26.91
N GLY F 46 16.61 16.20 -27.74
CA GLY F 46 16.98 17.14 -28.79
C GLY F 46 18.19 16.68 -29.59
N ARG F 47 18.48 17.34 -30.70
CA ARG F 47 19.54 16.96 -31.63
C ARG F 47 20.22 18.23 -32.11
N ILE F 48 21.52 18.18 -32.37
CA ILE F 48 22.23 19.35 -32.91
C ILE F 48 23.20 18.88 -34.00
N ILE F 49 23.29 19.66 -35.08
CA ILE F 49 24.31 19.42 -36.10
C ILE F 49 25.23 20.62 -36.10
N PRO F 50 26.41 20.54 -35.45
CA PRO F 50 27.28 21.71 -35.31
C PRO F 50 27.78 22.23 -36.66
N ILE F 51 27.80 21.37 -37.69
CA ILE F 51 28.34 21.77 -38.97
C ILE F 51 27.27 22.53 -39.74
N LEU F 52 26.04 22.55 -39.21
CA LEU F 52 24.94 23.17 -39.94
C LEU F 52 24.31 24.29 -39.13
N GLY F 53 24.28 24.15 -37.80
CA GLY F 53 23.82 25.22 -36.93
C GLY F 53 22.40 25.02 -36.42
N THR F 54 21.69 24.00 -36.90
CA THR F 54 20.33 23.71 -36.49
C THR F 54 20.32 22.90 -35.19
N ALA F 55 19.26 23.09 -34.40
CA ALA F 55 19.01 22.33 -33.19
C ALA F 55 17.52 22.01 -33.09
N ASN F 56 17.19 20.91 -32.42
CA ASN F 56 15.83 20.46 -32.19
C ASN F 56 15.51 20.26 -30.71
N HIS F 57 14.24 20.44 -30.38
CA HIS F 57 13.75 20.16 -29.05
C HIS F 57 12.49 19.31 -29.20
N ALA F 58 12.24 18.43 -28.22
CA ALA F 58 10.90 17.84 -28.10
C ALA F 58 9.91 18.90 -27.60
N GLN F 59 8.63 18.74 -27.94
CA GLN F 59 7.61 19.73 -27.62
C GLN F 59 7.53 19.96 -26.12
N LYS F 60 7.78 18.91 -25.33
CA LYS F 60 7.64 19.00 -23.88
C LYS F 60 8.73 19.88 -23.28
N PHE F 61 9.82 20.09 -23.99
CA PHE F 61 10.97 20.82 -23.47
C PHE F 61 11.08 22.19 -24.14
N GLN F 62 9.99 22.67 -24.74
CA GLN F 62 9.99 24.00 -25.35
C GLN F 62 10.24 25.06 -24.28
N GLY F 63 11.28 25.89 -24.48
CA GLY F 63 11.61 26.97 -23.56
C GLY F 63 12.51 26.54 -22.41
N ARG F 64 12.88 25.27 -22.35
CA ARG F 64 13.66 24.72 -21.25
C ARG F 64 14.99 24.18 -21.72
N VAL F 65 15.07 23.76 -23.00
CA VAL F 65 16.28 23.12 -23.51
C VAL F 65 16.97 24.09 -24.45
N THR F 66 18.28 24.23 -24.27
CA THR F 66 19.10 25.03 -25.15
C THR F 66 20.34 24.21 -25.49
N ILE F 67 20.45 23.84 -26.76
CA ILE F 67 21.57 23.00 -27.19
C ILE F 67 22.54 23.84 -28.03
N THR F 68 23.78 23.98 -27.53
CA THR F 68 24.76 24.83 -28.17
C THR F 68 25.99 23.99 -28.46
N ALA F 69 26.90 24.54 -29.26
CA ALA F 69 28.16 23.84 -29.55
C ALA F 69 29.23 24.88 -29.87
N ASP F 70 30.45 24.60 -29.40
CA ASP F 70 31.62 25.38 -29.78
C ASP F 70 32.57 24.50 -30.58
N LYS F 71 32.81 24.91 -31.83
CA LYS F 71 33.58 24.12 -32.77
C LYS F 71 35.07 24.18 -32.45
N SER F 72 35.53 25.32 -31.91
CA SER F 72 36.91 25.49 -31.49
C SER F 72 37.30 24.39 -30.49
N THR F 73 36.42 24.09 -29.54
CA THR F 73 36.68 23.05 -28.55
C THR F 73 36.16 21.68 -29.00
N GLY F 74 35.29 21.69 -30.02
CA GLY F 74 34.70 20.49 -30.55
C GLY F 74 33.67 19.85 -29.63
N THR F 75 33.17 20.59 -28.64
CA THR F 75 32.25 20.07 -27.64
C THR F 75 30.83 20.57 -27.90
N VAL F 76 29.85 19.85 -27.36
CA VAL F 76 28.44 20.21 -27.51
C VAL F 76 27.82 20.27 -26.13
N TYR F 77 27.10 21.39 -25.85
CA TYR F 77 26.50 21.62 -24.55
C TYR F 77 24.98 21.53 -24.69
N MET F 78 24.34 21.06 -23.61
CA MET F 78 22.89 21.01 -23.53
C MET F 78 22.50 21.54 -22.15
N GLU F 79 21.67 22.59 -22.15
CA GLU F 79 21.27 23.28 -20.92
C GLU F 79 19.77 23.08 -20.71
N LEU F 80 19.43 22.55 -19.54
CA LEU F 80 18.05 22.39 -19.11
C LEU F 80 17.82 23.29 -17.90
N SER F 81 16.81 24.17 -18.02
CA SER F 81 16.46 25.12 -16.97
C SER F 81 15.12 24.73 -16.35
N SER F 82 14.81 25.35 -15.20
CA SER F 82 13.58 25.14 -14.46
C SER F 82 13.43 23.66 -14.10
N LEU F 83 14.45 23.13 -13.42
CA LEU F 83 14.49 21.71 -13.11
C LEU F 83 13.46 21.37 -12.05
N ARG F 84 12.91 20.15 -12.12
CA ARG F 84 12.04 19.63 -11.08
C ARG F 84 12.44 18.19 -10.77
N SER F 85 11.69 17.55 -9.87
CA SER F 85 11.96 16.18 -9.44
C SER F 85 11.77 15.21 -10.60
N GLU F 86 11.03 15.62 -11.64
CA GLU F 86 10.76 14.77 -12.78
C GLU F 86 12.00 14.65 -13.68
N ASP F 87 12.97 15.57 -13.52
CA ASP F 87 14.09 15.65 -14.44
C ASP F 87 15.25 14.77 -13.97
N THR F 88 15.18 14.27 -12.72
CA THR F 88 16.28 13.49 -12.16
C THR F 88 16.45 12.25 -13.04
N ALA F 89 17.54 12.20 -13.80
CA ALA F 89 17.71 11.12 -14.75
C ALA F 89 19.18 11.07 -15.20
N VAL F 90 19.45 10.12 -16.11
CA VAL F 90 20.77 9.96 -16.70
C VAL F 90 20.69 10.50 -18.12
N TYR F 91 21.70 11.29 -18.50
CA TYR F 91 21.68 11.96 -19.79
C TYR F 91 22.80 11.42 -20.66
N TYR F 92 22.44 10.95 -21.86
CA TYR F 92 23.40 10.34 -22.77
C TYR F 92 23.60 11.20 -24.01
N CYS F 93 24.81 11.21 -24.58
CA CYS F 93 25.04 11.69 -25.93
C CYS F 93 24.82 10.54 -26.90
N ALA F 94 24.68 10.91 -28.18
CA ALA F 94 24.44 9.95 -29.23
C ALA F 94 24.96 10.51 -30.54
N ARG F 95 25.65 9.66 -31.31
CA ARG F 95 26.11 10.05 -32.63
C ARG F 95 25.02 9.78 -33.65
N ASP F 96 24.78 10.74 -34.53
CA ASP F 96 23.81 10.60 -35.61
C ASP F 96 24.56 10.78 -36.93
N GLY F 97 25.15 9.67 -37.41
CA GLY F 97 25.85 9.64 -38.68
C GLY F 97 27.33 9.97 -38.53
N ASP F 98 28.12 9.49 -39.50
CA ASP F 98 29.56 9.75 -39.51
C ASP F 98 29.82 11.17 -40.00
N SER F 99 31.10 11.58 -40.07
CA SER F 99 31.45 12.96 -40.38
C SER F 99 31.00 13.32 -41.80
N GLY F 100 30.86 12.30 -42.67
CA GLY F 100 30.31 12.51 -44.00
C GLY F 100 28.83 12.17 -44.01
N SER F 101 28.24 12.03 -45.21
CA SER F 101 26.88 11.52 -45.34
C SER F 101 25.92 12.37 -44.51
N TYR F 102 25.58 13.56 -45.02
CA TYR F 102 24.72 14.51 -44.34
C TYR F 102 23.35 13.93 -44.00
N TYR F 103 23.09 12.67 -44.34
CA TYR F 103 21.87 11.98 -43.98
C TYR F 103 21.78 11.74 -42.47
N GLU F 104 20.53 11.69 -41.96
CA GLU F 104 20.30 11.30 -40.58
C GLU F 104 19.54 9.98 -40.55
N THR F 105 20.10 8.98 -39.87
CA THR F 105 19.52 7.65 -39.88
C THR F 105 18.49 7.51 -38.78
N LEU F 106 18.49 8.44 -37.83
CA LEU F 106 17.70 8.35 -36.61
C LEU F 106 18.03 7.11 -35.79
N GLY F 107 19.14 6.44 -36.10
CA GLY F 107 19.70 5.44 -35.21
C GLY F 107 21.02 5.97 -34.66
N PHE F 108 21.16 5.88 -33.35
CA PHE F 108 22.26 6.50 -32.63
C PHE F 108 23.37 5.46 -32.42
N ASP F 109 24.49 5.63 -33.13
CA ASP F 109 25.47 4.55 -33.27
C ASP F 109 26.23 4.35 -31.95
N TYR F 110 26.90 5.42 -31.53
CA TYR F 110 27.78 5.36 -30.36
C TYR F 110 27.22 6.26 -29.25
N TRP F 111 27.19 5.70 -28.03
CA TRP F 111 26.62 6.40 -26.89
C TRP F 111 27.71 6.66 -25.88
N GLY F 112 27.64 7.83 -25.25
CA GLY F 112 28.50 8.18 -24.14
C GLY F 112 28.10 7.43 -22.87
N GLN F 113 28.91 7.56 -21.82
CA GLN F 113 28.60 6.96 -20.53
C GLN F 113 27.52 7.80 -19.84
N GLY F 114 26.97 7.29 -18.73
CA GLY F 114 25.95 8.01 -18.00
C GLY F 114 26.42 9.34 -17.41
N THR F 115 25.54 10.35 -17.47
CA THR F 115 25.67 11.59 -16.70
C THR F 115 24.45 11.79 -15.81
N LEU F 116 24.61 11.54 -14.50
CA LEU F 116 23.46 11.53 -13.62
C LEU F 116 23.28 12.94 -13.08
N VAL F 117 22.06 13.48 -13.28
CA VAL F 117 21.72 14.78 -12.75
C VAL F 117 20.60 14.56 -11.72
N THR F 118 20.97 14.69 -10.44
CA THR F 118 19.98 14.53 -9.39
C THR F 118 19.46 15.90 -8.99
N VAL F 119 18.15 16.03 -9.13
CA VAL F 119 17.48 17.26 -8.77
C VAL F 119 16.78 17.00 -7.44
N SER F 120 17.25 17.67 -6.39
CA SER F 120 16.57 17.57 -5.11
C SER F 120 16.88 18.79 -4.26
N SER F 121 15.95 19.08 -3.33
CA SER F 121 16.12 20.12 -2.34
C SER F 121 17.29 19.75 -1.43
N ALA F 122 17.35 18.46 -1.05
CA ALA F 122 18.12 18.05 0.11
C ALA F 122 19.59 18.35 -0.11
N SER F 123 20.25 18.78 0.97
CA SER F 123 21.67 19.11 0.96
C SER F 123 22.49 17.83 0.78
N THR F 124 23.61 17.97 0.07
CA THR F 124 24.56 16.89 -0.14
C THR F 124 25.20 16.51 1.19
N LYS F 125 25.53 15.23 1.38
CA LYS F 125 25.93 14.78 2.70
C LYS F 125 27.26 14.04 2.76
N GLY F 126 27.93 13.81 1.63
CA GLY F 126 29.30 13.35 1.68
C GLY F 126 29.44 12.07 2.49
N PRO F 127 30.30 11.14 2.03
CA PRO F 127 30.31 9.77 2.56
C PRO F 127 31.14 9.62 3.81
N SER F 128 30.95 8.50 4.49
CA SER F 128 31.87 8.00 5.51
C SER F 128 32.41 6.66 5.06
N VAL F 129 33.73 6.56 4.89
CA VAL F 129 34.34 5.37 4.31
C VAL F 129 34.98 4.55 5.42
N PHE F 130 34.65 3.25 5.44
CA PHE F 130 35.21 2.33 6.41
C PHE F 130 35.79 1.10 5.71
N PRO F 131 36.89 0.51 6.23
CA PRO F 131 37.45 -0.70 5.63
C PRO F 131 36.79 -1.99 6.14
N LEU F 132 36.42 -2.85 5.21
CA LEU F 132 35.86 -4.16 5.51
C LEU F 132 36.94 -5.22 5.38
N ALA F 133 37.44 -5.68 6.53
CA ALA F 133 38.59 -6.57 6.62
C ALA F 133 38.18 -8.03 6.46
N PRO F 134 38.99 -8.87 5.78
CA PRO F 134 38.69 -10.29 5.65
C PRO F 134 39.17 -11.12 6.83
N SER F 135 38.32 -12.02 7.34
CA SER F 135 38.72 -13.00 8.34
C SER F 135 38.85 -14.38 7.69
N SER F 136 39.49 -15.33 8.39
CA SER F 136 39.56 -16.72 7.96
C SER F 136 38.15 -17.33 8.00
N GLY F 142 41.39 -19.59 0.94
CA GLY F 142 42.54 -19.39 0.04
C GLY F 142 42.38 -18.16 -0.85
N THR F 143 41.12 -17.86 -1.18
CA THR F 143 40.78 -16.56 -1.77
C THR F 143 39.92 -15.76 -0.80
N ALA F 144 40.44 -14.58 -0.45
CA ALA F 144 39.83 -13.71 0.53
C ALA F 144 39.13 -12.55 -0.17
N ALA F 145 38.19 -11.95 0.57
CA ALA F 145 37.46 -10.80 0.09
C ALA F 145 37.77 -9.58 0.97
N LEU F 146 38.23 -8.50 0.33
CA LEU F 146 38.43 -7.23 0.99
C LEU F 146 37.34 -6.27 0.52
N GLY F 147 37.10 -5.22 1.29
CA GLY F 147 36.02 -4.33 0.91
C GLY F 147 36.12 -2.94 1.51
N CYS F 148 35.31 -2.03 0.94
CA CYS F 148 35.13 -0.68 1.46
C CYS F 148 33.65 -0.39 1.58
N LEU F 149 33.26 0.21 2.71
CA LEU F 149 31.88 0.59 2.96
C LEU F 149 31.74 2.11 2.89
N VAL F 150 30.94 2.56 1.92
CA VAL F 150 30.67 3.97 1.73
C VAL F 150 29.27 4.25 2.29
N LYS F 151 29.22 4.81 3.51
CA LYS F 151 27.98 4.89 4.27
C LYS F 151 27.51 6.36 4.32
N ASP F 152 26.19 6.55 4.24
CA ASP F 152 25.50 7.79 4.55
C ASP F 152 26.03 8.94 3.70
N TYR F 153 25.79 8.86 2.39
CA TYR F 153 26.16 9.92 1.48
C TYR F 153 24.97 10.28 0.61
N PHE F 154 24.97 11.50 0.09
CA PHE F 154 23.93 11.94 -0.83
C PHE F 154 24.49 13.09 -1.64
N PRO F 155 24.17 13.20 -2.94
CA PRO F 155 23.44 12.14 -3.66
C PRO F 155 24.39 11.24 -4.44
N GLU F 156 23.84 10.44 -5.34
CA GLU F 156 24.63 9.63 -6.25
C GLU F 156 25.27 10.56 -7.27
N PRO F 157 26.39 10.19 -7.93
CA PRO F 157 27.09 8.93 -7.66
C PRO F 157 28.42 9.09 -6.92
N VAL F 158 28.90 7.96 -6.42
CA VAL F 158 30.24 7.90 -5.83
C VAL F 158 31.07 6.89 -6.62
N THR F 159 32.35 7.21 -6.84
CA THR F 159 33.23 6.39 -7.64
C THR F 159 34.22 5.71 -6.71
N VAL F 160 34.25 4.38 -6.77
CA VAL F 160 35.17 3.60 -5.96
C VAL F 160 36.12 2.84 -6.87
N SER F 161 37.42 3.09 -6.71
CA SER F 161 38.46 2.39 -7.42
C SER F 161 39.39 1.72 -6.41
N TRP F 162 40.28 0.85 -6.91
CA TRP F 162 41.24 0.16 -6.07
C TRP F 162 42.66 0.41 -6.56
N ASN F 163 43.53 0.86 -5.65
CA ASN F 163 44.93 1.15 -5.94
C ASN F 163 45.04 2.14 -7.11
N SER F 164 44.25 3.21 -7.02
CA SER F 164 44.19 4.29 -8.00
C SER F 164 43.85 3.74 -9.39
N GLY F 165 43.07 2.65 -9.43
CA GLY F 165 42.58 2.09 -10.68
C GLY F 165 43.45 0.93 -11.18
N ALA F 166 44.51 0.59 -10.44
CA ALA F 166 45.46 -0.42 -10.86
C ALA F 166 44.97 -1.84 -10.53
N LEU F 167 43.78 -1.96 -9.93
CA LEU F 167 43.21 -3.26 -9.60
C LEU F 167 41.77 -3.33 -10.08
N THR F 168 41.52 -4.14 -11.10
CA THR F 168 40.19 -4.29 -11.69
C THR F 168 39.73 -5.74 -11.67
N SER F 169 40.68 -6.69 -11.53
CA SER F 169 40.37 -8.11 -11.54
C SER F 169 39.66 -8.50 -10.26
N GLY F 170 38.38 -8.90 -10.39
CA GLY F 170 37.61 -9.42 -9.27
C GLY F 170 36.97 -8.32 -8.42
N VAL F 171 36.83 -7.12 -8.98
CA VAL F 171 36.23 -6.01 -8.27
C VAL F 171 34.74 -5.98 -8.57
N HIS F 172 33.93 -5.98 -7.51
CA HIS F 172 32.48 -5.93 -7.60
C HIS F 172 31.99 -4.80 -6.71
N THR F 173 31.56 -3.69 -7.31
CA THR F 173 31.01 -2.57 -6.55
C THR F 173 29.49 -2.71 -6.55
N PHE F 174 28.95 -3.06 -5.38
CA PHE F 174 27.53 -3.35 -5.25
C PHE F 174 26.71 -2.08 -5.46
N PRO F 175 25.45 -2.19 -5.95
CA PRO F 175 24.58 -1.03 -6.10
C PRO F 175 24.29 -0.38 -4.76
N ALA F 176 23.96 0.92 -4.83
CA ALA F 176 23.70 1.70 -3.64
C ALA F 176 22.35 1.29 -3.07
N VAL F 177 22.13 1.63 -1.80
CA VAL F 177 20.87 1.43 -1.12
C VAL F 177 20.34 2.78 -0.66
N LEU F 178 19.08 3.08 -1.00
CA LEU F 178 18.41 4.27 -0.49
C LEU F 178 17.80 3.91 0.86
N GLN F 179 18.41 4.43 1.95
CA GLN F 179 17.97 4.07 3.28
C GLN F 179 16.69 4.81 3.63
N SER F 180 16.10 4.48 4.79
CA SER F 180 14.92 5.18 5.30
C SER F 180 15.25 6.64 5.58
N SER F 181 16.52 6.95 5.84
CA SER F 181 17.00 8.28 6.18
C SER F 181 17.13 9.15 4.93
N GLY F 182 16.92 8.58 3.75
CA GLY F 182 17.07 9.30 2.49
C GLY F 182 18.53 9.44 2.04
N LEU F 183 19.44 8.71 2.70
CA LEU F 183 20.84 8.72 2.33
C LEU F 183 21.20 7.39 1.66
N TYR F 184 22.24 7.46 0.80
CA TYR F 184 22.73 6.30 0.09
C TYR F 184 23.88 5.62 0.85
N SER F 185 24.10 4.36 0.52
CA SER F 185 25.21 3.58 1.06
C SER F 185 25.52 2.45 0.07
N LEU F 186 26.82 2.13 -0.05
CA LEU F 186 27.21 1.01 -0.87
C LEU F 186 28.47 0.35 -0.30
N SER F 187 28.79 -0.80 -0.90
CA SER F 187 29.98 -1.55 -0.59
C SER F 187 30.68 -1.95 -1.88
N SER F 188 32.01 -1.98 -1.83
CA SER F 188 32.81 -2.42 -2.96
C SER F 188 33.76 -3.51 -2.48
N VAL F 189 33.63 -4.69 -3.09
CA VAL F 189 34.39 -5.85 -2.66
C VAL F 189 35.38 -6.24 -3.77
N VAL F 190 36.47 -6.89 -3.35
CA VAL F 190 37.44 -7.40 -4.27
C VAL F 190 37.92 -8.76 -3.77
N THR F 191 38.05 -9.70 -4.72
CA THR F 191 38.51 -11.04 -4.42
C THR F 191 39.99 -11.14 -4.76
N VAL F 192 40.80 -11.52 -3.75
CA VAL F 192 42.24 -11.52 -3.90
C VAL F 192 42.78 -12.80 -3.28
N PRO F 193 43.89 -13.37 -3.81
CA PRO F 193 44.54 -14.51 -3.15
C PRO F 193 45.06 -14.13 -1.76
N SER F 194 44.87 -15.07 -0.81
CA SER F 194 45.26 -14.84 0.57
C SER F 194 46.78 -14.66 0.69
N SER F 195 47.54 -15.30 -0.22
CA SER F 195 49.00 -15.24 -0.21
C SER F 195 49.51 -13.80 -0.34
N SER F 196 48.75 -12.96 -1.07
CA SER F 196 49.15 -11.59 -1.29
C SER F 196 48.74 -10.65 -0.15
N LEU F 197 48.09 -11.21 0.89
CA LEU F 197 47.58 -10.40 1.99
C LEU F 197 48.69 -9.64 2.71
N GLY F 198 49.92 -10.19 2.71
CA GLY F 198 51.00 -9.58 3.47
C GLY F 198 52.02 -8.86 2.57
N THR F 199 51.99 -9.16 1.27
CA THR F 199 52.98 -8.64 0.34
C THR F 199 52.51 -7.31 -0.26
N GLN F 200 51.25 -7.28 -0.74
CA GLN F 200 50.72 -6.13 -1.45
C GLN F 200 49.81 -5.30 -0.53
N THR F 201 49.87 -3.98 -0.67
CA THR F 201 48.97 -3.07 0.03
C THR F 201 47.74 -2.84 -0.85
N TYR F 202 46.57 -2.77 -0.20
CA TYR F 202 45.29 -2.65 -0.90
C TYR F 202 44.57 -1.39 -0.42
N ILE F 203 44.57 -0.37 -1.29
CA ILE F 203 43.94 0.89 -0.97
C ILE F 203 42.68 1.00 -1.83
N CYS F 204 41.59 1.44 -1.18
CA CYS F 204 40.38 1.78 -1.91
C CYS F 204 40.22 3.30 -1.95
N ASN F 205 39.90 3.82 -3.13
CA ASN F 205 39.76 5.24 -3.35
C ASN F 205 38.29 5.57 -3.62
N VAL F 206 37.70 6.36 -2.73
CA VAL F 206 36.33 6.79 -2.86
C VAL F 206 36.32 8.27 -3.23
N ASN F 207 35.51 8.61 -4.25
CA ASN F 207 35.42 9.96 -4.76
C ASN F 207 33.95 10.33 -4.89
N HIS F 208 33.52 11.31 -4.09
CA HIS F 208 32.18 11.87 -4.17
C HIS F 208 32.30 13.31 -4.66
N LYS F 209 31.98 13.52 -5.95
CA LYS F 209 32.18 14.79 -6.63
C LYS F 209 31.22 15.84 -6.11
N PRO F 210 29.92 15.55 -5.88
CA PRO F 210 28.99 16.55 -5.36
C PRO F 210 29.46 17.25 -4.07
N SER F 211 30.28 16.55 -3.28
CA SER F 211 30.77 17.09 -2.03
C SER F 211 32.27 17.34 -2.07
N ASN F 212 32.92 17.08 -3.22
CA ASN F 212 34.36 17.26 -3.35
C ASN F 212 35.11 16.48 -2.27
N THR F 213 34.64 15.26 -1.99
CA THR F 213 35.21 14.41 -0.96
C THR F 213 36.01 13.29 -1.60
N LYS F 214 37.28 13.17 -1.17
CA LYS F 214 38.16 12.13 -1.64
C LYS F 214 38.75 11.43 -0.42
N VAL F 215 38.52 10.12 -0.35
CA VAL F 215 38.95 9.33 0.80
C VAL F 215 39.71 8.10 0.30
N ASP F 216 40.96 7.95 0.76
CA ASP F 216 41.70 6.72 0.61
C ASP F 216 41.52 5.89 1.87
N LYS F 217 41.49 4.57 1.71
CA LYS F 217 41.40 3.70 2.88
C LYS F 217 42.16 2.40 2.66
N LYS F 218 42.99 2.02 3.64
CA LYS F 218 43.75 0.78 3.57
C LYS F 218 42.96 -0.32 4.26
N VAL F 219 42.69 -1.39 3.52
CA VAL F 219 41.99 -2.54 4.09
C VAL F 219 43.00 -3.63 4.42
N GLU F 220 43.20 -3.90 5.71
CA GLU F 220 44.06 -5.00 6.16
C GLU F 220 43.31 -5.84 7.20
N PRO F 221 43.66 -7.13 7.40
CA PRO F 221 43.12 -7.91 8.51
C PRO F 221 43.46 -7.29 9.87
N LYS F 222 42.52 -7.38 10.80
CA LYS F 222 42.63 -6.86 12.15
C LYS F 222 43.66 -7.60 13.02
N SER F 223 44.33 -6.83 13.88
CA SER F 223 45.27 -7.34 14.87
C SER F 223 44.69 -7.48 16.29
N CYS F 224 45.59 -7.84 17.21
CA CYS F 224 45.27 -7.99 18.63
C CYS F 224 44.96 -6.62 19.27
N GLN G 1 -1.88 11.70 -29.14
CA GLN G 1 -1.61 10.48 -29.94
C GLN G 1 -0.15 10.49 -30.42
N SER G 2 0.21 9.50 -31.24
CA SER G 2 1.56 9.35 -31.75
C SER G 2 2.51 8.92 -30.62
N ALA G 3 2.20 7.78 -30.02
CA ALA G 3 3.07 7.13 -29.05
C ALA G 3 3.40 5.74 -29.59
N LEU G 4 4.13 4.96 -28.78
CA LEU G 4 4.49 3.61 -29.20
C LEU G 4 4.18 2.62 -28.08
N THR G 5 3.66 1.48 -28.49
CA THR G 5 3.29 0.45 -27.55
C THR G 5 4.19 -0.74 -27.81
N GLN G 6 4.99 -1.00 -26.80
CA GLN G 6 5.86 -2.15 -26.85
C GLN G 6 5.49 -2.99 -25.64
N PRO G 7 5.27 -4.30 -25.87
CA PRO G 7 4.65 -5.16 -24.88
C PRO G 7 5.84 -5.33 -23.94
N PRO G 8 5.58 -5.27 -22.63
CA PRO G 8 6.63 -5.13 -21.63
C PRO G 8 7.49 -6.39 -21.59
N SER G 9 6.82 -7.55 -21.60
CA SER G 9 7.56 -8.76 -21.30
C SER G 9 7.51 -9.70 -22.51
N ALA G 10 8.90 -9.71 -23.14
CA ALA G 10 8.89 -10.87 -24.06
C ALA G 10 9.92 -11.87 -23.54
N SER G 11 9.59 -13.14 -23.67
CA SER G 11 10.51 -14.17 -23.24
C SER G 11 10.67 -15.21 -24.34
N GLY G 12 11.82 -15.88 -24.31
CA GLY G 12 12.12 -16.89 -25.29
C GLY G 12 13.03 -17.96 -24.70
N SER G 13 13.36 -18.93 -25.55
CA SER G 13 14.21 -20.06 -25.20
C SER G 13 15.41 -20.09 -26.14
N PRO G 14 16.55 -20.66 -25.70
CA PRO G 14 17.78 -20.66 -26.51
C PRO G 14 17.58 -21.41 -27.81
N GLY G 15 18.17 -20.87 -28.89
CA GLY G 15 18.04 -21.46 -30.22
C GLY G 15 16.79 -20.99 -30.94
N GLN G 16 15.71 -20.71 -30.19
CA GLN G 16 14.45 -20.24 -30.76
C GLN G 16 14.62 -18.82 -31.31
N SER G 17 13.52 -18.29 -31.83
CA SER G 17 13.48 -16.90 -32.27
C SER G 17 12.34 -16.18 -31.56
N VAL G 18 12.61 -14.95 -31.10
CA VAL G 18 11.60 -14.11 -30.49
C VAL G 18 11.30 -12.92 -31.41
N THR G 19 10.01 -12.58 -31.49
CA THR G 19 9.56 -11.41 -32.23
C THR G 19 9.00 -10.39 -31.26
N ILE G 20 9.68 -9.24 -31.15
CA ILE G 20 9.25 -8.14 -30.30
C ILE G 20 8.53 -7.12 -31.18
N SER G 21 7.34 -6.71 -30.74
CA SER G 21 6.52 -5.79 -31.52
C SER G 21 6.67 -4.36 -31.00
N CYS G 22 6.41 -3.39 -31.89
CA CYS G 22 6.44 -1.98 -31.58
C CYS G 22 5.37 -1.28 -32.42
N THR G 23 4.21 -1.04 -31.82
CA THR G 23 3.05 -0.58 -32.57
C THR G 23 2.92 0.93 -32.44
N GLY G 24 2.78 1.58 -33.61
CA GLY G 24 2.53 3.01 -33.65
C GLY G 24 1.27 3.33 -34.43
N THR G 25 1.22 4.56 -34.96
CA THR G 25 0.12 4.99 -35.80
C THR G 25 0.66 5.25 -37.21
N SER G 26 -0.23 5.74 -38.07
CA SER G 26 0.11 6.02 -39.46
C SER G 26 1.11 7.17 -39.52
N SER G 27 1.07 8.08 -38.54
CA SER G 27 1.83 9.32 -38.60
C SER G 27 3.28 9.14 -38.15
N ASP G 28 3.59 8.01 -37.49
CA ASP G 28 4.91 7.81 -36.93
C ASP G 28 5.59 6.60 -37.56
N VAL G 29 4.99 5.41 -37.37
CA VAL G 29 5.63 4.18 -37.78
C VAL G 29 5.07 3.72 -39.12
N GLY G 30 3.78 3.98 -39.36
CA GLY G 30 3.11 3.46 -40.54
C GLY G 30 3.54 4.16 -41.83
N GLY G 31 3.79 5.46 -41.70
CA GLY G 31 3.98 6.35 -42.84
C GLY G 31 5.42 6.40 -43.34
N TYR G 32 6.37 6.43 -42.40
CA TYR G 32 7.76 6.64 -42.75
C TYR G 32 8.62 5.48 -42.25
N ASN G 33 9.83 5.38 -42.80
CA ASN G 33 10.69 4.21 -42.64
C ASN G 33 11.91 4.52 -41.77
N TYR G 34 11.71 5.34 -40.74
CA TYR G 34 12.79 5.64 -39.80
C TYR G 34 12.48 5.04 -38.44
N VAL G 35 12.87 3.77 -38.29
CA VAL G 35 12.67 3.02 -37.05
C VAL G 35 14.03 2.52 -36.57
N SER G 36 14.22 2.53 -35.26
CA SER G 36 15.47 2.09 -34.68
C SER G 36 15.16 1.18 -33.49
N TRP G 37 16.02 0.17 -33.30
CA TRP G 37 15.93 -0.74 -32.16
C TRP G 37 17.22 -0.67 -31.35
N TYR G 38 17.10 -0.37 -30.06
CA TYR G 38 18.24 -0.29 -29.17
C TYR G 38 18.15 -1.41 -28.13
N GLN G 39 19.31 -2.01 -27.84
CA GLN G 39 19.42 -2.99 -26.78
C GLN G 39 20.21 -2.35 -25.64
N GLN G 40 19.69 -2.51 -24.41
CA GLN G 40 20.33 -1.95 -23.23
C GLN G 40 20.36 -2.98 -22.12
N HIS G 41 21.57 -3.34 -21.68
CA HIS G 41 21.71 -4.20 -20.51
C HIS G 41 21.58 -3.32 -19.27
N PRO G 42 20.97 -3.81 -18.17
CA PRO G 42 20.84 -3.00 -16.96
C PRO G 42 22.21 -2.49 -16.49
N GLY G 43 22.30 -1.16 -16.34
CA GLY G 43 23.49 -0.51 -15.85
C GLY G 43 24.42 -0.03 -16.97
N LYS G 44 24.14 -0.45 -18.20
CA LYS G 44 24.97 -0.08 -19.35
C LYS G 44 24.23 0.92 -20.23
N ALA G 45 24.97 1.54 -21.15
CA ALA G 45 24.37 2.47 -22.10
C ALA G 45 23.67 1.69 -23.20
N PRO G 46 22.62 2.24 -23.83
CA PRO G 46 21.98 1.62 -24.98
C PRO G 46 22.95 1.43 -26.15
N LYS G 47 22.71 0.37 -26.92
CA LYS G 47 23.49 0.06 -28.11
C LYS G 47 22.52 -0.09 -29.29
N LEU G 48 22.93 0.47 -30.43
CA LEU G 48 22.09 0.39 -31.62
C LEU G 48 22.17 -1.01 -32.23
N MET G 49 21.00 -1.59 -32.51
CA MET G 49 20.89 -2.91 -33.12
C MET G 49 20.29 -2.83 -34.52
N ILE G 50 19.34 -1.91 -34.71
CA ILE G 50 18.74 -1.73 -36.02
C ILE G 50 18.52 -0.23 -36.28
N TYR G 51 18.92 0.22 -37.48
CA TYR G 51 18.87 1.63 -37.81
C TYR G 51 18.24 1.82 -39.18
N GLU G 52 16.95 1.51 -39.25
CA GLU G 52 16.03 1.81 -40.33
C GLU G 52 14.98 0.74 -40.13
N VAL G 53 13.96 0.66 -40.98
CA VAL G 53 13.09 -0.50 -40.85
C VAL G 53 13.93 -1.77 -40.70
N ASN G 54 14.86 -1.99 -41.63
CA ASN G 54 15.72 -3.17 -41.56
C ASN G 54 17.12 -2.78 -42.00
N LYS G 55 18.02 -2.53 -41.03
CA LYS G 55 19.43 -2.38 -41.37
C LYS G 55 20.30 -2.64 -40.13
N ARG G 56 21.15 -3.64 -40.20
CA ARG G 56 22.05 -3.98 -39.12
C ARG G 56 23.32 -3.13 -39.28
N PRO G 57 23.73 -2.35 -38.27
CA PRO G 57 25.01 -1.63 -38.32
C PRO G 57 26.22 -2.55 -38.13
N SER G 58 27.40 -2.01 -38.43
CA SER G 58 28.66 -2.74 -38.36
C SER G 58 28.89 -3.22 -36.93
N GLY G 59 28.85 -4.54 -36.74
CA GLY G 59 29.16 -5.13 -35.45
C GLY G 59 27.95 -5.80 -34.78
N VAL G 60 26.78 -5.69 -35.41
CA VAL G 60 25.59 -6.35 -34.91
C VAL G 60 25.46 -7.71 -35.60
N PRO G 61 25.33 -8.83 -34.84
CA PRO G 61 25.14 -10.14 -35.44
C PRO G 61 23.93 -10.22 -36.36
N ASP G 62 23.96 -11.15 -37.31
CA ASP G 62 22.91 -11.27 -38.32
C ASP G 62 21.64 -11.86 -37.69
N ARG G 63 21.72 -12.28 -36.43
CA ARG G 63 20.60 -12.90 -35.74
C ARG G 63 19.47 -11.88 -35.60
N PHE G 64 19.83 -10.63 -35.30
CA PHE G 64 18.87 -9.55 -35.14
C PHE G 64 18.43 -9.05 -36.51
N SER G 65 17.13 -9.20 -36.80
CA SER G 65 16.59 -8.81 -38.07
C SER G 65 15.34 -7.97 -37.82
N GLY G 66 15.33 -6.77 -38.38
CA GLY G 66 14.19 -5.86 -38.25
C GLY G 66 13.20 -6.05 -39.40
N SER G 67 11.95 -5.68 -39.17
CA SER G 67 10.93 -5.70 -40.19
C SER G 67 9.82 -4.72 -39.82
N LYS G 68 8.86 -4.57 -40.72
CA LYS G 68 7.76 -3.66 -40.53
C LYS G 68 6.54 -4.22 -41.27
N SER G 69 5.36 -3.95 -40.71
CA SER G 69 4.11 -4.36 -41.31
C SER G 69 3.04 -3.37 -40.87
N GLY G 70 2.54 -2.58 -41.82
CA GLY G 70 1.49 -1.61 -41.51
C GLY G 70 1.97 -0.59 -40.48
N ASN G 71 1.42 -0.66 -39.27
CA ASN G 71 1.74 0.29 -38.20
C ASN G 71 2.55 -0.38 -37.10
N THR G 72 3.11 -1.56 -37.40
CA THR G 72 3.82 -2.32 -36.38
C THR G 72 5.21 -2.74 -36.89
N ALA G 73 6.25 -2.26 -36.21
CA ALA G 73 7.61 -2.73 -36.47
C ALA G 73 7.87 -3.96 -35.61
N SER G 74 8.82 -4.78 -36.04
CA SER G 74 9.10 -6.02 -35.33
C SER G 74 10.60 -6.34 -35.41
N LEU G 75 11.20 -6.62 -34.25
CA LEU G 75 12.57 -7.07 -34.20
C LEU G 75 12.57 -8.56 -33.90
N THR G 76 13.30 -9.33 -34.72
CA THR G 76 13.36 -10.78 -34.57
C THR G 76 14.78 -11.18 -34.19
N VAL G 77 14.89 -11.85 -33.04
CA VAL G 77 16.17 -12.32 -32.56
C VAL G 77 16.25 -13.81 -32.80
N SER G 78 17.23 -14.21 -33.61
CA SER G 78 17.43 -15.60 -33.98
C SER G 78 18.55 -16.14 -33.10
N GLY G 79 18.60 -17.46 -32.98
CA GLY G 79 19.64 -18.13 -32.21
C GLY G 79 19.86 -17.45 -30.87
N LEU G 80 18.82 -17.47 -30.03
CA LEU G 80 18.84 -16.76 -28.76
C LEU G 80 19.96 -17.30 -27.88
N GLN G 81 20.69 -16.37 -27.26
CA GLN G 81 21.71 -16.70 -26.29
C GLN G 81 21.43 -15.96 -24.98
N ALA G 82 22.18 -16.31 -23.94
CA ALA G 82 22.01 -15.69 -22.63
C ALA G 82 22.33 -14.21 -22.69
N GLU G 83 23.23 -13.81 -23.59
CA GLU G 83 23.64 -12.41 -23.70
C GLU G 83 22.47 -11.53 -24.15
N ASP G 84 21.47 -12.11 -24.80
CA ASP G 84 20.37 -11.34 -25.37
C ASP G 84 19.37 -10.91 -24.29
N GLU G 85 19.60 -11.32 -23.04
CA GLU G 85 18.72 -10.97 -21.94
C GLU G 85 18.96 -9.51 -21.56
N ALA G 86 18.15 -8.62 -22.12
CA ALA G 86 18.31 -7.18 -21.95
C ALA G 86 16.98 -6.47 -22.24
N ASP G 87 17.01 -5.15 -22.14
CA ASP G 87 15.84 -4.32 -22.40
C ASP G 87 15.96 -3.77 -23.82
N TYR G 88 14.88 -3.95 -24.61
CA TYR G 88 14.90 -3.55 -26.00
C TYR G 88 13.90 -2.44 -26.25
N TYR G 89 14.39 -1.28 -26.72
CA TYR G 89 13.55 -0.11 -26.96
C TYR G 89 13.47 0.15 -28.46
N CYS G 90 12.32 0.67 -28.92
CA CYS G 90 12.14 1.09 -30.30
C CYS G 90 11.90 2.60 -30.38
N SER G 91 12.49 3.22 -31.40
CA SER G 91 12.37 4.65 -31.62
C SER G 91 11.90 4.88 -33.06
N SER G 92 11.13 5.95 -33.27
CA SER G 92 10.58 6.22 -34.59
C SER G 92 10.40 7.72 -34.82
N TYR G 93 10.33 8.09 -36.10
CA TYR G 93 10.13 9.45 -36.53
C TYR G 93 8.66 9.80 -36.33
N ALA G 94 8.40 10.81 -35.49
CA ALA G 94 7.03 11.23 -35.24
C ALA G 94 6.73 12.55 -35.95
N GLY G 95 7.67 13.02 -36.77
CA GLY G 95 7.52 14.33 -37.40
C GLY G 95 8.82 15.14 -37.31
N SER G 96 8.90 16.25 -38.06
CA SER G 96 10.04 17.14 -37.93
C SER G 96 10.11 17.62 -36.48
N ASN G 97 11.28 17.43 -35.87
CA ASN G 97 11.55 17.84 -34.50
C ASN G 97 10.76 17.00 -33.49
N ASN G 98 10.57 15.71 -33.79
CA ASN G 98 9.88 14.83 -32.86
C ASN G 98 10.34 13.39 -33.06
N LEU G 99 10.91 12.82 -32.00
CA LEU G 99 11.39 11.44 -31.99
C LEU G 99 10.77 10.77 -30.76
N VAL G 100 10.17 9.60 -30.99
CA VAL G 100 9.39 8.93 -29.96
C VAL G 100 10.03 7.58 -29.65
N PHE G 101 10.21 7.30 -28.35
CA PHE G 101 10.70 6.01 -27.90
C PHE G 101 9.55 5.15 -27.39
N GLY G 102 9.81 3.85 -27.25
CA GLY G 102 8.83 2.91 -26.76
C GLY G 102 9.06 2.59 -25.29
N GLY G 103 8.11 1.81 -24.73
CA GLY G 103 8.10 1.47 -23.31
C GLY G 103 9.21 0.50 -22.94
N GLY G 104 9.65 -0.28 -23.93
CA GLY G 104 10.70 -1.25 -23.64
C GLY G 104 10.17 -2.65 -23.38
N THR G 105 10.94 -3.64 -23.86
CA THR G 105 10.61 -5.04 -23.71
C THR G 105 11.77 -5.74 -23.02
N LYS G 106 11.44 -6.35 -21.87
CA LYS G 106 12.44 -7.05 -21.08
C LYS G 106 12.49 -8.49 -21.59
N LEU G 107 13.48 -8.79 -22.43
CA LEU G 107 13.58 -10.11 -23.03
C LEU G 107 14.25 -11.06 -22.04
N THR G 108 13.56 -12.15 -21.73
CA THR G 108 14.09 -13.14 -20.80
C THR G 108 14.44 -14.41 -21.56
N VAL G 109 15.68 -14.87 -21.45
CA VAL G 109 16.12 -16.12 -22.06
C VAL G 109 15.79 -17.28 -21.12
N LEU G 110 15.22 -18.35 -21.68
CA LEU G 110 14.53 -19.31 -20.83
C LEU G 110 15.43 -20.36 -20.19
N GLY G 111 16.48 -20.81 -20.89
CA GLY G 111 17.41 -21.73 -20.27
C GLY G 111 18.00 -21.14 -19.00
N GLN G 112 17.52 -21.61 -17.84
CA GLN G 112 17.83 -20.99 -16.57
C GLN G 112 18.40 -22.07 -15.66
N PRO G 113 19.71 -22.02 -15.41
CA PRO G 113 20.32 -22.86 -14.36
C PRO G 113 20.20 -22.17 -13.01
N LYS G 114 19.32 -22.68 -12.13
CA LYS G 114 19.18 -22.04 -10.82
C LYS G 114 20.51 -22.14 -10.05
N ALA G 115 20.92 -21.03 -9.43
CA ALA G 115 22.23 -20.94 -8.80
C ALA G 115 22.07 -20.48 -7.36
N ALA G 116 22.82 -21.14 -6.48
CA ALA G 116 22.81 -20.84 -5.06
C ALA G 116 23.46 -19.48 -4.84
N PRO G 117 22.96 -18.69 -3.86
CA PRO G 117 23.55 -17.40 -3.55
C PRO G 117 24.89 -17.49 -2.82
N SER G 118 25.87 -16.73 -3.30
CA SER G 118 27.17 -16.60 -2.67
C SER G 118 27.14 -15.42 -1.68
N VAL G 119 27.29 -15.72 -0.38
CA VAL G 119 27.06 -14.75 0.68
C VAL G 119 28.36 -14.46 1.42
N THR G 120 28.60 -13.17 1.68
CA THR G 120 29.78 -12.69 2.41
C THR G 120 29.34 -11.71 3.49
N LEU G 121 29.74 -11.97 4.73
CA LEU G 121 29.32 -11.16 5.86
C LEU G 121 30.53 -10.45 6.46
N PHE G 122 30.42 -9.12 6.55
CA PHE G 122 31.48 -8.28 7.09
C PHE G 122 31.02 -7.69 8.41
N PRO G 123 31.85 -7.78 9.48
CA PRO G 123 31.52 -7.14 10.76
C PRO G 123 31.89 -5.66 10.70
N PRO G 124 31.55 -4.86 11.74
CA PRO G 124 31.87 -3.43 11.74
C PRO G 124 33.38 -3.20 11.79
N SER G 125 33.81 -2.04 11.31
CA SER G 125 35.21 -1.66 11.33
C SER G 125 35.56 -1.01 12.67
N SER G 126 36.84 -1.06 13.01
CA SER G 126 37.34 -0.49 14.24
C SER G 126 37.10 1.02 14.23
N GLU G 127 37.26 1.66 13.07
CA GLU G 127 37.08 3.10 12.97
C GLU G 127 35.63 3.46 13.21
N GLU G 128 34.71 2.62 12.72
CA GLU G 128 33.29 2.89 12.88
C GLU G 128 32.88 2.67 14.33
N LEU G 129 33.43 1.64 14.97
CA LEU G 129 33.14 1.39 16.36
C LEU G 129 33.68 2.53 17.23
N GLN G 130 34.80 3.13 16.81
CA GLN G 130 35.39 4.26 17.50
C GLN G 130 34.61 5.53 17.21
N ALA G 131 33.61 5.45 16.33
CA ALA G 131 32.76 6.59 16.04
C ALA G 131 31.34 6.36 16.57
N ASN G 132 31.21 5.43 17.53
CA ASN G 132 29.96 5.14 18.24
C ASN G 132 28.90 4.66 17.27
N LYS G 133 29.31 3.98 16.20
CA LYS G 133 28.38 3.40 15.24
C LYS G 133 28.86 2.01 14.85
N ALA G 134 27.97 1.21 14.26
CA ALA G 134 28.31 -0.12 13.78
C ALA G 134 27.39 -0.49 12.63
N THR G 135 27.94 -1.24 11.66
CA THR G 135 27.15 -1.67 10.53
C THR G 135 27.62 -3.05 10.09
N LEU G 136 26.71 -4.03 10.15
CA LEU G 136 26.96 -5.33 9.56
C LEU G 136 26.62 -5.27 8.07
N VAL G 137 27.46 -5.87 7.23
CA VAL G 137 27.24 -5.88 5.80
C VAL G 137 27.11 -7.31 5.31
N CYS G 138 26.01 -7.60 4.61
CA CYS G 138 25.73 -8.91 4.07
C CYS G 138 25.57 -8.77 2.55
N LEU G 139 26.55 -9.29 1.81
CA LEU G 139 26.58 -9.15 0.36
C LEU G 139 26.28 -10.49 -0.31
N ILE G 140 25.31 -10.46 -1.23
CA ILE G 140 24.84 -11.65 -1.91
C ILE G 140 25.06 -11.48 -3.41
N SER G 141 25.76 -12.44 -4.02
CA SER G 141 26.09 -12.36 -5.43
C SER G 141 25.89 -13.72 -6.09
N ASP G 142 25.67 -13.70 -7.41
CA ASP G 142 25.71 -14.87 -8.27
C ASP G 142 24.60 -15.85 -7.89
N PHE G 143 23.36 -15.36 -7.83
CA PHE G 143 22.21 -16.22 -7.60
C PHE G 143 21.18 -16.03 -8.70
N TYR G 144 20.30 -17.04 -8.86
CA TYR G 144 19.27 -17.02 -9.88
C TYR G 144 18.16 -17.99 -9.47
N PRO G 145 16.87 -17.61 -9.52
CA PRO G 145 16.42 -16.27 -9.95
C PRO G 145 16.68 -15.18 -8.91
N GLY G 146 16.30 -13.93 -9.26
CA GLY G 146 16.58 -12.78 -8.40
C GLY G 146 15.55 -12.59 -7.30
N ALA G 147 15.39 -13.61 -6.46
CA ALA G 147 14.40 -13.56 -5.39
C ALA G 147 15.00 -14.21 -4.15
N VAL G 148 15.45 -13.36 -3.21
CA VAL G 148 16.04 -13.82 -1.97
C VAL G 148 15.37 -13.07 -0.82
N THR G 149 15.37 -13.69 0.37
CA THR G 149 14.84 -13.09 1.59
C THR G 149 15.93 -13.09 2.65
N VAL G 150 16.15 -11.93 3.27
CA VAL G 150 17.22 -11.75 4.21
C VAL G 150 16.64 -11.69 5.62
N ALA G 151 17.28 -12.42 6.56
CA ALA G 151 16.91 -12.41 7.96
C ALA G 151 18.14 -12.20 8.82
N TRP G 152 17.99 -11.43 9.90
CA TRP G 152 19.06 -11.14 10.83
C TRP G 152 18.74 -11.75 12.19
N LYS G 153 19.72 -12.47 12.74
CA LYS G 153 19.52 -13.17 14.00
C LYS G 153 20.53 -12.68 15.02
N ALA G 154 20.03 -12.31 16.20
CA ALA G 154 20.86 -11.98 17.35
C ALA G 154 21.02 -13.20 18.25
N ASP G 155 22.06 -14.00 17.95
CA ASP G 155 22.44 -15.19 18.68
C ASP G 155 21.54 -16.36 18.30
N SER G 156 20.24 -16.09 18.19
CA SER G 156 19.25 -17.05 17.72
C SER G 156 18.04 -16.32 17.19
N SER G 157 17.79 -15.13 17.76
CA SER G 157 16.53 -14.41 17.70
C SER G 157 16.52 -13.35 16.59
N PRO G 158 15.39 -13.19 15.87
CA PRO G 158 15.31 -12.26 14.74
C PRO G 158 15.41 -10.80 15.19
N VAL G 159 16.04 -9.98 14.34
CA VAL G 159 16.11 -8.54 14.53
C VAL G 159 15.55 -7.88 13.28
N LYS G 160 14.48 -7.10 13.44
CA LYS G 160 13.76 -6.52 12.31
C LYS G 160 14.03 -5.01 12.22
N ALA G 161 14.70 -4.45 13.23
CA ALA G 161 14.95 -3.02 13.28
C ALA G 161 16.37 -2.70 12.81
N GLY G 162 16.49 -1.63 12.03
CA GLY G 162 17.77 -1.14 11.54
C GLY G 162 18.27 -1.88 10.32
N VAL G 163 17.39 -2.61 9.63
CA VAL G 163 17.75 -3.39 8.45
C VAL G 163 17.40 -2.59 7.20
N GLU G 164 18.33 -2.57 6.24
CA GLU G 164 18.13 -1.92 4.95
C GLU G 164 18.62 -2.90 3.88
N THR G 165 17.68 -3.53 3.16
CA THR G 165 18.03 -4.50 2.13
C THR G 165 17.68 -3.94 0.75
N THR G 166 18.64 -4.04 -0.19
CA THR G 166 18.44 -3.52 -1.53
C THR G 166 17.58 -4.48 -2.33
N THR G 167 17.03 -3.95 -3.43
CA THR G 167 16.31 -4.76 -4.39
C THR G 167 17.31 -5.47 -5.28
N PRO G 168 17.11 -6.78 -5.60
CA PRO G 168 18.04 -7.51 -6.46
C PRO G 168 18.22 -6.85 -7.83
N SER G 169 19.48 -6.80 -8.28
CA SER G 169 19.81 -6.22 -9.57
C SER G 169 20.64 -7.21 -10.38
N LYS G 170 20.43 -7.19 -11.70
CA LYS G 170 21.10 -8.14 -12.58
C LYS G 170 22.57 -7.74 -12.73
N GLN G 171 23.46 -8.74 -12.66
CA GLN G 171 24.89 -8.53 -12.84
C GLN G 171 25.24 -8.62 -14.33
N SER G 172 26.55 -8.57 -14.62
CA SER G 172 27.04 -8.70 -15.98
C SER G 172 26.95 -10.14 -16.45
N ASN G 173 27.14 -11.08 -15.52
CA ASN G 173 27.16 -12.50 -15.82
C ASN G 173 25.76 -13.10 -15.77
N ASN G 174 24.73 -12.25 -15.92
CA ASN G 174 23.34 -12.64 -16.04
C ASN G 174 22.73 -13.13 -14.72
N LYS G 175 23.55 -13.25 -13.67
CA LYS G 175 23.05 -13.60 -12.35
C LYS G 175 22.69 -12.33 -11.59
N TYR G 176 22.18 -12.48 -10.36
CA TYR G 176 21.71 -11.35 -9.58
C TYR G 176 22.60 -11.10 -8.37
N ALA G 177 22.53 -9.87 -7.85
CA ALA G 177 23.27 -9.47 -6.69
C ALA G 177 22.43 -8.53 -5.83
N ALA G 178 22.61 -8.63 -4.51
CA ALA G 178 21.96 -7.74 -3.57
C ALA G 178 22.85 -7.53 -2.35
N SER G 179 22.57 -6.44 -1.62
CA SER G 179 23.25 -6.14 -0.38
C SER G 179 22.22 -5.87 0.71
N SER G 180 22.64 -6.07 1.97
CA SER G 180 21.80 -5.81 3.12
C SER G 180 22.66 -5.30 4.26
N TYR G 181 22.30 -4.13 4.80
CA TYR G 181 23.06 -3.49 5.85
C TYR G 181 22.22 -3.46 7.12
N LEU G 182 22.84 -3.87 8.23
CA LEU G 182 22.21 -3.78 9.54
C LEU G 182 22.96 -2.75 10.38
N SER G 183 22.31 -1.60 10.62
CA SER G 183 22.89 -0.55 11.43
C SER G 183 22.61 -0.87 12.90
N LEU G 184 23.69 -0.89 13.70
CA LEU G 184 23.61 -1.19 15.12
C LEU G 184 24.50 -0.23 15.89
N THR G 185 24.36 -0.23 17.22
CA THR G 185 25.21 0.50 18.13
C THR G 185 26.32 -0.41 18.63
N PRO G 186 27.50 0.12 19.02
CA PRO G 186 28.60 -0.71 19.50
C PRO G 186 28.20 -1.57 20.71
N GLU G 187 27.26 -1.05 21.51
CA GLU G 187 26.76 -1.75 22.68
C GLU G 187 26.09 -3.05 22.23
N GLN G 188 25.15 -2.95 21.28
CA GLN G 188 24.42 -4.09 20.77
C GLN G 188 25.39 -5.09 20.14
N TRP G 189 26.44 -4.56 19.49
CA TRP G 189 27.40 -5.41 18.79
C TRP G 189 28.19 -6.24 19.79
N LYS G 190 28.70 -5.58 20.84
CA LYS G 190 29.61 -6.21 21.79
C LYS G 190 28.84 -6.92 22.91
N SER G 191 27.50 -6.89 22.86
CA SER G 191 26.69 -7.47 23.93
C SER G 191 26.09 -8.81 23.51
N HIS G 192 26.41 -9.27 22.30
CA HIS G 192 25.87 -10.53 21.78
C HIS G 192 27.02 -11.48 21.47
N ARG G 193 26.74 -12.79 21.55
CA ARG G 193 27.73 -13.83 21.27
C ARG G 193 28.12 -13.77 19.79
N SER G 194 27.12 -13.76 18.91
CA SER G 194 27.34 -13.71 17.47
C SER G 194 26.08 -13.21 16.76
N TYR G 195 26.29 -12.50 15.65
CA TYR G 195 25.19 -12.15 14.76
C TYR G 195 25.25 -13.04 13.52
N SER G 196 24.10 -13.18 12.86
CA SER G 196 24.03 -14.02 11.68
C SER G 196 23.13 -13.38 10.63
N CYS G 197 23.55 -13.51 9.37
CA CYS G 197 22.77 -13.15 8.21
C CYS G 197 22.35 -14.42 7.48
N GLN G 198 21.03 -14.62 7.34
CA GLN G 198 20.48 -15.77 6.65
C GLN G 198 19.85 -15.31 5.34
N VAL G 199 20.19 -16.03 4.26
CA VAL G 199 19.64 -15.75 2.94
C VAL G 199 18.87 -16.98 2.50
N THR G 200 17.55 -16.81 2.31
CA THR G 200 16.69 -17.88 1.82
C THR G 200 16.45 -17.68 0.34
N HIS G 201 16.64 -18.75 -0.45
CA HIS G 201 16.48 -18.69 -1.89
C HIS G 201 15.94 -20.03 -2.40
N GLU G 202 14.73 -20.01 -2.97
CA GLU G 202 14.11 -21.19 -3.58
C GLU G 202 14.12 -22.35 -2.59
N GLY G 203 13.68 -22.08 -1.34
CA GLY G 203 13.57 -23.12 -0.33
C GLY G 203 14.88 -23.36 0.42
N SER G 204 16.01 -23.18 -0.26
CA SER G 204 17.32 -23.37 0.34
C SER G 204 17.67 -22.17 1.21
N THR G 205 18.66 -22.35 2.10
CA THR G 205 19.10 -21.32 3.02
C THR G 205 20.61 -21.32 3.17
N VAL G 206 21.19 -20.13 3.32
CA VAL G 206 22.61 -19.98 3.54
C VAL G 206 22.78 -19.02 4.72
N GLU G 207 23.54 -19.47 5.72
CA GLU G 207 23.75 -18.69 6.93
C GLU G 207 25.23 -18.31 7.04
N LYS G 208 25.48 -17.06 7.41
CA LYS G 208 26.81 -16.58 7.73
C LYS G 208 26.79 -15.91 9.09
N THR G 209 27.75 -16.26 9.94
CA THR G 209 27.82 -15.75 11.30
C THR G 209 29.06 -14.87 11.47
N VAL G 210 28.99 -13.97 12.46
CA VAL G 210 30.11 -13.10 12.77
C VAL G 210 30.10 -12.76 14.26
N ALA G 211 31.30 -12.71 14.86
CA ALA G 211 31.47 -12.50 16.28
C ALA G 211 32.51 -11.40 16.53
N PRO G 212 32.43 -10.64 17.65
CA PRO G 212 33.42 -9.63 17.95
C PRO G 212 34.80 -10.23 18.27
N THR G 213 35.84 -9.39 18.16
CA THR G 213 37.23 -9.77 18.37
C THR G 213 37.81 -8.86 19.46
N GLU G 214 38.36 -9.47 20.53
CA GLU G 214 39.03 -8.74 21.59
C GLU G 214 40.23 -9.53 22.08
N CYS G 215 41.22 -8.81 22.67
CA CYS G 215 42.37 -9.43 23.31
C CYS G 215 43.00 -8.46 24.32
N SER H 2 -24.73 35.95 -9.46
CA SER H 2 -26.03 36.54 -9.01
C SER H 2 -25.79 37.48 -7.81
N ALA H 3 -26.46 38.65 -7.84
CA ALA H 3 -26.47 39.62 -6.75
C ALA H 3 -25.22 40.50 -6.75
N LEU H 4 -24.13 39.98 -7.30
CA LEU H 4 -22.95 40.78 -7.57
C LEU H 4 -22.40 40.40 -8.93
N THR H 5 -21.72 41.38 -9.54
CA THR H 5 -21.01 41.09 -10.76
C THR H 5 -19.53 41.13 -10.48
N GLN H 6 -18.95 39.94 -10.51
CA GLN H 6 -17.52 39.79 -10.45
C GLN H 6 -17.15 39.02 -11.71
N PRO H 7 -16.10 39.48 -12.42
CA PRO H 7 -15.80 38.96 -13.75
C PRO H 7 -15.20 37.62 -13.32
N PRO H 8 -15.59 36.52 -13.99
CA PRO H 8 -15.24 35.19 -13.53
C PRO H 8 -13.74 34.98 -13.71
N SER H 9 -13.21 35.50 -14.82
CA SER H 9 -11.90 35.04 -15.24
C SER H 9 -11.04 36.25 -15.56
N ALA H 10 -10.32 36.61 -14.25
CA ALA H 10 -9.23 37.57 -14.52
C ALA H 10 -7.90 36.81 -14.56
N SER H 11 -6.95 37.35 -15.31
CA SER H 11 -5.64 36.71 -15.42
C SER H 11 -4.55 37.76 -15.36
N GLY H 12 -3.33 37.32 -15.07
CA GLY H 12 -2.20 38.23 -15.01
C GLY H 12 -0.87 37.52 -15.19
N SER H 13 0.21 38.32 -15.18
CA SER H 13 1.56 37.82 -15.37
C SER H 13 2.42 38.20 -14.17
N PRO H 14 3.50 37.44 -13.85
CA PRO H 14 4.34 37.71 -12.67
C PRO H 14 4.98 39.08 -12.73
N GLY H 15 5.02 39.78 -11.58
CA GLY H 15 5.58 41.12 -11.51
C GLY H 15 4.55 42.19 -11.86
N GLN H 16 3.64 41.88 -12.80
CA GLN H 16 2.58 42.79 -13.21
C GLN H 16 1.54 42.89 -12.08
N SER H 17 0.49 43.66 -12.35
CA SER H 17 -0.57 43.86 -11.40
C SER H 17 -1.91 43.48 -12.03
N VAL H 18 -2.74 42.76 -11.26
CA VAL H 18 -4.08 42.42 -11.68
C VAL H 18 -5.07 43.20 -10.82
N THR H 19 -6.10 43.73 -11.47
CA THR H 19 -7.20 44.40 -10.78
C THR H 19 -8.46 43.57 -11.00
N ILE H 20 -8.98 42.99 -9.90
CA ILE H 20 -10.24 42.26 -9.93
C ILE H 20 -11.35 43.21 -9.46
N SER H 21 -12.43 43.26 -10.23
CA SER H 21 -13.54 44.16 -9.92
C SER H 21 -14.67 43.41 -9.20
N CYS H 22 -15.48 44.17 -8.46
CA CYS H 22 -16.65 43.64 -7.76
C CYS H 22 -17.70 44.74 -7.75
N THR H 23 -18.65 44.64 -8.68
CA THR H 23 -19.59 45.71 -8.93
C THR H 23 -20.91 45.41 -8.22
N GLY H 24 -21.38 46.40 -7.45
CA GLY H 24 -22.68 46.34 -6.83
C GLY H 24 -23.51 47.57 -7.14
N THR H 25 -24.46 47.90 -6.25
CA THR H 25 -25.27 49.09 -6.37
C THR H 25 -24.99 50.00 -5.18
N SER H 26 -25.74 51.11 -5.08
CA SER H 26 -25.56 52.07 -4.01
C SER H 26 -25.93 51.45 -2.66
N SER H 27 -26.86 50.50 -2.69
CA SER H 27 -27.47 49.98 -1.47
C SER H 27 -26.62 48.88 -0.82
N ASP H 28 -25.62 48.36 -1.55
CA ASP H 28 -24.80 47.28 -1.01
C ASP H 28 -23.33 47.72 -0.96
N VAL H 29 -22.73 48.01 -2.12
CA VAL H 29 -21.29 48.25 -2.19
C VAL H 29 -20.98 49.74 -2.20
N GLY H 30 -21.87 50.52 -2.83
CA GLY H 30 -21.65 51.94 -3.04
C GLY H 30 -21.78 52.75 -1.75
N GLY H 31 -22.69 52.32 -0.87
CA GLY H 31 -23.13 53.15 0.23
C GLY H 31 -22.29 52.96 1.49
N TYR H 32 -21.87 51.73 1.75
CA TYR H 32 -21.23 51.42 3.02
C TYR H 32 -19.85 50.81 2.79
N ASN H 33 -19.03 50.86 3.85
CA ASN H 33 -17.62 50.57 3.76
C ASN H 33 -17.27 49.25 4.45
N TYR H 34 -18.17 48.26 4.33
CA TYR H 34 -17.89 46.91 4.81
C TYR H 34 -17.77 45.96 3.61
N VAL H 35 -16.58 45.94 3.02
CA VAL H 35 -16.30 45.11 1.85
C VAL H 35 -15.10 44.23 2.20
N SER H 36 -15.18 42.98 1.77
CA SER H 36 -14.17 42.01 2.11
C SER H 36 -13.78 41.22 0.86
N TRP H 37 -12.49 40.87 0.78
CA TRP H 37 -11.97 40.04 -0.29
C TRP H 37 -11.37 38.78 0.31
N TYR H 38 -11.84 37.62 -0.15
CA TYR H 38 -11.35 36.34 0.33
C TYR H 38 -10.64 35.62 -0.82
N GLN H 39 -9.54 34.94 -0.49
CA GLN H 39 -8.85 34.08 -1.44
C GLN H 39 -9.07 32.64 -1.00
N GLN H 40 -9.42 31.77 -1.96
CA GLN H 40 -9.68 30.36 -1.67
C GLN H 40 -8.97 29.49 -2.70
N HIS H 41 -8.01 28.67 -2.23
CA HIS H 41 -7.39 27.68 -3.09
C HIS H 41 -8.31 26.47 -3.19
N PRO H 42 -8.40 25.81 -4.37
CA PRO H 42 -9.32 24.70 -4.54
C PRO H 42 -9.06 23.61 -3.49
N GLY H 43 -10.13 23.26 -2.78
CA GLY H 43 -10.11 22.19 -1.80
C GLY H 43 -9.82 22.69 -0.37
N LYS H 44 -9.42 23.96 -0.25
CA LYS H 44 -9.14 24.55 1.05
C LYS H 44 -10.23 25.53 1.43
N ALA H 45 -10.23 25.96 2.69
CA ALA H 45 -11.19 26.95 3.16
C ALA H 45 -10.75 28.33 2.68
N PRO H 46 -11.69 29.29 2.52
CA PRO H 46 -11.34 30.68 2.21
C PRO H 46 -10.47 31.31 3.29
N LYS H 47 -9.61 32.23 2.86
CA LYS H 47 -8.76 33.02 3.74
C LYS H 47 -9.05 34.50 3.51
N LEU H 48 -9.12 35.27 4.60
CA LEU H 48 -9.39 36.69 4.48
C LEU H 48 -8.13 37.39 4.00
N MET H 49 -8.30 38.24 2.97
CA MET H 49 -7.18 39.01 2.41
C MET H 49 -7.40 40.50 2.64
N ILE H 50 -8.65 40.95 2.51
CA ILE H 50 -8.99 42.35 2.70
C ILE H 50 -10.33 42.46 3.40
N TYR H 51 -10.39 43.35 4.38
CA TYR H 51 -11.64 43.63 5.07
C TYR H 51 -11.78 45.13 5.21
N GLU H 52 -13.03 45.59 5.34
CA GLU H 52 -13.36 47.01 5.42
C GLU H 52 -12.59 47.76 4.33
N VAL H 53 -12.74 47.28 3.09
CA VAL H 53 -12.30 47.91 1.86
C VAL H 53 -10.78 47.88 1.66
N ASN H 54 -10.03 48.40 2.63
CA ASN H 54 -8.60 48.61 2.39
C ASN H 54 -7.74 48.04 3.51
N LYS H 55 -8.31 47.22 4.41
CA LYS H 55 -7.55 46.79 5.57
C LYS H 55 -7.01 45.38 5.38
N ARG H 56 -5.69 45.30 5.43
CA ARG H 56 -4.99 44.03 5.36
C ARG H 56 -4.90 43.48 6.78
N PRO H 57 -5.38 42.25 7.05
CA PRO H 57 -5.19 41.64 8.36
C PRO H 57 -3.76 41.13 8.60
N SER H 58 -3.46 40.81 9.86
CA SER H 58 -2.13 40.40 10.28
C SER H 58 -1.72 39.14 9.54
N GLY H 59 -0.71 39.26 8.67
CA GLY H 59 -0.14 38.10 7.99
C GLY H 59 -0.40 38.11 6.48
N VAL H 60 -1.09 39.13 5.99
CA VAL H 60 -1.34 39.23 4.56
C VAL H 60 -0.26 40.12 3.94
N PRO H 61 0.47 39.64 2.89
CA PRO H 61 1.47 40.46 2.21
C PRO H 61 0.90 41.78 1.66
N ASP H 62 1.79 42.76 1.49
CA ASP H 62 1.41 44.10 1.09
C ASP H 62 1.03 44.14 -0.38
N ARG H 63 1.22 43.02 -1.10
CA ARG H 63 0.95 42.97 -2.53
C ARG H 63 -0.54 43.18 -2.79
N PHE H 64 -1.37 42.59 -1.92
CA PHE H 64 -2.81 42.70 -2.02
C PHE H 64 -3.27 44.04 -1.45
N SER H 65 -3.86 44.86 -2.32
CA SER H 65 -4.31 46.18 -1.92
C SER H 65 -5.76 46.35 -2.38
N GLY H 66 -6.63 46.66 -1.42
CA GLY H 66 -8.03 46.90 -1.74
C GLY H 66 -8.30 48.38 -2.02
N SER H 67 -9.38 48.64 -2.75
CA SER H 67 -9.83 50.00 -3.03
C SER H 67 -11.31 49.96 -3.39
N LYS H 68 -11.88 51.16 -3.55
CA LYS H 68 -13.28 51.29 -3.90
C LYS H 68 -13.47 52.56 -4.71
N SER H 69 -14.44 52.52 -5.62
CA SER H 69 -14.79 53.66 -6.44
C SER H 69 -16.25 53.53 -6.83
N GLY H 70 -17.08 54.44 -6.29
CA GLY H 70 -18.49 54.43 -6.61
C GLY H 70 -19.12 53.11 -6.17
N ASN H 71 -19.53 52.30 -7.15
CA ASN H 71 -20.25 51.07 -6.91
C ASN H 71 -19.37 49.85 -7.19
N THR H 72 -18.06 50.08 -7.34
CA THR H 72 -17.15 49.02 -7.72
C THR H 72 -15.95 48.98 -6.76
N ALA H 73 -15.83 47.85 -6.05
CA ALA H 73 -14.62 47.60 -5.27
C ALA H 73 -13.60 46.91 -6.16
N SER H 74 -12.33 47.05 -5.81
CA SER H 74 -11.26 46.50 -6.63
C SER H 74 -10.12 45.99 -5.76
N LEU H 75 -9.71 44.75 -6.03
CA LEU H 75 -8.55 44.18 -5.36
C LEU H 75 -7.41 44.13 -6.37
N THR H 76 -6.26 44.67 -5.94
CA THR H 76 -5.09 44.76 -6.79
C THR H 76 -3.99 43.86 -6.23
N VAL H 77 -3.52 42.93 -7.06
CA VAL H 77 -2.37 42.10 -6.71
C VAL H 77 -1.15 42.64 -7.45
N SER H 78 -0.13 43.05 -6.70
CA SER H 78 0.99 43.77 -7.28
C SER H 78 2.15 42.80 -7.56
N GLY H 79 2.50 41.99 -6.57
CA GLY H 79 3.67 41.14 -6.68
C GLY H 79 3.28 39.73 -7.06
N LEU H 80 2.75 39.58 -8.29
CA LEU H 80 2.12 38.33 -8.69
C LEU H 80 3.12 37.19 -8.65
N GLN H 81 2.72 36.10 -7.97
CA GLN H 81 3.50 34.88 -7.90
C GLN H 81 2.59 33.73 -8.27
N ALA H 82 3.17 32.54 -8.45
CA ALA H 82 2.43 31.37 -8.88
C ALA H 82 1.39 30.97 -7.82
N GLU H 83 1.72 31.26 -6.54
CA GLU H 83 0.87 30.86 -5.44
C GLU H 83 -0.48 31.59 -5.47
N ASP H 84 -0.56 32.72 -6.17
CA ASP H 84 -1.75 33.55 -6.16
C ASP H 84 -2.86 32.97 -7.02
N GLU H 85 -2.59 31.83 -7.65
CA GLU H 85 -3.57 31.19 -8.52
C GLU H 85 -4.66 30.54 -7.67
N ALA H 86 -5.75 31.28 -7.48
CA ALA H 86 -6.85 30.86 -6.63
C ALA H 86 -8.14 31.56 -7.00
N ASP H 87 -9.21 31.26 -6.26
CA ASP H 87 -10.51 31.88 -6.47
C ASP H 87 -10.69 33.02 -5.47
N TYR H 88 -11.06 34.20 -5.99
CA TYR H 88 -11.17 35.41 -5.18
C TYR H 88 -12.63 35.86 -5.14
N TYR H 89 -13.21 35.89 -3.93
CA TYR H 89 -14.60 36.29 -3.73
C TYR H 89 -14.63 37.62 -3.01
N CYS H 90 -15.67 38.42 -3.31
CA CYS H 90 -15.93 39.66 -2.60
C CYS H 90 -17.26 39.56 -1.85
N SER H 91 -17.27 40.13 -0.64
CA SER H 91 -18.46 40.16 0.20
C SER H 91 -18.72 41.60 0.62
N SER H 92 -20.01 41.93 0.79
CA SER H 92 -20.38 43.29 1.17
C SER H 92 -21.66 43.32 1.99
N TYR H 93 -21.83 44.40 2.74
CA TYR H 93 -23.01 44.63 3.54
C TYR H 93 -24.16 45.05 2.62
N ALA H 94 -25.25 44.29 2.61
CA ALA H 94 -26.41 44.59 1.76
C ALA H 94 -27.55 45.18 2.59
N GLY H 95 -27.27 45.47 3.88
CA GLY H 95 -28.30 45.94 4.80
C GLY H 95 -28.27 45.14 6.09
N SER H 96 -29.00 45.60 7.11
CA SER H 96 -29.00 44.90 8.40
C SER H 96 -29.50 43.49 8.17
N ASN H 97 -28.70 42.51 8.60
CA ASN H 97 -29.04 41.09 8.47
C ASN H 97 -29.01 40.63 7.01
N ASN H 98 -28.09 41.17 6.21
CA ASN H 98 -27.89 40.69 4.86
C ASN H 98 -26.44 40.91 4.42
N LEU H 99 -25.76 39.82 4.06
CA LEU H 99 -24.40 39.85 3.59
C LEU H 99 -24.37 39.11 2.25
N VAL H 100 -23.75 39.73 1.25
CA VAL H 100 -23.82 39.24 -0.12
C VAL H 100 -22.41 38.92 -0.61
N PHE H 101 -22.27 37.72 -1.17
CA PHE H 101 -21.00 37.29 -1.75
C PHE H 101 -21.05 37.43 -3.27
N GLY H 102 -19.86 37.37 -3.89
CA GLY H 102 -19.73 37.45 -5.33
C GLY H 102 -19.57 36.07 -5.96
N GLY H 103 -19.53 36.04 -7.29
CA GLY H 103 -19.48 34.80 -8.04
C GLY H 103 -18.11 34.15 -7.98
N GLY H 104 -17.10 34.96 -7.70
CA GLY H 104 -15.74 34.45 -7.64
C GLY H 104 -14.98 34.68 -8.95
N THR H 105 -13.70 35.01 -8.82
CA THR H 105 -12.80 35.22 -9.94
C THR H 105 -11.64 34.23 -9.83
N LYS H 106 -11.47 33.42 -10.86
CA LYS H 106 -10.38 32.48 -10.93
C LYS H 106 -9.18 33.21 -11.52
N LEU H 107 -8.26 33.62 -10.64
CA LEU H 107 -7.08 34.35 -11.06
C LEU H 107 -6.06 33.37 -11.60
N THR H 108 -5.67 33.58 -12.86
CA THR H 108 -4.72 32.71 -13.51
C THR H 108 -3.43 33.50 -13.72
N VAL H 109 -2.32 32.94 -13.22
CA VAL H 109 -1.03 33.57 -13.49
C VAL H 109 -0.46 32.96 -14.75
N LEU H 110 0.01 33.83 -15.68
CA LEU H 110 0.26 33.35 -17.04
C LEU H 110 1.63 32.71 -17.23
N GLY H 111 2.65 33.22 -16.54
CA GLY H 111 4.01 33.03 -17.01
C GLY H 111 4.48 31.58 -17.11
N GLN H 112 3.81 30.68 -16.38
CA GLN H 112 4.38 29.42 -15.96
C GLN H 112 4.77 28.51 -17.11
N PRO H 113 5.85 27.73 -16.85
CA PRO H 113 6.46 26.83 -17.82
C PRO H 113 5.60 25.57 -17.86
N LYS H 114 5.42 25.02 -19.06
CA LYS H 114 4.68 23.79 -19.18
C LYS H 114 5.36 22.68 -18.37
N ALA H 115 4.54 21.88 -17.69
CA ALA H 115 5.00 20.68 -17.02
C ALA H 115 4.40 19.43 -17.66
N ALA H 116 5.28 18.48 -18.02
CA ALA H 116 4.85 17.22 -18.61
C ALA H 116 4.11 16.40 -17.55
N PRO H 117 3.08 15.64 -17.93
CA PRO H 117 2.33 14.83 -16.96
C PRO H 117 3.09 13.58 -16.53
N SER H 118 3.14 13.37 -15.21
CA SER H 118 3.75 12.19 -14.62
C SER H 118 2.67 11.12 -14.45
N VAL H 119 2.83 10.00 -15.18
CA VAL H 119 1.78 8.99 -15.29
C VAL H 119 2.23 7.67 -14.63
N THR H 120 1.32 7.08 -13.87
CA THR H 120 1.55 5.79 -13.24
C THR H 120 0.34 4.89 -13.48
N LEU H 121 0.60 3.69 -14.03
CA LEU H 121 -0.46 2.75 -14.36
C LEU H 121 -0.37 1.52 -13.47
N PHE H 122 -1.48 1.22 -12.79
CA PHE H 122 -1.57 0.10 -11.88
C PHE H 122 -2.50 -0.95 -12.48
N PRO H 123 -2.09 -2.24 -12.50
CA PRO H 123 -2.96 -3.31 -12.98
C PRO H 123 -3.93 -3.72 -11.88
N PRO H 124 -4.92 -4.60 -12.16
CA PRO H 124 -5.87 -5.05 -11.15
C PRO H 124 -5.16 -5.88 -10.08
N SER H 125 -5.74 -5.91 -8.87
CA SER H 125 -5.22 -6.69 -7.77
C SER H 125 -5.77 -8.11 -7.84
N SER H 126 -5.06 -9.03 -7.21
CA SER H 126 -5.47 -10.42 -7.15
C SER H 126 -6.81 -10.53 -6.39
N GLU H 127 -6.98 -9.69 -5.36
CA GLU H 127 -8.19 -9.65 -4.56
C GLU H 127 -9.38 -9.25 -5.43
N GLU H 128 -9.16 -8.28 -6.32
CA GLU H 128 -10.23 -7.79 -7.18
C GLU H 128 -10.57 -8.82 -8.25
N LEU H 129 -9.52 -9.47 -8.79
CA LEU H 129 -9.71 -10.48 -9.81
C LEU H 129 -10.49 -11.66 -9.25
N GLN H 130 -10.29 -11.94 -7.95
CA GLN H 130 -10.99 -13.02 -7.27
C GLN H 130 -12.47 -12.67 -7.05
N ALA H 131 -12.85 -11.42 -7.37
CA ALA H 131 -14.22 -11.00 -7.21
C ALA H 131 -14.88 -10.75 -8.57
N ASN H 132 -14.32 -11.37 -9.61
CA ASN H 132 -14.91 -11.38 -10.95
C ASN H 132 -14.99 -9.96 -11.50
N LYS H 133 -14.05 -9.11 -11.08
CA LYS H 133 -13.94 -7.75 -11.58
C LYS H 133 -12.47 -7.39 -11.75
N ALA H 134 -12.22 -6.32 -12.52
CA ALA H 134 -10.88 -5.82 -12.77
C ALA H 134 -10.94 -4.32 -13.05
N THR H 135 -9.91 -3.59 -12.63
CA THR H 135 -9.86 -2.15 -12.82
C THR H 135 -8.42 -1.71 -12.99
N LEU H 136 -8.14 -1.12 -14.16
CA LEU H 136 -6.86 -0.47 -14.39
C LEU H 136 -6.95 0.95 -13.84
N VAL H 137 -5.86 1.41 -13.20
CA VAL H 137 -5.81 2.74 -12.63
C VAL H 137 -4.66 3.51 -13.27
N CYS H 138 -5.00 4.67 -13.84
CA CYS H 138 -4.02 5.54 -14.49
C CYS H 138 -4.04 6.88 -13.79
N LEU H 139 -2.95 7.18 -13.06
CA LEU H 139 -2.88 8.39 -12.26
C LEU H 139 -1.89 9.37 -12.89
N ILE H 140 -2.37 10.61 -13.10
CA ILE H 140 -1.62 11.66 -13.78
C ILE H 140 -1.45 12.82 -12.81
N SER H 141 -0.20 13.22 -12.57
CA SER H 141 0.11 14.25 -11.61
C SER H 141 1.18 15.20 -12.14
N ASP H 142 1.20 16.42 -11.61
CA ASP H 142 2.27 17.39 -11.80
C ASP H 142 2.36 17.79 -13.26
N PHE H 143 1.24 18.24 -13.83
CA PHE H 143 1.24 18.80 -15.17
C PHE H 143 0.62 20.19 -15.16
N TYR H 144 0.95 20.97 -16.20
CA TYR H 144 0.45 22.33 -16.36
C TYR H 144 0.53 22.69 -17.84
N PRO H 145 -0.54 23.27 -18.45
CA PRO H 145 -1.82 23.55 -17.79
C PRO H 145 -2.66 22.32 -17.51
N GLY H 146 -3.80 22.52 -16.84
CA GLY H 146 -4.68 21.43 -16.45
C GLY H 146 -5.57 20.94 -17.59
N ALA H 147 -4.96 20.47 -18.68
CA ALA H 147 -5.69 19.99 -19.84
C ALA H 147 -4.97 18.78 -20.40
N VAL H 148 -5.52 17.60 -20.13
CA VAL H 148 -4.99 16.35 -20.65
C VAL H 148 -6.11 15.54 -21.27
N THR H 149 -5.77 14.66 -22.21
CA THR H 149 -6.72 13.74 -22.84
C THR H 149 -6.22 12.31 -22.67
N VAL H 150 -7.09 11.42 -22.20
CA VAL H 150 -6.71 10.06 -21.88
C VAL H 150 -7.29 9.12 -22.95
N ALA H 151 -6.46 8.17 -23.39
CA ALA H 151 -6.88 7.12 -24.31
C ALA H 151 -6.41 5.77 -23.78
N TRP H 152 -7.23 4.74 -23.98
CA TRP H 152 -6.91 3.39 -23.58
C TRP H 152 -6.77 2.50 -24.82
N LYS H 153 -5.69 1.71 -24.85
CA LYS H 153 -5.41 0.83 -25.96
C LYS H 153 -5.36 -0.62 -25.48
N ALA H 154 -6.07 -1.50 -26.20
CA ALA H 154 -5.99 -2.94 -26.00
C ALA H 154 -5.02 -3.56 -27.00
N ASP H 155 -3.74 -3.62 -26.59
CA ASP H 155 -2.65 -4.23 -27.34
C ASP H 155 -2.17 -3.28 -28.44
N SER H 156 -3.13 -2.64 -29.11
CA SER H 156 -2.85 -1.64 -30.12
C SER H 156 -4.09 -0.78 -30.30
N SER H 157 -5.26 -1.38 -30.07
CA SER H 157 -6.57 -0.89 -30.48
C SER H 157 -7.27 -0.13 -29.36
N PRO H 158 -7.99 0.98 -29.70
CA PRO H 158 -8.62 1.81 -28.67
C PRO H 158 -9.77 1.09 -27.98
N VAL H 159 -9.97 1.43 -26.69
CA VAL H 159 -11.10 0.96 -25.91
C VAL H 159 -11.84 2.17 -25.38
N LYS H 160 -13.10 2.33 -25.79
CA LYS H 160 -13.87 3.53 -25.46
C LYS H 160 -14.92 3.22 -24.39
N ALA H 161 -15.12 1.94 -24.08
CA ALA H 161 -16.15 1.54 -23.14
C ALA H 161 -15.53 1.23 -21.78
N GLY H 162 -16.21 1.65 -20.70
CA GLY H 162 -15.79 1.33 -19.34
C GLY H 162 -14.71 2.27 -18.81
N VAL H 163 -14.56 3.44 -19.45
CA VAL H 163 -13.58 4.43 -19.04
C VAL H 163 -14.27 5.51 -18.20
N GLU H 164 -13.65 5.87 -17.08
CA GLU H 164 -14.12 6.94 -16.22
C GLU H 164 -12.93 7.82 -15.87
N THR H 165 -12.88 9.02 -16.47
CA THR H 165 -11.77 9.95 -16.26
C THR H 165 -12.28 11.17 -15.50
N THR H 166 -11.52 11.57 -14.46
CA THR H 166 -11.88 12.72 -13.64
C THR H 166 -11.49 13.99 -14.38
N THR H 167 -12.07 15.11 -13.92
CA THR H 167 -11.67 16.42 -14.40
C THR H 167 -10.39 16.84 -13.69
N PRO H 168 -9.39 17.43 -14.39
CA PRO H 168 -8.16 17.88 -13.73
C PRO H 168 -8.42 18.90 -12.63
N SER H 169 -7.73 18.75 -11.51
CA SER H 169 -7.89 19.61 -10.36
C SER H 169 -6.52 20.06 -9.87
N LYS H 170 -6.44 21.28 -9.31
CA LYS H 170 -5.16 21.85 -8.94
C LYS H 170 -4.66 21.18 -7.65
N GLN H 171 -3.36 20.86 -7.63
CA GLN H 171 -2.70 20.29 -6.46
C GLN H 171 -2.24 21.40 -5.52
N SER H 172 -1.51 21.02 -4.46
CA SER H 172 -0.95 22.00 -3.53
C SER H 172 0.23 22.73 -4.15
N ASN H 173 0.99 22.03 -5.01
CA ASN H 173 2.19 22.57 -5.62
C ASN H 173 1.85 23.33 -6.91
N ASN H 174 0.59 23.78 -7.05
CA ASN H 174 0.15 24.64 -8.14
C ASN H 174 0.03 23.92 -9.48
N LYS H 175 0.47 22.65 -9.54
CA LYS H 175 0.29 21.85 -10.74
C LYS H 175 -1.03 21.09 -10.64
N TYR H 176 -1.39 20.36 -11.70
CA TYR H 176 -2.69 19.71 -11.79
C TYR H 176 -2.54 18.19 -11.71
N ALA H 177 -3.62 17.52 -11.33
CA ALA H 177 -3.66 16.07 -11.20
C ALA H 177 -5.02 15.56 -11.66
N ALA H 178 -5.00 14.38 -12.30
CA ALA H 178 -6.21 13.71 -12.73
C ALA H 178 -6.00 12.20 -12.66
N SER H 179 -7.13 11.47 -12.54
CA SER H 179 -7.11 10.02 -12.51
C SER H 179 -8.07 9.48 -13.56
N SER H 180 -7.80 8.27 -14.03
CA SER H 180 -8.64 7.61 -15.02
C SER H 180 -8.69 6.12 -14.73
N TYR H 181 -9.91 5.59 -14.59
CA TYR H 181 -10.12 4.20 -14.24
C TYR H 181 -10.77 3.48 -15.42
N LEU H 182 -10.21 2.32 -15.77
CA LEU H 182 -10.80 1.47 -16.79
C LEU H 182 -11.31 0.18 -16.15
N SER H 183 -12.64 0.07 -16.07
CA SER H 183 -13.28 -1.10 -15.49
C SER H 183 -13.39 -2.17 -16.59
N LEU H 184 -12.88 -3.36 -16.28
CA LEU H 184 -12.87 -4.48 -17.21
C LEU H 184 -13.26 -5.76 -16.48
N THR H 185 -13.52 -6.81 -17.27
CA THR H 185 -13.77 -8.14 -16.78
C THR H 185 -12.46 -8.93 -16.77
N PRO H 186 -12.31 -9.93 -15.85
CA PRO H 186 -11.06 -10.70 -15.78
C PRO H 186 -10.73 -11.37 -17.10
N GLU H 187 -11.78 -11.74 -17.86
CA GLU H 187 -11.63 -12.38 -19.16
C GLU H 187 -10.86 -11.43 -20.09
N GLN H 188 -11.37 -10.19 -20.23
CA GLN H 188 -10.77 -9.21 -21.11
C GLN H 188 -9.33 -8.92 -20.67
N TRP H 189 -9.10 -8.94 -19.35
CA TRP H 189 -7.79 -8.61 -18.81
C TRP H 189 -6.78 -9.68 -19.18
N LYS H 190 -7.17 -10.95 -18.99
CA LYS H 190 -6.23 -12.05 -19.16
C LYS H 190 -6.21 -12.55 -20.61
N SER H 191 -6.99 -11.92 -21.49
CA SER H 191 -7.10 -12.39 -22.87
C SER H 191 -6.32 -11.51 -23.84
N HIS H 192 -5.64 -10.48 -23.31
CA HIS H 192 -4.89 -9.54 -24.13
C HIS H 192 -3.42 -9.54 -23.70
N ARG H 193 -2.53 -9.18 -24.63
CA ARG H 193 -1.10 -9.16 -24.38
C ARG H 193 -0.76 -8.10 -23.34
N SER H 194 -1.25 -6.87 -23.54
CA SER H 194 -0.97 -5.74 -22.67
C SER H 194 -2.01 -4.64 -22.88
N TYR H 195 -2.31 -3.90 -21.79
CA TYR H 195 -3.10 -2.69 -21.91
C TYR H 195 -2.21 -1.46 -21.75
N SER H 196 -2.68 -0.34 -22.28
CA SER H 196 -1.89 0.88 -22.22
C SER H 196 -2.78 2.09 -21.99
N CYS H 197 -2.28 3.01 -21.15
CA CYS H 197 -2.89 4.30 -20.88
C CYS H 197 -2.02 5.38 -21.53
N GLN H 198 -2.61 6.15 -22.45
CA GLN H 198 -1.90 7.21 -23.16
C GLN H 198 -2.47 8.55 -22.71
N VAL H 199 -1.58 9.47 -22.33
CA VAL H 199 -1.97 10.78 -21.87
C VAL H 199 -1.37 11.81 -22.81
N THR H 200 -2.24 12.56 -23.50
CA THR H 200 -1.79 13.61 -24.40
C THR H 200 -1.91 14.95 -23.67
N HIS H 201 -0.81 15.73 -23.71
CA HIS H 201 -0.75 17.01 -23.03
C HIS H 201 0.09 17.98 -23.86
N GLU H 202 -0.56 19.04 -24.36
CA GLU H 202 0.08 20.11 -25.10
C GLU H 202 0.89 19.52 -26.26
N GLY H 203 0.26 18.61 -27.02
CA GLY H 203 0.89 18.04 -28.19
C GLY H 203 1.78 16.83 -27.87
N SER H 204 2.38 16.83 -26.68
CA SER H 204 3.22 15.71 -26.25
C SER H 204 2.34 14.55 -25.78
N THR H 205 2.95 13.36 -25.68
CA THR H 205 2.23 12.16 -25.25
C THR H 205 3.09 11.31 -24.32
N VAL H 206 2.42 10.68 -23.36
CA VAL H 206 3.10 9.81 -22.42
C VAL H 206 2.28 8.52 -22.36
N GLU H 207 2.96 7.39 -22.60
CA GLU H 207 2.31 6.09 -22.62
C GLU H 207 2.85 5.25 -21.47
N LYS H 208 1.92 4.58 -20.78
CA LYS H 208 2.29 3.55 -19.81
C LYS H 208 1.56 2.26 -20.14
N THR H 209 2.31 1.16 -20.15
CA THR H 209 1.77 -0.15 -20.48
C THR H 209 1.78 -1.05 -19.26
N VAL H 210 0.88 -2.04 -19.26
CA VAL H 210 0.80 -3.01 -18.19
C VAL H 210 0.35 -4.36 -18.76
N ALA H 211 0.93 -5.45 -18.24
CA ALA H 211 0.63 -6.80 -18.69
C ALA H 211 0.29 -7.68 -17.49
N PRO H 212 -0.50 -8.77 -17.68
CA PRO H 212 -0.81 -9.69 -16.59
C PRO H 212 0.42 -10.46 -16.09
N THR H 213 0.34 -10.96 -14.86
CA THR H 213 1.36 -11.81 -14.29
C THR H 213 0.71 -13.16 -13.94
N GLU H 214 1.23 -14.24 -14.54
CA GLU H 214 0.69 -15.57 -14.29
C GLU H 214 1.77 -16.42 -13.61
N GLN I 1 -27.54 -17.55 15.91
CA GLN I 1 -26.43 -18.49 15.71
C GLN I 1 -25.18 -17.72 15.30
N VAL I 2 -24.06 -17.97 15.98
CA VAL I 2 -22.79 -17.36 15.60
C VAL I 2 -22.04 -18.25 14.63
N GLN I 3 -21.42 -17.64 13.62
CA GLN I 3 -20.78 -18.42 12.56
C GLN I 3 -19.48 -17.75 12.11
N LEU I 4 -18.37 -18.50 12.09
CA LEU I 4 -17.11 -18.00 11.55
C LEU I 4 -16.69 -18.91 10.41
N VAL I 5 -16.71 -18.40 9.18
CA VAL I 5 -16.36 -19.19 8.01
C VAL I 5 -15.02 -18.68 7.48
N GLN I 6 -14.03 -19.56 7.38
CA GLN I 6 -12.71 -19.21 6.87
C GLN I 6 -12.57 -19.64 5.41
N SER I 7 -11.56 -19.05 4.75
CA SER I 7 -11.25 -19.29 3.35
C SER I 7 -10.73 -20.70 3.11
N GLY I 8 -10.74 -21.11 1.84
CA GLY I 8 -10.29 -22.42 1.43
C GLY I 8 -8.81 -22.69 1.73
N ALA I 9 -8.48 -23.98 1.82
CA ALA I 9 -7.10 -24.42 2.00
C ALA I 9 -6.29 -24.04 0.77
N GLU I 10 -5.06 -23.59 1.03
CA GLU I 10 -4.13 -23.13 0.00
C GLU I 10 -2.80 -23.89 0.12
N VAL I 11 -2.10 -23.98 -1.01
CA VAL I 11 -0.72 -24.46 -1.06
C VAL I 11 0.14 -23.34 -1.64
N LYS I 12 1.25 -23.06 -0.96
CA LYS I 12 2.14 -21.99 -1.37
C LYS I 12 3.60 -22.46 -1.32
N LYS I 13 4.41 -21.99 -2.27
CA LYS I 13 5.82 -22.34 -2.36
C LYS I 13 6.58 -21.70 -1.22
N PRO I 14 7.66 -22.33 -0.71
CA PRO I 14 8.38 -21.81 0.46
C PRO I 14 8.89 -20.40 0.20
N GLY I 15 8.70 -19.52 1.19
CA GLY I 15 9.17 -18.15 1.09
C GLY I 15 8.07 -17.19 0.65
N ALA I 16 6.94 -17.73 0.18
CA ALA I 16 5.84 -16.89 -0.25
C ALA I 16 5.02 -16.43 0.96
N SER I 17 3.83 -15.89 0.68
CA SER I 17 2.93 -15.37 1.70
C SER I 17 1.53 -15.93 1.47
N VAL I 18 0.84 -16.22 2.59
CA VAL I 18 -0.54 -16.69 2.56
C VAL I 18 -1.45 -15.68 3.24
N LYS I 19 -2.68 -15.57 2.72
CA LYS I 19 -3.71 -14.76 3.34
C LYS I 19 -4.94 -15.62 3.59
N VAL I 20 -5.29 -15.73 4.87
CA VAL I 20 -6.46 -16.50 5.29
C VAL I 20 -7.56 -15.53 5.71
N SER I 21 -8.79 -15.83 5.28
CA SER I 21 -9.96 -15.00 5.51
C SER I 21 -10.83 -15.63 6.59
N CYS I 22 -11.54 -14.79 7.35
CA CYS I 22 -12.46 -15.28 8.35
C CYS I 22 -13.66 -14.36 8.38
N LYS I 23 -14.80 -14.84 7.87
CA LYS I 23 -16.00 -14.03 7.75
C LYS I 23 -16.94 -14.35 8.89
N ALA I 24 -17.30 -13.32 9.68
CA ALA I 24 -18.19 -13.47 10.82
C ALA I 24 -19.63 -13.19 10.41
N SER I 25 -20.57 -13.95 10.98
CA SER I 25 -21.99 -13.69 10.82
C SER I 25 -22.72 -14.04 12.12
N GLY I 26 -23.80 -13.31 12.41
CA GLY I 26 -24.72 -13.72 13.46
C GLY I 26 -24.43 -12.97 14.75
N TYR I 27 -23.67 -11.88 14.65
CA TYR I 27 -23.39 -11.00 15.75
C TYR I 27 -22.79 -9.71 15.20
N THR I 28 -22.94 -8.62 15.95
CA THR I 28 -22.39 -7.34 15.51
C THR I 28 -20.86 -7.48 15.49
N PHE I 29 -20.27 -7.32 14.31
CA PHE I 29 -18.88 -7.70 14.09
C PHE I 29 -17.94 -6.80 14.87
N THR I 30 -18.30 -5.52 14.95
CA THR I 30 -17.39 -4.48 15.39
C THR I 30 -17.40 -4.33 16.91
N SER I 31 -17.76 -5.41 17.64
CA SER I 31 -17.89 -5.32 19.09
C SER I 31 -17.03 -6.35 19.81
N TYR I 32 -16.21 -7.10 19.07
CA TYR I 32 -15.39 -8.15 19.69
C TYR I 32 -14.00 -8.21 19.05
N TYR I 33 -13.01 -8.58 19.86
CA TYR I 33 -11.66 -8.87 19.39
C TYR I 33 -11.65 -10.19 18.61
N MET I 34 -10.72 -10.30 17.66
CA MET I 34 -10.52 -11.54 16.92
C MET I 34 -9.10 -12.01 17.14
N HIS I 35 -8.94 -13.27 17.54
CA HIS I 35 -7.63 -13.84 17.75
C HIS I 35 -7.35 -14.90 16.69
N TRP I 36 -6.06 -15.12 16.39
CA TRP I 36 -5.65 -16.18 15.47
C TRP I 36 -4.84 -17.24 16.19
N VAL I 37 -5.09 -18.51 15.86
CA VAL I 37 -4.41 -19.63 16.48
C VAL I 37 -3.99 -20.61 15.38
N ARG I 38 -2.71 -20.99 15.40
CA ARG I 38 -2.16 -21.90 14.41
C ARG I 38 -1.92 -23.25 15.09
N GLN I 39 -2.10 -24.33 14.33
CA GLN I 39 -1.84 -25.67 14.86
C GLN I 39 -1.17 -26.51 13.78
N ALA I 40 0.09 -26.86 14.05
CA ALA I 40 0.85 -27.71 13.13
C ALA I 40 0.27 -29.12 13.19
N PRO I 41 0.36 -29.90 12.09
CA PRO I 41 -0.12 -31.28 12.09
C PRO I 41 0.59 -32.10 13.16
N GLY I 42 -0.21 -32.62 14.11
CA GLY I 42 0.30 -33.48 15.16
C GLY I 42 0.79 -32.70 16.37
N GLN I 43 1.08 -31.41 16.19
CA GLN I 43 1.54 -30.57 17.30
C GLN I 43 0.33 -29.97 18.01
N GLY I 44 0.62 -29.08 18.95
CA GLY I 44 -0.43 -28.43 19.72
C GLY I 44 -0.82 -27.08 19.12
N LEU I 45 -1.59 -26.32 19.91
CA LEU I 45 -2.09 -25.02 19.48
C LEU I 45 -1.05 -23.97 19.86
N GLU I 46 -0.95 -22.96 19.00
CA GLU I 46 0.05 -21.91 19.17
C GLU I 46 -0.62 -20.59 18.83
N TRP I 47 -0.45 -19.63 19.75
CA TRP I 47 -1.13 -18.35 19.62
C TRP I 47 -0.38 -17.46 18.64
N MET I 48 -1.11 -16.61 17.93
CA MET I 48 -0.51 -15.80 16.88
C MET I 48 -0.66 -14.32 17.20
N GLY I 49 -1.88 -13.91 17.54
CA GLY I 49 -2.10 -12.50 17.82
C GLY I 49 -3.58 -12.18 17.98
N ILE I 50 -3.80 -10.90 18.23
CA ILE I 50 -5.13 -10.35 18.40
C ILE I 50 -5.27 -9.10 17.54
N ILE I 51 -6.48 -8.93 16.99
CA ILE I 51 -6.83 -7.76 16.21
C ILE I 51 -8.15 -7.21 16.75
N ASN I 52 -8.26 -5.88 16.76
CA ASN I 52 -9.44 -5.17 17.19
C ASN I 52 -10.29 -4.85 15.96
N SER I 53 -11.46 -5.48 15.89
CA SER I 53 -12.32 -5.38 14.73
C SER I 53 -12.84 -3.97 14.53
N SER I 54 -12.87 -3.15 15.59
CA SER I 54 -13.40 -1.80 15.47
C SER I 54 -12.36 -0.87 14.84
N GLY I 55 -11.23 -0.68 15.54
CA GLY I 55 -10.26 0.35 15.19
C GLY I 55 -9.13 -0.19 14.33
N GLY I 56 -8.86 -1.49 14.42
CA GLY I 56 -7.77 -2.12 13.70
C GLY I 56 -6.49 -2.24 14.52
N SER I 57 -6.52 -1.88 15.81
CA SER I 57 -5.35 -2.05 16.66
C SER I 57 -4.94 -3.52 16.71
N THR I 58 -3.64 -3.80 16.68
CA THR I 58 -3.16 -5.17 16.52
C THR I 58 -2.02 -5.45 17.48
N SER I 59 -1.99 -6.68 18.00
CA SER I 59 -0.91 -7.12 18.87
C SER I 59 -0.51 -8.54 18.46
N TYR I 60 0.69 -8.70 17.88
CA TYR I 60 1.15 -10.01 17.47
C TYR I 60 2.11 -10.58 18.52
N ALA I 61 2.28 -11.90 18.51
CA ALA I 61 3.23 -12.57 19.37
C ALA I 61 4.65 -12.28 18.88
N GLN I 62 5.60 -12.32 19.81
CA GLN I 62 7.00 -12.05 19.49
C GLN I 62 7.52 -13.04 18.46
N LYS I 63 6.99 -14.26 18.44
CA LYS I 63 7.45 -15.30 17.54
C LYS I 63 7.11 -14.96 16.08
N PHE I 64 5.98 -14.26 15.92
CA PHE I 64 5.53 -13.96 14.56
C PHE I 64 5.73 -12.50 14.22
N GLN I 65 6.34 -11.74 15.14
CA GLN I 65 6.45 -10.29 14.98
C GLN I 65 7.31 -10.02 13.73
N GLY I 66 6.77 -9.21 12.82
CA GLY I 66 7.48 -8.86 11.62
C GLY I 66 7.06 -9.68 10.40
N ARG I 67 6.39 -10.83 10.62
CA ARG I 67 6.03 -11.71 9.51
C ARG I 67 4.51 -11.91 9.36
N VAL I 68 3.75 -11.53 10.37
CA VAL I 68 2.30 -11.70 10.38
C VAL I 68 1.63 -10.33 10.36
N THR I 69 0.55 -10.19 9.59
CA THR I 69 -0.20 -8.97 9.50
C THR I 69 -1.69 -9.27 9.55
N MET I 70 -2.42 -8.61 10.45
CA MET I 70 -3.85 -8.80 10.57
C MET I 70 -4.65 -7.61 10.05
N THR I 71 -5.62 -7.89 9.17
CA THR I 71 -6.40 -6.90 8.44
C THR I 71 -7.87 -7.09 8.78
N ARG I 72 -8.68 -6.05 8.59
CA ARG I 72 -10.10 -6.05 8.95
C ARG I 72 -10.89 -5.23 7.94
N ASP I 73 -12.07 -5.72 7.59
CA ASP I 73 -13.02 -5.04 6.73
C ASP I 73 -14.38 -5.08 7.41
N THR I 74 -14.91 -3.91 7.77
CA THR I 74 -16.13 -3.82 8.55
C THR I 74 -17.35 -4.04 7.67
N SER I 75 -17.27 -3.53 6.43
CA SER I 75 -18.43 -3.58 5.53
C SER I 75 -18.84 -5.04 5.30
N THR I 76 -17.84 -5.92 5.10
CA THR I 76 -18.08 -7.32 4.85
C THR I 76 -17.90 -8.13 6.13
N SER I 77 -17.50 -7.51 7.24
CA SER I 77 -17.51 -8.22 8.52
C SER I 77 -16.49 -9.37 8.53
N THR I 78 -15.32 -9.13 7.92
CA THR I 78 -14.30 -10.14 7.75
C THR I 78 -12.96 -9.73 8.37
N VAL I 79 -12.13 -10.74 8.66
CA VAL I 79 -10.80 -10.55 9.20
C VAL I 79 -9.83 -11.34 8.33
N TYR I 80 -8.74 -10.67 7.90
CA TYR I 80 -7.68 -11.31 7.14
C TYR I 80 -6.43 -11.45 8.00
N MET I 81 -5.69 -12.54 7.79
CA MET I 81 -4.38 -12.73 8.39
C MET I 81 -3.38 -13.20 7.34
N GLU I 82 -2.28 -12.46 7.22
CA GLU I 82 -1.25 -12.74 6.23
C GLU I 82 0.05 -13.15 6.90
N LEU I 83 0.57 -14.33 6.54
CA LEU I 83 1.87 -14.78 7.02
C LEU I 83 2.85 -14.85 5.85
N SER I 84 3.98 -14.15 5.99
CA SER I 84 5.01 -14.04 4.96
C SER I 84 6.24 -14.85 5.34
N SER I 85 7.10 -15.09 4.33
CA SER I 85 8.34 -15.83 4.47
C SER I 85 8.09 -17.21 5.08
N LEU I 86 7.24 -17.99 4.40
CA LEU I 86 6.85 -19.30 4.89
C LEU I 86 8.04 -20.26 4.82
N ARG I 87 8.09 -21.16 5.81
CA ARG I 87 9.04 -22.23 5.90
C ARG I 87 8.25 -23.54 6.03
N SER I 88 8.98 -24.66 6.12
CA SER I 88 8.34 -25.97 6.18
C SER I 88 7.55 -26.13 7.48
N GLU I 89 7.92 -25.34 8.50
CA GLU I 89 7.29 -25.42 9.81
C GLU I 89 5.92 -24.75 9.79
N ASP I 90 5.62 -23.96 8.76
CA ASP I 90 4.40 -23.17 8.73
C ASP I 90 3.23 -23.95 8.16
N THR I 91 3.51 -25.12 7.55
CA THR I 91 2.44 -26.04 7.17
C THR I 91 1.61 -26.36 8.40
N ALA I 92 0.38 -25.83 8.45
CA ALA I 92 -0.46 -25.94 9.63
C ALA I 92 -1.89 -25.54 9.29
N VAL I 93 -2.78 -25.68 10.29
CA VAL I 93 -4.15 -25.23 10.17
C VAL I 93 -4.28 -23.92 10.95
N TYR I 94 -4.95 -22.95 10.36
CA TYR I 94 -5.11 -21.64 10.96
C TYR I 94 -6.57 -21.42 11.31
N TYR I 95 -6.82 -21.10 12.59
CA TYR I 95 -8.16 -20.84 13.07
C TYR I 95 -8.29 -19.36 13.46
N CYS I 96 -9.43 -18.75 13.16
CA CYS I 96 -9.81 -17.53 13.88
C CYS I 96 -10.63 -17.93 15.11
N ALA I 97 -10.69 -17.03 16.08
CA ALA I 97 -11.44 -17.30 17.30
C ALA I 97 -11.94 -15.98 17.91
N ARG I 98 -13.17 -15.99 18.43
CA ARG I 98 -13.69 -14.80 19.07
C ARG I 98 -13.83 -15.10 20.56
N PRO I 99 -13.25 -14.26 21.44
CA PRO I 99 -13.60 -14.31 22.87
C PRO I 99 -14.75 -13.34 23.17
N PRO I 100 -15.38 -13.41 24.36
CA PRO I 100 -16.39 -12.44 24.77
C PRO I 100 -15.79 -11.04 24.93
N ARG I 101 -16.65 -10.09 25.31
CA ARG I 101 -16.23 -8.70 25.40
C ARG I 101 -15.51 -8.50 26.73
N ASN I 102 -14.43 -7.71 26.70
CA ASN I 102 -13.71 -7.35 27.91
C ASN I 102 -14.56 -6.41 28.76
N TYR I 103 -14.56 -6.69 30.07
CA TYR I 103 -15.39 -5.94 31.01
C TYR I 103 -14.51 -5.16 31.98
N TYR I 104 -15.14 -4.18 32.64
CA TYR I 104 -14.49 -3.40 33.69
C TYR I 104 -14.86 -3.97 35.06
N ASP I 105 -13.89 -3.98 35.98
CA ASP I 105 -14.06 -4.45 37.34
C ASP I 105 -14.90 -3.44 38.12
N ARG I 106 -15.33 -3.87 39.30
CA ARG I 106 -16.09 -3.02 40.20
C ARG I 106 -15.24 -1.81 40.58
N SER I 107 -13.92 -2.03 40.68
CA SER I 107 -12.96 -1.00 41.07
C SER I 107 -12.59 -0.12 39.88
N GLY I 108 -12.89 -0.60 38.68
CA GLY I 108 -12.60 0.14 37.46
C GLY I 108 -11.38 -0.44 36.76
N TYR I 109 -11.00 -1.67 37.14
CA TYR I 109 -9.85 -2.34 36.58
C TYR I 109 -10.26 -3.05 35.29
N TYR I 110 -9.57 -2.77 34.19
CA TYR I 110 -9.76 -3.47 32.94
C TYR I 110 -9.45 -4.97 33.10
N GLN I 111 -10.51 -5.78 33.06
CA GLN I 111 -10.37 -7.23 33.21
C GLN I 111 -10.57 -7.87 31.84
N ARG I 112 -9.53 -8.45 31.25
CA ARG I 112 -9.62 -9.12 29.97
C ARG I 112 -10.20 -10.52 30.16
N ALA I 113 -11.05 -10.94 29.22
CA ALA I 113 -11.65 -12.27 29.26
C ALA I 113 -11.37 -13.01 27.95
N GLU I 114 -10.18 -13.60 27.87
CA GLU I 114 -9.63 -14.15 26.63
C GLU I 114 -9.80 -15.66 26.62
N TYR I 115 -11.06 -16.10 26.65
CA TYR I 115 -11.40 -17.49 26.39
C TYR I 115 -12.21 -17.59 25.10
N PHE I 116 -11.89 -18.59 24.27
CA PHE I 116 -12.43 -18.63 22.91
C PHE I 116 -13.69 -19.48 22.83
N GLN I 117 -14.84 -18.81 22.66
CA GLN I 117 -16.14 -19.45 22.64
C GLN I 117 -16.42 -19.95 21.24
N HIS I 118 -16.11 -19.14 20.22
CA HIS I 118 -16.48 -19.48 18.86
C HIS I 118 -15.24 -19.56 17.98
N TRP I 119 -15.12 -20.64 17.19
CA TRP I 119 -13.97 -20.86 16.34
C TRP I 119 -14.43 -20.98 14.88
N GLY I 120 -13.49 -20.75 13.96
CA GLY I 120 -13.68 -21.06 12.55
C GLY I 120 -13.56 -22.57 12.27
N GLN I 121 -13.62 -22.94 10.98
CA GLN I 121 -13.51 -24.35 10.61
C GLN I 121 -12.05 -24.70 10.38
N GLY I 122 -11.19 -23.70 10.20
CA GLY I 122 -9.77 -23.96 9.96
C GLY I 122 -9.39 -23.90 8.48
N THR I 123 -8.22 -23.32 8.21
CA THR I 123 -7.68 -23.18 6.87
C THR I 123 -6.31 -23.84 6.83
N LEU I 124 -6.21 -24.91 6.05
CA LEU I 124 -4.94 -25.60 5.91
C LEU I 124 -4.05 -24.87 4.91
N VAL I 125 -2.84 -24.55 5.37
CA VAL I 125 -1.82 -23.95 4.54
C VAL I 125 -0.68 -24.95 4.39
N THR I 126 -0.59 -25.52 3.18
CA THR I 126 0.49 -26.46 2.88
C THR I 126 1.61 -25.68 2.22
N VAL I 127 2.78 -25.70 2.86
CA VAL I 127 3.93 -25.00 2.33
C VAL I 127 4.77 -25.99 1.52
N SER I 128 4.73 -25.85 0.19
CA SER I 128 5.25 -26.91 -0.64
C SER I 128 5.52 -26.37 -2.03
N SER I 129 6.60 -26.90 -2.59
CA SER I 129 7.00 -26.70 -3.97
C SER I 129 5.92 -27.26 -4.88
N ALA I 130 5.42 -28.45 -4.51
CA ALA I 130 4.66 -29.32 -5.38
C ALA I 130 3.47 -28.60 -6.00
N SER I 131 3.28 -28.87 -7.28
CA SER I 131 2.17 -28.37 -8.06
C SER I 131 0.87 -28.98 -7.56
N THR I 132 -0.20 -28.19 -7.60
CA THR I 132 -1.54 -28.68 -7.29
C THR I 132 -1.99 -29.66 -8.36
N LYS I 133 -2.76 -30.68 -7.97
CA LYS I 133 -3.29 -31.64 -8.93
C LYS I 133 -4.70 -32.01 -8.48
N GLY I 134 -5.55 -32.29 -9.46
CA GLY I 134 -6.93 -32.65 -9.18
C GLY I 134 -7.09 -34.14 -8.96
N PRO I 135 -8.05 -34.55 -8.10
CA PRO I 135 -8.24 -35.96 -7.77
C PRO I 135 -9.01 -36.74 -8.83
N SER I 136 -8.90 -38.07 -8.74
CA SER I 136 -9.64 -39.00 -9.55
C SER I 136 -10.48 -39.85 -8.62
N VAL I 137 -11.79 -39.87 -8.87
CA VAL I 137 -12.71 -40.59 -8.00
C VAL I 137 -13.12 -41.90 -8.66
N PHE I 138 -13.02 -43.00 -7.90
CA PHE I 138 -13.29 -44.33 -8.41
C PHE I 138 -14.24 -45.06 -7.47
N PRO I 139 -15.15 -45.90 -7.99
CA PRO I 139 -16.13 -46.58 -7.14
C PRO I 139 -15.59 -47.90 -6.60
N LEU I 140 -15.75 -48.09 -5.28
CA LEU I 140 -15.51 -49.38 -4.67
C LEU I 140 -16.85 -50.11 -4.50
N ALA I 141 -17.10 -51.06 -5.40
CA ALA I 141 -18.39 -51.72 -5.51
C ALA I 141 -18.45 -52.93 -4.58
N PRO I 142 -19.60 -53.18 -3.91
CA PRO I 142 -19.77 -54.39 -3.08
C PRO I 142 -20.13 -55.62 -3.91
N SER I 143 -19.96 -56.81 -3.32
CA SER I 143 -20.35 -58.06 -3.94
C SER I 143 -21.87 -58.29 -3.74
N GLY I 150 -25.75 -60.07 5.13
CA GLY I 150 -26.64 -59.15 5.87
C GLY I 150 -26.54 -57.71 5.37
N THR I 151 -25.41 -57.07 5.69
CA THR I 151 -25.17 -55.66 5.41
C THR I 151 -23.86 -55.54 4.63
N ALA I 152 -23.90 -54.81 3.50
CA ALA I 152 -22.74 -54.68 2.64
C ALA I 152 -22.14 -53.28 2.73
N ALA I 153 -20.87 -53.15 2.32
CA ALA I 153 -20.12 -51.91 2.45
C ALA I 153 -19.63 -51.44 1.07
N LEU I 154 -19.91 -50.17 0.74
CA LEU I 154 -19.44 -49.62 -0.52
C LEU I 154 -18.56 -48.42 -0.21
N GLY I 155 -17.85 -47.91 -1.23
CA GLY I 155 -16.96 -46.80 -0.99
C GLY I 155 -16.55 -46.05 -2.24
N CYS I 156 -15.78 -44.97 -1.99
CA CYS I 156 -15.22 -44.12 -3.02
C CYS I 156 -13.74 -43.92 -2.74
N LEU I 157 -12.94 -44.03 -3.81
CA LEU I 157 -11.49 -43.88 -3.74
C LEU I 157 -11.09 -42.57 -4.41
N VAL I 158 -10.51 -41.66 -3.63
CA VAL I 158 -10.05 -40.37 -4.12
C VAL I 158 -8.53 -40.45 -4.27
N LYS I 159 -8.07 -40.64 -5.51
CA LYS I 159 -6.67 -40.93 -5.78
C LYS I 159 -5.99 -39.74 -6.45
N ASP I 160 -4.71 -39.55 -6.14
CA ASP I 160 -3.78 -38.66 -6.83
C ASP I 160 -4.31 -37.23 -6.78
N TYR I 161 -4.37 -36.66 -5.57
CA TYR I 161 -4.69 -35.25 -5.41
C TYR I 161 -3.62 -34.57 -4.56
N PHE I 162 -3.51 -33.25 -4.75
CA PHE I 162 -2.61 -32.42 -3.97
C PHE I 162 -3.09 -30.98 -4.07
N PRO I 163 -3.12 -30.20 -2.97
CA PRO I 163 -2.77 -30.70 -1.64
C PRO I 163 -4.00 -31.12 -0.84
N GLU I 164 -3.78 -31.32 0.47
CA GLU I 164 -4.87 -31.62 1.38
C GLU I 164 -5.73 -30.36 1.54
N PRO I 165 -7.01 -30.48 1.96
CA PRO I 165 -7.72 -31.76 2.07
C PRO I 165 -8.80 -31.93 1.01
N VAL I 166 -9.52 -33.06 1.05
CA VAL I 166 -10.74 -33.23 0.28
C VAL I 166 -11.94 -33.38 1.23
N THR I 167 -13.10 -32.92 0.78
CA THR I 167 -14.34 -33.07 1.53
C THR I 167 -15.17 -34.15 0.85
N VAL I 168 -15.52 -35.18 1.63
CA VAL I 168 -16.30 -36.28 1.10
C VAL I 168 -17.61 -36.37 1.88
N SER I 169 -18.73 -36.25 1.16
CA SER I 169 -20.05 -36.44 1.75
C SER I 169 -20.75 -37.57 1.00
N TRP I 170 -21.87 -38.04 1.58
CA TRP I 170 -22.66 -39.08 0.95
C TRP I 170 -24.11 -38.62 0.79
N ASN I 171 -24.62 -38.72 -0.44
CA ASN I 171 -25.99 -38.33 -0.77
C ASN I 171 -26.22 -36.89 -0.40
N SER I 172 -25.26 -36.02 -0.75
CA SER I 172 -25.33 -34.59 -0.46
C SER I 172 -25.50 -34.33 1.03
N GLY I 173 -24.97 -35.23 1.87
CA GLY I 173 -24.99 -35.04 3.31
C GLY I 173 -26.15 -35.78 3.99
N ALA I 174 -26.97 -36.48 3.21
CA ALA I 174 -28.14 -37.16 3.74
C ALA I 174 -27.80 -38.53 4.35
N LEU I 175 -26.51 -38.90 4.33
CA LEU I 175 -26.08 -40.15 4.90
C LEU I 175 -24.84 -39.92 5.76
N THR I 176 -25.00 -40.06 7.08
CA THR I 176 -23.90 -39.86 8.02
C THR I 176 -23.69 -41.10 8.90
N SER I 177 -24.72 -41.95 9.01
CA SER I 177 -24.64 -43.13 9.87
C SER I 177 -23.77 -44.18 9.20
N GLY I 178 -22.63 -44.49 9.83
CA GLY I 178 -21.77 -45.58 9.38
C GLY I 178 -20.78 -45.16 8.30
N VAL I 179 -20.54 -43.84 8.20
CA VAL I 179 -19.60 -43.31 7.22
C VAL I 179 -18.22 -43.24 7.88
N HIS I 180 -17.22 -43.81 7.18
CA HIS I 180 -15.84 -43.73 7.61
C HIS I 180 -14.99 -43.14 6.48
N THR I 181 -14.57 -41.88 6.65
CA THR I 181 -13.67 -41.23 5.71
C THR I 181 -12.26 -41.35 6.25
N PHE I 182 -11.45 -42.20 5.61
CA PHE I 182 -10.11 -42.48 6.10
C PHE I 182 -9.22 -41.24 5.94
N PRO I 183 -8.20 -41.06 6.81
CA PRO I 183 -7.21 -40.01 6.62
C PRO I 183 -6.42 -40.21 5.34
N ALA I 184 -5.87 -39.11 4.80
CA ALA I 184 -5.16 -39.19 3.53
C ALA I 184 -3.83 -39.89 3.73
N VAL I 185 -3.29 -40.44 2.63
CA VAL I 185 -2.02 -41.13 2.67
C VAL I 185 -1.14 -40.50 1.60
N LEU I 186 0.10 -40.14 1.98
CA LEU I 186 1.02 -39.54 1.03
C LEU I 186 1.73 -40.67 0.29
N GLN I 187 1.40 -40.84 -0.99
CA GLN I 187 1.94 -41.90 -1.83
C GLN I 187 3.38 -41.56 -2.22
N SER I 188 4.04 -42.55 -2.83
CA SER I 188 5.42 -42.43 -3.25
C SER I 188 5.57 -41.33 -4.29
N SER I 189 4.49 -41.01 -5.02
CA SER I 189 4.53 -40.04 -6.10
C SER I 189 4.43 -38.62 -5.57
N GLY I 190 4.31 -38.47 -4.24
CA GLY I 190 4.17 -37.16 -3.63
C GLY I 190 2.73 -36.62 -3.68
N LEU I 191 1.78 -37.47 -4.12
CA LEU I 191 0.38 -37.11 -4.19
C LEU I 191 -0.40 -37.87 -3.10
N TYR I 192 -1.54 -37.33 -2.69
CA TYR I 192 -2.37 -37.91 -1.65
C TYR I 192 -3.44 -38.80 -2.25
N SER I 193 -3.97 -39.69 -1.39
CA SER I 193 -5.01 -40.64 -1.73
C SER I 193 -5.78 -40.97 -0.45
N LEU I 194 -7.08 -41.18 -0.63
CA LEU I 194 -8.02 -41.28 0.49
C LEU I 194 -9.16 -42.21 0.05
N SER I 195 -9.80 -42.85 1.03
CA SER I 195 -10.96 -43.69 0.77
C SER I 195 -12.05 -43.35 1.78
N SER I 196 -13.30 -43.37 1.31
CA SER I 196 -14.42 -43.14 2.20
C SER I 196 -15.40 -44.28 1.98
N VAL I 197 -15.69 -45.03 3.06
CA VAL I 197 -16.58 -46.18 2.97
C VAL I 197 -17.83 -45.92 3.81
N VAL I 198 -18.91 -46.64 3.46
CA VAL I 198 -20.14 -46.60 4.23
C VAL I 198 -20.78 -48.00 4.16
N THR I 199 -21.31 -48.46 5.29
CA THR I 199 -21.98 -49.75 5.37
C THR I 199 -23.49 -49.50 5.34
N VAL I 200 -24.18 -50.17 4.44
CA VAL I 200 -25.63 -50.08 4.33
C VAL I 200 -26.22 -51.49 4.25
N PRO I 201 -27.49 -51.71 4.66
CA PRO I 201 -28.15 -52.99 4.44
C PRO I 201 -28.22 -53.37 2.97
N SER I 202 -28.04 -54.66 2.69
CA SER I 202 -28.14 -55.19 1.34
C SER I 202 -29.51 -54.94 0.72
N SER I 203 -30.58 -54.89 1.53
CA SER I 203 -31.93 -54.65 1.06
C SER I 203 -32.05 -53.32 0.31
N SER I 204 -31.28 -52.32 0.74
CA SER I 204 -31.31 -51.01 0.14
C SER I 204 -30.38 -50.91 -1.07
N LEU I 205 -29.70 -52.01 -1.44
CA LEU I 205 -28.75 -51.97 -2.56
C LEU I 205 -29.49 -51.68 -3.87
N GLY I 206 -30.75 -52.07 -3.96
CA GLY I 206 -31.54 -51.84 -5.15
C GLY I 206 -32.57 -50.72 -4.96
N THR I 207 -32.86 -50.38 -3.70
CA THR I 207 -33.93 -49.45 -3.38
C THR I 207 -33.41 -48.00 -3.36
N GLN I 208 -32.31 -47.77 -2.63
CA GLN I 208 -31.72 -46.43 -2.50
C GLN I 208 -30.47 -46.36 -3.39
N THR I 209 -30.27 -45.18 -4.00
CA THR I 209 -29.05 -44.91 -4.75
C THR I 209 -28.04 -44.24 -3.81
N TYR I 210 -26.76 -44.57 -4.00
CA TYR I 210 -25.69 -44.08 -3.15
C TYR I 210 -24.68 -43.25 -3.94
N ILE I 211 -24.72 -41.93 -3.75
CA ILE I 211 -23.83 -41.00 -4.41
C ILE I 211 -22.83 -40.48 -3.39
N CYS I 212 -21.56 -40.45 -3.79
CA CYS I 212 -20.51 -39.84 -3.01
C CYS I 212 -20.07 -38.54 -3.68
N ASN I 213 -19.95 -37.49 -2.86
CA ASN I 213 -19.60 -36.17 -3.35
C ASN I 213 -18.19 -35.83 -2.85
N VAL I 214 -17.25 -35.65 -3.78
CA VAL I 214 -15.88 -35.31 -3.46
C VAL I 214 -15.65 -33.86 -3.90
N ASN I 215 -15.04 -33.08 -3.00
CA ASN I 215 -14.81 -31.66 -3.25
C ASN I 215 -13.38 -31.32 -2.88
N HIS I 216 -12.59 -30.96 -3.90
CA HIS I 216 -11.22 -30.51 -3.71
C HIS I 216 -11.14 -29.04 -4.12
N LYS I 217 -11.17 -28.15 -3.12
CA LYS I 217 -11.31 -26.71 -3.35
C LYS I 217 -10.03 -26.13 -3.95
N PRO I 218 -8.81 -26.51 -3.49
CA PRO I 218 -7.59 -26.00 -4.11
C PRO I 218 -7.48 -26.21 -5.63
N SER I 219 -8.17 -27.22 -6.15
CA SER I 219 -8.17 -27.50 -7.58
C SER I 219 -9.53 -27.19 -8.22
N ASN I 220 -10.49 -26.70 -7.43
CA ASN I 220 -11.81 -26.35 -7.92
C ASN I 220 -12.46 -27.55 -8.59
N THR I 221 -12.26 -28.74 -7.99
CA THR I 221 -12.79 -29.98 -8.53
C THR I 221 -13.96 -30.46 -7.66
N LYS I 222 -15.10 -30.68 -8.30
CA LYS I 222 -16.24 -31.29 -7.63
C LYS I 222 -16.71 -32.47 -8.45
N VAL I 223 -16.68 -33.67 -7.85
CA VAL I 223 -17.09 -34.88 -8.55
C VAL I 223 -18.12 -35.62 -7.72
N ASP I 224 -19.30 -35.83 -8.32
CA ASP I 224 -20.29 -36.74 -7.77
C ASP I 224 -20.10 -38.09 -8.45
N LYS I 225 -20.26 -39.17 -7.70
CA LYS I 225 -20.10 -40.50 -8.25
C LYS I 225 -21.14 -41.43 -7.62
N ARG I 226 -21.90 -42.09 -8.49
CA ARG I 226 -22.90 -43.04 -8.06
C ARG I 226 -22.25 -44.42 -8.01
N VAL I 227 -22.35 -45.06 -6.84
CA VAL I 227 -21.76 -46.37 -6.63
C VAL I 227 -22.83 -47.44 -6.86
N GLU I 228 -22.63 -48.21 -7.94
CA GLU I 228 -23.59 -49.23 -8.33
C GLU I 228 -22.87 -50.56 -8.35
N PRO I 229 -23.53 -51.66 -7.89
CA PRO I 229 -22.85 -52.96 -7.83
C PRO I 229 -22.51 -53.45 -9.24
N LYS I 230 -21.32 -54.06 -9.39
CA LYS I 230 -20.91 -54.58 -10.69
C LYS I 230 -21.56 -55.95 -10.85
N SER I 231 -22.47 -56.10 -11.83
CA SER I 231 -23.16 -57.36 -12.05
C SER I 231 -22.34 -58.21 -13.01
N CYS I 232 -21.80 -59.32 -12.49
CA CYS I 232 -20.94 -60.19 -13.26
C CYS I 232 -21.83 -61.23 -13.98
N ASP J 1 6.67 -15.13 28.68
CA ASP J 1 6.06 -16.39 28.16
C ASP J 1 5.86 -17.37 29.31
N ILE J 2 4.59 -17.65 29.63
CA ILE J 2 4.24 -18.60 30.67
C ILE J 2 4.14 -19.98 30.06
N GLN J 3 4.94 -20.92 30.59
CA GLN J 3 4.97 -22.28 30.09
C GLN J 3 3.89 -23.09 30.82
N LEU J 4 3.22 -23.97 30.08
CA LEU J 4 2.25 -24.87 30.65
C LEU J 4 2.63 -26.31 30.32
N THR J 5 2.70 -27.14 31.35
CA THR J 5 2.98 -28.56 31.20
C THR J 5 1.72 -29.35 31.53
N GLN J 6 1.39 -30.30 30.64
CA GLN J 6 0.18 -31.10 30.80
C GLN J 6 0.57 -32.52 31.15
N SER J 7 -0.11 -33.08 32.16
CA SER J 7 0.14 -34.44 32.60
C SER J 7 -1.17 -35.20 32.70
N PRO J 8 -1.30 -36.38 32.04
CA PRO J 8 -0.25 -36.92 31.18
C PRO J 8 -0.29 -36.38 29.75
N SER J 9 0.53 -36.97 28.87
CA SER J 9 0.53 -36.61 27.46
C SER J 9 -0.43 -37.53 26.69
N SER J 10 -0.66 -38.74 27.22
CA SER J 10 -1.60 -39.67 26.64
C SER J 10 -2.20 -40.49 27.78
N LEU J 11 -3.37 -41.08 27.54
CA LEU J 11 -4.04 -41.86 28.55
C LEU J 11 -5.13 -42.72 27.91
N SER J 12 -5.48 -43.81 28.60
CA SER J 12 -6.52 -44.73 28.17
C SER J 12 -7.33 -45.14 29.40
N ALA J 13 -8.65 -44.92 29.34
CA ALA J 13 -9.54 -45.27 30.45
C ALA J 13 -10.78 -45.98 29.91
N SER J 14 -11.46 -46.70 30.79
CA SER J 14 -12.65 -47.45 30.42
C SER J 14 -13.87 -46.53 30.47
N VAL J 15 -14.99 -47.02 29.92
CA VAL J 15 -16.24 -46.28 29.96
C VAL J 15 -16.69 -46.17 31.42
N GLY J 16 -17.07 -44.96 31.83
CA GLY J 16 -17.59 -44.74 33.18
C GLY J 16 -16.48 -44.43 34.18
N ASP J 17 -15.21 -44.52 33.75
CA ASP J 17 -14.08 -44.19 34.60
C ASP J 17 -14.06 -42.70 34.91
N ARG J 18 -13.43 -42.35 36.03
CA ARG J 18 -13.19 -40.96 36.40
C ARG J 18 -11.80 -40.57 35.91
N VAL J 19 -11.73 -39.47 35.17
CA VAL J 19 -10.49 -39.05 34.53
C VAL J 19 -10.04 -37.72 35.13
N THR J 20 -8.72 -37.57 35.29
CA THR J 20 -8.14 -36.37 35.87
C THR J 20 -6.88 -36.00 35.10
N ILE J 21 -6.83 -34.74 34.63
CA ILE J 21 -5.67 -34.20 33.95
C ILE J 21 -5.17 -33.00 34.73
N THR J 22 -3.84 -32.77 34.68
CA THR J 22 -3.21 -31.70 35.43
C THR J 22 -2.50 -30.75 34.47
N CYS J 23 -2.63 -29.45 34.74
CA CYS J 23 -1.93 -28.41 34.01
C CYS J 23 -1.15 -27.56 35.00
N GLN J 24 0.18 -27.53 34.83
CA GLN J 24 1.08 -26.81 35.70
C GLN J 24 1.66 -25.61 34.95
N ALA J 25 1.58 -24.44 35.59
CA ALA J 25 2.02 -23.19 35.01
C ALA J 25 3.36 -22.79 35.63
N SER J 26 4.23 -22.17 34.81
CA SER J 26 5.53 -21.73 35.26
C SER J 26 5.42 -20.53 36.21
N GLN J 27 4.23 -19.91 36.27
CA GLN J 27 4.00 -18.75 37.11
C GLN J 27 2.59 -18.78 37.65
N ASP J 28 2.26 -17.80 38.49
CA ASP J 28 0.97 -17.77 39.14
C ASP J 28 -0.01 -16.94 38.32
N ILE J 29 -1.09 -17.60 37.93
CA ILE J 29 -2.27 -17.03 37.29
C ILE J 29 -3.43 -17.51 38.15
N SER J 30 -4.18 -16.59 38.77
CA SER J 30 -5.10 -16.99 39.84
C SER J 30 -6.08 -18.04 39.34
N ASN J 31 -6.76 -17.72 38.23
CA ASN J 31 -7.77 -18.62 37.68
C ASN J 31 -7.92 -18.37 36.18
N TYR J 32 -6.99 -17.61 35.62
CA TYR J 32 -7.06 -17.28 34.21
C TYR J 32 -6.62 -18.47 33.38
N LEU J 33 -7.31 -19.59 33.60
CA LEU J 33 -7.06 -20.79 32.84
C LEU J 33 -8.35 -21.34 32.24
N ASN J 34 -8.22 -21.87 31.02
CA ASN J 34 -9.35 -22.43 30.28
C ASN J 34 -8.96 -23.81 29.78
N TRP J 35 -9.98 -24.64 29.55
CA TRP J 35 -9.80 -25.99 29.03
C TRP J 35 -10.57 -26.15 27.72
N TYR J 36 -9.89 -26.70 26.71
CA TYR J 36 -10.48 -26.92 25.41
C TYR J 36 -10.45 -28.42 25.07
N GLN J 37 -11.46 -28.86 24.31
CA GLN J 37 -11.61 -30.24 23.91
C GLN J 37 -11.64 -30.31 22.37
N GLN J 38 -10.46 -30.53 21.78
CA GLN J 38 -10.34 -30.58 20.34
C GLN J 38 -10.53 -32.01 19.86
N ARG J 39 -11.60 -32.23 19.10
CA ARG J 39 -11.88 -33.54 18.51
C ARG J 39 -11.11 -33.66 17.21
N PRO J 40 -10.82 -34.89 16.73
CA PRO J 40 -10.00 -35.09 15.55
C PRO J 40 -10.69 -34.50 14.32
N GLY J 41 -9.96 -33.63 13.61
CA GLY J 41 -10.46 -33.03 12.38
C GLY J 41 -11.22 -31.72 12.63
N LYS J 42 -11.89 -31.63 13.78
CA LYS J 42 -12.70 -30.48 14.13
C LYS J 42 -11.83 -29.39 14.77
N ALA J 43 -12.44 -28.26 15.14
CA ALA J 43 -11.74 -27.21 15.85
C ALA J 43 -11.83 -27.47 17.35
N PRO J 44 -11.01 -26.78 18.18
CA PRO J 44 -11.17 -26.83 19.63
C PRO J 44 -12.53 -26.32 20.12
N LYS J 45 -13.01 -26.91 21.21
CA LYS J 45 -14.28 -26.57 21.84
C LYS J 45 -14.00 -26.20 23.29
N LEU J 46 -14.43 -24.99 23.68
CA LEU J 46 -14.23 -24.51 25.03
C LEU J 46 -15.19 -25.22 25.99
N LEU J 47 -14.63 -25.84 27.03
CA LEU J 47 -15.44 -26.56 28.01
C LEU J 47 -15.43 -25.84 29.35
N ILE J 48 -14.23 -25.42 29.81
CA ILE J 48 -14.08 -24.78 31.11
C ILE J 48 -13.34 -23.45 30.91
N TYR J 49 -13.90 -22.39 31.50
CA TYR J 49 -13.24 -21.09 31.52
C TYR J 49 -13.14 -20.59 32.96
N ASP J 50 -12.12 -19.76 33.21
CA ASP J 50 -11.79 -19.28 34.54
C ASP J 50 -11.49 -20.45 35.48
N ALA J 51 -11.15 -21.60 34.92
CA ALA J 51 -10.58 -22.74 35.62
C ALA J 51 -11.60 -23.50 36.45
N SER J 52 -12.82 -22.96 36.60
CA SER J 52 -13.82 -23.64 37.42
C SER J 52 -15.24 -23.50 36.85
N ASN J 53 -15.42 -22.69 35.80
CA ASN J 53 -16.75 -22.40 35.30
C ASN J 53 -17.06 -23.25 34.07
N LEU J 54 -18.20 -23.95 34.11
CA LEU J 54 -18.64 -24.76 33.00
C LEU J 54 -19.24 -23.86 31.92
N GLU J 55 -18.81 -24.06 30.68
CA GLU J 55 -19.36 -23.33 29.55
C GLU J 55 -20.78 -23.80 29.25
N THR J 56 -21.65 -22.84 28.92
CA THR J 56 -23.05 -23.11 28.59
C THR J 56 -23.12 -24.20 27.52
N GLY J 57 -23.74 -25.33 27.86
CA GLY J 57 -23.98 -26.39 26.92
C GLY J 57 -23.09 -27.62 27.16
N VAL J 58 -22.28 -27.56 28.22
CA VAL J 58 -21.38 -28.67 28.54
C VAL J 58 -22.05 -29.56 29.58
N PRO J 59 -22.00 -30.91 29.43
CA PRO J 59 -22.58 -31.82 30.43
C PRO J 59 -22.00 -31.62 31.83
N SER J 60 -22.76 -32.04 32.83
CA SER J 60 -22.46 -31.77 34.23
C SER J 60 -21.26 -32.59 34.67
N ARG J 61 -20.89 -33.60 33.89
CA ARG J 61 -19.85 -34.54 34.31
C ARG J 61 -18.45 -33.92 34.23
N PHE J 62 -18.36 -32.74 33.59
CA PHE J 62 -17.08 -32.07 33.44
C PHE J 62 -16.91 -31.07 34.57
N SER J 63 -15.68 -30.92 35.06
CA SER J 63 -15.39 -29.96 36.11
C SER J 63 -13.92 -29.55 36.03
N GLY J 64 -13.63 -28.41 36.65
CA GLY J 64 -12.26 -27.94 36.75
C GLY J 64 -12.04 -27.20 38.07
N SER J 65 -10.80 -27.28 38.55
CA SER J 65 -10.42 -26.60 39.77
C SER J 65 -8.94 -26.25 39.71
N GLY J 66 -8.47 -25.57 40.75
CA GLY J 66 -7.07 -25.22 40.86
C GLY J 66 -6.85 -23.72 40.89
N SER J 67 -5.64 -23.33 41.28
CA SER J 67 -5.23 -21.94 41.40
C SER J 67 -3.70 -21.88 41.40
N GLY J 68 -3.18 -20.66 41.52
CA GLY J 68 -1.74 -20.46 41.56
C GLY J 68 -1.06 -20.99 40.29
N THR J 69 -0.38 -22.14 40.45
CA THR J 69 0.38 -22.73 39.37
C THR J 69 -0.18 -24.09 38.98
N ASP J 70 -1.10 -24.63 39.80
CA ASP J 70 -1.59 -25.99 39.64
C ASP J 70 -3.09 -25.99 39.35
N PHE J 71 -3.48 -26.64 38.25
CA PHE J 71 -4.89 -26.79 37.89
C PHE J 71 -5.19 -28.23 37.53
N THR J 72 -6.45 -28.61 37.77
CA THR J 72 -6.92 -29.94 37.45
C THR J 72 -8.23 -29.86 36.67
N PHE J 73 -8.40 -30.83 35.75
CA PHE J 73 -9.60 -30.99 34.94
C PHE J 73 -10.11 -32.40 35.12
N THR J 74 -11.40 -32.53 35.48
CA THR J 74 -11.93 -33.81 35.91
C THR J 74 -13.17 -34.19 35.10
N ILE J 75 -13.24 -35.49 34.76
CA ILE J 75 -14.42 -36.06 34.14
C ILE J 75 -14.98 -37.10 35.10
N SER J 76 -16.24 -36.93 35.50
CA SER J 76 -16.92 -37.82 36.44
C SER J 76 -16.99 -39.24 35.87
N SER J 77 -17.79 -39.43 34.83
CA SER J 77 -17.92 -40.72 34.17
C SER J 77 -17.59 -40.55 32.68
N LEU J 78 -16.50 -41.19 32.25
CA LEU J 78 -16.03 -41.04 30.88
C LEU J 78 -17.02 -41.67 29.90
N GLN J 79 -17.61 -40.81 29.06
CA GLN J 79 -18.55 -41.21 28.03
C GLN J 79 -17.82 -41.43 26.71
N PRO J 80 -18.33 -42.31 25.81
CA PRO J 80 -17.60 -42.65 24.59
C PRO J 80 -17.32 -41.47 23.65
N GLU J 81 -18.13 -40.41 23.74
CA GLU J 81 -18.00 -39.27 22.85
C GLU J 81 -17.01 -38.24 23.40
N ASP J 82 -16.31 -38.59 24.49
CA ASP J 82 -15.40 -37.66 25.14
C ASP J 82 -13.98 -37.80 24.59
N ILE J 83 -13.76 -38.78 23.69
CA ILE J 83 -12.43 -39.02 23.16
C ILE J 83 -12.01 -37.83 22.31
N ALA J 84 -10.95 -37.15 22.76
CA ALA J 84 -10.40 -36.00 22.06
C ALA J 84 -9.04 -35.67 22.66
N THR J 85 -8.44 -34.57 22.22
CA THR J 85 -7.24 -34.04 22.86
C THR J 85 -7.63 -32.80 23.65
N TYR J 86 -7.22 -32.77 24.92
CA TYR J 86 -7.62 -31.70 25.81
C TYR J 86 -6.44 -30.78 26.04
N TYR J 87 -6.66 -29.47 25.88
CA TYR J 87 -5.62 -28.47 26.04
C TYR J 87 -5.99 -27.49 27.15
N CYS J 88 -4.97 -26.97 27.84
CA CYS J 88 -5.16 -25.89 28.79
C CYS J 88 -4.55 -24.61 28.23
N GLN J 89 -5.16 -23.47 28.57
CA GLN J 89 -4.74 -22.17 28.04
C GLN J 89 -4.79 -21.14 29.15
N GLN J 90 -3.81 -20.21 29.13
CA GLN J 90 -3.72 -19.15 30.11
C GLN J 90 -3.90 -17.82 29.41
N TYR J 91 -4.46 -16.84 30.14
CA TYR J 91 -4.57 -15.49 29.62
C TYR J 91 -4.28 -14.46 30.72
N ASP J 92 -3.41 -14.82 31.68
CA ASP J 92 -3.07 -13.91 32.74
C ASP J 92 -2.13 -12.83 32.24
N ASN J 93 -1.21 -13.22 31.35
CA ASN J 93 -0.22 -12.31 30.82
C ASN J 93 0.08 -12.68 29.37
N PRO J 94 0.13 -11.70 28.44
CA PRO J 94 0.55 -11.98 27.06
C PRO J 94 1.98 -12.50 27.02
N PRO J 95 2.33 -13.39 26.07
CA PRO J 95 1.36 -13.93 25.12
C PRO J 95 0.63 -15.16 25.66
N LEU J 96 -0.52 -15.49 25.07
CA LEU J 96 -1.30 -16.66 25.46
C LEU J 96 -0.56 -17.92 25.04
N THR J 97 -0.64 -18.95 25.88
CA THR J 97 0.04 -20.20 25.61
C THR J 97 -0.92 -21.37 25.87
N PHE J 98 -0.64 -22.49 25.21
CA PHE J 98 -1.44 -23.69 25.36
C PHE J 98 -0.56 -24.84 25.87
N GLY J 99 -1.19 -25.79 26.56
CA GLY J 99 -0.54 -27.01 27.01
C GLY J 99 -0.14 -27.93 25.84
N GLY J 100 0.61 -28.99 26.17
CA GLY J 100 1.12 -29.92 25.18
C GLY J 100 -0.01 -30.73 24.55
N GLY J 101 -1.09 -30.91 25.31
CA GLY J 101 -2.20 -31.74 24.87
C GLY J 101 -2.21 -33.08 25.60
N THR J 102 -3.42 -33.64 25.76
CA THR J 102 -3.63 -34.93 26.40
C THR J 102 -4.55 -35.79 25.55
N LYS J 103 -3.97 -36.66 24.73
CA LYS J 103 -4.74 -37.52 23.87
C LYS J 103 -5.42 -38.58 24.75
N LEU J 104 -6.74 -38.51 24.83
CA LEU J 104 -7.52 -39.44 25.64
C LEU J 104 -8.16 -40.50 24.75
N GLU J 105 -8.01 -41.76 25.15
CA GLU J 105 -8.57 -42.88 24.40
C GLU J 105 -9.47 -43.69 25.32
N ILE J 106 -10.28 -44.57 24.72
CA ILE J 106 -11.19 -45.41 25.48
C ILE J 106 -10.62 -46.83 25.53
N LYS J 107 -10.74 -47.46 26.70
CA LYS J 107 -10.48 -48.88 26.85
C LYS J 107 -11.81 -49.62 26.66
N ARG J 108 -11.83 -50.50 25.66
CA ARG J 108 -13.07 -51.14 25.22
C ARG J 108 -12.87 -52.65 25.24
N THR J 109 -13.99 -53.38 25.18
CA THR J 109 -13.97 -54.83 25.00
C THR J 109 -13.43 -55.16 23.61
N VAL J 110 -12.79 -56.31 23.48
CA VAL J 110 -12.22 -56.72 22.21
C VAL J 110 -13.34 -56.98 21.20
N ALA J 111 -13.23 -56.35 20.02
CA ALA J 111 -14.17 -56.53 18.93
C ALA J 111 -13.43 -56.96 17.65
N ALA J 112 -14.06 -57.87 16.89
CA ALA J 112 -13.47 -58.40 15.68
C ALA J 112 -13.82 -57.52 14.49
N PRO J 113 -12.92 -57.37 13.49
CA PRO J 113 -13.21 -56.51 12.34
C PRO J 113 -14.06 -57.21 11.27
N SER J 114 -14.94 -56.45 10.62
CA SER J 114 -15.61 -56.91 9.43
C SER J 114 -14.70 -56.63 8.23
N VAL J 115 -14.38 -57.68 7.47
CA VAL J 115 -13.38 -57.57 6.43
C VAL J 115 -14.04 -57.61 5.06
N PHE J 116 -13.78 -56.56 4.26
CA PHE J 116 -14.28 -56.48 2.89
C PHE J 116 -13.12 -56.23 1.93
N ILE J 117 -13.30 -56.68 0.69
CA ILE J 117 -12.31 -56.45 -0.36
C ILE J 117 -12.98 -55.80 -1.55
N PHE J 118 -12.25 -54.91 -2.23
CA PHE J 118 -12.73 -54.22 -3.41
C PHE J 118 -11.68 -54.31 -4.52
N PRO J 119 -12.00 -55.02 -5.63
CA PRO J 119 -11.12 -55.04 -6.80
C PRO J 119 -11.00 -53.65 -7.41
N PRO J 120 -10.07 -53.43 -8.36
CA PRO J 120 -9.95 -52.10 -8.97
C PRO J 120 -11.08 -51.89 -9.96
N SER J 121 -11.57 -50.65 -10.03
CA SER J 121 -12.70 -50.29 -10.86
C SER J 121 -12.31 -50.39 -12.34
N ASP J 122 -13.30 -50.66 -13.18
CA ASP J 122 -13.12 -50.73 -14.62
C ASP J 122 -12.65 -49.37 -15.16
N GLU J 123 -13.03 -48.28 -14.47
CA GLU J 123 -12.68 -46.93 -14.89
C GLU J 123 -11.20 -46.68 -14.66
N GLN J 124 -10.67 -47.15 -13.52
CA GLN J 124 -9.30 -46.89 -13.15
C GLN J 124 -8.35 -47.68 -14.05
N LEU J 125 -8.80 -48.86 -14.50
CA LEU J 125 -7.97 -49.71 -15.36
C LEU J 125 -7.70 -49.02 -16.69
N LYS J 126 -8.54 -48.03 -17.06
CA LYS J 126 -8.33 -47.27 -18.27
C LYS J 126 -7.07 -46.41 -18.17
N SER J 127 -6.62 -46.14 -16.94
CA SER J 127 -5.58 -45.14 -16.71
C SER J 127 -4.20 -45.75 -16.49
N GLY J 128 -4.13 -47.08 -16.35
CA GLY J 128 -2.84 -47.74 -16.25
C GLY J 128 -2.56 -48.29 -14.85
N THR J 129 -3.04 -47.59 -13.82
CA THR J 129 -2.85 -48.02 -12.45
C THR J 129 -4.10 -48.76 -11.95
N ALA J 130 -3.88 -49.75 -11.07
CA ALA J 130 -4.95 -50.51 -10.44
C ALA J 130 -4.79 -50.48 -8.92
N SER J 131 -5.90 -50.27 -8.20
CA SER J 131 -5.88 -50.15 -6.77
C SER J 131 -6.85 -51.17 -6.18
N VAL J 132 -6.32 -52.11 -5.39
CA VAL J 132 -7.13 -53.08 -4.66
C VAL J 132 -7.21 -52.65 -3.21
N VAL J 133 -8.43 -52.63 -2.66
CA VAL J 133 -8.67 -52.05 -1.35
C VAL J 133 -9.15 -53.15 -0.40
N CYS J 134 -8.63 -53.13 0.83
CA CYS J 134 -9.11 -54.01 1.88
C CYS J 134 -9.59 -53.16 3.05
N LEU J 135 -10.81 -53.44 3.52
CA LEU J 135 -11.43 -52.65 4.58
C LEU J 135 -11.60 -53.53 5.82
N LEU J 136 -11.12 -53.03 6.97
CA LEU J 136 -11.31 -53.63 8.27
C LEU J 136 -12.18 -52.66 9.10
N ASN J 137 -13.46 -53.00 9.25
CA ASN J 137 -14.43 -52.08 9.83
C ASN J 137 -14.76 -52.49 11.27
N ASN J 138 -14.71 -51.49 12.17
CA ASN J 138 -15.27 -51.56 13.52
C ASN J 138 -14.63 -52.69 14.34
N PHE J 139 -13.35 -52.52 14.66
CA PHE J 139 -12.64 -53.46 15.52
C PHE J 139 -11.95 -52.73 16.66
N TYR J 140 -11.39 -53.51 17.59
CA TYR J 140 -10.60 -53.03 18.71
C TYR J 140 -9.85 -54.23 19.26
N PRO J 141 -8.58 -54.10 19.73
CA PRO J 141 -7.84 -52.84 19.76
C PRO J 141 -7.29 -52.41 18.40
N ARG J 142 -6.43 -51.38 18.41
CA ARG J 142 -6.01 -50.70 17.21
C ARG J 142 -5.11 -51.59 16.35
N GLU J 143 -4.45 -52.57 17.00
CA GLU J 143 -3.47 -53.41 16.33
C GLU J 143 -4.19 -54.37 15.39
N ALA J 144 -3.64 -54.53 14.17
CA ALA J 144 -4.15 -55.46 13.18
C ALA J 144 -3.13 -55.66 12.07
N LYS J 145 -2.98 -56.90 11.62
CA LYS J 145 -2.01 -57.25 10.60
C LYS J 145 -2.74 -57.57 9.31
N VAL J 146 -2.33 -56.89 8.24
CA VAL J 146 -2.94 -57.08 6.92
C VAL J 146 -1.88 -57.48 5.92
N GLN J 147 -2.08 -58.64 5.27
CA GLN J 147 -1.14 -59.16 4.30
C GLN J 147 -1.83 -59.28 2.95
N TRP J 148 -1.13 -58.86 1.88
CA TRP J 148 -1.62 -59.01 0.52
C TRP J 148 -0.97 -60.23 -0.13
N LYS J 149 -1.84 -61.11 -0.65
CA LYS J 149 -1.36 -62.28 -1.36
C LYS J 149 -1.89 -62.25 -2.80
N VAL J 150 -0.96 -62.09 -3.74
CA VAL J 150 -1.29 -62.13 -5.15
C VAL J 150 -0.82 -63.46 -5.71
N ASP J 151 -1.79 -64.33 -6.02
CA ASP J 151 -1.52 -65.70 -6.44
C ASP J 151 -0.74 -66.40 -5.34
N ASN J 152 -1.14 -66.14 -4.08
CA ASN J 152 -0.55 -66.74 -2.90
C ASN J 152 0.92 -66.33 -2.74
N ALA J 153 1.34 -65.29 -3.46
CA ALA J 153 2.67 -64.72 -3.29
C ALA J 153 2.53 -63.41 -2.50
N LEU J 154 3.33 -63.28 -1.44
CA LEU J 154 3.22 -62.12 -0.57
C LEU J 154 3.75 -60.88 -1.29
N GLN J 155 2.93 -59.82 -1.29
CA GLN J 155 3.34 -58.54 -1.84
C GLN J 155 3.87 -57.67 -0.70
N SER J 156 4.94 -56.89 -0.98
CA SER J 156 5.51 -56.01 0.03
C SER J 156 6.02 -54.74 -0.62
N GLY J 157 5.99 -53.64 0.15
CA GLY J 157 6.43 -52.34 -0.31
C GLY J 157 5.49 -51.72 -1.35
N ASN J 158 4.30 -52.34 -1.54
CA ASN J 158 3.36 -51.88 -2.54
C ASN J 158 2.02 -51.47 -1.93
N SER J 159 1.86 -51.69 -0.61
CA SER J 159 0.61 -51.35 0.04
C SER J 159 0.79 -50.20 1.01
N GLN J 160 -0.28 -49.42 1.23
CA GLN J 160 -0.30 -48.37 2.22
C GLN J 160 -1.55 -48.52 3.09
N GLU J 161 -1.39 -48.23 4.38
CA GLU J 161 -2.47 -48.42 5.34
C GLU J 161 -2.90 -47.07 5.89
N SER J 162 -4.19 -46.96 6.19
CA SER J 162 -4.77 -45.76 6.78
C SER J 162 -5.75 -46.19 7.87
N VAL J 163 -5.60 -45.61 9.06
CA VAL J 163 -6.43 -46.02 10.19
C VAL J 163 -7.20 -44.80 10.68
N THR J 164 -8.50 -44.98 10.86
CA THR J 164 -9.36 -43.90 11.33
C THR J 164 -9.09 -43.63 12.80
N GLU J 165 -9.66 -42.52 13.32
CA GLU J 165 -9.59 -42.24 14.73
C GLU J 165 -10.67 -43.04 15.44
N GLN J 166 -10.57 -43.14 16.76
CA GLN J 166 -11.52 -43.90 17.56
C GLN J 166 -12.92 -43.31 17.38
N ASP J 167 -13.89 -44.18 17.08
CA ASP J 167 -15.26 -43.78 16.81
C ASP J 167 -15.88 -43.21 18.09
N SER J 168 -16.67 -42.15 17.92
CA SER J 168 -17.25 -41.42 19.04
C SER J 168 -18.44 -42.16 19.63
N LYS J 169 -18.83 -43.30 19.05
CA LYS J 169 -20.03 -44.00 19.49
C LYS J 169 -19.65 -45.33 20.14
N ASP J 170 -18.99 -46.20 19.38
CA ASP J 170 -18.67 -47.55 19.81
C ASP J 170 -17.19 -47.70 20.14
N SER J 171 -16.40 -46.65 19.97
CA SER J 171 -15.00 -46.63 20.36
C SER J 171 -14.19 -47.71 19.64
N THR J 172 -14.47 -47.89 18.35
CA THR J 172 -13.77 -48.87 17.53
C THR J 172 -12.84 -48.17 16.55
N TYR J 173 -12.14 -48.96 15.72
CA TYR J 173 -11.24 -48.44 14.70
C TYR J 173 -11.64 -49.02 13.36
N SER J 174 -11.15 -48.40 12.27
CA SER J 174 -11.27 -48.95 10.93
C SER J 174 -9.97 -48.73 10.16
N LEU J 175 -9.68 -49.68 9.25
CA LEU J 175 -8.39 -49.71 8.57
C LEU J 175 -8.61 -49.93 7.07
N SER J 176 -7.83 -49.22 6.25
CA SER J 176 -7.88 -49.33 4.82
C SER J 176 -6.47 -49.67 4.32
N SER J 177 -6.35 -50.82 3.68
CA SER J 177 -5.11 -51.20 3.03
C SER J 177 -5.27 -51.10 1.52
N THR J 178 -4.56 -50.16 0.90
CA THR J 178 -4.61 -49.97 -0.53
C THR J 178 -3.34 -50.53 -1.17
N LEU J 179 -3.53 -51.47 -2.11
CA LEU J 179 -2.44 -52.04 -2.88
C LEU J 179 -2.48 -51.50 -4.30
N THR J 180 -1.42 -50.79 -4.70
CA THR J 180 -1.37 -50.14 -6.00
C THR J 180 -0.43 -50.93 -6.91
N LEU J 181 -0.93 -51.33 -8.09
CA LEU J 181 -0.12 -52.04 -9.08
C LEU J 181 -0.29 -51.40 -10.45
N SER J 182 0.60 -51.77 -11.39
CA SER J 182 0.44 -51.40 -12.78
C SER J 182 -0.54 -52.36 -13.45
N LYS J 183 -1.21 -51.88 -14.51
CA LYS J 183 -2.18 -52.67 -15.24
C LYS J 183 -1.51 -53.93 -15.78
N ALA J 184 -0.26 -53.80 -16.24
CA ALA J 184 0.46 -54.95 -16.78
C ALA J 184 0.64 -55.99 -15.68
N ASP J 185 1.16 -55.54 -14.53
CA ASP J 185 1.42 -56.41 -13.39
C ASP J 185 0.10 -56.93 -12.81
N TYR J 186 -0.97 -56.14 -12.95
CA TYR J 186 -2.27 -56.53 -12.41
C TYR J 186 -2.85 -57.68 -13.23
N GLU J 187 -2.64 -57.64 -14.55
CA GLU J 187 -3.23 -58.63 -15.44
C GLU J 187 -2.36 -59.88 -15.48
N LYS J 188 -1.17 -59.81 -14.86
CA LYS J 188 -0.26 -60.94 -14.84
C LYS J 188 -0.80 -62.08 -13.97
N HIS J 189 -1.61 -61.76 -12.95
CA HIS J 189 -2.03 -62.73 -11.95
C HIS J 189 -3.55 -62.82 -11.87
N LYS J 190 -4.05 -63.78 -11.08
CA LYS J 190 -5.46 -64.13 -11.11
C LYS J 190 -6.14 -63.91 -9.75
N VAL J 191 -5.52 -64.44 -8.67
CA VAL J 191 -6.18 -64.46 -7.37
C VAL J 191 -5.58 -63.40 -6.45
N TYR J 192 -6.43 -62.46 -6.02
CA TYR J 192 -6.01 -61.38 -5.13
C TYR J 192 -6.68 -61.52 -3.77
N ALA J 193 -5.87 -61.72 -2.72
CA ALA J 193 -6.41 -62.05 -1.41
C ALA J 193 -5.86 -61.08 -0.38
N CYS J 194 -6.71 -60.72 0.59
CA CYS J 194 -6.36 -59.92 1.73
C CYS J 194 -6.52 -60.79 2.99
N GLU J 195 -5.42 -60.97 3.72
CA GLU J 195 -5.38 -61.82 4.90
C GLU J 195 -5.22 -60.96 6.16
N VAL J 196 -6.24 -61.00 7.02
CA VAL J 196 -6.29 -60.17 8.21
C VAL J 196 -6.10 -61.07 9.43
N THR J 197 -5.12 -60.70 10.26
CA THR J 197 -4.93 -61.32 11.56
C THR J 197 -5.17 -60.28 12.64
N HIS J 198 -6.06 -60.57 13.60
CA HIS J 198 -6.38 -59.66 14.68
C HIS J 198 -6.53 -60.43 15.98
N GLN J 199 -6.41 -59.73 17.11
CA GLN J 199 -6.52 -60.34 18.42
C GLN J 199 -7.89 -61.00 18.58
N GLY J 200 -8.94 -60.31 18.12
CA GLY J 200 -10.30 -60.80 18.26
C GLY J 200 -10.68 -61.89 17.26
N LEU J 201 -9.69 -62.34 16.47
CA LEU J 201 -9.93 -63.40 15.49
C LEU J 201 -9.17 -64.66 15.93
N SER J 202 -9.89 -65.78 16.03
CA SER J 202 -9.28 -67.06 16.38
C SER J 202 -8.32 -67.50 15.28
N SER J 203 -8.77 -67.38 14.03
CA SER J 203 -7.96 -67.73 12.87
C SER J 203 -7.89 -66.56 11.91
N PRO J 204 -6.78 -66.41 11.13
CA PRO J 204 -6.70 -65.37 10.11
C PRO J 204 -7.82 -65.46 9.07
N VAL J 205 -8.49 -64.33 8.84
CA VAL J 205 -9.60 -64.23 7.91
C VAL J 205 -9.06 -63.79 6.55
N THR J 206 -9.44 -64.52 5.49
CA THR J 206 -9.00 -64.21 4.15
C THR J 206 -10.20 -63.87 3.27
N LYS J 207 -10.14 -62.67 2.66
CA LYS J 207 -11.13 -62.25 1.69
C LYS J 207 -10.43 -62.12 0.33
N SER J 208 -10.82 -62.97 -0.62
CA SER J 208 -10.12 -63.02 -1.88
C SER J 208 -11.10 -62.73 -3.01
N PHE J 209 -10.56 -62.60 -4.24
CA PHE J 209 -11.36 -62.51 -5.45
C PHE J 209 -10.49 -62.89 -6.65
N ASN J 210 -11.15 -63.44 -7.67
CA ASN J 210 -10.48 -63.76 -8.92
C ASN J 210 -10.69 -62.59 -9.87
N ARG J 211 -9.63 -62.22 -10.59
CA ARG J 211 -9.64 -61.09 -11.50
C ARG J 211 -10.59 -61.36 -12.66
N GLY J 212 -11.57 -60.45 -12.83
CA GLY J 212 -12.48 -60.48 -13.96
C GLY J 212 -13.79 -61.20 -13.67
N GLU J 213 -14.23 -61.21 -12.40
CA GLU J 213 -15.49 -61.84 -12.04
C GLU J 213 -16.32 -60.87 -11.18
N GLN K 1 -12.70 60.99 29.45
CA GLN K 1 -11.33 60.49 29.32
C GLN K 1 -10.39 61.21 30.29
N VAL K 2 -9.55 60.43 30.97
CA VAL K 2 -8.54 60.97 31.88
C VAL K 2 -7.19 61.02 31.19
N GLN K 3 -6.46 62.11 31.43
CA GLN K 3 -5.24 62.36 30.66
C GLN K 3 -4.21 63.06 31.54
N LEU K 4 -2.97 62.53 31.56
CA LEU K 4 -1.85 63.20 32.20
C LEU K 4 -0.81 63.55 31.16
N VAL K 5 -0.59 64.86 30.94
CA VAL K 5 0.32 65.32 29.91
C VAL K 5 1.55 65.89 30.60
N GLN K 6 2.72 65.29 30.32
CA GLN K 6 3.95 65.75 30.93
C GLN K 6 4.73 66.59 29.91
N SER K 7 5.62 67.42 30.46
CA SER K 7 6.45 68.33 29.72
C SER K 7 7.47 67.58 28.85
N GLY K 8 8.02 68.30 27.87
CA GLY K 8 9.02 67.75 26.96
C GLY K 8 10.29 67.27 27.68
N ALA K 9 10.98 66.35 27.02
CA ALA K 9 12.25 65.83 27.47
C ALA K 9 13.28 66.95 27.47
N GLU K 10 14.14 66.94 28.49
CA GLU K 10 15.14 67.97 28.72
C GLU K 10 16.53 67.37 28.90
N VAL K 11 17.56 68.17 28.59
CA VAL K 11 18.94 67.84 28.89
C VAL K 11 19.52 68.94 29.77
N LYS K 12 20.18 68.54 30.86
CA LYS K 12 20.68 69.48 31.84
C LYS K 12 22.10 69.08 32.25
N LYS K 13 22.95 70.08 32.49
CA LYS K 13 24.34 69.84 32.88
C LYS K 13 24.36 69.33 34.32
N PRO K 14 25.35 68.47 34.69
CA PRO K 14 25.38 67.90 36.03
C PRO K 14 25.42 68.99 37.09
N GLY K 15 24.61 68.82 38.14
CA GLY K 15 24.58 69.80 39.22
C GLY K 15 23.46 70.83 39.08
N ALA K 16 22.84 70.88 37.90
CA ALA K 16 21.75 71.83 37.69
C ALA K 16 20.43 71.28 38.26
N SER K 17 19.31 71.91 37.88
CA SER K 17 18.01 71.49 38.34
C SER K 17 17.06 71.31 37.16
N VAL K 18 16.20 70.29 37.25
CA VAL K 18 15.12 70.08 36.28
C VAL K 18 13.77 70.24 36.95
N LYS K 19 12.82 70.78 36.18
CA LYS K 19 11.43 70.88 36.61
C LYS K 19 10.57 70.22 35.53
N VAL K 20 9.84 69.18 35.95
CA VAL K 20 8.96 68.43 35.06
C VAL K 20 7.50 68.73 35.43
N SER K 21 6.66 68.90 34.39
CA SER K 21 5.27 69.31 34.58
C SER K 21 4.35 68.15 34.25
N CYS K 22 3.24 68.04 34.99
CA CYS K 22 2.24 67.01 34.74
C CYS K 22 0.86 67.66 34.82
N LYS K 23 0.20 67.84 33.66
CA LYS K 23 -1.07 68.53 33.62
C LYS K 23 -2.20 67.50 33.56
N ALA K 24 -3.10 67.55 34.55
CA ALA K 24 -4.20 66.61 34.63
C ALA K 24 -5.42 67.19 33.92
N SER K 25 -6.09 66.36 33.13
CA SER K 25 -7.32 66.75 32.47
C SER K 25 -8.32 65.60 32.55
N GLY K 26 -9.59 65.95 32.74
CA GLY K 26 -10.66 64.98 32.57
C GLY K 26 -11.08 64.40 33.91
N TYR K 27 -10.71 65.08 35.00
CA TYR K 27 -11.17 64.71 36.32
C TYR K 27 -10.91 65.87 37.27
N THR K 28 -11.66 65.93 38.37
CA THR K 28 -11.47 66.97 39.36
C THR K 28 -10.08 66.82 39.97
N PHE K 29 -9.24 67.83 39.77
CA PHE K 29 -7.82 67.73 40.05
C PHE K 29 -7.57 67.61 41.55
N THR K 30 -8.38 68.33 42.35
CA THR K 30 -8.10 68.49 43.77
C THR K 30 -8.71 67.35 44.58
N SER K 31 -8.90 66.18 43.97
CA SER K 31 -9.56 65.08 44.66
C SER K 31 -8.73 63.80 44.66
N TYR K 32 -7.50 63.88 44.18
CA TYR K 32 -6.62 62.72 44.14
C TYR K 32 -5.18 63.10 44.46
N TYR K 33 -4.44 62.18 45.07
CA TYR K 33 -3.00 62.33 45.27
C TYR K 33 -2.27 62.14 43.94
N MET K 34 -1.10 62.78 43.83
CA MET K 34 -0.23 62.59 42.67
C MET K 34 1.10 62.02 43.16
N HIS K 35 1.50 60.90 42.55
CA HIS K 35 2.78 60.30 42.90
C HIS K 35 3.74 60.43 41.73
N TRP K 36 5.06 60.44 42.05
CA TRP K 36 6.09 60.45 41.02
C TRP K 36 6.90 59.16 41.04
N VAL K 37 7.23 58.65 39.85
CA VAL K 37 7.98 57.43 39.71
C VAL K 37 9.03 57.64 38.62
N ARG K 38 10.28 57.35 38.96
CA ARG K 38 11.39 57.51 38.05
C ARG K 38 11.85 56.13 37.59
N GLN K 39 12.32 56.05 36.34
CA GLN K 39 12.82 54.79 35.81
C GLN K 39 14.06 55.05 34.96
N ALA K 40 15.20 54.55 35.46
CA ALA K 40 16.46 54.68 34.75
C ALA K 40 16.42 53.84 33.48
N PRO K 41 17.15 54.24 32.42
CA PRO K 41 17.19 53.47 31.18
C PRO K 41 17.72 52.06 31.44
N GLY K 42 16.88 51.05 31.16
CA GLY K 42 17.25 49.67 31.31
C GLY K 42 16.98 49.13 32.71
N GLN K 43 16.89 50.03 33.70
CA GLN K 43 16.64 49.62 35.07
C GLN K 43 15.14 49.53 35.33
N GLY K 44 14.78 49.34 36.61
CA GLY K 44 13.39 49.21 37.01
C GLY K 44 12.82 50.54 37.52
N LEU K 45 11.63 50.46 38.12
CA LEU K 45 10.92 51.63 38.59
C LEU K 45 11.34 51.94 40.01
N GLU K 46 11.33 53.23 40.35
CA GLU K 46 11.74 53.71 41.66
C GLU K 46 10.81 54.83 42.10
N TRP K 47 10.33 54.74 43.33
CA TRP K 47 9.37 55.70 43.85
C TRP K 47 10.07 56.96 44.31
N MET K 48 9.39 58.09 44.17
CA MET K 48 10.01 59.38 44.47
C MET K 48 9.24 60.09 45.58
N GLY K 49 7.91 60.15 45.46
CA GLY K 49 7.16 60.86 46.49
C GLY K 49 5.69 61.01 46.11
N ILE K 50 4.98 61.64 47.04
CA ILE K 50 3.57 61.90 46.90
C ILE K 50 3.30 63.37 47.24
N ILE K 51 2.35 63.94 46.49
CA ILE K 51 1.88 65.29 46.73
C ILE K 51 0.35 65.27 46.78
N ASN K 52 -0.22 66.07 47.68
CA ASN K 52 -1.63 66.21 47.86
C ASN K 52 -2.13 67.41 47.05
N SER K 53 -2.93 67.13 46.03
CA SER K 53 -3.38 68.16 45.10
C SER K 53 -4.22 69.23 45.79
N SER K 54 -4.88 68.87 46.91
CA SER K 54 -5.78 69.81 47.56
C SER K 54 -4.98 70.80 48.39
N GLY K 55 -4.31 70.30 49.43
CA GLY K 55 -3.72 71.15 50.45
C GLY K 55 -2.24 71.44 50.18
N GLY K 56 -1.59 70.56 49.40
CA GLY K 56 -0.20 70.77 49.04
C GLY K 56 0.78 69.99 49.92
N SER K 57 0.24 69.17 50.85
CA SER K 57 1.10 68.36 51.70
C SER K 57 1.97 67.44 50.84
N THR K 58 3.24 67.30 51.23
CA THR K 58 4.19 66.58 50.38
C THR K 58 5.03 65.62 51.23
N SER K 59 5.31 64.45 50.66
CA SER K 59 6.12 63.46 51.33
C SER K 59 7.10 62.87 50.31
N TYR K 60 8.39 63.16 50.45
CA TYR K 60 9.39 62.66 49.51
C TYR K 60 10.11 61.48 50.14
N ALA K 61 10.73 60.67 49.29
CA ALA K 61 11.48 59.51 49.73
C ALA K 61 12.81 59.98 50.33
N GLN K 62 13.34 59.17 51.24
CA GLN K 62 14.55 59.52 51.96
C GLN K 62 15.71 59.66 50.99
N LYS K 63 15.70 58.93 49.87
CA LYS K 63 16.80 58.99 48.92
C LYS K 63 16.87 60.36 48.23
N PHE K 64 15.72 61.00 48.11
CA PHE K 64 15.65 62.28 47.40
C PHE K 64 15.45 63.44 48.38
N GLN K 65 15.52 63.16 49.67
CA GLN K 65 15.16 64.16 50.68
C GLN K 65 16.12 65.34 50.59
N GLY K 66 15.57 66.54 50.43
CA GLY K 66 16.36 67.76 50.39
C GLY K 66 16.72 68.18 48.97
N ARG K 67 16.48 67.30 47.98
CA ARG K 67 16.86 67.60 46.61
C ARG K 67 15.65 67.64 45.65
N VAL K 68 14.54 67.02 46.07
CA VAL K 68 13.33 66.99 45.26
C VAL K 68 12.27 67.86 45.92
N THR K 69 11.58 68.64 45.08
CA THR K 69 10.53 69.54 45.53
C THR K 69 9.31 69.38 44.63
N MET K 70 8.15 69.11 45.23
CA MET K 70 6.92 68.94 44.49
C MET K 70 5.99 70.14 44.68
N THR K 71 5.55 70.69 43.57
CA THR K 71 4.76 71.92 43.51
C THR K 71 3.41 71.59 42.86
N ARG K 72 2.41 72.43 43.16
CA ARG K 72 1.06 72.20 42.66
C ARG K 72 0.38 73.54 42.39
N ASP K 73 -0.34 73.61 41.27
CA ASP K 73 -1.14 74.77 40.89
C ASP K 73 -2.54 74.27 40.56
N THR K 74 -3.52 74.76 41.34
CA THR K 74 -4.89 74.27 41.23
C THR K 74 -5.59 74.87 40.03
N SER K 75 -5.30 76.14 39.76
CA SER K 75 -6.01 76.86 38.71
C SER K 75 -5.77 76.18 37.36
N THR K 76 -4.51 75.77 37.12
CA THR K 76 -4.13 75.11 35.88
C THR K 76 -4.15 73.60 36.04
N SER K 77 -4.39 73.09 37.26
CA SER K 77 -4.60 71.65 37.43
C SER K 77 -3.33 70.88 37.08
N THR K 78 -2.17 71.42 37.49
CA THR K 78 -0.89 70.85 37.14
C THR K 78 -0.05 70.56 38.39
N VAL K 79 0.90 69.63 38.23
CA VAL K 79 1.83 69.25 39.28
C VAL K 79 3.24 69.40 38.72
N TYR K 80 4.10 70.08 39.48
CA TYR K 80 5.50 70.23 39.14
C TYR K 80 6.36 69.38 40.07
N MET K 81 7.42 68.79 39.52
CA MET K 81 8.42 68.10 40.32
C MET K 81 9.81 68.59 39.91
N GLU K 82 10.57 69.08 40.89
CA GLU K 82 11.88 69.65 40.65
C GLU K 82 12.93 68.81 41.34
N LEU K 83 13.92 68.34 40.57
CA LEU K 83 15.08 67.68 41.14
C LEU K 83 16.33 68.52 40.92
N SER K 84 17.03 68.82 42.02
CA SER K 84 18.23 69.65 42.00
C SER K 84 19.46 68.80 42.28
N SER K 85 20.63 69.36 41.98
CA SER K 85 21.91 68.69 42.14
C SER K 85 21.93 67.37 41.37
N LEU K 86 21.67 67.44 40.07
CA LEU K 86 21.55 66.25 39.25
C LEU K 86 22.90 65.59 39.06
N ARG K 87 22.87 64.25 38.96
CA ARG K 87 23.99 63.40 38.70
C ARG K 87 23.65 62.43 37.57
N SER K 88 24.63 61.59 37.20
CA SER K 88 24.48 60.64 36.10
C SER K 88 23.46 59.56 36.47
N GLU K 89 23.18 59.39 37.75
CA GLU K 89 22.22 58.36 38.19
C GLU K 89 20.79 58.84 37.94
N ASP K 90 20.61 60.15 37.76
CA ASP K 90 19.29 60.74 37.67
C ASP K 90 18.78 60.72 36.23
N THR K 91 19.66 60.45 35.26
CA THR K 91 19.24 60.31 33.87
C THR K 91 18.22 59.18 33.81
N ALA K 92 16.96 59.55 33.58
CA ALA K 92 15.87 58.60 33.65
C ALA K 92 14.61 59.20 33.02
N VAL K 93 13.55 58.40 32.98
CA VAL K 93 12.24 58.86 32.56
C VAL K 93 11.39 59.05 33.83
N TYR K 94 10.68 60.17 33.87
CA TYR K 94 9.89 60.52 35.03
C TYR K 94 8.40 60.48 34.69
N TYR K 95 7.65 59.70 35.48
CA TYR K 95 6.22 59.57 35.27
C TYR K 95 5.49 60.20 36.46
N CYS K 96 4.38 60.90 36.18
CA CYS K 96 3.40 61.12 37.24
C CYS K 96 2.40 59.98 37.24
N ALA K 97 1.71 59.78 38.35
CA ALA K 97 0.72 58.72 38.46
C ALA K 97 -0.38 59.11 39.43
N ARG K 98 -1.63 58.80 39.03
CA ARG K 98 -2.75 59.05 39.92
C ARG K 98 -3.24 57.70 40.44
N PRO K 99 -3.30 57.51 41.78
CA PRO K 99 -4.05 56.39 42.35
C PRO K 99 -5.48 56.81 42.63
N PRO K 100 -6.40 55.86 42.92
CA PRO K 100 -7.76 56.21 43.31
C PRO K 100 -7.78 56.93 44.66
N ARG K 101 -9.00 57.27 45.11
CA ARG K 101 -9.13 57.97 46.37
C ARG K 101 -8.97 56.99 47.53
N ASN K 102 -8.29 57.45 48.59
CA ASN K 102 -8.20 56.68 49.81
C ASN K 102 -9.57 56.67 50.49
N TYR K 103 -9.98 55.50 50.96
CA TYR K 103 -11.29 55.31 51.54
C TYR K 103 -11.18 55.02 53.04
N TYR K 104 -12.32 55.19 53.73
CA TYR K 104 -12.41 54.83 55.14
C TYR K 104 -13.01 53.44 55.30
N ASP K 105 -12.51 52.67 56.29
CA ASP K 105 -13.01 51.36 56.62
C ASP K 105 -14.36 51.48 57.30
N ARG K 106 -15.06 50.35 57.42
CA ARG K 106 -16.33 50.31 58.13
C ARG K 106 -16.10 50.71 59.58
N SER K 107 -14.92 50.34 60.10
CA SER K 107 -14.49 50.56 61.47
C SER K 107 -13.99 52.00 61.65
N GLY K 108 -13.67 52.66 60.55
CA GLY K 108 -13.22 54.03 60.58
C GLY K 108 -11.71 54.13 60.37
N TYR K 109 -11.11 53.04 59.88
CA TYR K 109 -9.68 53.01 59.64
C TYR K 109 -9.37 53.59 58.26
N TYR K 110 -8.48 54.58 58.22
CA TYR K 110 -7.97 55.15 56.97
C TYR K 110 -7.23 54.08 56.18
N GLN K 111 -7.83 53.65 55.07
CA GLN K 111 -7.24 52.62 54.21
C GLN K 111 -6.70 53.28 52.95
N ARG K 112 -5.38 53.27 52.77
CA ARG K 112 -4.73 53.85 51.62
C ARG K 112 -4.79 52.87 50.46
N ALA K 113 -5.03 53.39 49.24
CA ALA K 113 -5.10 52.56 48.04
C ALA K 113 -4.15 53.14 46.98
N GLU K 114 -2.88 52.76 47.10
CA GLU K 114 -1.80 53.37 46.33
C GLU K 114 -1.42 52.45 45.17
N TYR K 115 -2.40 52.20 44.30
CA TYR K 115 -2.14 51.55 43.02
C TYR K 115 -2.42 52.52 41.88
N PHE K 116 -1.52 52.54 40.89
CA PHE K 116 -1.51 53.62 39.91
C PHE K 116 -2.26 53.21 38.64
N GLN K 117 -3.44 53.82 38.47
CA GLN K 117 -4.34 53.52 37.36
C GLN K 117 -3.92 54.33 36.15
N HIS K 118 -3.59 55.62 36.34
CA HIS K 118 -3.31 56.49 35.20
C HIS K 118 -1.90 57.03 35.28
N TRP K 119 -1.16 56.92 34.17
CA TRP K 119 0.22 57.36 34.11
C TRP K 119 0.35 58.39 33.00
N GLY K 120 1.31 59.32 33.14
CA GLY K 120 1.72 60.21 32.06
C GLY K 120 2.55 59.50 31.01
N GLN K 121 3.00 60.24 29.99
CA GLN K 121 3.72 59.65 28.88
C GLN K 121 5.21 59.53 29.22
N GLY K 122 5.65 60.24 30.26
CA GLY K 122 7.05 60.19 30.67
C GLY K 122 7.87 61.36 30.13
N THR K 123 8.78 61.84 30.97
CA THR K 123 9.69 62.93 30.64
C THR K 123 11.13 62.46 30.81
N LEU K 124 11.87 62.32 29.71
CA LEU K 124 13.26 61.91 29.76
C LEU K 124 14.15 63.09 30.16
N VAL K 125 14.93 62.90 31.23
CA VAL K 125 15.89 63.88 31.69
C VAL K 125 17.29 63.31 31.49
N THR K 126 18.00 63.83 30.50
CA THR K 126 19.36 63.41 30.22
C THR K 126 20.31 64.37 30.91
N VAL K 127 21.13 63.81 31.79
CA VAL K 127 22.11 64.59 32.50
C VAL K 127 23.46 64.38 31.84
N SER K 128 23.99 65.42 31.19
CA SER K 128 25.22 65.29 30.46
C SER K 128 25.91 66.64 30.30
N SER K 129 27.24 66.57 30.19
CA SER K 129 28.07 67.70 29.86
C SER K 129 27.73 68.15 28.44
N ALA K 130 27.58 67.17 27.55
CA ALA K 130 27.64 67.38 26.11
C ALA K 130 26.54 68.35 25.70
N SER K 131 26.89 69.24 24.78
CA SER K 131 25.97 70.21 24.22
C SER K 131 24.97 69.48 23.34
N THR K 132 23.74 70.01 23.30
CA THR K 132 22.69 69.54 22.41
C THR K 132 23.07 69.80 20.96
N LYS K 133 22.63 68.89 20.07
CA LYS K 133 22.85 69.09 18.65
C LYS K 133 21.57 68.70 17.92
N GLY K 134 21.32 69.38 16.82
CA GLY K 134 20.13 69.11 16.02
C GLY K 134 20.40 67.98 15.02
N PRO K 135 19.38 67.15 14.73
CA PRO K 135 19.52 65.99 13.84
C PRO K 135 19.52 66.36 12.37
N SER K 136 20.00 65.41 11.56
CA SER K 136 19.96 65.52 10.12
C SER K 136 19.13 64.37 9.58
N VAL K 137 18.08 64.72 8.84
CA VAL K 137 17.15 63.73 8.33
C VAL K 137 17.45 63.48 6.85
N PHE K 138 17.57 62.19 6.50
CA PHE K 138 17.89 61.79 5.14
C PHE K 138 16.88 60.73 4.70
N PRO K 139 16.50 60.73 3.41
CA PRO K 139 15.57 59.72 2.90
C PRO K 139 16.28 58.43 2.50
N LEU K 140 15.74 57.30 2.97
CA LEU K 140 16.19 56.00 2.55
C LEU K 140 15.21 55.48 1.50
N ALA K 141 15.58 55.65 0.21
CA ALA K 141 14.65 55.37 -0.87
C ALA K 141 14.86 53.94 -1.32
N PRO K 142 13.78 53.19 -1.69
CA PRO K 142 13.94 51.86 -2.29
C PRO K 142 14.27 51.97 -3.78
N SER K 143 15.41 52.60 -4.05
CA SER K 143 15.93 52.82 -5.40
C SER K 143 15.88 51.51 -6.20
N SER K 144 16.37 50.43 -5.59
CA SER K 144 16.25 49.10 -6.15
C SER K 144 14.77 48.74 -6.26
N LYS K 145 14.38 48.17 -7.40
CA LYS K 145 12.97 47.88 -7.72
C LYS K 145 12.48 46.75 -6.82
N SER K 146 12.43 47.05 -5.51
CA SER K 146 11.74 46.22 -4.54
C SER K 146 10.23 46.28 -4.76
N THR K 147 9.76 47.22 -5.59
CA THR K 147 8.36 47.30 -6.00
C THR K 147 7.93 46.02 -6.75
N SER K 148 8.84 45.48 -7.56
CA SER K 148 8.67 44.15 -8.13
C SER K 148 8.66 43.13 -7.00
N GLY K 149 7.48 42.54 -6.76
CA GLY K 149 7.27 41.70 -5.60
C GLY K 149 6.22 42.28 -4.66
N GLY K 150 5.63 43.42 -5.04
CA GLY K 150 4.37 43.87 -4.47
C GLY K 150 4.56 44.77 -3.26
N THR K 151 5.72 44.69 -2.61
CA THR K 151 5.94 45.38 -1.34
C THR K 151 7.21 46.22 -1.45
N ALA K 152 7.07 47.53 -1.20
CA ALA K 152 8.24 48.41 -1.14
C ALA K 152 8.51 48.80 0.31
N ALA K 153 9.77 49.10 0.61
CA ALA K 153 10.13 49.60 1.94
C ALA K 153 10.82 50.95 1.80
N LEU K 154 10.25 51.97 2.46
CA LEU K 154 10.91 53.27 2.47
C LEU K 154 11.29 53.61 3.89
N GLY K 155 12.16 54.61 4.06
CA GLY K 155 12.65 54.91 5.39
C GLY K 155 13.21 56.32 5.52
N CYS K 156 13.45 56.71 6.78
CA CYS K 156 14.09 57.97 7.13
C CYS K 156 15.22 57.70 8.11
N LEU K 157 16.37 58.32 7.86
CA LEU K 157 17.54 58.21 8.72
C LEU K 157 17.73 59.51 9.49
N VAL K 158 17.66 59.42 10.82
CA VAL K 158 17.86 60.55 11.71
C VAL K 158 19.26 60.42 12.30
N LYS K 159 20.22 61.17 11.74
CA LYS K 159 21.62 60.99 12.04
C LYS K 159 22.12 62.19 12.85
N ASP K 160 23.05 61.91 13.79
CA ASP K 160 23.85 62.89 14.50
C ASP K 160 22.95 63.86 15.26
N TYR K 161 22.23 63.34 16.26
CA TYR K 161 21.45 64.18 17.14
C TYR K 161 21.81 63.87 18.58
N PHE K 162 21.55 64.86 19.46
CA PHE K 162 21.73 64.70 20.88
C PHE K 162 20.90 65.74 21.60
N PRO K 163 20.24 65.39 22.73
CA PRO K 163 20.18 64.03 23.24
C PRO K 163 18.93 63.28 22.82
N GLU K 164 18.65 62.16 23.48
CA GLU K 164 17.42 61.42 23.24
C GLU K 164 16.25 62.21 23.81
N PRO K 165 15.00 61.99 23.33
CA PRO K 165 14.71 61.17 22.17
C PRO K 165 14.22 61.97 20.96
N VAL K 166 13.99 61.29 19.83
CA VAL K 166 13.33 61.91 18.69
C VAL K 166 12.02 61.17 18.41
N THR K 167 11.01 61.91 17.95
CA THR K 167 9.73 61.33 17.58
C THR K 167 9.63 61.30 16.07
N VAL K 168 9.42 60.10 15.52
CA VAL K 168 9.29 59.94 14.09
C VAL K 168 7.90 59.38 13.80
N SER K 169 7.14 60.13 13.00
CA SER K 169 5.83 59.71 12.54
C SER K 169 5.81 59.69 11.02
N TRP K 170 4.75 59.09 10.47
CA TRP K 170 4.57 59.04 9.03
C TRP K 170 3.22 59.64 8.66
N ASN K 171 3.25 60.58 7.69
CA ASN K 171 2.06 61.25 7.20
C ASN K 171 1.32 61.91 8.36
N SER K 172 2.09 62.61 9.21
CA SER K 172 1.56 63.31 10.38
C SER K 172 0.81 62.38 11.32
N GLY K 173 1.18 61.10 11.33
CA GLY K 173 0.60 60.13 12.24
C GLY K 173 -0.49 59.28 11.59
N ALA K 174 -0.78 59.54 10.31
CA ALA K 174 -1.88 58.87 9.61
C ALA K 174 -1.45 57.51 9.08
N LEU K 175 -0.20 57.11 9.32
CA LEU K 175 0.31 55.82 8.86
C LEU K 175 1.06 55.13 10.00
N THR K 176 0.47 54.05 10.52
CA THR K 176 1.06 53.32 11.64
C THR K 176 1.25 51.84 11.29
N SER K 177 0.54 51.35 10.25
CA SER K 177 0.63 49.94 9.88
C SER K 177 1.95 49.67 9.18
N GLY K 178 2.79 48.84 9.81
CA GLY K 178 4.04 48.39 9.21
C GLY K 178 5.19 49.37 9.42
N VAL K 179 5.05 50.23 10.42
CA VAL K 179 6.07 51.20 10.76
C VAL K 179 6.97 50.57 11.82
N HIS K 180 8.28 50.61 11.55
CA HIS K 180 9.29 50.15 12.50
C HIS K 180 10.29 51.29 12.73
N THR K 181 10.21 51.91 13.91
CA THR K 181 11.17 52.91 14.32
C THR K 181 12.23 52.24 15.18
N PHE K 182 13.43 52.09 14.64
CA PHE K 182 14.50 51.36 15.33
C PHE K 182 14.95 52.13 16.56
N PRO K 183 15.43 51.44 17.63
CA PRO K 183 16.01 52.14 18.77
C PRO K 183 17.28 52.89 18.37
N ALA K 184 17.60 53.92 19.15
CA ALA K 184 18.72 54.79 18.78
C ALA K 184 20.02 54.05 19.04
N VAL K 185 21.10 54.51 18.35
CA VAL K 185 22.42 53.94 18.52
C VAL K 185 23.35 55.06 18.92
N LEU K 186 24.16 54.84 19.95
CA LEU K 186 25.14 55.82 20.37
C LEU K 186 26.41 55.60 19.55
N GLN K 187 26.69 56.50 18.62
CA GLN K 187 27.83 56.38 17.71
C GLN K 187 29.11 56.73 18.46
N SER K 188 30.25 56.49 17.79
CA SER K 188 31.56 56.76 18.33
C SER K 188 31.74 58.25 18.62
N SER K 189 30.97 59.09 17.89
CA SER K 189 31.11 60.54 18.02
C SER K 189 30.36 61.07 19.24
N GLY K 190 29.68 60.17 19.96
CA GLY K 190 28.90 60.57 21.13
C GLY K 190 27.53 61.15 20.78
N LEU K 191 27.15 61.04 19.49
CA LEU K 191 25.84 61.46 19.02
C LEU K 191 25.01 60.23 18.69
N TYR K 192 23.69 60.41 18.74
CA TYR K 192 22.74 59.34 18.48
C TYR K 192 22.32 59.34 17.01
N SER K 193 21.79 58.19 16.57
CA SER K 193 21.33 57.99 15.22
C SER K 193 20.31 56.85 15.22
N LEU K 194 19.27 57.00 14.38
CA LEU K 194 18.32 55.93 14.22
C LEU K 194 17.68 55.98 12.85
N SER K 195 16.90 54.93 12.55
CA SER K 195 16.18 54.82 11.30
C SER K 195 14.74 54.40 11.59
N SER K 196 13.82 54.89 10.75
CA SER K 196 12.43 54.49 10.82
C SER K 196 12.01 54.06 9.42
N VAL K 197 11.57 52.80 9.30
CA VAL K 197 11.20 52.23 8.01
C VAL K 197 9.70 51.92 8.02
N VAL K 198 9.12 51.88 6.83
CA VAL K 198 7.72 51.52 6.66
C VAL K 198 7.59 50.68 5.39
N THR K 199 6.77 49.62 5.49
CA THR K 199 6.49 48.75 4.38
C THR K 199 5.14 49.14 3.80
N VAL K 200 5.12 49.42 2.48
CA VAL K 200 3.92 49.89 1.81
C VAL K 200 3.72 49.08 0.54
N PRO K 201 2.45 48.90 0.07
CA PRO K 201 2.22 48.29 -1.25
C PRO K 201 2.86 49.11 -2.36
N SER K 202 3.45 48.42 -3.34
CA SER K 202 4.08 49.09 -4.48
C SER K 202 3.07 49.91 -5.27
N SER K 203 1.80 49.46 -5.29
CA SER K 203 0.73 50.12 -6.03
C SER K 203 0.54 51.56 -5.53
N SER K 204 0.74 51.78 -4.23
CA SER K 204 0.54 53.07 -3.60
C SER K 204 1.79 53.95 -3.73
N LEU K 205 2.86 53.44 -4.35
CA LEU K 205 4.10 54.20 -4.42
C LEU K 205 3.91 55.45 -5.28
N GLY K 206 2.97 55.43 -6.21
CA GLY K 206 2.71 56.56 -7.08
C GLY K 206 1.44 57.32 -6.71
N THR K 207 0.56 56.65 -5.95
CA THR K 207 -0.76 57.19 -5.66
C THR K 207 -0.74 58.03 -4.38
N GLN K 208 -0.16 57.48 -3.30
CA GLN K 208 -0.05 58.17 -2.02
C GLN K 208 1.35 58.74 -1.85
N THR K 209 1.42 59.93 -1.24
CA THR K 209 2.67 60.57 -0.88
C THR K 209 3.09 60.12 0.51
N TYR K 210 4.41 59.94 0.70
CA TYR K 210 4.95 59.44 1.95
C TYR K 210 5.91 60.45 2.59
N ILE K 211 5.42 61.13 3.63
CA ILE K 211 6.21 62.12 4.34
C ILE K 211 6.55 61.53 5.71
N CYS K 212 7.82 61.68 6.10
CA CYS K 212 8.23 61.33 7.44
C CYS K 212 8.50 62.60 8.25
N ASN K 213 7.96 62.63 9.48
CA ASN K 213 8.05 63.80 10.34
C ASN K 213 8.94 63.46 11.53
N VAL K 214 10.07 64.15 11.64
CA VAL K 214 11.00 63.96 12.74
C VAL K 214 10.94 65.18 13.64
N ASN K 215 10.83 64.93 14.94
CA ASN K 215 10.67 66.00 15.92
C ASN K 215 11.62 65.78 17.09
N HIS K 216 12.62 66.66 17.23
CA HIS K 216 13.54 66.64 18.34
C HIS K 216 13.30 67.90 19.19
N LYS K 217 12.59 67.72 20.29
CA LYS K 217 12.14 68.80 21.14
C LYS K 217 13.30 69.45 21.89
N PRO K 218 14.28 68.70 22.44
CA PRO K 218 15.43 69.33 23.11
C PRO K 218 16.18 70.35 22.26
N SER K 219 16.12 70.22 20.94
CA SER K 219 16.79 71.18 20.05
C SER K 219 15.79 72.01 19.27
N ASN K 220 14.48 71.82 19.52
CA ASN K 220 13.42 72.55 18.84
C ASN K 220 13.55 72.39 17.34
N THR K 221 13.90 71.18 16.89
CA THR K 221 14.10 70.89 15.48
C THR K 221 12.95 70.02 14.98
N LYS K 222 12.26 70.49 13.95
CA LYS K 222 11.19 69.73 13.34
C LYS K 222 11.43 69.68 11.84
N VAL K 223 11.59 68.46 11.31
CA VAL K 223 11.93 68.29 9.91
C VAL K 223 10.94 67.31 9.28
N ASP K 224 10.26 67.78 8.23
CA ASP K 224 9.47 66.91 7.38
C ASP K 224 10.34 66.54 6.19
N LYS K 225 10.19 65.31 5.71
CA LYS K 225 10.95 64.86 4.57
C LYS K 225 10.06 63.98 3.71
N ARG K 226 10.02 64.35 2.42
CA ARG K 226 9.25 63.58 1.46
C ARG K 226 10.17 62.54 0.85
N VAL K 227 9.78 61.27 1.00
CA VAL K 227 10.62 60.16 0.60
C VAL K 227 10.08 59.66 -0.74
N GLU K 228 10.91 59.83 -1.79
CA GLU K 228 10.51 59.39 -3.12
C GLU K 228 11.52 58.37 -3.61
N PRO K 229 11.07 57.31 -4.31
CA PRO K 229 12.01 56.29 -4.80
C PRO K 229 12.95 56.90 -5.85
N LYS K 230 14.22 56.49 -5.81
CA LYS K 230 15.22 56.91 -6.79
C LYS K 230 15.03 56.07 -8.05
N SER K 231 14.81 56.75 -9.18
CA SER K 231 14.71 56.06 -10.47
C SER K 231 16.07 55.98 -11.12
N CYS K 232 16.59 54.76 -11.27
CA CYS K 232 17.91 54.54 -11.84
C CYS K 232 17.86 54.63 -13.38
N GLN L 1 25.81 12.79 -64.08
CA GLN L 1 26.67 11.62 -63.74
C GLN L 1 27.38 11.12 -65.01
N VAL L 2 28.70 11.00 -64.95
CA VAL L 2 29.48 10.53 -66.08
C VAL L 2 29.64 9.02 -65.99
N GLN L 3 29.53 8.36 -67.15
CA GLN L 3 29.57 6.90 -67.16
C GLN L 3 30.29 6.39 -68.41
N LEU L 4 31.27 5.51 -68.22
CA LEU L 4 31.97 4.85 -69.32
C LEU L 4 31.75 3.35 -69.20
N VAL L 5 31.00 2.78 -70.16
CA VAL L 5 30.67 1.37 -70.11
C VAL L 5 31.43 0.69 -71.25
N GLN L 6 32.27 -0.30 -70.92
CA GLN L 6 33.01 -1.04 -71.92
C GLN L 6 32.34 -2.38 -72.22
N SER L 7 32.73 -2.97 -73.35
CA SER L 7 32.21 -4.23 -73.84
C SER L 7 32.63 -5.40 -72.93
N GLY L 8 31.92 -6.52 -73.08
CA GLY L 8 32.18 -7.72 -72.29
C GLY L 8 33.58 -8.30 -72.52
N ALA L 9 34.01 -9.09 -71.53
CA ALA L 9 35.28 -9.79 -71.62
C ALA L 9 35.23 -10.82 -72.74
N GLU L 10 36.34 -10.90 -73.49
CA GLU L 10 36.45 -11.76 -74.66
C GLU L 10 37.71 -12.64 -74.54
N VAL L 11 37.64 -13.81 -75.19
CA VAL L 11 38.79 -14.69 -75.36
C VAL L 11 39.02 -14.88 -76.85
N LYS L 12 40.28 -14.70 -77.26
CA LYS L 12 40.63 -14.78 -78.67
C LYS L 12 41.92 -15.59 -78.83
N LYS L 13 41.97 -16.41 -79.89
CA LYS L 13 43.10 -17.29 -80.17
C LYS L 13 44.31 -16.45 -80.58
N PRO L 14 45.55 -16.90 -80.27
CA PRO L 14 46.73 -16.08 -80.54
C PRO L 14 46.83 -15.75 -82.02
N GLY L 15 47.15 -14.48 -82.32
CA GLY L 15 47.31 -14.03 -83.70
C GLY L 15 46.04 -13.35 -84.24
N ALA L 16 44.92 -13.49 -83.52
CA ALA L 16 43.67 -12.87 -83.96
C ALA L 16 43.63 -11.39 -83.58
N SER L 17 42.43 -10.79 -83.65
CA SER L 17 42.23 -9.39 -83.31
C SER L 17 41.05 -9.26 -82.36
N VAL L 18 41.16 -8.31 -81.41
CA VAL L 18 40.06 -7.97 -80.51
C VAL L 18 39.61 -6.54 -80.74
N LYS L 19 38.31 -6.30 -80.58
CA LYS L 19 37.75 -4.96 -80.64
C LYS L 19 36.96 -4.72 -79.35
N VAL L 20 37.40 -3.72 -78.58
CA VAL L 20 36.79 -3.37 -77.32
C VAL L 20 36.05 -2.04 -77.48
N SER L 21 34.83 -1.98 -76.92
CA SER L 21 33.95 -0.83 -77.04
C SER L 21 33.96 -0.04 -75.75
N CYS L 22 33.76 1.27 -75.84
CA CYS L 22 33.61 2.09 -74.66
C CYS L 22 32.56 3.16 -74.96
N LYS L 23 31.39 3.01 -74.35
CA LYS L 23 30.27 3.91 -74.60
C LYS L 23 30.19 4.97 -73.50
N ALA L 24 30.28 6.24 -73.90
CA ALA L 24 30.21 7.35 -72.97
C ALA L 24 28.77 7.85 -72.84
N SER L 25 28.37 8.18 -71.63
CA SER L 25 27.10 8.83 -71.37
C SER L 25 27.27 9.85 -70.25
N GLY L 26 26.48 10.92 -70.31
CA GLY L 26 26.36 11.85 -69.20
C GLY L 26 27.28 13.06 -69.38
N TYR L 27 27.75 13.27 -70.60
CA TYR L 27 28.53 14.45 -70.95
C TYR L 27 28.60 14.54 -72.47
N THR L 28 28.82 15.75 -72.99
CA THR L 28 28.92 15.94 -74.43
C THR L 28 30.16 15.18 -74.92
N PHE L 29 29.93 14.20 -75.79
CA PHE L 29 30.94 13.21 -76.11
C PHE L 29 32.09 13.85 -76.88
N THR L 30 31.76 14.81 -77.74
CA THR L 30 32.68 15.34 -78.71
C THR L 30 33.51 16.49 -78.14
N SER L 31 33.70 16.52 -76.81
CA SER L 31 34.41 17.64 -76.19
C SER L 31 35.59 17.18 -75.33
N TYR L 32 35.89 15.88 -75.36
CA TYR L 32 36.97 15.35 -74.55
C TYR L 32 37.74 14.28 -75.31
N TYR L 33 39.05 14.19 -74.99
CA TYR L 33 39.91 13.14 -75.50
C TYR L 33 39.59 11.83 -74.77
N MET L 34 39.82 10.72 -75.48
CA MET L 34 39.65 9.40 -74.89
C MET L 34 40.98 8.67 -74.97
N HIS L 35 41.43 8.17 -73.80
CA HIS L 35 42.69 7.45 -73.76
C HIS L 35 42.39 5.98 -73.45
N TRP L 36 43.31 5.10 -73.89
CA TRP L 36 43.24 3.69 -73.55
C TRP L 36 44.43 3.29 -72.69
N VAL L 37 44.19 2.45 -71.68
CA VAL L 37 45.22 2.01 -70.76
C VAL L 37 45.04 0.51 -70.56
N ARG L 38 46.12 -0.25 -70.70
CA ARG L 38 46.11 -1.70 -70.56
C ARG L 38 46.82 -2.06 -69.27
N GLN L 39 46.36 -3.11 -68.60
CA GLN L 39 46.98 -3.57 -67.36
C GLN L 39 47.01 -5.10 -67.34
N ALA L 40 48.23 -5.65 -67.41
CA ALA L 40 48.41 -7.08 -67.38
C ALA L 40 48.08 -7.59 -65.99
N PRO L 41 47.61 -8.86 -65.84
CA PRO L 41 47.27 -9.40 -64.53
C PRO L 41 48.50 -9.39 -63.62
N GLY L 42 48.39 -8.65 -62.50
CA GLY L 42 49.45 -8.57 -61.52
C GLY L 42 50.47 -7.48 -61.81
N GLN L 43 50.53 -7.03 -63.08
CA GLN L 43 51.49 -6.00 -63.47
C GLN L 43 50.86 -4.62 -63.27
N GLY L 44 51.55 -3.59 -63.75
CA GLY L 44 51.08 -2.22 -63.61
C GLY L 44 50.32 -1.73 -64.85
N LEU L 45 50.03 -0.43 -64.87
CA LEU L 45 49.26 0.20 -65.94
C LEU L 45 50.23 0.61 -67.04
N GLU L 46 49.75 0.52 -68.28
CA GLU L 46 50.55 0.81 -69.46
C GLU L 46 49.69 1.58 -70.45
N TRP L 47 50.22 2.69 -70.94
CA TRP L 47 49.46 3.58 -71.81
C TRP L 47 49.46 3.02 -73.23
N MET L 48 48.37 3.28 -73.95
CA MET L 48 48.22 2.70 -75.28
C MET L 48 48.08 3.82 -76.31
N GLY L 49 47.25 4.82 -76.04
CA GLY L 49 47.08 5.87 -77.03
C GLY L 49 45.94 6.82 -76.65
N ILE L 50 45.77 7.82 -77.53
CA ILE L 50 44.77 8.83 -77.38
C ILE L 50 44.02 8.99 -78.71
N ILE L 51 42.72 9.26 -78.57
CA ILE L 51 41.86 9.55 -79.70
C ILE L 51 41.06 10.81 -79.40
N ASN L 52 40.87 11.64 -80.43
CA ASN L 52 40.13 12.88 -80.35
C ASN L 52 38.71 12.64 -80.85
N SER L 53 37.74 12.73 -79.94
CA SER L 53 36.35 12.44 -80.26
C SER L 53 35.78 13.41 -81.32
N SER L 54 36.35 14.60 -81.45
CA SER L 54 35.82 15.57 -82.40
C SER L 54 36.26 15.24 -83.82
N GLY L 55 37.57 15.29 -84.08
CA GLY L 55 38.08 15.17 -85.44
C GLY L 55 38.46 13.74 -85.81
N GLY L 56 38.80 12.95 -84.80
CA GLY L 56 39.22 11.58 -85.02
C GLY L 56 40.73 11.41 -85.06
N SER L 57 41.47 12.48 -84.77
CA SER L 57 42.93 12.41 -84.72
C SER L 57 43.36 11.36 -83.69
N THR L 58 44.38 10.56 -84.02
CA THR L 58 44.79 9.46 -83.17
C THR L 58 46.30 9.43 -83.00
N SER L 59 46.75 9.07 -81.78
CA SER L 59 48.16 8.97 -81.50
C SER L 59 48.39 7.72 -80.66
N TYR L 60 49.08 6.71 -81.20
CA TYR L 60 49.34 5.48 -80.46
C TYR L 60 50.77 5.48 -79.95
N ALA L 61 51.03 4.65 -78.94
CA ALA L 61 52.35 4.49 -78.38
C ALA L 61 53.21 3.70 -79.34
N GLN L 62 54.53 3.95 -79.27
CA GLN L 62 55.49 3.31 -80.14
C GLN L 62 55.43 1.79 -79.96
N LYS L 63 55.09 1.31 -78.76
CA LYS L 63 55.09 -0.13 -78.50
C LYS L 63 53.97 -0.83 -79.25
N PHE L 64 52.86 -0.11 -79.48
CA PHE L 64 51.73 -0.77 -80.13
C PHE L 64 51.55 -0.28 -81.56
N GLN L 65 52.51 0.54 -82.03
CA GLN L 65 52.36 1.23 -83.31
C GLN L 65 52.27 0.16 -84.42
N GLY L 66 51.21 0.25 -85.22
CA GLY L 66 51.02 -0.65 -86.35
C GLY L 66 50.02 -1.76 -86.05
N ARG L 67 49.76 -2.02 -84.76
CA ARG L 67 48.89 -3.14 -84.39
C ARG L 67 47.62 -2.71 -83.64
N VAL L 68 47.57 -1.46 -83.20
CA VAL L 68 46.42 -0.92 -82.49
C VAL L 68 45.75 0.14 -83.34
N THR L 69 44.41 0.14 -83.36
CA THR L 69 43.62 1.10 -84.09
C THR L 69 42.48 1.61 -83.21
N MET L 70 42.37 2.94 -83.08
CA MET L 70 41.32 3.54 -82.30
C MET L 70 40.27 4.21 -83.20
N THR L 71 39.02 3.85 -82.97
CA THR L 71 37.88 4.24 -83.79
C THR L 71 36.91 5.02 -82.91
N ARG L 72 36.08 5.85 -83.55
CA ARG L 72 35.14 6.70 -82.84
C ARG L 72 33.87 6.85 -83.68
N ASP L 73 32.72 6.79 -83.03
CA ASP L 73 31.42 7.00 -83.64
C ASP L 73 30.67 8.03 -82.80
N THR L 74 30.35 9.18 -83.42
CA THR L 74 29.76 10.29 -82.71
C THR L 74 28.27 10.06 -82.47
N SER L 75 27.62 9.43 -83.46
CA SER L 75 26.17 9.25 -83.40
C SER L 75 25.82 8.42 -82.17
N THR L 76 26.61 7.38 -81.90
CA THR L 76 26.38 6.50 -80.76
C THR L 76 27.27 6.89 -79.58
N SER L 77 28.17 7.87 -79.75
CA SER L 77 28.92 8.36 -78.59
C SER L 77 29.84 7.27 -78.00
N THR L 78 30.45 6.48 -78.88
CA THR L 78 31.28 5.36 -78.46
C THR L 78 32.69 5.44 -79.05
N VAL L 79 33.62 4.73 -78.40
CA VAL L 79 35.00 4.64 -78.85
C VAL L 79 35.36 3.17 -78.93
N TYR L 80 35.95 2.76 -80.07
CA TYR L 80 36.43 1.41 -80.27
C TYR L 80 37.95 1.38 -80.27
N MET L 81 38.52 0.29 -79.74
CA MET L 81 39.95 0.04 -79.81
C MET L 81 40.20 -1.40 -80.28
N GLU L 82 40.97 -1.54 -81.36
CA GLU L 82 41.23 -2.83 -81.96
C GLU L 82 42.71 -3.17 -81.87
N LEU L 83 43.03 -4.31 -81.25
CA LEU L 83 44.40 -4.80 -81.21
C LEU L 83 44.52 -6.09 -82.01
N SER L 84 45.45 -6.09 -82.97
CA SER L 84 45.65 -7.20 -83.90
C SER L 84 46.97 -7.90 -83.60
N SER L 85 47.11 -9.12 -84.15
CA SER L 85 48.28 -9.97 -83.96
C SER L 85 48.58 -10.18 -82.48
N LEU L 86 47.58 -10.72 -81.75
CA LEU L 86 47.70 -10.87 -80.32
C LEU L 86 48.72 -11.97 -80.00
N ARG L 87 49.42 -11.75 -78.87
CA ARG L 87 50.33 -12.71 -78.29
C ARG L 87 49.90 -12.96 -76.85
N SER L 88 50.59 -13.90 -76.20
CA SER L 88 50.24 -14.30 -74.84
C SER L 88 50.48 -13.15 -73.86
N GLU L 89 51.32 -12.20 -74.24
CA GLU L 89 51.66 -11.07 -73.39
C GLU L 89 50.53 -10.04 -73.38
N ASP L 90 49.61 -10.13 -74.33
CA ASP L 90 48.57 -9.10 -74.45
C ASP L 90 47.36 -9.40 -73.56
N THR L 91 47.31 -10.62 -72.98
CA THR L 91 46.31 -10.95 -71.98
C THR L 91 46.35 -9.92 -70.86
N ALA L 92 45.32 -9.09 -70.82
CA ALA L 92 45.26 -7.99 -69.86
C ALA L 92 43.85 -7.43 -69.77
N VAL L 93 43.67 -6.43 -68.90
CA VAL L 93 42.43 -5.68 -68.80
C VAL L 93 42.65 -4.34 -69.49
N TYR L 94 41.66 -3.94 -70.29
CA TYR L 94 41.74 -2.72 -71.06
C TYR L 94 40.71 -1.71 -70.54
N TYR L 95 41.20 -0.52 -70.20
CA TYR L 95 40.36 0.55 -69.69
C TYR L 95 40.31 1.69 -70.69
N CYS L 96 39.14 2.31 -70.88
CA CYS L 96 39.10 3.65 -71.44
C CYS L 96 39.16 4.67 -70.30
N ALA L 97 39.56 5.89 -70.62
CA ALA L 97 39.67 6.93 -69.61
C ALA L 97 39.48 8.31 -70.23
N ARG L 98 38.78 9.18 -69.50
CA ARG L 98 38.57 10.54 -69.97
C ARG L 98 39.33 11.48 -69.06
N PRO L 99 40.24 12.32 -69.61
CA PRO L 99 40.77 13.46 -68.86
C PRO L 99 39.93 14.71 -69.10
N PRO L 100 40.10 15.77 -68.29
CA PRO L 100 39.43 17.05 -68.54
C PRO L 100 39.92 17.70 -69.84
N ARG L 101 39.36 18.87 -70.15
CA ARG L 101 39.71 19.56 -71.38
C ARG L 101 41.06 20.26 -71.23
N ASN L 102 41.85 20.20 -72.32
CA ASN L 102 43.11 20.92 -72.36
C ASN L 102 42.84 22.42 -72.44
N TYR L 103 43.58 23.19 -71.63
CA TYR L 103 43.36 24.62 -71.52
C TYR L 103 44.56 25.39 -72.05
N TYR L 104 44.34 26.69 -72.32
CA TYR L 104 45.41 27.59 -72.71
C TYR L 104 45.92 28.37 -71.50
N ASP L 105 47.24 28.57 -71.44
CA ASP L 105 47.89 29.32 -70.38
C ASP L 105 47.59 30.81 -70.55
N ARG L 106 47.92 31.59 -69.52
CA ARG L 106 47.76 33.03 -69.57
C ARG L 106 48.62 33.59 -70.70
N SER L 107 49.77 32.94 -70.92
CA SER L 107 50.76 33.33 -71.92
C SER L 107 50.35 32.84 -73.31
N GLY L 108 49.42 31.89 -73.35
CA GLY L 108 48.95 31.36 -74.61
C GLY L 108 49.58 29.99 -74.88
N TYR L 109 50.15 29.38 -73.84
CA TYR L 109 50.79 28.09 -73.96
C TYR L 109 49.76 26.98 -73.83
N TYR L 110 49.71 26.09 -74.83
CA TYR L 110 48.87 24.91 -74.77
C TYR L 110 49.29 24.01 -73.62
N GLN L 111 48.45 23.95 -72.58
CA GLN L 111 48.72 23.12 -71.41
C GLN L 111 47.79 21.91 -71.48
N ARG L 112 48.35 20.72 -71.67
CA ARG L 112 47.58 19.49 -71.66
C ARG L 112 47.29 19.08 -70.22
N ALA L 113 46.09 18.55 -69.97
CA ALA L 113 45.71 18.08 -68.66
C ALA L 113 45.29 16.62 -68.70
N GLU L 114 46.30 15.73 -68.68
CA GLU L 114 46.14 14.31 -68.96
C GLU L 114 46.13 13.53 -67.65
N TYR L 115 45.18 13.90 -66.78
CA TYR L 115 44.87 13.11 -65.60
C TYR L 115 43.47 12.52 -65.74
N PHE L 116 43.35 11.24 -65.38
CA PHE L 116 42.14 10.49 -65.69
C PHE L 116 41.16 10.50 -64.53
N GLN L 117 40.06 11.25 -64.70
CA GLN L 117 39.07 11.44 -63.67
C GLN L 117 38.09 10.28 -63.75
N HIS L 118 37.70 9.88 -64.97
CA HIS L 118 36.67 8.88 -65.15
C HIS L 118 37.24 7.70 -65.93
N TRP L 119 37.00 6.48 -65.42
CA TRP L 119 37.48 5.27 -66.06
C TRP L 119 36.30 4.37 -66.40
N GLY L 120 36.52 3.45 -67.33
CA GLY L 120 35.60 2.36 -67.58
C GLY L 120 35.71 1.27 -66.50
N GLN L 121 34.96 0.18 -66.70
CA GLN L 121 34.97 -0.92 -65.76
C GLN L 121 36.09 -1.90 -66.12
N GLY L 122 36.61 -1.83 -67.34
CA GLY L 122 37.64 -2.75 -67.79
C GLY L 122 37.11 -3.94 -68.59
N THR L 123 37.86 -4.31 -69.63
CA THR L 123 37.54 -5.43 -70.50
C THR L 123 38.70 -6.40 -70.49
N LEU L 124 38.47 -7.61 -69.93
CA LEU L 124 39.49 -8.64 -69.92
C LEU L 124 39.58 -9.33 -71.28
N VAL L 125 40.80 -9.34 -71.82
CA VAL L 125 41.09 -10.01 -73.07
C VAL L 125 42.04 -11.17 -72.78
N THR L 126 41.50 -12.38 -72.84
CA THR L 126 42.32 -13.57 -72.63
C THR L 126 42.76 -14.09 -73.98
N VAL L 127 44.08 -14.13 -74.16
CA VAL L 127 44.64 -14.61 -75.42
C VAL L 127 45.15 -16.03 -75.17
N SER L 128 44.46 -17.01 -75.75
CA SER L 128 44.78 -18.39 -75.47
C SER L 128 44.20 -19.28 -76.57
N SER L 129 44.91 -20.38 -76.79
CA SER L 129 44.49 -21.45 -77.67
C SER L 129 43.20 -22.05 -77.13
N ALA L 130 43.15 -22.24 -75.80
CA ALA L 130 42.16 -23.07 -75.16
C ALA L 130 40.76 -22.60 -75.51
N SER L 131 39.90 -23.60 -75.79
CA SER L 131 38.51 -23.37 -76.12
C SER L 131 37.79 -22.90 -74.86
N THR L 132 36.78 -22.05 -75.04
CA THR L 132 35.92 -21.62 -73.96
C THR L 132 35.11 -22.80 -73.42
N LYS L 133 34.86 -22.80 -72.10
CA LYS L 133 34.07 -23.85 -71.51
C LYS L 133 33.21 -23.20 -70.44
N GLY L 134 32.00 -23.76 -70.27
CA GLY L 134 31.08 -23.25 -69.26
C GLY L 134 31.33 -23.89 -67.90
N PRO L 135 31.05 -23.14 -66.81
CA PRO L 135 31.30 -23.62 -65.45
C PRO L 135 30.26 -24.60 -64.94
N SER L 136 30.65 -25.32 -63.88
CA SER L 136 29.76 -26.22 -63.17
C SER L 136 29.68 -25.72 -61.74
N VAL L 137 28.44 -25.47 -61.29
CA VAL L 137 28.22 -24.93 -59.96
C VAL L 137 27.78 -26.05 -59.03
N PHE L 138 28.43 -26.14 -57.86
CA PHE L 138 28.17 -27.20 -56.90
C PHE L 138 27.95 -26.58 -55.52
N PRO L 139 27.03 -27.15 -54.72
CA PRO L 139 26.73 -26.58 -53.42
C PRO L 139 27.67 -27.09 -52.33
N LEU L 140 28.19 -26.14 -51.53
CA LEU L 140 28.92 -26.48 -50.32
C LEU L 140 27.97 -26.34 -49.15
N ALA L 141 27.53 -27.50 -48.62
CA ALA L 141 26.50 -27.58 -47.60
C ALA L 141 27.11 -27.41 -46.21
N PRO L 142 26.44 -26.66 -45.30
CA PRO L 142 26.95 -26.47 -43.94
C PRO L 142 26.60 -27.63 -43.02
N SER L 143 27.32 -27.71 -41.90
CA SER L 143 27.10 -28.75 -40.89
C SER L 143 25.89 -28.40 -40.01
N GLY L 150 26.87 -22.61 -33.36
CA GLY L 150 26.74 -21.14 -33.28
C GLY L 150 26.47 -20.49 -34.65
N THR L 151 27.52 -20.39 -35.46
CA THR L 151 27.47 -19.74 -36.76
C THR L 151 27.95 -20.71 -37.84
N ALA L 152 27.13 -20.88 -38.89
CA ALA L 152 27.47 -21.85 -39.94
C ALA L 152 27.87 -21.10 -41.20
N ALA L 153 28.61 -21.78 -42.09
CA ALA L 153 29.07 -21.20 -43.34
C ALA L 153 28.63 -22.10 -44.50
N LEU L 154 28.00 -21.51 -45.53
CA LEU L 154 27.69 -22.27 -46.73
C LEU L 154 28.38 -21.63 -47.92
N GLY L 155 28.36 -22.31 -49.07
CA GLY L 155 29.07 -21.77 -50.21
C GLY L 155 28.65 -22.41 -51.54
N CYS L 156 29.25 -21.88 -52.61
CA CYS L 156 29.08 -22.35 -53.97
C CYS L 156 30.45 -22.49 -54.62
N LEU L 157 30.64 -23.61 -55.32
CA LEU L 157 31.90 -23.91 -55.98
C LEU L 157 31.70 -23.84 -57.50
N VAL L 158 32.41 -22.91 -58.14
CA VAL L 158 32.32 -22.71 -59.58
C VAL L 158 33.56 -23.34 -60.23
N LYS L 159 33.38 -24.56 -60.76
CA LYS L 159 34.50 -25.40 -61.17
C LYS L 159 34.53 -25.50 -62.69
N ASP L 160 35.74 -25.59 -63.24
CA ASP L 160 36.04 -25.94 -64.62
C ASP L 160 35.35 -24.95 -65.55
N TYR L 161 35.83 -23.71 -65.52
CA TYR L 161 35.39 -22.72 -66.48
C TYR L 161 36.60 -22.06 -67.12
N PHE L 162 36.37 -21.54 -68.33
CA PHE L 162 37.39 -20.80 -69.04
C PHE L 162 36.72 -19.92 -70.09
N PRO L 163 37.14 -18.65 -70.25
CA PRO L 163 38.16 -18.03 -69.41
C PRO L 163 37.57 -17.20 -68.28
N GLU L 164 38.40 -16.36 -67.66
CA GLU L 164 37.93 -15.45 -66.64
C GLU L 164 37.07 -14.37 -67.29
N PRO L 165 36.21 -13.65 -66.53
CA PRO L 165 35.88 -13.99 -65.14
C PRO L 165 34.46 -14.51 -64.95
N VAL L 166 34.11 -14.88 -63.71
CA VAL L 166 32.73 -15.18 -63.36
C VAL L 166 32.24 -14.19 -62.30
N THR L 167 30.95 -13.86 -62.34
CA THR L 167 30.33 -12.98 -61.36
C THR L 167 29.46 -13.82 -60.44
N VAL L 168 29.74 -13.75 -59.13
CA VAL L 168 28.97 -14.50 -58.16
C VAL L 168 28.27 -13.55 -57.20
N SER L 169 26.93 -13.63 -57.14
CA SER L 169 26.14 -12.88 -56.19
C SER L 169 25.32 -13.85 -55.32
N TRP L 170 24.71 -13.33 -54.25
CA TRP L 170 23.86 -14.14 -53.39
C TRP L 170 22.47 -13.52 -53.26
N ASN L 171 21.44 -14.31 -53.56
CA ASN L 171 20.05 -13.89 -53.53
C ASN L 171 19.86 -12.67 -54.42
N SER L 172 20.43 -12.71 -55.64
CA SER L 172 20.35 -11.61 -56.59
C SER L 172 20.88 -10.31 -56.00
N GLY L 173 21.85 -10.41 -55.08
CA GLY L 173 22.48 -9.24 -54.51
C GLY L 173 21.88 -8.81 -53.16
N ALA L 174 20.88 -9.56 -52.68
CA ALA L 174 20.19 -9.22 -51.43
C ALA L 174 20.96 -9.69 -50.20
N LEU L 175 22.12 -10.33 -50.41
CA LEU L 175 22.96 -10.79 -49.30
C LEU L 175 24.40 -10.38 -49.56
N THR L 176 24.92 -9.42 -48.77
CA THR L 176 26.28 -8.94 -48.94
C THR L 176 27.10 -9.07 -47.65
N SER L 177 26.43 -9.21 -46.50
CA SER L 177 27.11 -9.25 -45.23
C SER L 177 27.77 -10.63 -45.06
N GLY L 178 29.11 -10.64 -45.02
CA GLY L 178 29.87 -11.85 -44.75
C GLY L 178 30.12 -12.70 -45.99
N VAL L 179 30.00 -12.08 -47.18
CA VAL L 179 30.23 -12.80 -48.43
C VAL L 179 31.70 -12.66 -48.81
N HIS L 180 32.33 -13.81 -49.08
CA HIS L 180 33.69 -13.86 -49.57
C HIS L 180 33.75 -14.66 -50.87
N THR L 181 33.95 -13.95 -51.99
CA THR L 181 34.13 -14.60 -53.27
C THR L 181 35.62 -14.69 -53.56
N PHE L 182 36.18 -15.89 -53.47
CA PHE L 182 37.61 -16.09 -53.62
C PHE L 182 38.05 -15.82 -55.06
N PRO L 183 39.31 -15.37 -55.27
CA PRO L 183 39.86 -15.24 -56.62
C PRO L 183 39.95 -16.61 -57.29
N ALA L 184 40.01 -16.60 -58.63
CA ALA L 184 40.07 -17.81 -59.41
C ALA L 184 41.43 -18.48 -59.24
N VAL L 185 41.45 -19.79 -59.49
CA VAL L 185 42.67 -20.59 -59.38
C VAL L 185 42.84 -21.32 -60.71
N LEU L 186 44.05 -21.29 -61.28
CA LEU L 186 44.33 -22.03 -62.50
C LEU L 186 44.69 -23.46 -62.13
N GLN L 187 43.79 -24.40 -62.43
CA GLN L 187 43.98 -25.81 -62.10
C GLN L 187 44.99 -26.42 -63.05
N SER L 188 45.38 -27.67 -62.74
CA SER L 188 46.34 -28.41 -63.54
C SER L 188 45.80 -28.65 -64.95
N SER L 189 44.45 -28.65 -65.09
CA SER L 189 43.82 -28.96 -66.37
C SER L 189 43.80 -27.73 -67.28
N GLY L 190 44.31 -26.60 -66.79
CA GLY L 190 44.31 -25.36 -67.56
C GLY L 190 42.95 -24.64 -67.53
N LEU L 191 42.04 -25.09 -66.66
CA LEU L 191 40.74 -24.46 -66.45
C LEU L 191 40.73 -23.76 -65.09
N TYR L 192 39.81 -22.80 -64.93
CA TYR L 192 39.72 -22.03 -63.70
C TYR L 192 38.66 -22.62 -62.78
N SER L 193 38.77 -22.26 -61.50
CA SER L 193 37.87 -22.68 -60.44
C SER L 193 37.89 -21.60 -59.36
N LEU L 194 36.72 -21.41 -58.74
CA LEU L 194 36.49 -20.34 -57.80
C LEU L 194 35.47 -20.83 -56.76
N SER L 195 35.48 -20.25 -55.57
CA SER L 195 34.52 -20.57 -54.52
C SER L 195 34.02 -19.27 -53.90
N SER L 196 32.74 -19.26 -53.52
CA SER L 196 32.16 -18.10 -52.86
C SER L 196 31.43 -18.62 -51.62
N VAL L 197 31.86 -18.13 -50.45
CA VAL L 197 31.28 -18.57 -49.19
C VAL L 197 30.57 -17.40 -48.52
N VAL L 198 29.62 -17.74 -47.64
CA VAL L 198 28.93 -16.76 -46.82
C VAL L 198 28.63 -17.40 -45.47
N THR L 199 28.82 -16.61 -44.41
CA THR L 199 28.58 -17.07 -43.05
C THR L 199 27.24 -16.52 -42.59
N VAL L 200 26.37 -17.41 -42.12
CA VAL L 200 25.06 -17.03 -41.62
C VAL L 200 24.83 -17.73 -40.26
N PRO L 201 23.96 -17.17 -39.37
CA PRO L 201 23.57 -17.89 -38.16
C PRO L 201 22.88 -19.21 -38.49
N SER L 202 23.14 -20.23 -37.66
CA SER L 202 22.56 -21.55 -37.79
C SER L 202 21.03 -21.51 -37.76
N SER L 203 20.48 -20.58 -36.97
CA SER L 203 19.03 -20.45 -36.79
C SER L 203 18.33 -20.15 -38.12
N SER L 204 19.01 -19.43 -39.00
CA SER L 204 18.46 -19.04 -40.30
C SER L 204 18.66 -20.14 -41.35
N LEU L 205 19.23 -21.29 -40.97
CA LEU L 205 19.44 -22.38 -41.91
C LEU L 205 18.10 -22.91 -42.45
N GLY L 206 17.05 -22.80 -41.65
CA GLY L 206 15.71 -23.21 -42.06
C GLY L 206 14.81 -22.01 -42.34
N THR L 207 15.21 -20.81 -41.89
CA THR L 207 14.35 -19.64 -41.92
C THR L 207 14.52 -18.87 -43.24
N GLN L 208 15.78 -18.58 -43.61
CA GLN L 208 16.10 -17.84 -44.82
C GLN L 208 16.60 -18.78 -45.90
N THR L 209 16.20 -18.52 -47.15
CA THR L 209 16.66 -19.29 -48.29
C THR L 209 17.89 -18.60 -48.90
N TYR L 210 18.87 -19.40 -49.32
CA TYR L 210 20.13 -18.89 -49.83
C TYR L 210 20.38 -19.44 -51.23
N ILE L 211 20.23 -18.58 -52.23
CA ILE L 211 20.53 -18.90 -53.62
C ILE L 211 21.80 -18.16 -54.02
N CYS L 212 22.69 -18.83 -54.74
CA CYS L 212 23.87 -18.20 -55.31
C CYS L 212 23.71 -18.11 -56.84
N ASN L 213 24.06 -16.95 -57.39
CA ASN L 213 23.91 -16.68 -58.81
C ASN L 213 25.29 -16.56 -59.44
N VAL L 214 25.59 -17.48 -60.37
CA VAL L 214 26.88 -17.49 -61.05
C VAL L 214 26.63 -17.09 -62.49
N ASN L 215 27.46 -16.17 -62.99
CA ASN L 215 27.28 -15.64 -64.35
C ASN L 215 28.62 -15.64 -65.06
N HIS L 216 28.76 -16.49 -66.09
CA HIS L 216 29.94 -16.52 -66.93
C HIS L 216 29.58 -16.02 -68.33
N LYS L 217 29.89 -14.75 -68.59
CA LYS L 217 29.43 -14.04 -69.77
C LYS L 217 30.17 -14.54 -71.02
N PRO L 218 31.49 -14.78 -70.98
CA PRO L 218 32.18 -15.32 -72.15
C PRO L 218 31.60 -16.62 -72.71
N SER L 219 30.90 -17.40 -71.87
CA SER L 219 30.26 -18.62 -72.33
C SER L 219 28.73 -18.51 -72.34
N ASN L 220 28.20 -17.33 -71.98
CA ASN L 220 26.77 -17.08 -71.96
C ASN L 220 26.07 -18.08 -71.04
N THR L 221 26.72 -18.40 -69.92
CA THR L 221 26.18 -19.37 -68.98
C THR L 221 25.74 -18.65 -67.71
N LYS L 222 24.47 -18.82 -67.33
CA LYS L 222 23.98 -18.22 -66.09
C LYS L 222 23.29 -19.32 -65.29
N VAL L 223 23.81 -19.58 -64.08
CA VAL L 223 23.29 -20.68 -63.27
C VAL L 223 22.96 -20.16 -61.87
N ASP L 224 21.70 -20.34 -61.47
CA ASP L 224 21.31 -20.12 -60.08
C ASP L 224 21.36 -21.47 -59.38
N LYS L 225 21.78 -21.47 -58.11
CA LYS L 225 21.89 -22.70 -57.36
C LYS L 225 21.46 -22.43 -55.93
N ARG L 226 20.53 -23.27 -55.46
CA ARG L 226 20.03 -23.15 -54.10
C ARG L 226 20.89 -24.04 -53.21
N VAL L 227 21.46 -23.44 -52.16
CA VAL L 227 22.30 -24.15 -51.23
C VAL L 227 21.43 -24.59 -50.05
N GLU L 228 21.25 -25.91 -49.93
CA GLU L 228 20.37 -26.48 -48.93
C GLU L 228 21.18 -27.42 -48.07
N PRO L 229 20.93 -27.44 -46.73
CA PRO L 229 21.71 -28.30 -45.85
C PRO L 229 21.49 -29.76 -46.18
N LYS L 230 22.56 -30.57 -46.12
CA LYS L 230 22.48 -31.99 -46.41
C LYS L 230 21.90 -32.69 -45.19
N SER L 231 20.71 -33.31 -45.35
CA SER L 231 20.00 -33.91 -44.24
C SER L 231 20.50 -35.35 -44.04
N CYS L 232 21.16 -35.57 -42.89
CA CYS L 232 21.80 -36.84 -42.61
C CYS L 232 20.76 -37.74 -41.93
N GLN M 1 -3.42 29.90 18.66
CA GLN M 1 -4.40 29.07 19.39
C GLN M 1 -5.80 29.65 19.18
N VAL M 2 -6.04 30.18 17.97
CA VAL M 2 -7.30 30.84 17.65
C VAL M 2 -8.04 30.06 16.55
N GLN M 3 -7.96 28.73 16.59
CA GLN M 3 -8.54 27.90 15.55
C GLN M 3 -10.00 27.53 15.84
N LEU M 4 -10.78 27.38 14.77
CA LEU M 4 -12.16 26.91 14.83
C LEU M 4 -12.28 25.51 14.27
N VAL M 5 -12.74 24.58 15.09
CA VAL M 5 -12.83 23.17 14.73
C VAL M 5 -14.28 22.80 14.47
N GLN M 6 -14.54 22.36 13.24
CA GLN M 6 -15.88 22.10 12.79
C GLN M 6 -16.10 20.59 12.78
N SER M 7 -17.20 20.11 13.36
CA SER M 7 -17.42 18.67 13.39
C SER M 7 -18.35 18.26 12.25
N GLY M 8 -18.28 16.98 11.90
CA GLY M 8 -19.37 16.32 11.19
C GLY M 8 -19.06 16.11 9.73
N ALA M 9 -19.58 15.00 9.17
CA ALA M 9 -19.53 14.70 7.76
C ALA M 9 -20.84 14.01 7.39
N GLU M 10 -21.96 14.63 7.78
CA GLU M 10 -23.24 13.95 7.88
C GLU M 10 -23.91 13.86 6.52
N VAL M 11 -24.72 12.81 6.35
CA VAL M 11 -25.54 12.59 5.18
C VAL M 11 -26.99 12.50 5.64
N LYS M 12 -27.86 13.23 4.91
CA LYS M 12 -29.25 13.36 5.36
C LYS M 12 -30.19 13.16 4.18
N LYS M 13 -31.31 12.46 4.44
CA LYS M 13 -32.33 12.25 3.42
C LYS M 13 -33.09 13.56 3.24
N PRO M 14 -33.62 13.85 2.03
CA PRO M 14 -34.36 15.08 1.78
C PRO M 14 -35.52 15.23 2.75
N GLY M 15 -35.66 16.45 3.30
CA GLY M 15 -36.74 16.79 4.19
C GLY M 15 -36.32 16.71 5.65
N SER M 16 -35.20 16.03 5.94
CA SER M 16 -34.72 15.90 7.31
C SER M 16 -34.00 17.18 7.76
N SER M 17 -33.34 17.11 8.90
CA SER M 17 -32.67 18.26 9.50
C SER M 17 -31.24 17.88 9.86
N VAL M 18 -30.31 18.82 9.64
CA VAL M 18 -28.89 18.62 9.93
C VAL M 18 -28.44 19.68 10.91
N LYS M 19 -27.52 19.29 11.80
CA LYS M 19 -27.00 20.20 12.80
C LYS M 19 -25.48 20.12 12.78
N VAL M 20 -24.83 21.24 12.46
CA VAL M 20 -23.38 21.30 12.35
C VAL M 20 -22.82 22.13 13.52
N SER M 21 -21.71 21.67 14.10
CA SER M 21 -21.13 22.32 15.27
C SER M 21 -19.81 22.96 14.91
N CYS M 22 -19.51 24.08 15.58
CA CYS M 22 -18.23 24.77 15.52
C CYS M 22 -17.73 24.97 16.94
N LYS M 23 -16.54 24.41 17.23
CA LYS M 23 -15.87 24.64 18.50
C LYS M 23 -14.87 25.78 18.34
N ALA M 24 -15.04 26.83 19.14
CA ALA M 24 -14.16 28.00 19.09
C ALA M 24 -13.05 27.81 20.10
N SER M 25 -11.82 28.10 19.66
CA SER M 25 -10.66 27.98 20.53
C SER M 25 -9.89 29.29 20.46
N GLY M 26 -9.53 29.80 21.64
CA GLY M 26 -9.12 31.19 21.78
C GLY M 26 -10.33 32.11 21.93
N GLY M 27 -10.10 33.40 21.69
CA GLY M 27 -11.17 34.38 21.83
C GLY M 27 -11.94 34.55 20.54
N THR M 28 -13.28 34.58 20.64
CA THR M 28 -14.12 34.70 19.46
C THR M 28 -15.37 35.47 19.85
N PHE M 29 -15.56 36.63 19.22
CA PHE M 29 -16.68 37.50 19.53
C PHE M 29 -17.97 36.93 18.98
N GLY M 30 -18.01 36.77 17.64
CA GLY M 30 -19.17 36.19 16.97
C GLY M 30 -18.76 35.22 15.89
N ILE M 31 -19.55 34.16 15.70
CA ILE M 31 -19.30 33.17 14.67
C ILE M 31 -20.40 33.19 13.62
N SER M 32 -19.97 33.29 12.37
CA SER M 32 -20.87 33.29 11.23
C SER M 32 -20.71 31.98 10.44
N TRP M 33 -21.76 31.60 9.70
CA TRP M 33 -21.73 30.40 8.82
C TRP M 33 -21.80 30.81 7.36
N VAL M 34 -20.98 30.15 6.56
CA VAL M 34 -20.97 30.39 5.12
C VAL M 34 -20.97 29.05 4.41
N ARG M 35 -21.91 28.90 3.47
CA ARG M 35 -22.03 27.65 2.73
C ARG M 35 -21.51 27.85 1.31
N GLN M 36 -20.98 26.76 0.75
CA GLN M 36 -20.50 26.75 -0.61
C GLN M 36 -20.92 25.44 -1.29
N ALA M 37 -21.76 25.54 -2.32
CA ALA M 37 -22.16 24.39 -3.10
C ALA M 37 -20.96 23.87 -3.89
N PRO M 38 -20.87 22.55 -4.15
CA PRO M 38 -19.74 21.99 -4.87
C PRO M 38 -19.65 22.62 -6.27
N GLY M 39 -18.52 23.28 -6.53
CA GLY M 39 -18.25 23.88 -7.84
C GLY M 39 -18.75 25.31 -7.91
N GLN M 40 -19.75 25.65 -7.08
CA GLN M 40 -20.35 26.98 -7.11
C GLN M 40 -19.60 27.91 -6.16
N GLY M 41 -20.19 29.09 -5.88
CA GLY M 41 -19.52 30.10 -5.07
C GLY M 41 -19.98 30.08 -3.62
N LEU M 42 -19.55 31.07 -2.85
CA LEU M 42 -19.91 31.19 -1.44
C LEU M 42 -21.22 31.94 -1.31
N GLU M 43 -22.01 31.55 -0.29
CA GLU M 43 -23.19 32.31 0.08
C GLU M 43 -23.32 32.36 1.60
N TRP M 44 -23.73 33.52 2.11
CA TRP M 44 -23.83 33.73 3.55
C TRP M 44 -25.11 33.11 4.08
N MET M 45 -25.05 32.64 5.33
CA MET M 45 -26.18 31.95 5.91
C MET M 45 -26.71 32.67 7.15
N GLY M 46 -25.81 33.04 8.06
CA GLY M 46 -26.21 33.65 9.31
C GLY M 46 -25.04 33.91 10.24
N ARG M 47 -25.27 34.65 11.33
CA ARG M 47 -24.22 35.07 12.25
C ARG M 47 -24.80 34.99 13.65
N ILE M 48 -23.97 34.65 14.64
CA ILE M 48 -24.40 34.65 16.03
C ILE M 48 -23.32 35.28 16.90
N ILE M 49 -23.75 36.07 17.88
CA ILE M 49 -22.82 36.59 18.88
C ILE M 49 -23.24 36.01 20.21
N PRO M 50 -22.57 34.95 20.71
CA PRO M 50 -23.03 34.25 21.91
C PRO M 50 -23.03 35.16 23.15
N ILE M 51 -22.20 36.20 23.14
CA ILE M 51 -22.05 37.03 24.30
C ILE M 51 -23.18 38.05 24.32
N LEU M 52 -23.97 38.12 23.24
CA LEU M 52 -24.99 39.14 23.14
C LEU M 52 -26.37 38.52 22.95
N GLY M 53 -26.43 37.38 22.26
CA GLY M 53 -27.69 36.66 22.11
C GLY M 53 -28.40 36.90 20.78
N THR M 54 -27.88 37.79 19.93
CA THR M 54 -28.48 38.07 18.64
C THR M 54 -28.05 37.02 17.62
N ALA M 55 -28.95 36.72 16.67
CA ALA M 55 -28.69 35.82 15.56
C ALA M 55 -29.31 36.40 14.29
N ASN M 56 -28.68 36.12 13.15
CA ASN M 56 -29.11 36.59 11.85
C ASN M 56 -29.34 35.44 10.87
N HIS M 57 -30.26 35.67 9.92
CA HIS M 57 -30.53 34.71 8.85
C HIS M 57 -30.51 35.49 7.54
N ALA M 58 -30.07 34.83 6.46
CA ALA M 58 -30.35 35.34 5.12
C ALA M 58 -31.84 35.13 4.80
N GLN M 59 -32.37 36.00 3.93
CA GLN M 59 -33.80 36.01 3.66
C GLN M 59 -34.25 34.66 3.08
N LYS M 60 -33.35 34.02 2.31
CA LYS M 60 -33.69 32.80 1.62
C LYS M 60 -33.84 31.64 2.59
N PHE M 61 -33.29 31.77 3.80
CA PHE M 61 -33.29 30.68 4.76
C PHE M 61 -34.25 30.96 5.90
N GLN M 62 -35.20 31.88 5.69
CA GLN M 62 -36.20 32.18 6.70
C GLN M 62 -37.02 30.94 7.01
N GLY M 63 -37.08 30.56 8.29
CA GLY M 63 -37.87 29.43 8.74
C GLY M 63 -37.12 28.10 8.69
N ARG M 64 -35.88 28.10 8.20
CA ARG M 64 -35.13 26.89 7.97
C ARG M 64 -33.84 26.86 8.79
N VAL M 65 -33.33 28.04 9.20
CA VAL M 65 -32.06 28.10 9.89
C VAL M 65 -32.30 28.42 11.36
N THR M 66 -31.63 27.67 12.22
CA THR M 66 -31.66 27.94 13.65
C THR M 66 -30.21 27.89 14.14
N ILE M 67 -29.72 29.05 14.60
CA ILE M 67 -28.34 29.12 15.07
C ILE M 67 -28.33 29.29 16.59
N THR M 68 -27.73 28.31 17.29
CA THR M 68 -27.73 28.31 18.73
C THR M 68 -26.27 28.24 19.20
N ALA M 69 -26.04 28.44 20.49
CA ALA M 69 -24.72 28.26 21.07
C ALA M 69 -24.85 27.88 22.54
N ASP M 70 -23.97 26.99 22.99
CA ASP M 70 -23.87 26.66 24.41
C ASP M 70 -22.50 27.09 24.94
N LYS M 71 -22.53 28.03 25.89
CA LYS M 71 -21.32 28.65 26.39
C LYS M 71 -20.57 27.72 27.33
N SER M 72 -21.30 26.86 28.05
CA SER M 72 -20.70 25.85 28.92
C SER M 72 -19.70 25.00 28.14
N THR M 73 -20.08 24.58 26.92
CA THR M 73 -19.21 23.77 26.08
C THR M 73 -18.36 24.63 25.14
N GLY M 74 -18.73 25.90 25.00
CA GLY M 74 -18.03 26.84 24.14
C GLY M 74 -18.28 26.61 22.66
N THR M 75 -19.34 25.84 22.31
CA THR M 75 -19.58 25.46 20.92
C THR M 75 -20.78 26.21 20.33
N VAL M 76 -20.86 26.27 19.00
CA VAL M 76 -21.94 26.96 18.29
C VAL M 76 -22.55 26.00 17.29
N TYR M 77 -23.88 25.88 17.32
CA TYR M 77 -24.59 24.94 16.46
C TYR M 77 -25.41 25.72 15.42
N MET M 78 -25.52 25.12 14.23
CA MET M 78 -26.35 25.65 13.17
C MET M 78 -27.16 24.51 12.58
N GLU M 79 -28.50 24.67 12.62
CA GLU M 79 -29.41 23.63 12.19
C GLU M 79 -30.19 24.12 10.97
N LEU M 80 -30.12 23.32 9.91
CA LEU M 80 -30.88 23.55 8.70
C LEU M 80 -31.89 22.42 8.54
N SER M 81 -33.18 22.79 8.43
CA SER M 81 -34.26 21.84 8.31
C SER M 81 -34.85 21.90 6.91
N SER M 82 -35.67 20.89 6.58
CA SER M 82 -36.34 20.76 5.28
C SER M 82 -35.30 20.78 4.16
N LEU M 83 -34.34 19.84 4.24
CA LEU M 83 -33.23 19.83 3.30
C LEU M 83 -33.70 19.37 1.94
N ARG M 84 -33.09 19.88 0.88
CA ARG M 84 -33.29 19.36 -0.47
C ARG M 84 -31.95 19.18 -1.17
N SER M 85 -31.98 18.78 -2.43
CA SER M 85 -30.80 18.53 -3.23
C SER M 85 -30.00 19.81 -3.44
N GLU M 86 -30.65 20.97 -3.26
CA GLU M 86 -30.00 22.26 -3.46
C GLU M 86 -29.04 22.56 -2.30
N ASP M 87 -29.22 21.89 -1.16
CA ASP M 87 -28.50 22.23 0.05
C ASP M 87 -27.17 21.49 0.14
N THR M 88 -26.97 20.48 -0.72
CA THR M 88 -25.74 19.70 -0.68
C THR M 88 -24.56 20.65 -0.91
N ALA M 89 -23.79 20.88 0.15
CA ALA M 89 -22.74 21.88 0.10
C ALA M 89 -21.78 21.67 1.27
N VAL M 90 -20.76 22.53 1.32
CA VAL M 90 -19.78 22.52 2.40
C VAL M 90 -20.10 23.72 3.28
N TYR M 91 -20.10 23.50 4.59
CA TYR M 91 -20.49 24.55 5.53
C TYR M 91 -19.28 24.93 6.38
N TYR M 92 -18.96 26.24 6.39
CA TYR M 92 -17.78 26.74 7.09
C TYR M 92 -18.22 27.62 8.25
N CYS M 93 -17.46 27.61 9.36
CA CYS M 93 -17.55 28.62 10.39
C CYS M 93 -16.63 29.80 10.03
N ALA M 94 -16.83 30.92 10.73
CA ALA M 94 -16.07 32.13 10.46
C ALA M 94 -16.03 32.97 11.73
N ARG M 95 -14.86 33.51 12.06
CA ARG M 95 -14.72 34.38 13.21
C ARG M 95 -15.03 35.81 12.79
N ASP M 96 -15.81 36.49 13.63
CA ASP M 96 -16.13 37.88 13.42
C ASP M 96 -15.66 38.68 14.63
N GLY M 97 -14.37 39.03 14.65
CA GLY M 97 -13.79 39.84 15.72
C GLY M 97 -13.21 38.99 16.83
N ASP M 98 -12.26 39.56 17.56
CA ASP M 98 -11.61 38.85 18.68
C ASP M 98 -12.52 38.90 19.90
N SER M 99 -12.06 38.38 21.06
CA SER M 99 -12.95 38.24 22.21
C SER M 99 -13.33 39.61 22.77
N GLY M 100 -12.49 40.62 22.49
CA GLY M 100 -12.80 42.00 22.82
C GLY M 100 -13.36 42.70 21.59
N SER M 101 -13.41 44.03 21.61
CA SER M 101 -13.75 44.80 20.42
C SER M 101 -15.10 44.35 19.86
N TYR M 102 -16.17 44.80 20.53
CA TYR M 102 -17.54 44.45 20.18
C TYR M 102 -17.90 44.86 18.74
N TYR M 103 -16.96 45.44 18.00
CA TYR M 103 -17.14 45.76 16.60
C TYR M 103 -17.26 44.51 15.72
N GLU M 104 -18.00 44.65 14.61
CA GLU M 104 -18.03 43.61 13.59
C GLU M 104 -17.42 44.15 12.29
N THR M 105 -16.39 43.47 11.79
CA THR M 105 -15.68 43.97 10.62
C THR M 105 -16.33 43.48 9.33
N LEU M 106 -17.19 42.45 9.45
CA LEU M 106 -17.75 41.74 8.32
C LEU M 106 -16.69 41.12 7.41
N GLY M 107 -15.44 41.04 7.89
CA GLY M 107 -14.44 40.18 7.29
C GLY M 107 -14.13 39.04 8.23
N PHE M 108 -14.17 37.82 7.71
CA PHE M 108 -14.13 36.62 8.52
C PHE M 108 -12.70 36.10 8.61
N ASP M 109 -12.10 36.21 9.79
CA ASP M 109 -10.65 36.09 9.91
C ASP M 109 -10.22 34.64 9.74
N TYR M 110 -10.75 33.78 10.61
CA TYR M 110 -10.36 32.38 10.66
C TYR M 110 -11.54 31.49 10.30
N TRP M 111 -11.29 30.53 9.42
CA TRP M 111 -12.31 29.64 8.91
C TRP M 111 -12.00 28.24 9.36
N GLY M 112 -13.08 27.51 9.67
CA GLY M 112 -12.95 26.09 9.97
C GLY M 112 -12.70 25.26 8.72
N GLN M 113 -12.43 23.97 8.89
CA GLN M 113 -12.30 23.07 7.75
C GLN M 113 -13.70 22.78 7.20
N GLY M 114 -13.75 22.13 6.04
CA GLY M 114 -15.02 21.81 5.41
C GLY M 114 -15.89 20.85 6.23
N THR M 115 -17.21 21.13 6.23
CA THR M 115 -18.21 20.17 6.66
C THR M 115 -19.20 19.86 5.53
N LEU M 116 -19.03 18.71 4.89
CA LEU M 116 -19.81 18.40 3.71
C LEU M 116 -21.09 17.73 4.15
N VAL M 117 -22.22 18.31 3.74
CA VAL M 117 -23.53 17.75 4.02
C VAL M 117 -24.15 17.34 2.69
N THR M 118 -24.18 16.01 2.45
CA THR M 118 -24.73 15.50 1.22
C THR M 118 -26.17 15.11 1.47
N VAL M 119 -27.05 15.74 0.72
CA VAL M 119 -28.46 15.49 0.82
C VAL M 119 -28.83 14.66 -0.40
N SER M 120 -29.21 13.40 -0.16
CA SER M 120 -29.65 12.61 -1.29
C SER M 120 -30.67 11.56 -0.88
N SER M 121 -31.56 11.26 -1.82
CA SER M 121 -32.51 10.17 -1.69
C SER M 121 -31.72 8.86 -1.66
N ALA M 122 -30.76 8.78 -2.57
CA ALA M 122 -30.14 7.50 -2.94
C ALA M 122 -29.41 6.96 -1.73
N SER M 123 -29.48 5.63 -1.59
CA SER M 123 -28.91 4.91 -0.47
C SER M 123 -27.39 4.97 -0.53
N THR M 124 -26.78 5.06 0.65
CA THR M 124 -25.33 5.01 0.80
C THR M 124 -24.86 3.60 0.46
N LYS M 125 -23.62 3.48 -0.01
CA LYS M 125 -23.12 2.20 -0.47
C LYS M 125 -21.95 1.64 0.36
N GLY M 126 -20.89 2.42 0.53
CA GLY M 126 -19.72 1.89 1.22
C GLY M 126 -18.70 1.30 0.25
N PRO M 127 -17.39 1.51 0.55
CA PRO M 127 -16.32 1.27 -0.42
C PRO M 127 -15.87 -0.18 -0.50
N SER M 128 -15.17 -0.48 -1.58
CA SER M 128 -14.40 -1.72 -1.70
C SER M 128 -12.94 -1.34 -1.91
N VAL M 129 -12.07 -1.83 -1.01
CA VAL M 129 -10.68 -1.41 -0.99
C VAL M 129 -9.81 -2.51 -1.57
N PHE M 130 -8.94 -2.14 -2.51
CA PHE M 130 -8.04 -3.08 -3.14
C PHE M 130 -6.62 -2.53 -3.12
N PRO M 131 -5.59 -3.40 -2.96
CA PRO M 131 -4.20 -2.94 -2.93
C PRO M 131 -3.59 -2.83 -4.32
N LEU M 132 -2.96 -1.70 -4.58
CA LEU M 132 -2.22 -1.47 -5.82
C LEU M 132 -0.75 -1.69 -5.55
N ALA M 133 -0.26 -2.85 -6.02
CA ALA M 133 1.05 -3.38 -5.68
C ALA M 133 2.12 -2.79 -6.60
N PRO M 134 3.35 -2.55 -6.07
CA PRO M 134 4.46 -2.07 -6.89
C PRO M 134 5.15 -3.15 -7.71
N SER M 135 5.89 -2.72 -8.73
CA SER M 135 6.63 -3.59 -9.62
C SER M 135 8.03 -3.02 -9.80
N SER M 136 8.86 -3.73 -10.57
CA SER M 136 10.15 -3.22 -10.99
C SER M 136 9.98 -1.96 -11.85
N LYS M 137 8.78 -1.77 -12.42
CA LYS M 137 8.49 -0.58 -13.22
C LYS M 137 8.43 0.67 -12.34
N SER M 138 8.01 0.50 -11.08
CA SER M 138 7.78 1.63 -10.19
C SER M 138 8.84 1.69 -9.09
N THR M 139 9.66 0.63 -8.95
CA THR M 139 10.53 0.45 -7.77
C THR M 139 12.01 0.68 -8.07
N SER M 140 12.42 0.56 -9.34
CA SER M 140 13.83 0.45 -9.67
C SER M 140 14.56 1.78 -9.52
N GLY M 141 13.83 2.87 -9.26
CA GLY M 141 14.41 4.20 -9.14
C GLY M 141 14.93 4.49 -7.72
N GLY M 142 15.02 3.45 -6.90
CA GLY M 142 15.31 3.59 -5.47
C GLY M 142 14.05 3.89 -4.67
N THR M 143 13.05 4.49 -5.34
CA THR M 143 11.77 4.80 -4.73
C THR M 143 10.66 4.07 -5.49
N ALA M 144 9.86 3.30 -4.74
CA ALA M 144 8.73 2.57 -5.27
C ALA M 144 7.42 3.27 -4.90
N ALA M 145 6.36 2.94 -5.66
CA ALA M 145 5.05 3.49 -5.42
C ALA M 145 4.05 2.39 -5.06
N LEU M 146 3.40 2.57 -3.90
CA LEU M 146 2.34 1.68 -3.45
C LEU M 146 1.04 2.46 -3.49
N GLY M 147 -0.09 1.75 -3.47
CA GLY M 147 -1.36 2.44 -3.56
C GLY M 147 -2.53 1.64 -3.03
N CYS M 148 -3.66 2.33 -2.86
CA CYS M 148 -4.95 1.74 -2.50
C CYS M 148 -6.02 2.28 -3.42
N LEU M 149 -6.89 1.39 -3.89
CA LEU M 149 -8.03 1.76 -4.73
C LEU M 149 -9.31 1.63 -3.90
N VAL M 150 -10.00 2.76 -3.72
CA VAL M 150 -11.28 2.79 -3.04
C VAL M 150 -12.36 2.91 -4.09
N LYS M 151 -13.02 1.78 -4.40
CA LYS M 151 -13.92 1.67 -5.53
C LYS M 151 -15.37 1.59 -5.06
N ASP M 152 -16.26 2.23 -5.82
CA ASP M 152 -17.71 2.06 -5.73
C ASP M 152 -18.21 2.38 -4.32
N TYR M 153 -18.11 3.65 -3.94
CA TYR M 153 -18.63 4.08 -2.66
C TYR M 153 -19.51 5.32 -2.86
N PHE M 154 -20.41 5.53 -1.92
CA PHE M 154 -21.28 6.69 -1.92
C PHE M 154 -21.79 6.91 -0.50
N PRO M 155 -21.91 8.17 -0.03
CA PRO M 155 -21.41 9.33 -0.76
C PRO M 155 -20.03 9.77 -0.29
N GLU M 156 -19.60 10.97 -0.73
CA GLU M 156 -18.35 11.54 -0.24
C GLU M 156 -18.52 11.95 1.22
N PRO M 157 -17.45 12.07 2.03
CA PRO M 157 -16.10 11.73 1.61
C PRO M 157 -15.53 10.46 2.24
N VAL M 158 -14.37 10.03 1.72
CA VAL M 158 -13.64 8.93 2.32
C VAL M 158 -12.27 9.43 2.77
N THR M 159 -11.81 8.94 3.93
CA THR M 159 -10.53 9.33 4.47
C THR M 159 -9.57 8.16 4.33
N VAL M 160 -8.45 8.41 3.65
CA VAL M 160 -7.41 7.40 3.46
C VAL M 160 -6.14 7.87 4.14
N SER M 161 -5.65 7.07 5.09
CA SER M 161 -4.39 7.31 5.76
C SER M 161 -3.49 6.10 5.55
N TRP M 162 -2.21 6.25 5.93
CA TRP M 162 -1.24 5.18 5.80
C TRP M 162 -0.58 4.91 7.15
N ASN M 163 -0.59 3.63 7.55
CA ASN M 163 -0.01 3.19 8.81
C ASN M 163 -0.63 3.97 9.98
N SER M 164 -1.96 4.11 9.97
CA SER M 164 -2.72 4.81 10.98
C SER M 164 -2.25 6.25 11.14
N GLY M 165 -1.76 6.84 10.04
CA GLY M 165 -1.33 8.24 10.03
C GLY M 165 0.16 8.42 10.26
N ALA M 166 0.89 7.30 10.44
CA ALA M 166 2.32 7.36 10.74
C ALA M 166 3.15 7.50 9.46
N LEU M 167 2.51 7.60 8.30
CA LEU M 167 3.21 7.80 7.04
C LEU M 167 2.54 8.91 6.25
N THR M 168 3.23 10.05 6.13
CA THR M 168 2.69 11.22 5.47
C THR M 168 3.61 11.70 4.34
N SER M 169 4.87 11.26 4.36
CA SER M 169 5.84 11.69 3.36
C SER M 169 5.55 11.00 2.03
N GLY M 170 5.16 11.81 1.03
CA GLY M 170 4.97 11.33 -0.32
C GLY M 170 3.59 10.73 -0.56
N VAL M 171 2.61 11.08 0.29
CA VAL M 171 1.26 10.58 0.14
C VAL M 171 0.45 11.51 -0.76
N HIS M 172 -0.14 10.95 -1.82
CA HIS M 172 -0.97 11.70 -2.75
C HIS M 172 -2.29 10.96 -2.93
N THR M 173 -3.35 11.51 -2.33
CA THR M 173 -4.67 10.93 -2.46
C THR M 173 -5.41 11.68 -3.56
N PHE M 174 -5.60 11.01 -4.70
CA PHE M 174 -6.21 11.62 -5.87
C PHE M 174 -7.67 11.95 -5.61
N PRO M 175 -8.24 12.97 -6.28
CA PRO M 175 -9.66 13.27 -6.17
C PRO M 175 -10.51 12.12 -6.70
N ALA M 176 -11.75 12.08 -6.21
CA ALA M 176 -12.70 11.04 -6.55
C ALA M 176 -13.16 11.22 -8.00
N VAL M 177 -13.74 10.16 -8.54
CA VAL M 177 -14.35 10.16 -9.85
C VAL M 177 -15.84 9.80 -9.72
N LEU M 178 -16.69 10.63 -10.33
CA LEU M 178 -18.10 10.34 -10.39
C LEU M 178 -18.35 9.44 -11.60
N GLN M 179 -18.65 8.15 -11.32
CA GLN M 179 -18.85 7.20 -12.40
C GLN M 179 -20.22 7.41 -13.05
N SER M 180 -20.47 6.69 -14.15
CA SER M 180 -21.78 6.70 -14.81
C SER M 180 -22.85 6.14 -13.88
N SER M 181 -22.45 5.29 -12.93
CA SER M 181 -23.32 4.60 -11.99
C SER M 181 -23.74 5.53 -10.86
N GLY M 182 -23.18 6.75 -10.80
CA GLY M 182 -23.45 7.67 -9.72
C GLY M 182 -22.68 7.36 -8.44
N LEU M 183 -21.70 6.45 -8.54
CA LEU M 183 -20.86 6.10 -7.39
C LEU M 183 -19.46 6.68 -7.56
N TYR M 184 -18.79 6.88 -6.42
CA TYR M 184 -17.47 7.49 -6.40
C TYR M 184 -16.38 6.42 -6.37
N SER M 185 -15.17 6.81 -6.75
CA SER M 185 -13.98 5.97 -6.66
C SER M 185 -12.74 6.86 -6.61
N LEU M 186 -11.73 6.44 -5.84
CA LEU M 186 -10.49 7.19 -5.78
C LEU M 186 -9.31 6.25 -5.54
N SER M 187 -8.12 6.83 -5.65
CA SER M 187 -6.87 6.12 -5.43
C SER M 187 -5.96 6.97 -4.55
N SER M 188 -5.18 6.29 -3.70
CA SER M 188 -4.23 6.95 -2.84
C SER M 188 -2.88 6.29 -3.02
N VAL M 189 -1.89 7.06 -3.45
CA VAL M 189 -0.57 6.53 -3.74
C VAL M 189 0.44 7.08 -2.75
N VAL M 190 1.51 6.33 -2.53
CA VAL M 190 2.57 6.72 -1.63
C VAL M 190 3.91 6.32 -2.23
N THR M 191 4.90 7.21 -2.12
CA THR M 191 6.26 6.95 -2.54
C THR M 191 7.09 6.55 -1.33
N VAL M 192 7.68 5.35 -1.39
CA VAL M 192 8.42 4.78 -0.28
C VAL M 192 9.74 4.23 -0.81
N PRO M 193 10.84 4.26 -0.03
CA PRO M 193 12.10 3.66 -0.49
C PRO M 193 11.96 2.16 -0.72
N SER M 194 12.58 1.68 -1.82
CA SER M 194 12.45 0.30 -2.23
C SER M 194 13.05 -0.63 -1.18
N SER M 195 14.09 -0.15 -0.48
CA SER M 195 14.81 -0.92 0.52
C SER M 195 13.88 -1.38 1.65
N SER M 196 12.87 -0.55 1.96
CA SER M 196 11.94 -0.86 3.03
C SER M 196 10.80 -1.78 2.58
N LEU M 197 10.81 -2.21 1.31
CA LEU M 197 9.72 -3.02 0.78
C LEU M 197 9.63 -4.37 1.51
N GLY M 198 10.76 -4.85 2.05
CA GLY M 198 10.78 -6.15 2.69
C GLY M 198 10.83 -6.05 4.22
N THR M 199 11.25 -4.89 4.72
CA THR M 199 11.45 -4.71 6.15
C THR M 199 10.18 -4.20 6.82
N GLN M 200 9.59 -3.13 6.24
CA GLN M 200 8.46 -2.42 6.85
C GLN M 200 7.17 -2.81 6.12
N THR M 201 6.10 -2.94 6.91
CA THR M 201 4.79 -3.27 6.38
C THR M 201 4.02 -1.97 6.13
N TYR M 202 3.28 -1.93 5.02
CA TYR M 202 2.58 -0.73 4.59
C TYR M 202 1.08 -1.01 4.48
N ILE M 203 0.34 -0.45 5.45
CA ILE M 203 -1.09 -0.65 5.54
C ILE M 203 -1.76 0.67 5.17
N CYS M 204 -2.82 0.57 4.37
CA CYS M 204 -3.65 1.72 4.08
C CYS M 204 -4.99 1.58 4.80
N ASN M 205 -5.42 2.67 5.44
CA ASN M 205 -6.63 2.69 6.25
C ASN M 205 -7.66 3.58 5.57
N VAL M 206 -8.78 2.96 5.18
CA VAL M 206 -9.86 3.66 4.53
C VAL M 206 -11.02 3.75 5.52
N ASN M 207 -11.60 4.96 5.62
CA ASN M 207 -12.69 5.23 6.54
C ASN M 207 -13.78 5.97 5.78
N HIS M 208 -14.94 5.30 5.69
CA HIS M 208 -16.14 5.90 5.14
C HIS M 208 -17.17 6.04 6.26
N LYS M 209 -17.32 7.28 6.75
CA LYS M 209 -18.15 7.57 7.91
C LYS M 209 -19.63 7.37 7.62
N PRO M 210 -20.16 7.82 6.45
CA PRO M 210 -21.58 7.61 6.14
C PRO M 210 -22.05 6.16 6.23
N SER M 211 -21.13 5.20 6.05
CA SER M 211 -21.48 3.80 6.11
C SER M 211 -20.83 3.11 7.30
N ASN M 212 -20.08 3.87 8.13
CA ASN M 212 -19.41 3.31 9.29
C ASN M 212 -18.50 2.15 8.88
N THR M 213 -17.81 2.33 7.74
CA THR M 213 -16.94 1.32 7.17
C THR M 213 -15.48 1.69 7.41
N LYS M 214 -14.74 0.76 8.01
CA LYS M 214 -13.33 0.90 8.25
C LYS M 214 -12.63 -0.32 7.67
N VAL M 215 -11.69 -0.09 6.75
CA VAL M 215 -11.01 -1.16 6.06
C VAL M 215 -9.52 -0.91 6.09
N ASP M 216 -8.75 -1.88 6.62
CA ASP M 216 -7.32 -1.91 6.48
C ASP M 216 -6.97 -2.77 5.27
N LYS M 217 -5.91 -2.38 4.56
CA LYS M 217 -5.45 -3.17 3.43
C LYS M 217 -3.94 -3.14 3.31
N LYS M 218 -3.35 -4.34 3.21
CA LYS M 218 -1.91 -4.48 3.10
C LYS M 218 -1.51 -4.50 1.63
N VAL M 219 -0.61 -3.58 1.28
CA VAL M 219 -0.10 -3.53 -0.09
C VAL M 219 1.28 -4.18 -0.12
N GLU M 220 1.40 -5.33 -0.78
CA GLU M 220 2.67 -6.02 -0.93
C GLU M 220 2.94 -6.25 -2.41
N PRO M 221 4.21 -6.33 -2.85
CA PRO M 221 4.52 -6.73 -4.23
C PRO M 221 4.02 -8.13 -4.55
N LYS M 222 3.49 -8.31 -5.76
CA LYS M 222 2.93 -9.57 -6.20
C LYS M 222 4.05 -10.52 -6.62
N SER M 223 4.11 -11.69 -5.98
CA SER M 223 5.06 -12.72 -6.37
C SER M 223 4.41 -13.72 -7.33
N ASP N 1 12.22 50.16 54.38
CA ASP N 1 12.26 49.86 52.92
C ASP N 1 12.05 48.37 52.71
N ILE N 2 10.92 48.02 52.09
CA ILE N 2 10.59 46.63 51.81
C ILE N 2 11.17 46.23 50.46
N GLN N 3 12.02 45.20 50.46
CA GLN N 3 12.66 44.73 49.24
C GLN N 3 11.75 43.72 48.57
N LEU N 4 11.70 43.77 47.23
CA LEU N 4 10.93 42.82 46.46
C LEU N 4 11.85 42.13 45.45
N THR N 5 11.82 40.80 45.45
CA THR N 5 12.59 40.00 44.50
C THR N 5 11.62 39.32 43.52
N GLN N 6 11.96 39.38 42.23
CA GLN N 6 11.11 38.82 41.20
C GLN N 6 11.79 37.60 40.57
N SER N 7 11.02 36.52 40.42
CA SER N 7 11.53 35.29 39.83
C SER N 7 10.59 34.83 38.72
N PRO N 8 11.10 34.58 37.49
CA PRO N 8 12.49 34.82 37.14
C PRO N 8 12.76 36.28 36.73
N SER N 9 13.95 36.52 36.18
CA SER N 9 14.30 37.83 35.66
C SER N 9 13.96 37.92 34.17
N SER N 10 13.94 36.77 33.50
CA SER N 10 13.58 36.69 32.10
C SER N 10 12.94 35.33 31.85
N LEU N 11 12.15 35.21 30.78
CA LEU N 11 11.59 33.93 30.38
C LEU N 11 11.07 34.04 28.94
N SER N 12 10.92 32.87 28.32
CA SER N 12 10.40 32.75 26.96
C SER N 12 9.43 31.58 26.91
N ALA N 13 8.20 31.85 26.47
CA ALA N 13 7.17 30.82 26.38
C ALA N 13 6.50 30.90 25.01
N SER N 14 5.84 29.78 24.64
CA SER N 14 5.17 29.70 23.36
C SER N 14 3.76 30.28 23.50
N VAL N 15 3.11 30.49 22.34
CA VAL N 15 1.74 30.96 22.31
C VAL N 15 0.84 29.90 22.94
N GLY N 16 -0.02 30.35 23.86
CA GLY N 16 -0.97 29.46 24.50
C GLY N 16 -0.42 28.82 25.78
N ASP N 17 0.88 29.03 26.06
CA ASP N 17 1.50 28.49 27.27
C ASP N 17 0.95 29.19 28.50
N ARG N 18 1.04 28.51 29.65
CA ARG N 18 0.67 29.10 30.93
C ARG N 18 1.94 29.65 31.57
N VAL N 19 1.89 30.93 31.98
CA VAL N 19 3.07 31.61 32.50
C VAL N 19 2.82 31.98 33.96
N THR N 20 3.87 31.87 34.78
CA THR N 20 3.77 32.15 36.21
C THR N 20 5.01 32.88 36.68
N ILE N 21 4.81 34.02 37.34
CA ILE N 21 5.90 34.81 37.90
C ILE N 21 5.67 34.94 39.41
N THR N 22 6.76 35.05 40.18
CA THR N 22 6.68 35.15 41.63
C THR N 22 7.33 36.45 42.09
N CYS N 23 6.72 37.07 43.11
CA CYS N 23 7.25 38.26 43.76
C CYS N 23 7.30 37.98 45.26
N GLN N 24 8.53 38.04 45.82
CA GLN N 24 8.76 37.78 47.23
C GLN N 24 9.16 39.07 47.93
N ALA N 25 8.50 39.33 49.07
CA ALA N 25 8.73 40.53 49.86
C ALA N 25 9.57 40.19 51.08
N SER N 26 10.45 41.13 51.47
CA SER N 26 11.32 40.97 52.63
C SER N 26 10.52 41.04 53.93
N GLN N 27 9.27 41.51 53.86
CA GLN N 27 8.44 41.68 55.04
C GLN N 27 7.01 41.31 54.69
N ASP N 28 6.15 41.29 55.70
CA ASP N 28 4.77 40.89 55.47
C ASP N 28 3.93 42.11 55.15
N ILE N 29 3.35 42.06 53.94
CA ILE N 29 2.41 43.01 53.40
C ILE N 29 1.22 42.16 52.97
N SER N 30 0.06 42.38 53.58
CA SER N 30 -0.98 41.35 53.56
C SER N 30 -1.32 40.95 52.13
N ASN N 31 -1.67 41.96 51.33
CA ASN N 31 -2.07 41.78 49.95
C ASN N 31 -1.93 43.15 49.28
N TYR N 32 -1.28 44.10 49.97
CA TYR N 32 -1.03 45.40 49.40
C TYR N 32 0.05 45.28 48.33
N LEU N 33 -0.22 44.43 47.33
CA LEU N 33 0.66 44.26 46.19
C LEU N 33 -0.10 44.44 44.88
N ASN N 34 0.57 45.02 43.88
CA ASN N 34 -0.01 45.31 42.58
C ASN N 34 0.95 44.82 41.51
N TRP N 35 0.41 44.57 40.31
CA TRP N 35 1.16 44.10 39.17
C TRP N 35 0.99 45.05 37.99
N TYR N 36 2.13 45.44 37.39
CA TYR N 36 2.12 46.34 36.25
C TYR N 36 2.73 45.64 35.04
N GLN N 37 2.27 46.01 33.85
CA GLN N 37 2.75 45.49 32.59
C GLN N 37 3.30 46.63 31.73
N GLN N 38 4.60 46.88 31.83
CA GLN N 38 5.23 47.97 31.08
C GLN N 38 5.73 47.45 29.74
N ARG N 39 5.14 47.98 28.67
CA ARG N 39 5.57 47.67 27.31
C ARG N 39 6.70 48.63 26.94
N PRO N 40 7.53 48.28 25.93
CA PRO N 40 8.72 49.08 25.64
C PRO N 40 8.33 50.45 25.12
N GLY N 41 8.87 51.50 25.75
CA GLY N 41 8.63 52.87 25.33
C GLY N 41 7.41 53.49 25.99
N LYS N 42 6.42 52.66 26.33
CA LYS N 42 5.18 53.13 26.97
C LYS N 42 5.37 53.23 28.47
N ALA N 43 4.33 53.68 29.17
CA ALA N 43 4.32 53.74 30.62
C ALA N 43 3.83 52.40 31.17
N PRO N 44 4.02 52.13 32.48
CA PRO N 44 3.43 50.95 33.11
C PRO N 44 1.91 50.93 33.04
N LYS N 45 1.34 49.72 32.93
CA LYS N 45 -0.10 49.52 32.83
C LYS N 45 -0.52 48.60 33.97
N LEU N 46 -1.45 49.07 34.80
CA LEU N 46 -1.87 48.32 35.97
C LEU N 46 -2.80 47.19 35.55
N LEU N 47 -2.47 45.96 35.94
CA LEU N 47 -3.25 44.78 35.57
C LEU N 47 -3.92 44.18 36.81
N ILE N 48 -3.16 44.04 37.90
CA ILE N 48 -3.67 43.44 39.12
C ILE N 48 -3.38 44.38 40.28
N TYR N 49 -4.40 44.62 41.12
CA TYR N 49 -4.21 45.38 42.35
C TYR N 49 -4.75 44.57 43.52
N ASP N 50 -4.21 44.84 44.73
CA ASP N 50 -4.51 44.09 45.93
C ASP N 50 -4.17 42.61 45.75
N ALA N 51 -3.30 42.32 44.78
CA ALA N 51 -2.64 41.03 44.60
C ALA N 51 -3.59 39.96 44.04
N SER N 52 -4.90 40.25 44.00
CA SER N 52 -5.84 39.25 43.52
C SER N 52 -6.96 39.84 42.65
N ASN N 53 -7.04 41.17 42.57
CA ASN N 53 -8.16 41.81 41.89
C ASN N 53 -7.75 42.23 40.49
N LEU N 54 -8.53 41.79 39.49
CA LEU N 54 -8.30 42.16 38.10
C LEU N 54 -8.79 43.58 37.87
N GLU N 55 -7.94 44.40 37.25
CA GLU N 55 -8.28 45.78 36.94
C GLU N 55 -9.29 45.79 35.80
N THR N 56 -10.26 46.71 35.90
CA THR N 56 -11.31 46.86 34.90
C THR N 56 -10.68 47.03 33.51
N GLY N 57 -10.97 46.08 32.62
CA GLY N 57 -10.50 46.18 31.25
C GLY N 57 -9.38 45.18 30.93
N VAL N 58 -9.04 44.34 31.90
CA VAL N 58 -7.97 43.36 31.72
C VAL N 58 -8.59 42.03 31.29
N PRO N 59 -8.03 41.31 30.29
CA PRO N 59 -8.57 40.02 29.89
C PRO N 59 -8.62 39.01 31.03
N SER N 60 -9.50 38.00 30.88
CA SER N 60 -9.78 37.04 31.92
C SER N 60 -8.59 36.12 32.14
N ARG N 61 -7.67 36.08 31.19
CA ARG N 61 -6.56 35.13 31.23
C ARG N 61 -5.52 35.51 32.29
N PHE N 62 -5.62 36.73 32.81
CA PHE N 62 -4.68 37.20 33.81
C PHE N 62 -5.25 36.95 35.20
N SER N 63 -4.37 36.61 36.14
CA SER N 63 -4.78 36.38 37.51
C SER N 63 -3.60 36.62 38.43
N GLY N 64 -3.91 36.85 39.71
CA GLY N 64 -2.90 37.00 40.74
C GLY N 64 -3.39 36.43 42.06
N SER N 65 -2.46 35.90 42.85
CA SER N 65 -2.79 35.40 44.17
C SER N 65 -1.58 35.56 45.08
N GLY N 66 -1.77 35.18 46.35
CA GLY N 66 -0.68 35.19 47.31
C GLY N 66 -1.00 36.10 48.49
N SER N 67 -0.17 35.99 49.53
CA SER N 67 -0.30 36.77 50.76
C SER N 67 1.03 36.77 51.51
N GLY N 68 1.04 37.48 52.64
CA GLY N 68 2.22 37.49 53.51
C GLY N 68 3.44 38.06 52.79
N THR N 69 4.36 37.19 52.38
CA THR N 69 5.59 37.62 51.72
C THR N 69 5.65 37.09 50.29
N ASP N 70 4.76 36.15 49.94
CA ASP N 70 4.84 35.47 48.65
C ASP N 70 3.61 35.75 47.80
N PHE N 71 3.84 36.22 46.57
CA PHE N 71 2.76 36.45 45.62
C PHE N 71 3.11 35.84 44.27
N THR N 72 2.06 35.46 43.53
CA THR N 72 2.22 34.88 42.21
C THR N 72 1.28 35.58 41.22
N PHE N 73 1.75 35.71 39.97
CA PHE N 73 1.02 36.31 38.87
C PHE N 73 1.00 35.33 37.71
N THR N 74 -0.20 35.03 37.21
CA THR N 74 -0.39 33.92 36.28
C THR N 74 -1.10 34.37 35.01
N ILE N 75 -0.63 33.84 33.88
CA ILE N 75 -1.26 34.04 32.59
C ILE N 75 -1.73 32.67 32.11
N SER N 76 -3.04 32.52 31.86
CA SER N 76 -3.64 31.28 31.44
C SER N 76 -3.06 30.83 30.10
N SER N 77 -3.37 31.56 29.02
CA SER N 77 -2.82 31.26 27.71
C SER N 77 -2.08 32.48 27.18
N LEU N 78 -0.76 32.37 27.01
CA LEU N 78 0.05 33.50 26.59
C LEU N 78 -0.30 33.93 25.17
N GLN N 79 -0.82 35.16 25.06
CA GLN N 79 -1.19 35.76 23.78
C GLN N 79 -0.04 36.62 23.25
N PRO N 80 0.09 36.83 21.92
CA PRO N 80 1.25 37.53 21.36
C PRO N 80 1.46 38.95 21.89
N GLU N 81 0.37 39.60 22.33
CA GLU N 81 0.42 41.00 22.74
C GLU N 81 0.80 41.12 24.21
N ASP N 82 1.16 39.99 24.84
CA ASP N 82 1.44 39.99 26.27
C ASP N 82 2.93 40.25 26.55
N ILE N 83 3.72 40.35 25.49
CA ILE N 83 5.14 40.57 25.65
C ILE N 83 5.38 41.95 26.23
N ALA N 84 5.94 41.97 27.45
CA ALA N 84 6.31 43.19 28.14
C ALA N 84 7.18 42.84 29.34
N THR N 85 7.51 43.82 30.15
CA THR N 85 8.18 43.58 31.41
C THR N 85 7.16 43.79 32.53
N TYR N 86 7.05 42.80 33.43
CA TYR N 86 6.04 42.81 34.46
C TYR N 86 6.71 43.13 35.78
N TYR N 87 6.13 44.11 36.51
CA TYR N 87 6.67 44.55 37.79
C TYR N 87 5.65 44.34 38.89
N CYS N 88 6.14 44.10 40.12
CA CYS N 88 5.29 44.06 41.29
C CYS N 88 5.61 45.27 42.16
N GLN N 89 4.58 45.76 42.88
CA GLN N 89 4.71 46.95 43.70
C GLN N 89 3.96 46.75 45.01
N GLN N 90 4.52 47.30 46.10
CA GLN N 90 3.92 47.21 47.42
C GLN N 90 3.53 48.61 47.89
N TYR N 91 2.48 48.67 48.72
CA TYR N 91 2.09 49.92 49.35
C TYR N 91 1.63 49.70 50.78
N ASP N 92 2.21 48.68 51.44
CA ASP N 92 1.87 48.39 52.82
C ASP N 92 2.51 49.42 53.75
N ASN N 93 3.74 49.84 53.40
CA ASN N 93 4.48 50.78 54.22
C ASN N 93 5.35 51.66 53.31
N PRO N 94 5.39 52.99 53.53
CA PRO N 94 6.31 53.86 52.78
C PRO N 94 7.75 53.48 53.07
N PRO N 95 8.67 53.63 52.10
CA PRO N 95 8.32 54.06 50.74
C PRO N 95 7.92 52.89 49.84
N LEU N 96 7.21 53.20 48.75
CA LEU N 96 6.80 52.18 47.79
C LEU N 96 8.02 51.68 47.03
N THR N 97 8.00 50.38 46.74
CA THR N 97 9.11 49.74 46.03
C THR N 97 8.57 48.86 44.92
N PHE N 98 9.41 48.64 43.90
CA PHE N 98 9.06 47.82 42.76
C PHE N 98 10.03 46.63 42.66
N GLY N 99 9.53 45.54 42.08
CA GLY N 99 10.35 44.37 41.76
C GLY N 99 11.40 44.66 40.67
N GLY N 100 12.26 43.65 40.45
CA GLY N 100 13.33 43.77 39.48
C GLY N 100 12.81 43.86 38.05
N GLY N 101 11.66 43.23 37.84
CA GLY N 101 11.11 43.11 36.50
C GLY N 101 11.32 41.72 35.92
N THR N 102 10.39 41.32 35.04
CA THR N 102 10.43 40.03 34.38
C THR N 102 10.17 40.22 32.88
N LYS N 103 11.24 40.28 32.10
CA LYS N 103 11.07 40.45 30.66
C LYS N 103 10.54 39.13 30.10
N LEU N 104 9.30 39.17 29.60
CA LEU N 104 8.67 38.01 29.01
C LEU N 104 8.71 38.10 27.48
N GLU N 105 9.14 37.00 26.84
CA GLU N 105 9.26 36.97 25.39
C GLU N 105 8.43 35.82 24.83
N ILE N 106 8.21 35.81 23.51
CA ILE N 106 7.43 34.77 22.87
C ILE N 106 8.38 33.84 22.14
N LYS N 107 8.11 32.53 22.24
CA LYS N 107 8.75 31.51 21.43
C LYS N 107 7.85 31.28 20.21
N ARG N 108 8.43 31.52 19.02
CA ARG N 108 7.65 31.55 17.79
C ARG N 108 8.25 30.58 16.78
N THR N 109 7.48 30.28 15.75
CA THR N 109 7.94 29.51 14.61
C THR N 109 9.00 30.33 13.85
N VAL N 110 9.93 29.63 13.21
CA VAL N 110 11.03 30.27 12.50
C VAL N 110 10.46 31.04 11.30
N ALA N 111 10.82 32.32 11.20
CA ALA N 111 10.43 33.17 10.07
C ALA N 111 11.66 33.80 9.41
N ALA N 112 11.63 33.90 8.08
CA ALA N 112 12.75 34.41 7.30
C ALA N 112 12.65 35.92 7.18
N PRO N 113 13.78 36.66 7.19
CA PRO N 113 13.76 38.12 7.06
C PRO N 113 13.61 38.59 5.62
N SER N 114 12.87 39.69 5.45
CA SER N 114 12.87 40.40 4.18
C SER N 114 14.04 41.38 4.20
N VAL N 115 14.90 41.29 3.18
CA VAL N 115 16.15 42.05 3.19
C VAL N 115 16.07 43.18 2.18
N PHE N 116 16.30 44.41 2.65
CA PHE N 116 16.30 45.59 1.79
C PHE N 116 17.59 46.37 2.01
N ILE N 117 18.03 47.07 0.95
CA ILE N 117 19.23 47.89 1.04
C ILE N 117 18.91 49.32 0.60
N PHE N 118 19.57 50.28 1.24
CA PHE N 118 19.38 51.70 0.93
C PHE N 118 20.75 52.35 0.79
N PRO N 119 21.12 52.77 -0.44
CA PRO N 119 22.36 53.53 -0.65
C PRO N 119 22.29 54.87 0.07
N PRO N 120 23.40 55.63 0.18
CA PRO N 120 23.38 56.92 0.87
C PRO N 120 22.69 57.94 -0.03
N SER N 121 21.96 58.87 0.60
CA SER N 121 21.20 59.89 -0.11
C SER N 121 22.14 60.88 -0.80
N ASP N 122 21.66 61.46 -1.91
CA ASP N 122 22.41 62.46 -2.65
C ASP N 122 22.67 63.68 -1.75
N GLU N 123 21.77 63.93 -0.78
CA GLU N 123 21.88 65.08 0.11
C GLU N 123 23.03 64.87 1.10
N GLN N 124 23.15 63.64 1.60
CA GLN N 124 24.14 63.35 2.63
C GLN N 124 25.55 63.34 2.04
N LEU N 125 25.67 63.04 0.74
CA LEU N 125 26.98 63.05 0.10
C LEU N 125 27.58 64.47 0.07
N LYS N 126 26.71 65.49 0.19
CA LYS N 126 27.16 66.87 0.25
C LYS N 126 27.91 67.13 1.55
N SER N 127 27.68 66.30 2.56
CA SER N 127 28.14 66.59 3.92
C SER N 127 29.43 65.85 4.28
N GLY N 128 29.85 64.90 3.44
CA GLY N 128 31.14 64.25 3.64
C GLY N 128 31.04 62.80 4.12
N THR N 129 30.01 62.50 4.90
CA THR N 129 29.78 61.13 5.37
C THR N 129 28.74 60.46 4.47
N ALA N 130 28.89 59.13 4.32
CA ALA N 130 27.93 58.30 3.59
C ALA N 130 27.45 57.16 4.47
N SER N 131 26.12 56.93 4.45
CA SER N 131 25.53 55.89 5.28
C SER N 131 24.76 54.91 4.41
N VAL N 132 25.18 53.64 4.40
CA VAL N 132 24.48 52.58 3.69
C VAL N 132 23.71 51.74 4.71
N VAL N 133 22.42 51.52 4.45
CA VAL N 133 21.55 50.88 5.42
C VAL N 133 21.07 49.54 4.87
N CYS N 134 21.04 48.54 5.76
CA CYS N 134 20.47 47.25 5.43
C CYS N 134 19.36 46.96 6.44
N LEU N 135 18.20 46.59 5.90
CA LEU N 135 17.02 46.33 6.72
C LEU N 135 16.66 44.85 6.65
N LEU N 136 16.51 44.25 7.83
CA LEU N 136 16.01 42.89 7.98
C LEU N 136 14.65 42.97 8.67
N ASN N 137 13.58 42.76 7.88
CA ASN N 137 12.23 43.01 8.36
C ASN N 137 11.53 41.69 8.66
N ASN N 138 10.91 41.61 9.85
CA ASN N 138 9.93 40.61 10.25
C ASN N 138 10.51 39.20 10.18
N PHE N 139 11.46 38.90 11.06
CA PHE N 139 12.07 37.58 11.14
C PHE N 139 12.03 37.07 12.58
N TYR N 140 12.46 35.81 12.76
CA TYR N 140 12.62 35.18 14.06
C TYR N 140 13.45 33.93 13.85
N PRO N 141 14.37 33.55 14.76
CA PRO N 141 14.62 34.25 16.03
C PRO N 141 15.45 35.53 15.88
N ARG N 142 15.86 36.10 17.03
CA ARG N 142 16.46 37.42 17.07
C ARG N 142 17.86 37.38 16.44
N GLU N 143 18.50 36.20 16.46
CA GLU N 143 19.88 36.09 15.97
C GLU N 143 19.85 36.16 14.46
N ALA N 144 20.83 36.89 13.90
CA ALA N 144 21.01 37.01 12.46
C ALA N 144 22.39 37.57 12.18
N LYS N 145 23.04 37.07 11.12
CA LYS N 145 24.38 37.50 10.76
C LYS N 145 24.28 38.41 9.54
N VAL N 146 24.86 39.62 9.68
CA VAL N 146 24.83 40.60 8.61
C VAL N 146 26.27 41.00 8.28
N GLN N 147 26.66 40.79 7.02
CA GLN N 147 28.01 41.04 6.57
C GLN N 147 27.97 42.09 5.47
N TRP N 148 28.88 43.07 5.56
CA TRP N 148 29.00 44.09 4.53
C TRP N 148 30.14 43.73 3.59
N LYS N 149 29.85 43.69 2.28
CA LYS N 149 30.86 43.40 1.28
C LYS N 149 30.96 44.59 0.33
N VAL N 150 32.10 45.29 0.41
CA VAL N 150 32.40 46.41 -0.47
C VAL N 150 33.41 45.93 -1.50
N ASP N 151 32.94 45.78 -2.75
CA ASP N 151 33.73 45.23 -3.83
C ASP N 151 34.17 43.82 -3.44
N ASN N 152 33.23 43.09 -2.82
CA ASN N 152 33.42 41.71 -2.40
C ASN N 152 34.51 41.61 -1.34
N ALA N 153 34.89 42.73 -0.73
CA ALA N 153 35.79 42.73 0.41
C ALA N 153 35.00 42.94 1.68
N LEU N 154 35.19 42.08 2.68
CA LEU N 154 34.44 42.15 3.93
C LEU N 154 34.84 43.39 4.73
N GLN N 155 33.84 44.18 5.13
CA GLN N 155 34.05 45.35 5.96
C GLN N 155 33.83 44.95 7.43
N SER N 156 34.63 45.53 8.32
CA SER N 156 34.49 45.28 9.74
C SER N 156 34.74 46.57 10.53
N GLY N 157 34.10 46.65 11.71
CA GLY N 157 34.31 47.73 12.67
C GLY N 157 33.72 49.07 12.21
N ASN N 158 32.94 49.06 11.13
CA ASN N 158 32.38 50.28 10.58
C ASN N 158 30.85 50.26 10.58
N SER N 159 30.25 49.14 10.98
CA SER N 159 28.81 49.02 10.97
C SER N 159 28.26 48.97 12.40
N GLN N 160 27.03 49.45 12.56
CA GLN N 160 26.30 49.34 13.82
C GLN N 160 24.91 48.75 13.56
N GLU N 161 24.44 47.93 14.51
CA GLU N 161 23.15 47.27 14.36
C GLU N 161 22.18 47.81 15.40
N SER N 162 20.90 47.85 15.03
CA SER N 162 19.82 48.23 15.93
C SER N 162 18.66 47.26 15.71
N VAL N 163 18.16 46.69 16.80
CA VAL N 163 17.12 45.68 16.72
C VAL N 163 15.90 46.18 17.47
N THR N 164 14.73 46.07 16.82
CA THR N 164 13.47 46.50 17.41
C THR N 164 13.06 45.53 18.52
N GLU N 165 12.04 45.92 19.28
CA GLU N 165 11.49 45.01 20.27
C GLU N 165 10.54 44.06 19.57
N GLN N 166 10.21 42.94 20.22
CA GLN N 166 9.35 41.93 19.63
C GLN N 166 7.98 42.54 19.34
N ASP N 167 7.48 42.32 18.12
CA ASP N 167 6.22 42.89 17.68
C ASP N 167 5.05 42.28 18.48
N SER N 168 4.08 43.12 18.83
CA SER N 168 2.96 42.75 19.69
C SER N 168 1.94 41.92 18.92
N LYS N 169 2.13 41.74 17.61
CA LYS N 169 1.14 41.07 16.78
C LYS N 169 1.68 39.74 16.28
N ASP N 170 2.82 39.78 15.56
CA ASP N 170 3.37 38.59 14.93
C ASP N 170 4.60 38.07 15.66
N SER N 171 5.04 38.76 16.71
CA SER N 171 6.14 38.31 17.55
C SER N 171 7.43 38.14 16.74
N THR N 172 7.69 39.06 15.81
CA THR N 172 8.90 39.02 14.99
C THR N 172 9.86 40.12 15.41
N TYR N 173 11.02 40.17 14.74
CA TYR N 173 12.02 41.19 15.01
C TYR N 173 12.35 41.91 13.71
N SER N 174 12.97 43.08 13.83
CA SER N 174 13.54 43.80 12.70
C SER N 174 14.90 44.40 13.09
N LEU N 175 15.79 44.47 12.10
CA LEU N 175 17.18 44.83 12.33
C LEU N 175 17.64 45.84 11.28
N SER N 176 18.43 46.81 11.75
CA SER N 176 18.99 47.84 10.89
C SER N 176 20.50 47.83 11.06
N SER N 177 21.20 47.55 9.96
CA SER N 177 22.66 47.59 9.95
C SER N 177 23.09 48.81 9.15
N THR N 178 23.68 49.78 9.84
CA THR N 178 24.14 51.01 9.20
C THR N 178 25.66 50.98 9.08
N LEU N 179 26.15 51.10 7.83
CA LEU N 179 27.57 51.19 7.55
C LEU N 179 27.92 52.63 7.18
N THR N 180 28.79 53.24 7.99
CA THR N 180 29.13 54.66 7.83
C THR N 180 30.56 54.73 7.28
N LEU N 181 30.73 55.42 6.15
CA LEU N 181 32.04 55.64 5.57
C LEU N 181 32.23 57.12 5.25
N SER N 182 33.47 57.49 4.91
CA SER N 182 33.74 58.81 4.37
C SER N 182 33.42 58.83 2.88
N LYS N 183 33.08 60.01 2.37
CA LYS N 183 32.74 60.17 0.97
C LYS N 183 33.92 59.71 0.10
N ALA N 184 35.14 60.01 0.54
CA ALA N 184 36.34 59.62 -0.18
C ALA N 184 36.38 58.09 -0.30
N ASP N 185 36.25 57.42 0.86
CA ASP N 185 36.29 55.97 0.94
C ASP N 185 35.09 55.36 0.21
N TYR N 186 33.98 56.10 0.20
CA TYR N 186 32.77 55.59 -0.43
C TYR N 186 32.93 55.58 -1.94
N GLU N 187 33.61 56.60 -2.48
CA GLU N 187 33.75 56.76 -3.92
C GLU N 187 34.88 55.87 -4.43
N LYS N 188 35.65 55.27 -3.51
CA LYS N 188 36.76 54.41 -3.91
C LYS N 188 36.27 53.11 -4.57
N HIS N 189 35.07 52.64 -4.21
CA HIS N 189 34.59 51.33 -4.62
C HIS N 189 33.23 51.45 -5.33
N LYS N 190 32.75 50.30 -5.86
CA LYS N 190 31.63 50.32 -6.79
C LYS N 190 30.46 49.50 -6.26
N VAL N 191 30.73 48.26 -5.82
CA VAL N 191 29.64 47.33 -5.48
C VAL N 191 29.50 47.21 -3.96
N TYR N 192 28.33 47.59 -3.45
CA TYR N 192 28.04 47.53 -2.03
C TYR N 192 26.94 46.49 -1.78
N ALA N 193 27.29 45.45 -1.04
CA ALA N 193 26.41 44.32 -0.84
C ALA N 193 26.21 44.08 0.65
N CYS N 194 24.99 43.70 1.00
CA CYS N 194 24.62 43.26 2.33
C CYS N 194 24.24 41.77 2.27
N GLU N 195 24.99 40.94 2.99
CA GLU N 195 24.79 39.50 2.99
C GLU N 195 24.23 39.06 4.34
N VAL N 196 23.00 38.53 4.31
CA VAL N 196 22.30 38.12 5.51
C VAL N 196 22.24 36.60 5.55
N THR N 197 22.70 36.05 6.67
CA THR N 197 22.54 34.63 6.95
C THR N 197 21.63 34.49 8.17
N HIS N 198 20.57 33.71 8.03
CA HIS N 198 19.61 33.52 9.11
C HIS N 198 19.11 32.08 9.12
N GLN N 199 18.53 31.65 10.25
CA GLN N 199 18.08 30.28 10.39
C GLN N 199 16.99 30.00 9.35
N GLY N 200 16.10 30.95 9.14
CA GLY N 200 14.96 30.79 8.23
C GLY N 200 15.36 30.91 6.77
N LEU N 201 16.67 31.07 6.49
CA LEU N 201 17.16 31.16 5.12
C LEU N 201 17.98 29.90 4.81
N SER N 202 17.61 29.23 3.72
CA SER N 202 18.32 28.04 3.27
C SER N 202 19.74 28.39 2.85
N SER N 203 19.88 29.48 2.08
CA SER N 203 21.16 29.99 1.63
C SER N 203 21.28 31.46 2.01
N PRO N 204 22.50 32.00 2.21
CA PRO N 204 22.69 33.42 2.47
C PRO N 204 22.13 34.32 1.36
N VAL N 205 21.33 35.32 1.76
CA VAL N 205 20.69 36.25 0.86
C VAL N 205 21.57 37.49 0.73
N THR N 206 21.83 37.90 -0.52
CA THR N 206 22.66 39.06 -0.77
C THR N 206 21.87 40.12 -1.53
N LYS N 207 21.79 41.32 -0.97
CA LYS N 207 21.16 42.46 -1.63
C LYS N 207 22.23 43.51 -1.88
N SER N 208 22.53 43.76 -3.15
CA SER N 208 23.65 44.61 -3.51
C SER N 208 23.15 45.80 -4.32
N PHE N 209 24.06 46.73 -4.61
CA PHE N 209 23.82 47.83 -5.54
C PHE N 209 25.16 48.41 -6.01
N ASN N 210 25.15 48.93 -7.22
CA ASN N 210 26.33 49.58 -7.78
C ASN N 210 26.20 51.07 -7.55
N ARG N 211 27.30 51.70 -7.10
CA ARG N 211 27.32 53.13 -6.84
C ARG N 211 27.17 53.91 -8.14
N GLY N 212 26.18 54.79 -8.17
CA GLY N 212 26.03 55.77 -9.24
C GLY N 212 25.04 55.34 -10.31
N GLU N 213 24.05 54.53 -9.92
CA GLU N 213 22.98 54.16 -10.83
C GLU N 213 21.60 54.41 -10.17
N ASP O 1 60.94 8.02 -73.28
CA ASP O 1 60.19 7.20 -72.29
C ASP O 1 60.73 7.46 -70.89
N ILE O 2 59.89 8.07 -70.06
CA ILE O 2 60.24 8.43 -68.70
C ILE O 2 59.94 7.26 -67.78
N GLN O 3 60.97 6.79 -67.06
CA GLN O 3 60.83 5.70 -66.12
C GLN O 3 60.41 6.26 -64.77
N LEU O 4 59.52 5.55 -64.09
CA LEU O 4 59.10 5.93 -62.75
C LEU O 4 59.34 4.75 -61.81
N THR O 5 60.08 5.02 -60.72
CA THR O 5 60.37 4.02 -59.71
C THR O 5 59.60 4.36 -58.43
N GLN O 6 58.95 3.34 -57.85
CA GLN O 6 58.13 3.55 -56.67
C GLN O 6 58.77 2.86 -55.47
N SER O 7 58.84 3.59 -54.36
CA SER O 7 59.40 3.05 -53.12
C SER O 7 58.44 3.26 -51.98
N PRO O 8 58.07 2.20 -51.21
CA PRO O 8 58.52 0.83 -51.49
C PRO O 8 57.64 0.12 -52.51
N SER O 9 57.83 -1.19 -52.65
CA SER O 9 56.99 -2.02 -53.51
C SER O 9 55.83 -2.60 -52.70
N SER O 10 56.03 -2.75 -51.38
CA SER O 10 55.00 -3.22 -50.49
C SER O 10 55.21 -2.56 -49.13
N LEU O 11 54.16 -2.47 -48.31
CA LEU O 11 54.30 -1.96 -46.96
C LEU O 11 53.09 -2.37 -46.13
N SER O 12 53.26 -2.36 -44.81
CA SER O 12 52.21 -2.67 -43.86
C SER O 12 52.28 -1.67 -42.71
N ALA O 13 51.17 -0.97 -42.45
CA ALA O 13 51.09 -0.03 -41.33
C ALA O 13 49.80 -0.27 -40.55
N SER O 14 49.76 0.19 -39.29
CA SER O 14 48.60 -0.01 -38.43
C SER O 14 47.54 1.07 -38.72
N VAL O 15 46.35 0.87 -38.15
CA VAL O 15 45.27 1.83 -38.28
C VAL O 15 45.69 3.13 -37.60
N GLY O 16 45.53 4.25 -38.31
CA GLY O 16 45.85 5.55 -37.77
C GLY O 16 47.31 5.96 -38.00
N ASP O 17 48.12 5.06 -38.54
CA ASP O 17 49.51 5.36 -38.81
C ASP O 17 49.64 6.34 -39.98
N ARG O 18 50.77 7.03 -40.05
CA ARG O 18 51.06 7.90 -41.18
C ARG O 18 51.89 7.14 -42.22
N VAL O 19 51.43 7.19 -43.48
CA VAL O 19 52.07 6.45 -44.56
C VAL O 19 52.66 7.43 -45.57
N THR O 20 53.82 7.06 -46.13
CA THR O 20 54.50 7.90 -47.11
C THR O 20 55.10 7.02 -48.20
N ILE O 21 54.78 7.34 -49.46
CA ILE O 21 55.30 6.62 -50.62
C ILE O 21 56.05 7.63 -51.49
N THR O 22 57.08 7.14 -52.20
CA THR O 22 57.92 8.01 -53.02
C THR O 22 57.89 7.51 -54.47
N CYS O 23 57.84 8.47 -55.40
CA CYS O 23 57.90 8.20 -56.82
C CYS O 23 59.01 9.05 -57.42
N GLN O 24 60.00 8.37 -58.03
CA GLN O 24 61.15 9.03 -58.63
C GLN O 24 61.09 8.89 -60.15
N ALA O 25 61.29 10.02 -60.85
CA ALA O 25 61.22 10.07 -62.30
C ALA O 25 62.61 10.14 -62.89
N SER O 26 62.81 9.50 -64.05
CA SER O 26 64.11 9.45 -64.71
C SER O 26 64.48 10.80 -65.32
N GLN O 27 63.50 11.71 -65.41
CA GLN O 27 63.77 13.02 -65.96
C GLN O 27 62.98 14.07 -65.17
N ASP O 28 63.24 15.34 -65.49
CA ASP O 28 62.50 16.39 -64.83
C ASP O 28 61.22 16.69 -65.61
N ILE O 29 60.10 16.53 -64.91
CA ILE O 29 58.78 16.62 -65.52
C ILE O 29 57.97 17.72 -64.85
N SER O 30 58.64 18.55 -64.05
CA SER O 30 57.95 19.55 -63.26
C SER O 30 56.89 18.87 -62.39
N ASN O 31 55.62 19.30 -62.46
CA ASN O 31 54.58 18.88 -61.52
C ASN O 31 53.53 18.02 -62.21
N TYR O 32 53.85 17.60 -63.44
CA TYR O 32 52.93 16.84 -64.25
C TYR O 32 52.90 15.40 -63.76
N LEU O 33 52.56 15.25 -62.48
CA LEU O 33 52.44 13.93 -61.89
C LEU O 33 51.09 13.78 -61.20
N ASN O 34 50.54 12.56 -61.29
CA ASN O 34 49.25 12.23 -60.72
C ASN O 34 49.39 10.93 -59.92
N TRP O 35 48.46 10.76 -58.95
CA TRP O 35 48.45 9.59 -58.09
C TRP O 35 47.11 8.88 -58.20
N TYR O 36 47.17 7.55 -58.41
CA TYR O 36 45.97 6.74 -58.52
C TYR O 36 45.95 5.69 -57.41
N GLN O 37 44.74 5.34 -56.97
CA GLN O 37 44.51 4.37 -55.93
C GLN O 37 43.64 3.24 -56.48
N GLN O 38 44.29 2.17 -56.97
CA GLN O 38 43.57 1.08 -57.59
C GLN O 38 43.27 0.01 -56.54
N ARG O 39 41.99 -0.20 -56.26
CA ARG O 39 41.55 -1.26 -55.37
C ARG O 39 41.39 -2.54 -56.18
N PRO O 40 41.43 -3.73 -55.54
CA PRO O 40 41.42 -4.99 -56.29
C PRO O 40 40.07 -5.17 -56.99
N GLY O 41 40.15 -5.43 -58.31
CA GLY O 41 38.95 -5.71 -59.09
C GLY O 41 38.37 -4.45 -59.71
N LYS O 42 38.52 -3.31 -59.02
CA LYS O 42 38.01 -2.04 -59.50
C LYS O 42 39.00 -1.39 -60.45
N ALA O 43 38.61 -0.24 -61.00
CA ALA O 43 39.49 0.54 -61.85
C ALA O 43 40.33 1.47 -60.99
N PRO O 44 41.42 2.06 -61.53
CA PRO O 44 42.16 3.10 -60.81
C PRO O 44 41.30 4.33 -60.46
N LYS O 45 41.61 4.94 -59.30
CA LYS O 45 40.88 6.08 -58.79
C LYS O 45 41.85 7.23 -58.59
N LEU O 46 41.56 8.36 -59.25
CA LEU O 46 42.45 9.50 -59.20
C LEU O 46 42.29 10.23 -57.87
N LEU O 47 43.41 10.41 -57.15
CA LEU O 47 43.41 11.04 -55.85
C LEU O 47 44.12 12.39 -55.92
N ILE O 48 45.30 12.41 -56.53
CA ILE O 48 46.12 13.62 -56.59
C ILE O 48 46.49 13.89 -58.04
N TYR O 49 46.32 15.14 -58.46
CA TYR O 49 46.75 15.58 -59.78
C TYR O 49 47.63 16.82 -59.64
N ASP O 50 48.52 17.00 -60.63
CA ASP O 50 49.53 18.05 -60.61
C ASP O 50 50.43 17.93 -59.38
N ALA O 51 50.47 16.75 -58.77
CA ALA O 51 51.42 16.35 -57.75
C ALA O 51 51.14 16.99 -56.38
N SER O 52 50.22 17.98 -56.32
CA SER O 52 49.96 18.63 -55.05
C SER O 52 48.47 18.96 -54.83
N ASN O 53 47.65 18.72 -55.85
CA ASN O 53 46.24 19.11 -55.78
C ASN O 53 45.39 17.89 -55.44
N LEU O 54 44.56 18.02 -54.39
CA LEU O 54 43.60 16.99 -54.03
C LEU O 54 42.42 17.03 -54.99
N GLU O 55 42.07 15.86 -55.54
CA GLU O 55 40.92 15.73 -56.43
C GLU O 55 39.64 15.91 -55.63
N THR O 56 38.68 16.63 -56.23
CA THR O 56 37.41 16.93 -55.60
C THR O 56 36.74 15.63 -55.19
N GLY O 57 36.52 15.46 -53.87
CA GLY O 57 35.82 14.30 -53.35
C GLY O 57 36.74 13.33 -52.61
N VAL O 58 38.01 13.71 -52.47
CA VAL O 58 38.98 12.88 -51.78
C VAL O 58 39.08 13.35 -50.33
N PRO O 59 39.11 12.43 -49.33
CA PRO O 59 39.27 12.82 -47.93
C PRO O 59 40.52 13.66 -47.68
N SER O 60 40.47 14.44 -46.60
CA SER O 60 41.48 15.45 -46.30
C SER O 60 42.80 14.79 -45.92
N ARG O 61 42.75 13.50 -45.56
CA ARG O 61 43.91 12.84 -44.98
C ARG O 61 44.96 12.54 -46.05
N PHE O 62 44.60 12.71 -47.33
CA PHE O 62 45.51 12.42 -48.42
C PHE O 62 46.21 13.72 -48.82
N SER O 63 47.48 13.62 -49.21
CA SER O 63 48.24 14.78 -49.65
C SER O 63 49.36 14.33 -50.56
N GLY O 64 49.87 15.26 -51.36
CA GLY O 64 50.97 14.99 -52.28
C GLY O 64 51.85 16.22 -52.45
N SER O 65 53.15 15.98 -52.60
CA SER O 65 54.09 17.07 -52.82
C SER O 65 55.26 16.56 -53.63
N GLY O 66 56.17 17.48 -53.95
CA GLY O 66 57.38 17.13 -54.70
C GLY O 66 57.45 17.89 -56.02
N SER O 67 58.63 17.84 -56.65
CA SER O 67 58.90 18.49 -57.91
C SER O 67 60.12 17.86 -58.57
N GLY O 68 60.50 18.37 -59.74
CA GLY O 68 61.69 17.91 -60.44
C GLY O 68 61.60 16.43 -60.79
N THR O 69 62.32 15.59 -60.02
CA THR O 69 62.33 14.16 -60.27
C THR O 69 61.75 13.39 -59.08
N ASP O 70 61.54 14.08 -57.94
CA ASP O 70 61.16 13.40 -56.71
C ASP O 70 59.78 13.86 -56.24
N PHE O 71 58.88 12.89 -56.00
CA PHE O 71 57.55 13.19 -55.50
C PHE O 71 57.22 12.26 -54.34
N THR O 72 56.37 12.78 -53.43
CA THR O 72 55.93 12.00 -52.28
C THR O 72 54.41 12.09 -52.15
N PHE O 73 53.82 10.98 -51.70
CA PHE O 73 52.39 10.87 -51.46
C PHE O 73 52.18 10.40 -50.03
N THR O 74 51.36 11.16 -49.28
CA THR O 74 51.27 10.97 -47.84
C THR O 74 49.83 10.75 -47.40
N ILE O 75 49.68 9.82 -46.44
CA ILE O 75 48.40 9.57 -45.79
C ILE O 75 48.58 9.91 -44.31
N SER O 76 47.77 10.86 -43.82
CA SER O 76 47.80 11.32 -42.45
C SER O 76 47.54 10.16 -41.48
N SER O 77 46.31 9.65 -41.47
CA SER O 77 45.94 8.52 -40.64
C SER O 77 45.41 7.40 -41.53
N LEU O 78 46.13 6.28 -41.58
CA LEU O 78 45.78 5.18 -42.45
C LEU O 78 44.48 4.55 -41.96
N GLN O 79 43.44 4.67 -42.81
CA GLN O 79 42.12 4.13 -42.53
C GLN O 79 42.01 2.74 -43.14
N PRO O 80 41.15 1.84 -42.61
CA PRO O 80 41.06 0.48 -43.11
C PRO O 80 40.68 0.39 -44.60
N GLU O 81 39.99 1.41 -45.12
CA GLU O 81 39.50 1.36 -46.50
C GLU O 81 40.55 1.89 -47.47
N ASP O 82 41.77 2.16 -46.98
CA ASP O 82 42.81 2.76 -47.80
C ASP O 82 43.70 1.69 -48.42
N ILE O 83 43.44 0.42 -48.09
CA ILE O 83 44.25 -0.65 -48.63
C ILE O 83 43.97 -0.77 -50.12
N ALA O 84 45.03 -0.53 -50.90
CA ALA O 84 44.98 -0.63 -52.34
C ALA O 84 46.40 -0.62 -52.89
N THR O 85 46.52 -0.60 -54.21
CA THR O 85 47.82 -0.40 -54.83
C THR O 85 47.85 1.02 -55.39
N TYR O 86 48.91 1.77 -55.03
CA TYR O 86 49.00 3.17 -55.40
C TYR O 86 50.01 3.32 -56.52
N TYR O 87 49.61 4.03 -57.58
CA TYR O 87 50.47 4.24 -58.73
C TYR O 87 50.68 5.73 -58.95
N CYS O 88 51.85 6.07 -59.53
CA CYS O 88 52.13 7.43 -59.97
C CYS O 88 52.18 7.45 -61.50
N GLN O 89 51.79 8.60 -62.09
CA GLN O 89 51.70 8.73 -63.53
C GLN O 89 52.22 10.12 -63.95
N GLN O 90 52.91 10.16 -65.09
CA GLN O 90 53.44 11.40 -65.63
C GLN O 90 52.74 11.73 -66.95
N TYR O 91 52.62 13.03 -67.26
CA TYR O 91 52.09 13.45 -68.54
C TYR O 91 52.85 14.65 -69.09
N ASP O 92 54.15 14.73 -68.76
CA ASP O 92 54.97 15.82 -69.23
C ASP O 92 55.30 15.64 -70.71
N ASN O 93 55.53 14.38 -71.11
CA ASN O 93 55.90 14.08 -72.48
C ASN O 93 55.38 12.70 -72.85
N PRO O 94 54.76 12.51 -74.04
CA PRO O 94 54.37 11.19 -74.51
C PRO O 94 55.58 10.28 -74.66
N PRO O 95 55.45 8.96 -74.40
CA PRO O 95 54.20 8.37 -73.92
C PRO O 95 54.06 8.44 -72.41
N LEU O 96 52.80 8.37 -71.92
CA LEU O 96 52.52 8.39 -70.50
C LEU O 96 52.99 7.08 -69.88
N THR O 97 53.51 7.16 -68.66
CA THR O 97 54.03 5.99 -67.97
C THR O 97 53.51 5.96 -66.53
N PHE O 98 53.46 4.75 -65.98
CA PHE O 98 52.99 4.53 -64.61
C PHE O 98 54.09 3.90 -63.78
N GLY O 99 54.05 4.13 -62.46
CA GLY O 99 54.95 3.50 -61.51
C GLY O 99 54.74 1.99 -61.38
N GLY O 100 55.63 1.34 -60.63
CA GLY O 100 55.58 -0.10 -60.44
C GLY O 100 54.38 -0.50 -59.59
N GLY O 101 53.98 0.40 -58.69
CA GLY O 101 52.91 0.11 -57.76
C GLY O 101 53.43 -0.16 -56.35
N THR O 102 52.55 0.14 -55.37
CA THR O 102 52.85 -0.06 -53.97
C THR O 102 51.67 -0.75 -53.29
N LYS O 103 51.74 -2.08 -53.15
CA LYS O 103 50.70 -2.83 -52.46
C LYS O 103 50.76 -2.47 -50.99
N LEU O 104 49.73 -1.77 -50.50
CA LEU O 104 49.69 -1.32 -49.13
C LEU O 104 48.70 -2.18 -48.35
N GLU O 105 49.15 -2.65 -47.18
CA GLU O 105 48.32 -3.46 -46.31
C GLU O 105 48.21 -2.79 -44.95
N ILE O 106 47.32 -3.31 -44.12
CA ILE O 106 47.09 -2.82 -42.77
C ILE O 106 47.74 -3.82 -41.81
N LYS O 107 48.39 -3.30 -40.77
CA LYS O 107 48.84 -4.09 -39.64
C LYS O 107 47.76 -4.10 -38.58
N ARG O 108 47.30 -5.31 -38.25
CA ARG O 108 46.15 -5.49 -37.38
C ARG O 108 46.57 -6.35 -36.18
N THR O 109 45.71 -6.36 -35.17
CA THR O 109 45.86 -7.28 -34.05
C THR O 109 45.68 -8.71 -34.55
N VAL O 110 46.38 -9.65 -33.90
CA VAL O 110 46.37 -11.03 -34.33
C VAL O 110 44.98 -11.60 -34.08
N ALA O 111 44.40 -12.18 -35.13
CA ALA O 111 43.06 -12.74 -35.08
C ALA O 111 43.09 -14.19 -35.55
N ALA O 112 42.34 -15.04 -34.85
CA ALA O 112 42.30 -16.47 -35.11
C ALA O 112 41.26 -16.75 -36.20
N PRO O 113 41.51 -17.72 -37.11
CA PRO O 113 40.57 -18.05 -38.18
C PRO O 113 39.44 -18.95 -37.72
N SER O 114 38.25 -18.73 -38.28
CA SER O 114 37.16 -19.68 -38.14
C SER O 114 37.30 -20.74 -39.24
N VAL O 115 37.34 -22.00 -38.82
CA VAL O 115 37.65 -23.09 -39.74
C VAL O 115 36.39 -23.90 -40.02
N PHE O 116 36.07 -24.03 -41.32
CA PHE O 116 34.95 -24.83 -41.77
C PHE O 116 35.40 -25.83 -42.82
N ILE O 117 34.68 -26.96 -42.91
CA ILE O 117 34.98 -27.98 -43.90
C ILE O 117 33.71 -28.29 -44.69
N PHE O 118 33.88 -28.60 -45.97
CA PHE O 118 32.77 -28.93 -46.85
C PHE O 118 33.12 -30.19 -47.64
N PRO O 119 32.43 -31.33 -47.39
CA PRO O 119 32.60 -32.53 -48.20
C PRO O 119 32.14 -32.29 -49.63
N PRO O 120 32.42 -33.21 -50.59
CA PRO O 120 32.02 -33.00 -51.97
C PRO O 120 30.52 -33.26 -52.11
N SER O 121 29.88 -32.47 -52.97
CA SER O 121 28.44 -32.54 -53.19
C SER O 121 28.07 -33.85 -53.88
N ASP O 122 26.84 -34.31 -53.64
CA ASP O 122 26.32 -35.51 -54.27
C ASP O 122 26.26 -35.31 -55.79
N GLU O 123 26.11 -34.06 -56.25
CA GLU O 123 26.01 -33.77 -57.68
C GLU O 123 27.37 -33.93 -58.33
N GLN O 124 28.44 -33.50 -57.64
CA GLN O 124 29.77 -33.54 -58.22
C GLN O 124 30.28 -34.98 -58.30
N LEU O 125 29.85 -35.83 -57.36
CA LEU O 125 30.27 -37.23 -57.36
C LEU O 125 29.74 -37.96 -58.59
N LYS O 126 28.67 -37.41 -59.20
CA LYS O 126 28.10 -37.98 -60.40
C LYS O 126 29.06 -37.79 -61.58
N SER O 127 29.99 -36.83 -61.47
CA SER O 127 30.80 -36.41 -62.60
C SER O 127 32.20 -37.03 -62.58
N GLY O 128 32.57 -37.70 -61.50
CA GLY O 128 33.83 -38.42 -61.42
C GLY O 128 34.85 -37.81 -60.45
N THR O 129 34.87 -36.47 -60.41
CA THR O 129 35.81 -35.76 -59.55
C THR O 129 35.13 -35.36 -58.24
N ALA O 130 35.91 -35.32 -57.14
CA ALA O 130 35.42 -34.91 -55.84
C ALA O 130 36.28 -33.77 -55.29
N SER O 131 35.64 -32.75 -54.74
CA SER O 131 36.34 -31.58 -54.22
C SER O 131 35.95 -31.39 -52.76
N VAL O 132 36.94 -31.46 -51.87
CA VAL O 132 36.75 -31.17 -50.46
C VAL O 132 37.32 -29.78 -50.18
N VAL O 133 36.53 -28.94 -49.51
CA VAL O 133 36.90 -27.54 -49.33
C VAL O 133 37.13 -27.24 -47.84
N CYS O 134 38.17 -26.46 -47.57
CA CYS O 134 38.44 -25.98 -46.22
C CYS O 134 38.47 -24.46 -46.25
N LEU O 135 37.69 -23.84 -45.36
CA LEU O 135 37.57 -22.39 -45.30
C LEU O 135 38.19 -21.87 -44.01
N LEU O 136 39.09 -20.89 -44.16
CA LEU O 136 39.68 -20.15 -43.06
C LEU O 136 39.18 -18.71 -43.15
N ASN O 137 38.24 -18.35 -42.27
CA ASN O 137 37.53 -17.09 -42.38
C ASN O 137 38.04 -16.10 -41.33
N ASN O 138 38.34 -14.87 -41.77
CA ASN O 138 38.55 -13.69 -40.93
C ASN O 138 39.69 -13.90 -39.94
N PHE O 139 40.91 -13.96 -40.48
CA PHE O 139 42.10 -14.11 -39.66
C PHE O 139 43.12 -13.06 -40.06
N TYR O 140 44.19 -13.00 -39.25
CA TYR O 140 45.35 -12.19 -39.50
C TYR O 140 46.48 -12.70 -38.61
N PRO O 141 47.77 -12.73 -39.06
CA PRO O 141 48.17 -12.28 -40.40
C PRO O 141 47.84 -13.24 -41.54
N ARG O 142 48.35 -12.93 -42.74
CA ARG O 142 47.97 -13.62 -43.95
C ARG O 142 48.51 -15.06 -43.96
N GLU O 143 49.58 -15.30 -43.20
CA GLU O 143 50.23 -16.61 -43.22
C GLU O 143 49.36 -17.59 -42.42
N ALA O 144 49.23 -18.81 -42.94
CA ALA O 144 48.50 -19.88 -42.28
C ALA O 144 48.84 -21.21 -42.94
N LYS O 145 48.95 -22.26 -42.14
CA LYS O 145 49.30 -23.58 -42.64
C LYS O 145 48.06 -24.46 -42.62
N VAL O 146 47.76 -25.05 -43.77
CA VAL O 146 46.60 -25.92 -43.92
C VAL O 146 47.06 -27.28 -44.43
N GLN O 147 46.74 -28.32 -43.66
CA GLN O 147 47.18 -29.67 -43.96
C GLN O 147 45.94 -30.53 -44.15
N TRP O 148 45.95 -31.36 -45.21
CA TRP O 148 44.89 -32.31 -45.47
C TRP O 148 45.31 -33.69 -44.97
N LYS O 149 44.47 -34.29 -44.12
CA LYS O 149 44.73 -35.64 -43.65
C LYS O 149 43.58 -36.54 -44.07
N VAL O 150 43.89 -37.47 -44.98
CA VAL O 150 42.94 -38.45 -45.46
C VAL O 150 43.29 -39.78 -44.81
N ASP O 151 42.44 -40.21 -43.87
CA ASP O 151 42.68 -41.38 -43.04
C ASP O 151 44.00 -41.20 -42.30
N ASN O 152 44.21 -39.98 -41.81
CA ASN O 152 45.39 -39.61 -41.04
C ASN O 152 46.67 -39.73 -41.88
N ALA O 153 46.52 -39.81 -43.21
CA ALA O 153 47.65 -39.77 -44.11
C ALA O 153 47.71 -38.39 -44.76
N LEU O 154 48.88 -37.74 -44.70
CA LEU O 154 49.03 -36.38 -45.18
C LEU O 154 48.97 -36.36 -46.71
N GLN O 155 48.09 -35.50 -47.25
CA GLN O 155 47.98 -35.31 -48.68
C GLN O 155 48.83 -34.09 -49.06
N SER O 156 49.50 -34.18 -50.22
CA SER O 156 50.28 -33.07 -50.74
C SER O 156 50.23 -33.09 -52.25
N GLY O 157 50.37 -31.90 -52.86
CA GLY O 157 50.38 -31.73 -54.30
C GLY O 157 49.01 -31.99 -54.94
N ASN O 158 47.96 -32.08 -54.11
CA ASN O 158 46.61 -32.33 -54.60
C ASN O 158 45.66 -31.18 -54.23
N SER O 159 46.15 -30.23 -53.44
CA SER O 159 45.31 -29.13 -52.96
C SER O 159 45.79 -27.82 -53.56
N GLN O 160 44.85 -26.88 -53.74
CA GLN O 160 45.16 -25.53 -54.18
C GLN O 160 44.51 -24.52 -53.22
N GLU O 161 45.23 -23.43 -52.96
CA GLU O 161 44.75 -22.43 -52.01
C GLU O 161 44.44 -21.14 -52.76
N SER O 162 43.44 -20.42 -52.24
CA SER O 162 43.06 -19.12 -52.76
C SER O 162 42.79 -18.19 -51.59
N VAL O 163 43.42 -17.01 -51.62
CA VAL O 163 43.35 -16.08 -50.50
C VAL O 163 42.73 -14.78 -51.00
N THR O 164 41.73 -14.30 -50.25
CA THR O 164 41.04 -13.06 -50.59
C THR O 164 41.97 -11.88 -50.33
N GLU O 165 41.57 -10.69 -50.80
CA GLU O 165 42.30 -9.49 -50.49
C GLU O 165 41.85 -9.02 -49.10
N GLN O 166 42.68 -8.17 -48.48
CA GLN O 166 42.41 -7.67 -47.16
C GLN O 166 41.08 -6.92 -47.16
N ASP O 167 40.24 -7.22 -46.17
CA ASP O 167 38.94 -6.59 -46.05
C ASP O 167 39.09 -5.11 -45.73
N SER O 168 38.24 -4.27 -46.34
CA SER O 168 38.35 -2.82 -46.22
C SER O 168 37.76 -2.33 -44.89
N LYS O 169 37.23 -3.24 -44.08
CA LYS O 169 36.57 -2.86 -42.84
C LYS O 169 37.38 -3.37 -41.65
N ASP O 170 37.58 -4.69 -41.55
CA ASP O 170 38.21 -5.29 -40.39
C ASP O 170 39.65 -5.74 -40.68
N SER O 171 40.08 -5.56 -41.94
CA SER O 171 41.46 -5.81 -42.33
C SER O 171 41.87 -7.25 -42.07
N THR O 172 40.97 -8.20 -42.37
CA THR O 172 41.25 -9.61 -42.17
C THR O 172 41.45 -10.29 -43.53
N TYR O 173 41.77 -11.58 -43.47
CA TYR O 173 41.93 -12.38 -44.67
C TYR O 173 41.02 -13.60 -44.58
N SER O 174 40.79 -14.22 -45.75
CA SER O 174 40.13 -15.51 -45.82
C SER O 174 40.80 -16.41 -46.86
N LEU O 175 40.78 -17.72 -46.58
CA LEU O 175 41.53 -18.68 -47.37
C LEU O 175 40.64 -19.89 -47.69
N SER O 176 40.78 -20.40 -48.91
CA SER O 176 40.06 -21.56 -49.36
C SER O 176 41.06 -22.59 -49.88
N SER O 177 41.09 -23.75 -49.23
CA SER O 177 41.94 -24.84 -49.66
C SER O 177 41.04 -25.93 -50.26
N THR O 178 41.17 -26.13 -51.58
CA THR O 178 40.37 -27.10 -52.29
C THR O 178 41.24 -28.31 -52.63
N LEU O 179 40.80 -29.48 -52.15
CA LEU O 179 41.49 -30.73 -52.41
C LEU O 179 40.67 -31.53 -53.41
N THR O 180 41.27 -31.81 -54.57
CA THR O 180 40.58 -32.46 -55.67
C THR O 180 41.10 -33.89 -55.78
N LEU O 181 40.17 -34.85 -55.75
CA LEU O 181 40.50 -36.26 -55.90
C LEU O 181 39.59 -36.89 -56.94
N SER O 182 39.95 -38.11 -57.37
CA SER O 182 39.05 -38.92 -58.18
C SER O 182 38.06 -39.62 -57.27
N LYS O 183 36.89 -39.94 -57.84
CA LYS O 183 35.86 -40.61 -57.07
C LYS O 183 36.39 -41.93 -56.51
N ALA O 184 37.20 -42.64 -57.29
CA ALA O 184 37.78 -43.90 -56.87
C ALA O 184 38.67 -43.66 -55.66
N ASP O 185 39.58 -42.69 -55.76
CA ASP O 185 40.51 -42.36 -54.68
C ASP O 185 39.75 -41.79 -53.49
N TYR O 186 38.62 -41.12 -53.76
CA TYR O 186 37.84 -40.52 -52.70
C TYR O 186 37.16 -41.61 -51.87
N GLU O 187 36.72 -42.67 -52.53
CA GLU O 187 35.99 -43.73 -51.85
C GLU O 187 36.94 -44.73 -51.22
N LYS O 188 38.23 -44.59 -51.50
CA LYS O 188 39.25 -45.49 -50.96
C LYS O 188 39.40 -45.29 -49.45
N HIS O 189 39.13 -44.07 -48.96
CA HIS O 189 39.38 -43.71 -47.57
C HIS O 189 38.10 -43.18 -46.92
N LYS O 190 38.15 -42.94 -45.60
CA LYS O 190 36.95 -42.73 -44.80
C LYS O 190 36.95 -41.36 -44.12
N VAL O 191 38.05 -41.01 -43.45
CA VAL O 191 38.11 -39.82 -42.61
C VAL O 191 38.88 -38.71 -43.31
N TYR O 192 38.21 -37.59 -43.57
CA TYR O 192 38.82 -36.43 -44.23
C TYR O 192 38.91 -35.26 -43.26
N ALA O 193 40.13 -34.84 -42.95
CA ALA O 193 40.36 -33.82 -41.94
C ALA O 193 41.17 -32.68 -42.53
N CYS O 194 40.83 -31.46 -42.09
CA CYS O 194 41.59 -30.26 -42.40
C CYS O 194 42.19 -29.72 -41.10
N GLU O 195 43.53 -29.65 -41.06
CA GLU O 195 44.25 -29.21 -39.88
C GLU O 195 44.88 -27.84 -40.15
N VAL O 196 44.43 -26.84 -39.38
CA VAL O 196 44.89 -25.47 -39.56
C VAL O 196 45.79 -25.09 -38.39
N THR O 197 46.99 -24.60 -38.72
CA THR O 197 47.89 -24.01 -37.75
C THR O 197 48.08 -22.54 -38.09
N HIS O 198 47.84 -21.68 -37.11
CA HIS O 198 47.95 -20.24 -37.32
C HIS O 198 48.55 -19.59 -36.08
N GLN O 199 49.09 -18.37 -36.28
CA GLN O 199 49.70 -17.62 -35.19
C GLN O 199 48.68 -17.38 -34.08
N GLY O 200 47.43 -17.04 -34.45
CA GLY O 200 46.39 -16.72 -33.50
C GLY O 200 45.77 -17.94 -32.82
N LEU O 201 46.31 -19.13 -33.13
CA LEU O 201 45.82 -20.36 -32.53
C LEU O 201 46.87 -20.93 -31.59
N SER O 202 46.48 -21.18 -30.34
CA SER O 202 47.35 -21.83 -29.37
C SER O 202 47.69 -23.25 -29.82
N SER O 203 46.65 -23.99 -30.25
CA SER O 203 46.80 -25.36 -30.72
C SER O 203 46.21 -25.50 -32.12
N PRO O 204 46.75 -26.41 -32.96
CA PRO O 204 46.17 -26.66 -34.28
C PRO O 204 44.71 -27.09 -34.22
N VAL O 205 43.87 -26.43 -35.02
CA VAL O 205 42.44 -26.71 -35.08
C VAL O 205 42.18 -27.71 -36.20
N THR O 206 41.44 -28.78 -35.89
CA THR O 206 41.14 -29.81 -36.86
C THR O 206 39.63 -29.92 -37.06
N LYS O 207 39.19 -29.76 -38.31
CA LYS O 207 37.81 -29.98 -38.69
C LYS O 207 37.73 -31.18 -39.63
N SER O 208 37.08 -32.25 -39.17
CA SER O 208 37.09 -33.49 -39.92
C SER O 208 35.66 -33.91 -40.25
N PHE O 209 35.52 -34.95 -41.06
CA PHE O 209 34.25 -35.59 -41.35
C PHE O 209 34.48 -37.00 -41.90
N ASN O 210 33.54 -37.89 -41.65
CA ASN O 210 33.57 -39.24 -42.21
C ASN O 210 32.75 -39.25 -43.47
N ARG O 211 33.25 -39.92 -44.52
CA ARG O 211 32.60 -39.96 -45.82
C ARG O 211 31.24 -40.63 -45.73
N GLY O 212 30.21 -39.90 -46.17
CA GLY O 212 28.85 -40.39 -46.30
C GLY O 212 27.97 -40.13 -45.08
N GLU O 213 28.28 -39.07 -44.30
CA GLU O 213 27.52 -38.75 -43.11
C GLU O 213 27.20 -37.25 -43.10
C1 NAG P . -32.75 44.28 58.04
C2 NAG P . -32.22 45.39 58.96
C3 NAG P . -31.26 44.81 60.02
C4 NAG P . -31.90 43.64 60.77
C5 NAG P . -32.39 42.57 59.78
C6 NAG P . -33.04 41.33 60.43
C7 NAG P . -31.85 47.79 58.41
C8 NAG P . -30.91 48.76 57.75
N2 NAG P . -31.61 46.49 58.19
O3 NAG P . -30.84 45.84 60.94
O4 NAG P . -30.99 43.06 61.73
O5 NAG P . -33.27 43.16 58.80
O6 NAG P . -34.32 41.53 61.05
O7 NAG P . -32.78 48.19 59.09
C1 NAG Q . -30.28 -0.99 50.90
C2 NAG Q . -29.24 0.05 50.43
C3 NAG Q . -27.92 -0.17 51.20
C4 NAG Q . -28.15 -0.17 52.73
C5 NAG Q . -29.23 -1.20 53.12
C6 NAG Q . -29.52 -1.28 54.64
C7 NAG Q . -29.21 1.13 48.16
C8 NAG Q . -28.45 1.14 46.85
N2 NAG Q . -29.03 0.06 48.97
O3 NAG Q . -26.96 0.84 50.88
O4 NAG Q . -26.91 -0.35 53.44
O5 NAG Q . -30.43 -0.96 52.35
O6 NAG Q . -29.96 -0.06 55.28
O7 NAG Q . -29.92 2.08 48.43
C1 NAG R . 42.19 48.03 -60.68
C2 NAG R . 42.67 47.99 -62.13
C3 NAG R . 44.21 48.07 -62.19
C4 NAG R . 44.77 49.22 -61.35
C5 NAG R . 44.19 49.24 -59.92
C6 NAG R . 44.67 50.41 -59.02
C7 NAG R . 41.14 46.85 -63.69
C8 NAG R . 40.94 45.63 -64.57
N2 NAG R . 42.16 46.80 -62.82
O3 NAG R . 44.63 48.22 -63.55
O4 NAG R . 46.21 49.16 -61.33
O5 NAG R . 42.75 49.17 -59.97
O6 NAG R . 43.93 51.65 -59.10
O7 NAG R . 40.41 47.82 -63.80
#